data_8TAZ
#
_entry.id   8TAZ
#
_cell.length_a   1.00
_cell.length_b   1.00
_cell.length_c   1.00
_cell.angle_alpha   90.00
_cell.angle_beta   90.00
_cell.angle_gamma   90.00
#
_symmetry.space_group_name_H-M   'P 1'
#
loop_
_entity.id
_entity.type
_entity.pdbx_description
1 polymer 'Spike glycoprotein'
2 polymer 'Angiotensin-converting enzyme'
#
loop_
_entity_poly.entity_id
_entity_poly.type
_entity_poly.pdbx_seq_one_letter_code
_entity_poly.pdbx_strand_id
1 'polypeptide(L)'
;MFVFLVLLPLVSSQCVNLTTRTQLPPAYTNSFTRGVYYPDKVFRSSVLHSTQDLFLPFFSNVTWFHAISGTNGTKRFDNP
VLPFNDGVYFASTEKSNIIRGWIFGTTLDSKTQSLLIVNNATNVVIKVCEFQFCNDPFLGVYYHKNNKSWMESEFRVYSS
ANNCTFEYVSQPFLMDLEGKQGNFKNLREFVFKNIDGYFKIYSKHTPINLVRDLPQGFSALEPLVDLPIGINITRFQTLL
ALHRSYLTPGDSSSGWTAGAAAYYVGYLQPRTFLLKYNENGTITDAVDCALDPLSETKCTLKSFTVEKGIYQTSNFRVQP
TESIVRFPNITNLCPFGEVFNATRFASVYAWNRKRISNCVADYSVLYNSASFSTFKCYGVSPTKLNDLCFTNVYADSFVI
RGDEVRQIAPGQTGKIADYNYKLPDDFTGCVIAWNSNNLDSKVGGNYNYLFRLFRKSNLKPFERDISTEIYQAGSTPCNG
VEGFNCYFPLQSYGFQPTNGVGYQPYRVVVLSFELLHAPATVCGPKKSTNLVKNKCVNFNFNGLTGTGVLTESNKKFLPF
QQFGRDIADTTDAVRDPQTLEILDITPCSFGGVSVITPGTNTSNQVAVLYQGVNCTEVPVAIHADQLTPTWRVYSTGSNV
FQTRAGCLIGAEHVNNSYECDIPIGAGICASYQTQTNSPGSASSVASQSIIAYTMSLGAENSVAYSNNSIAIPTNFTISV
TTEILPVSMTKTSVDCTMYICGDSTECSNLLLQYGSFCTQLNRALTGIAVEQDKNTQEVFAQVKQIYKTPPIKDFGGFNF
SQILPDPSKPSKRSPIEDLLFNKVTLADAGFIKQYGDCLGDIAARDLICAQKFNGLTVLPPLLTDEMIAQYTSALLAGTI
TSGWTFGAGPALQIPFPMQMAYRFNGIGVTQNVLYENQKLIANQFNSAIGKIQDSLSSTPSALGKLQDVVNQNAQALNTL
VKQLSSNFGAISSVLNDILSRLDPPEAEVQIDRLITGRLQSLQTYVTQQLIRAAEIRASANLAATKMSECVLGQSKRVDF
CGKGYHLMSFPQSAPHGVVFLHVTYVPAQEKNFTTAPAICHDGKAHFPREGVFVSNGTHWFVTQRNFYEPQIITTDNTFV
SGNCDVVIGIVNNTVYDPLQPELDSFKEELDKYFKNHTSPDVDLGDISGINASVVNIQKEIDRLNEVAKNLNESLIDLQE
LGKYEQGSGSGSGSGYIPEAPRDGQAYVRKDGEWVLLSTFLGSGSGSGHHHHHHGLNDIFEAQKIEWHE
;
A,B,C
2 'polypeptide(L)'
;MLGSSWLLLSLAALTAAQSTTEDLAKTFLEKFNYEAEELSYQNSLASWNYNTNITDENIQKMNIAGAKWSAFYEEESQHA
KTYPLEEIQDPIIKRQLRALQQSGSSVLSADKRERLNTILNAMSTIYSTGKACNPNNPQECLLLEPGLDDIMENSKDYNE
RLWAWEGWRSEVGKQLRPLYEEYVALKNEMARANNYEDYGDYWRGDYEEEWADGYNYSRNQLIEDVEHTFTQIKPLYEHL
HAYVRAKLMDAYPSRISPTGCLPAHLLGDMWGRFWTNLYPLMVPFGQKPNIDVTDAMVNQSWDARRIFKEAEKFFVSVGL
PNMTEGFWQNSMLTEPGDNRKVVCHPTAWDLGKHDFRIKMCTKVTMDDFLTAHHEMGHIQYDMAYAAQPFLLRNGANEGF
HEAVGEIMSLSAATPNHLKNIGLLPPDFSEDSETDINFLLKQALTIVGTLPFTYMLEKWRWMVFKGEIPKEQWMQKWWEM
KRDIVGVVEPLPHDETYCDPAALFHVANDYSFIRYYTRTIYQFQFQEALCQIAKHEGPLYKCDISNSREAGQKLHEMLSL
GRSKPWTFALERVVGAKTMDVRPLLNYFEPLFTWLKEQNRNSFVGWNTDWSPYADQSIKVRISLKSALGEKAYEWNDNEM
YFFQSSIAYAMREYFSKVKKQTIPFVDKDVRVSDLKPRISFNFIVTSPENMSDIIPRADVEEAIRKSRGRINDAFRLDDN
SLEFLGIQPTLEPPYQPPVGSGSGSGHHHHHHGSGSGLNDIFEAQKIEWHE
;
D
#
# COMPACT_ATOMS: atom_id res chain seq x y z
N GLN A 14 -55.54 -30.07 -25.81
CA GLN A 14 -56.34 -30.46 -24.65
C GLN A 14 -55.43 -30.63 -23.43
N CYS A 15 -55.76 -29.91 -22.36
CA CYS A 15 -54.99 -29.92 -21.13
C CYS A 15 -55.95 -30.18 -19.97
N VAL A 16 -55.60 -31.16 -19.13
CA VAL A 16 -56.57 -31.85 -18.28
C VAL A 16 -56.58 -31.27 -16.87
N ASN A 17 -57.61 -31.65 -16.11
CA ASN A 17 -57.85 -31.16 -14.76
C ASN A 17 -57.92 -32.33 -13.79
N LEU A 18 -57.63 -32.06 -12.52
CA LEU A 18 -57.73 -33.04 -11.44
C LEU A 18 -57.86 -32.33 -10.11
N THR A 19 -58.32 -33.05 -9.09
CA THR A 19 -58.54 -32.50 -7.76
C THR A 19 -58.07 -33.49 -6.70
N THR A 20 -56.83 -33.95 -6.84
CA THR A 20 -56.22 -34.92 -5.93
C THR A 20 -54.88 -34.40 -5.43
N ARG A 21 -54.85 -33.96 -4.17
CA ARG A 21 -53.64 -33.46 -3.54
C ARG A 21 -53.75 -33.52 -2.03
N THR A 22 -52.63 -33.84 -1.37
CA THR A 22 -52.50 -33.77 0.08
C THR A 22 -51.16 -33.11 0.38
N GLN A 23 -51.09 -32.42 1.52
CA GLN A 23 -49.88 -31.67 1.85
C GLN A 23 -49.22 -32.22 3.10
N LEU A 24 -48.09 -31.63 3.48
CA LEU A 24 -47.34 -32.03 4.65
C LEU A 24 -46.37 -30.92 5.02
N PRO A 25 -46.27 -30.55 6.29
CA PRO A 25 -45.21 -29.66 6.70
C PRO A 25 -43.87 -30.30 6.51
N PRO A 26 -42.79 -29.52 6.37
CA PRO A 26 -41.51 -30.11 5.97
C PRO A 26 -41.01 -31.09 7.00
N ALA A 27 -41.02 -32.36 6.62
CA ALA A 27 -40.41 -33.42 7.40
C ALA A 27 -38.90 -33.24 7.37
N TYR A 28 -38.24 -33.69 8.44
CA TYR A 28 -36.80 -33.47 8.58
C TYR A 28 -36.10 -34.76 8.95
N THR A 29 -34.86 -34.90 8.47
CA THR A 29 -33.96 -35.94 8.93
C THR A 29 -32.60 -35.30 9.15
N ASN A 30 -31.76 -35.97 9.94
CA ASN A 30 -30.43 -35.48 10.26
C ASN A 30 -29.48 -35.95 9.14
N SER A 31 -29.34 -35.12 8.11
CA SER A 31 -28.63 -35.50 6.90
C SER A 31 -27.16 -35.74 7.22
N PHE A 32 -26.78 -37.02 7.24
CA PHE A 32 -25.52 -37.41 7.89
C PHE A 32 -24.30 -37.01 7.08
N THR A 33 -24.14 -37.58 5.88
CA THR A 33 -22.91 -37.39 5.12
C THR A 33 -23.17 -37.28 3.62
N ARG A 34 -24.29 -36.70 3.22
CA ARG A 34 -24.68 -36.65 1.82
C ARG A 34 -24.58 -35.23 1.28
N GLY A 35 -24.15 -35.10 0.03
CA GLY A 35 -24.02 -33.81 -0.61
C GLY A 35 -22.60 -33.47 -1.04
N VAL A 36 -21.81 -34.50 -1.34
CA VAL A 36 -20.40 -34.35 -1.70
C VAL A 36 -20.22 -34.63 -3.18
N TYR A 37 -19.31 -33.92 -3.82
CA TYR A 37 -18.99 -34.10 -5.22
C TYR A 37 -17.55 -33.69 -5.49
N TYR A 38 -16.98 -34.27 -6.54
CA TYR A 38 -15.65 -33.87 -6.98
C TYR A 38 -15.71 -32.45 -7.53
N PRO A 39 -14.92 -31.51 -7.00
CA PRO A 39 -15.01 -30.12 -7.45
C PRO A 39 -14.17 -29.79 -8.68
N ASP A 40 -13.33 -30.70 -9.15
CA ASP A 40 -12.45 -30.42 -10.28
C ASP A 40 -12.13 -31.72 -11.00
N LYS A 41 -11.25 -31.62 -12.00
CA LYS A 41 -10.81 -32.76 -12.80
C LYS A 41 -9.37 -33.15 -12.48
N VAL A 42 -8.91 -32.84 -11.27
CA VAL A 42 -7.54 -33.09 -10.86
C VAL A 42 -7.48 -34.41 -10.11
N PHE A 43 -6.38 -35.13 -10.31
CA PHE A 43 -6.15 -36.41 -9.66
C PHE A 43 -5.12 -36.26 -8.56
N ARG A 44 -5.43 -36.78 -7.38
CA ARG A 44 -4.52 -36.79 -6.24
C ARG A 44 -4.57 -38.15 -5.58
N SER A 45 -3.49 -38.50 -4.89
CA SER A 45 -3.41 -39.76 -4.16
C SER A 45 -2.71 -39.55 -2.83
N SER A 46 -3.32 -40.10 -1.76
CA SER A 46 -2.76 -40.01 -0.41
C SER A 46 -2.51 -38.57 0.00
N VAL A 47 -3.43 -37.69 -0.38
CA VAL A 47 -3.30 -36.26 -0.15
C VAL A 47 -4.61 -35.74 0.43
N LEU A 48 -4.51 -34.86 1.43
CA LEU A 48 -5.67 -34.23 2.05
C LEU A 48 -5.79 -32.80 1.55
N HIS A 49 -6.97 -32.44 1.09
CA HIS A 49 -7.22 -31.14 0.48
C HIS A 49 -8.37 -30.42 1.17
N SER A 50 -8.42 -29.11 0.97
CA SER A 50 -9.47 -28.26 1.52
C SER A 50 -10.07 -27.42 0.40
N THR A 51 -11.39 -27.24 0.45
CA THR A 51 -12.12 -26.45 -0.54
C THR A 51 -13.14 -25.57 0.15
N GLN A 52 -13.73 -24.65 -0.61
CA GLN A 52 -14.73 -23.71 -0.10
C GLN A 52 -15.59 -23.24 -1.26
N ASP A 53 -16.86 -23.64 -1.26
CA ASP A 53 -17.81 -23.24 -2.29
C ASP A 53 -19.22 -23.49 -1.78
N LEU A 54 -20.19 -23.42 -2.70
CA LEU A 54 -21.58 -23.70 -2.37
C LEU A 54 -21.71 -25.19 -2.09
N PHE A 55 -22.18 -25.54 -0.89
CA PHE A 55 -22.26 -26.93 -0.47
C PHE A 55 -23.47 -27.14 0.44
N LEU A 56 -23.92 -28.38 0.48
CA LEU A 56 -25.02 -28.78 1.36
C LEU A 56 -24.50 -29.06 2.75
N PRO A 57 -24.97 -28.36 3.78
CA PRO A 57 -24.45 -28.59 5.14
C PRO A 57 -24.83 -29.98 5.66
N PHE A 58 -23.99 -30.49 6.55
CA PHE A 58 -24.24 -31.80 7.16
C PHE A 58 -25.22 -31.68 8.32
N PHE A 59 -25.92 -32.79 8.59
CA PHE A 59 -26.79 -32.93 9.76
C PHE A 59 -27.82 -31.80 9.81
N SER A 60 -28.34 -31.48 8.62
CA SER A 60 -29.29 -30.39 8.45
C SER A 60 -30.67 -30.96 8.15
N ASN A 61 -31.68 -30.22 8.57
CA ASN A 61 -33.06 -30.65 8.39
C ASN A 61 -33.43 -30.53 6.91
N VAL A 62 -33.72 -31.67 6.27
CA VAL A 62 -34.00 -31.72 4.85
C VAL A 62 -35.44 -32.19 4.65
N THR A 63 -36.14 -31.54 3.72
CA THR A 63 -37.56 -31.77 3.52
C THR A 63 -37.82 -33.09 2.82
N TRP A 64 -38.89 -33.76 3.24
CA TRP A 64 -39.38 -34.98 2.59
C TRP A 64 -40.71 -34.64 1.92
N PHE A 65 -40.79 -34.88 0.61
CA PHE A 65 -42.01 -34.71 -0.15
C PHE A 65 -42.50 -36.06 -0.64
N HIS A 66 -43.79 -36.32 -0.46
CA HIS A 66 -44.40 -37.59 -0.83
C HIS A 66 -45.42 -37.37 -1.94
N ALA A 67 -45.26 -38.12 -3.03
CA ALA A 67 -46.16 -38.06 -4.17
C ALA A 67 -46.63 -39.46 -4.50
N ILE A 68 -47.95 -39.66 -4.50
CA ILE A 68 -48.53 -40.96 -4.79
C ILE A 68 -49.69 -40.81 -5.76
N LYS A 75 -57.80 -40.58 -5.94
CA LYS A 75 -56.40 -40.79 -6.28
C LYS A 75 -55.51 -39.74 -5.64
N ARG A 76 -54.28 -39.62 -6.13
CA ARG A 76 -53.31 -38.67 -5.64
C ARG A 76 -52.45 -38.20 -6.81
N PHE A 77 -51.95 -36.97 -6.73
CA PHE A 77 -51.20 -36.36 -7.82
C PHE A 77 -50.46 -35.15 -7.27
N ASP A 78 -49.16 -35.08 -7.54
CA ASP A 78 -48.31 -34.00 -7.01
C ASP A 78 -47.35 -33.53 -8.09
N ASN A 79 -47.63 -32.35 -8.66
CA ASN A 79 -46.67 -31.65 -9.52
C ASN A 79 -46.65 -30.17 -9.12
N PRO A 80 -46.13 -29.86 -7.93
CA PRO A 80 -46.11 -28.47 -7.48
C PRO A 80 -44.99 -27.67 -8.13
N VAL A 81 -45.03 -26.35 -7.99
CA VAL A 81 -43.96 -25.47 -8.45
C VAL A 81 -43.06 -25.16 -7.26
N LEU A 82 -41.76 -25.36 -7.44
CA LEU A 82 -40.80 -25.23 -6.35
C LEU A 82 -39.64 -24.34 -6.77
N PRO A 83 -39.03 -23.64 -5.83
CA PRO A 83 -37.95 -22.72 -6.17
C PRO A 83 -36.66 -23.45 -6.51
N PHE A 84 -35.72 -22.69 -7.07
CA PHE A 84 -34.39 -23.15 -7.45
C PHE A 84 -33.35 -22.15 -7.01
N ASN A 85 -33.40 -21.77 -5.72
CA ASN A 85 -32.59 -20.71 -5.15
C ASN A 85 -31.13 -20.77 -5.59
N ASP A 86 -30.45 -21.87 -5.27
CA ASP A 86 -29.08 -22.10 -5.71
C ASP A 86 -28.93 -23.39 -6.51
N GLY A 87 -29.36 -24.51 -5.95
CA GLY A 87 -29.29 -25.79 -6.62
C GLY A 87 -30.09 -26.80 -5.84
N VAL A 88 -30.37 -27.93 -6.49
CA VAL A 88 -31.21 -28.97 -5.91
C VAL A 88 -30.38 -30.21 -5.69
N TYR A 89 -30.33 -30.68 -4.44
CA TYR A 89 -29.85 -32.02 -4.12
C TYR A 89 -31.05 -32.95 -4.21
N PHE A 90 -31.11 -33.73 -5.29
CA PHE A 90 -32.27 -34.56 -5.59
C PHE A 90 -31.91 -36.03 -5.36
N ALA A 91 -32.60 -36.65 -4.41
CA ALA A 91 -32.51 -38.08 -4.18
C ALA A 91 -33.86 -38.71 -4.48
N SER A 92 -33.85 -39.71 -5.37
CA SER A 92 -35.09 -40.32 -5.83
C SER A 92 -35.00 -41.83 -5.69
N THR A 93 -35.81 -42.39 -4.81
CA THR A 93 -36.00 -43.83 -4.72
C THR A 93 -37.21 -44.20 -5.58
N GLU A 94 -36.95 -44.58 -6.83
CA GLU A 94 -38.01 -44.74 -7.81
C GLU A 94 -37.75 -45.98 -8.64
N LYS A 95 -38.82 -46.48 -9.27
CA LYS A 95 -38.74 -47.66 -10.12
C LYS A 95 -39.77 -47.52 -11.23
N SER A 96 -39.61 -48.34 -12.27
CA SER A 96 -40.50 -48.41 -13.43
C SER A 96 -40.48 -47.14 -14.27
N ASN A 97 -39.56 -46.22 -14.00
CA ASN A 97 -39.40 -44.98 -14.76
C ASN A 97 -40.71 -44.18 -14.80
N ILE A 98 -41.15 -43.79 -13.60
CA ILE A 98 -42.33 -42.93 -13.48
C ILE A 98 -41.98 -41.51 -13.93
N ILE A 99 -40.69 -41.24 -14.12
CA ILE A 99 -40.26 -39.92 -14.59
C ILE A 99 -39.49 -40.07 -15.90
N ARG A 100 -39.86 -39.27 -16.90
CA ARG A 100 -39.12 -39.21 -18.14
C ARG A 100 -38.08 -38.09 -18.12
N GLY A 101 -38.51 -36.84 -17.99
CA GLY A 101 -37.61 -35.71 -18.05
C GLY A 101 -38.11 -34.58 -17.20
N TRP A 102 -37.36 -33.47 -17.23
CA TRP A 102 -37.66 -32.33 -16.37
C TRP A 102 -37.62 -31.05 -17.19
N ILE A 103 -37.88 -29.93 -16.52
CA ILE A 103 -37.86 -28.61 -17.13
C ILE A 103 -37.32 -27.60 -16.13
N PHE A 104 -36.62 -26.59 -16.64
CA PHE A 104 -36.09 -25.49 -15.84
C PHE A 104 -36.39 -24.19 -16.56
N GLY A 105 -36.39 -23.09 -15.82
CA GLY A 105 -36.65 -21.80 -16.46
C GLY A 105 -36.73 -20.69 -15.43
N THR A 106 -37.21 -19.54 -15.90
CA THR A 106 -37.33 -18.35 -15.07
C THR A 106 -38.78 -18.13 -14.61
N THR A 107 -39.74 -18.32 -15.52
CA THR A 107 -41.15 -18.17 -15.19
C THR A 107 -42.00 -19.33 -15.66
N LEU A 108 -41.53 -20.11 -16.63
CA LEU A 108 -42.29 -21.24 -17.19
C LEU A 108 -43.65 -20.78 -17.71
N ASP A 109 -43.66 -19.61 -18.34
CA ASP A 109 -44.86 -19.10 -19.00
C ASP A 109 -44.50 -18.79 -20.44
N SER A 110 -45.49 -18.31 -21.20
CA SER A 110 -45.32 -18.07 -22.62
C SER A 110 -44.30 -16.99 -22.95
N LYS A 111 -44.28 -15.88 -22.22
CA LYS A 111 -43.53 -14.71 -22.64
C LYS A 111 -42.02 -14.87 -22.52
N THR A 112 -41.54 -15.69 -21.58
CA THR A 112 -40.11 -15.76 -21.29
C THR A 112 -39.52 -17.03 -21.87
N GLN A 113 -38.20 -17.09 -21.87
CA GLN A 113 -37.49 -18.30 -22.26
C GLN A 113 -37.49 -19.31 -21.12
N SER A 114 -37.46 -20.59 -21.49
CA SER A 114 -37.44 -21.67 -20.53
C SER A 114 -36.67 -22.84 -21.13
N LEU A 115 -36.32 -23.79 -20.28
CA LEU A 115 -35.60 -24.98 -20.69
C LEU A 115 -36.52 -26.20 -20.58
N LEU A 116 -36.39 -27.10 -21.56
CA LEU A 116 -37.16 -28.33 -21.58
C LEU A 116 -36.19 -29.49 -21.76
N ILE A 117 -35.63 -29.97 -20.66
CA ILE A 117 -34.71 -31.09 -20.66
C ILE A 117 -35.49 -32.36 -20.37
N VAL A 118 -36.10 -32.93 -21.40
CA VAL A 118 -36.90 -34.14 -21.25
C VAL A 118 -36.09 -35.33 -21.70
N ASN A 119 -35.72 -36.18 -20.76
CA ASN A 119 -34.98 -37.40 -21.05
C ASN A 119 -35.89 -38.37 -21.76
N ASN A 120 -35.67 -38.54 -23.06
CA ASN A 120 -36.56 -39.32 -23.91
C ASN A 120 -36.39 -40.80 -23.60
N ALA A 121 -37.07 -41.65 -24.37
CA ALA A 121 -36.91 -43.09 -24.21
C ALA A 121 -35.48 -43.52 -24.49
N THR A 122 -34.78 -42.79 -25.38
CA THR A 122 -33.39 -43.09 -25.70
C THR A 122 -32.60 -41.82 -25.99
N ASN A 123 -33.06 -40.68 -25.47
CA ASN A 123 -32.44 -39.39 -25.78
C ASN A 123 -32.77 -38.40 -24.68
N VAL A 124 -32.30 -37.17 -24.88
CA VAL A 124 -32.86 -35.98 -24.23
C VAL A 124 -32.95 -34.90 -25.29
N VAL A 125 -33.88 -33.97 -25.11
CA VAL A 125 -33.93 -32.78 -25.93
C VAL A 125 -33.76 -31.59 -25.00
N ILE A 126 -33.04 -30.58 -25.46
CA ILE A 126 -32.83 -29.34 -24.72
C ILE A 126 -33.15 -28.20 -25.66
N LYS A 127 -33.77 -27.15 -25.12
CA LYS A 127 -34.05 -25.96 -25.91
C LYS A 127 -34.40 -24.80 -24.99
N VAL A 128 -33.64 -23.72 -25.13
CA VAL A 128 -33.88 -22.48 -24.42
C VAL A 128 -34.51 -21.50 -25.39
N CYS A 129 -35.77 -21.15 -25.14
CA CYS A 129 -36.57 -20.45 -26.14
C CYS A 129 -37.93 -20.03 -25.58
N GLU A 130 -38.74 -19.37 -26.40
CA GLU A 130 -40.08 -18.99 -25.98
C GLU A 130 -41.05 -20.15 -26.16
N PHE A 131 -42.00 -20.25 -25.25
CA PHE A 131 -43.03 -21.30 -25.28
C PHE A 131 -44.40 -20.68 -25.12
N GLN A 132 -45.39 -21.54 -24.88
CA GLN A 132 -46.78 -21.11 -24.68
C GLN A 132 -47.52 -22.20 -23.92
N PHE A 133 -47.51 -22.09 -22.58
CA PHE A 133 -47.68 -23.23 -21.71
C PHE A 133 -49.15 -23.46 -21.31
N CYS A 134 -49.53 -24.73 -21.14
CA CYS A 134 -50.58 -25.10 -20.19
C CYS A 134 -49.98 -25.27 -18.80
N ASN A 135 -50.69 -26.01 -17.95
CA ASN A 135 -50.23 -26.28 -16.60
C ASN A 135 -49.62 -27.68 -16.47
N ASP A 136 -49.89 -28.57 -17.41
CA ASP A 136 -49.51 -29.99 -17.28
C ASP A 136 -49.12 -30.58 -18.63
N PRO A 137 -47.96 -31.22 -18.71
CA PRO A 137 -47.55 -31.87 -19.96
C PRO A 137 -47.88 -33.35 -19.96
N PHE A 138 -48.06 -33.89 -21.18
CA PHE A 138 -48.24 -35.32 -21.40
C PHE A 138 -48.39 -35.58 -22.90
N LEU A 139 -48.43 -36.86 -23.26
CA LEU A 139 -48.89 -37.29 -24.58
C LEU A 139 -50.24 -37.96 -24.38
N GLY A 140 -50.93 -38.23 -25.47
CA GLY A 140 -52.19 -38.95 -25.43
C GLY A 140 -52.07 -40.35 -24.83
N MET A 151 -42.75 -38.91 -22.67
CA MET A 151 -43.91 -39.22 -23.49
C MET A 151 -44.70 -37.91 -23.66
N GLU A 152 -44.21 -37.07 -24.57
CA GLU A 152 -44.82 -35.78 -24.90
C GLU A 152 -44.56 -35.46 -26.36
N SER A 153 -45.53 -35.80 -27.22
CA SER A 153 -45.56 -35.33 -28.60
C SER A 153 -46.89 -34.65 -28.87
N GLU A 154 -47.91 -34.95 -28.07
CA GLU A 154 -49.02 -34.04 -27.83
C GLU A 154 -48.45 -32.95 -26.93
N PHE A 155 -47.66 -32.07 -27.53
CA PHE A 155 -46.63 -31.29 -26.85
C PHE A 155 -47.28 -30.19 -26.00
N ARG A 156 -48.11 -30.62 -25.06
CA ARG A 156 -48.86 -29.71 -24.20
C ARG A 156 -48.05 -29.45 -22.94
N VAL A 157 -46.73 -29.59 -23.03
CA VAL A 157 -45.88 -28.89 -22.07
C VAL A 157 -46.23 -27.43 -22.29
N TYR A 158 -46.18 -27.03 -23.56
CA TYR A 158 -46.54 -25.69 -24.00
C TYR A 158 -47.46 -25.81 -25.21
N SER A 159 -48.66 -25.27 -25.08
CA SER A 159 -49.77 -25.57 -25.99
C SER A 159 -49.64 -24.91 -27.36
N SER A 160 -48.50 -24.30 -27.68
CA SER A 160 -48.33 -23.71 -29.00
C SER A 160 -46.85 -23.60 -29.33
N ALA A 161 -46.51 -23.93 -30.57
CA ALA A 161 -45.13 -24.10 -31.01
C ALA A 161 -44.49 -22.73 -31.26
N ASN A 162 -43.22 -22.60 -30.87
CA ASN A 162 -42.42 -21.43 -31.17
C ASN A 162 -41.03 -21.85 -31.63
N ASN A 163 -40.20 -20.86 -31.96
CA ASN A 163 -38.84 -21.15 -32.40
C ASN A 163 -37.98 -21.52 -31.20
N CYS A 164 -36.87 -22.21 -31.45
CA CYS A 164 -35.93 -22.61 -30.41
C CYS A 164 -34.51 -22.60 -30.96
N THR A 165 -33.53 -22.47 -30.06
CA THR A 165 -32.17 -22.13 -30.46
C THR A 165 -31.17 -23.26 -30.22
N PHE A 166 -31.01 -23.67 -28.97
CA PHE A 166 -29.95 -24.59 -28.57
C PHE A 166 -30.54 -25.97 -28.35
N GLU A 167 -30.22 -26.92 -29.23
CA GLU A 167 -30.71 -28.29 -29.12
C GLU A 167 -29.54 -29.25 -29.19
N TYR A 168 -29.70 -30.40 -28.53
CA TYR A 168 -28.65 -31.40 -28.44
C TYR A 168 -29.26 -32.79 -28.44
N VAL A 169 -28.80 -33.63 -29.36
CA VAL A 169 -29.22 -35.03 -29.44
C VAL A 169 -27.97 -35.90 -29.41
N SER A 170 -27.99 -36.94 -28.58
CA SER A 170 -26.84 -37.81 -28.43
C SER A 170 -27.34 -39.19 -27.98
N GLN A 171 -26.40 -40.04 -27.58
CA GLN A 171 -26.75 -41.37 -27.11
C GLN A 171 -27.52 -41.28 -25.79
N PRO A 172 -28.36 -42.27 -25.49
CA PRO A 172 -29.14 -42.23 -24.25
C PRO A 172 -28.24 -42.30 -23.01
N PHE A 173 -28.27 -41.22 -22.23
CA PHE A 173 -27.53 -41.22 -20.96
C PHE A 173 -28.24 -42.05 -19.89
N LEU A 174 -29.35 -42.69 -20.24
CA LEU A 174 -29.99 -43.65 -19.35
C LEU A 174 -29.31 -45.01 -19.42
N ASN A 183 -36.61 -53.93 -2.27
CA ASN A 183 -35.48 -53.18 -1.76
C ASN A 183 -34.96 -52.20 -2.81
N PHE A 184 -34.77 -50.95 -2.41
CA PHE A 184 -34.21 -49.96 -3.31
C PHE A 184 -32.78 -50.33 -3.69
N LYS A 185 -32.47 -50.22 -4.98
CA LYS A 185 -31.13 -50.49 -5.48
C LYS A 185 -30.59 -49.40 -6.40
N ASN A 186 -31.41 -48.48 -6.88
CA ASN A 186 -30.96 -47.33 -7.64
C ASN A 186 -31.09 -46.07 -6.80
N LEU A 187 -30.05 -45.25 -6.81
CA LEU A 187 -30.02 -44.00 -6.06
C LEU A 187 -29.64 -42.89 -7.02
N ARG A 188 -30.63 -42.33 -7.71
CA ARG A 188 -30.41 -41.27 -8.69
C ARG A 188 -30.11 -39.97 -7.97
N GLU A 189 -28.84 -39.58 -7.96
CA GLU A 189 -28.39 -38.35 -7.31
C GLU A 189 -27.94 -37.36 -8.37
N PHE A 190 -28.65 -36.23 -8.45
CA PHE A 190 -28.39 -35.20 -9.44
C PHE A 190 -28.22 -33.86 -8.75
N VAL A 191 -27.17 -33.14 -9.12
CA VAL A 191 -26.89 -31.81 -8.59
C VAL A 191 -27.02 -30.83 -9.75
N PHE A 192 -27.91 -29.85 -9.60
CA PHE A 192 -28.19 -28.88 -10.65
C PHE A 192 -27.47 -27.57 -10.35
N LYS A 193 -26.49 -27.24 -11.18
CA LYS A 193 -25.70 -26.03 -11.01
C LYS A 193 -25.67 -25.25 -12.31
N ASN A 194 -25.94 -23.94 -12.20
CA ASN A 194 -25.96 -23.04 -13.36
C ASN A 194 -25.13 -21.81 -13.02
N ILE A 195 -23.82 -21.93 -13.21
CA ILE A 195 -22.88 -20.83 -13.01
C ILE A 195 -21.93 -20.80 -14.19
N ASP A 196 -21.24 -19.66 -14.36
CA ASP A 196 -20.27 -19.48 -15.44
C ASP A 196 -20.92 -19.67 -16.81
N GLY A 197 -22.24 -19.50 -16.87
CA GLY A 197 -22.97 -19.71 -18.10
C GLY A 197 -22.93 -21.12 -18.64
N TYR A 198 -23.09 -22.12 -17.77
CA TYR A 198 -23.13 -23.53 -18.17
C TYR A 198 -24.19 -24.27 -17.35
N PHE A 199 -24.47 -25.49 -17.76
CA PHE A 199 -25.39 -26.37 -17.04
C PHE A 199 -24.58 -27.52 -16.45
N LYS A 200 -24.10 -27.36 -15.23
CA LYS A 200 -23.31 -28.38 -14.55
C LYS A 200 -24.23 -29.41 -13.92
N ILE A 201 -24.65 -30.38 -14.71
CA ILE A 201 -25.40 -31.53 -14.21
C ILE A 201 -24.38 -32.56 -13.73
N TYR A 202 -23.97 -32.43 -12.47
CA TYR A 202 -23.07 -33.38 -11.85
C TYR A 202 -23.86 -34.63 -11.52
N SER A 203 -24.00 -35.52 -12.51
CA SER A 203 -24.91 -36.64 -12.44
C SER A 203 -24.17 -37.89 -12.02
N LYS A 204 -24.71 -38.56 -11.00
CA LYS A 204 -24.16 -39.82 -10.53
C LYS A 204 -25.28 -40.83 -10.40
N HIS A 205 -25.23 -41.86 -11.24
CA HIS A 205 -26.16 -42.97 -11.18
C HIS A 205 -25.63 -44.00 -10.18
N THR A 206 -25.62 -43.62 -8.89
CA THR A 206 -25.09 -44.48 -7.86
C THR A 206 -26.10 -45.60 -7.62
N PRO A 207 -25.70 -46.86 -7.80
CA PRO A 207 -26.59 -47.98 -7.49
C PRO A 207 -26.56 -48.31 -6.01
N ILE A 208 -27.67 -48.03 -5.33
CA ILE A 208 -27.76 -48.30 -3.90
C ILE A 208 -28.28 -49.71 -3.66
N ASP A 213 -34.73 -43.78 4.97
CA ASP A 213 -33.68 -42.88 5.42
C ASP A 213 -32.52 -42.84 4.42
N LEU A 214 -31.32 -42.66 4.93
CA LEU A 214 -30.11 -42.63 4.11
C LEU A 214 -29.06 -43.56 4.70
N PRO A 215 -28.25 -44.19 3.87
CA PRO A 215 -27.19 -45.06 4.39
C PRO A 215 -26.07 -44.26 5.02
N GLN A 216 -25.71 -44.65 6.24
CA GLN A 216 -24.62 -44.00 6.96
C GLN A 216 -23.30 -44.42 6.33
N GLY A 217 -22.83 -43.62 5.38
CA GLY A 217 -21.59 -43.94 4.68
C GLY A 217 -21.18 -42.78 3.81
N PHE A 218 -20.17 -43.04 2.99
CA PHE A 218 -19.61 -42.03 2.11
C PHE A 218 -19.71 -42.46 0.66
N SER A 219 -20.13 -41.54 -0.20
CA SER A 219 -20.23 -41.80 -1.64
C SER A 219 -20.22 -40.47 -2.36
N ALA A 220 -19.19 -40.23 -3.17
CA ALA A 220 -19.11 -39.01 -3.95
C ALA A 220 -19.87 -39.16 -5.26
N LEU A 221 -19.77 -38.13 -6.10
CA LEU A 221 -20.50 -38.07 -7.36
C LEU A 221 -19.70 -37.29 -8.38
N GLU A 222 -19.96 -37.54 -9.67
CA GLU A 222 -19.13 -37.06 -10.77
C GLU A 222 -19.90 -36.16 -11.73
N PRO A 223 -19.20 -35.27 -12.42
CA PRO A 223 -19.83 -34.50 -13.50
C PRO A 223 -20.16 -35.40 -14.68
N LEU A 224 -21.17 -35.00 -15.46
CA LEU A 224 -21.56 -35.81 -16.60
C LEU A 224 -21.68 -35.00 -17.90
N VAL A 225 -22.22 -33.79 -17.82
CA VAL A 225 -22.49 -32.97 -19.01
C VAL A 225 -22.28 -31.50 -18.66
N ASP A 226 -21.70 -30.75 -19.61
CA ASP A 226 -21.46 -29.31 -19.47
C ASP A 226 -22.00 -28.62 -20.72
N LEU A 227 -23.10 -27.87 -20.57
CA LEU A 227 -23.74 -27.21 -21.69
C LEU A 227 -23.86 -25.71 -21.44
N PRO A 228 -23.27 -24.86 -22.28
CA PRO A 228 -23.32 -23.41 -22.05
C PRO A 228 -24.59 -22.73 -22.57
N ILE A 229 -25.67 -22.75 -21.79
CA ILE A 229 -26.90 -22.04 -22.14
C ILE A 229 -26.83 -20.58 -21.70
N GLY A 230 -26.73 -20.33 -20.40
CA GLY A 230 -26.49 -19.00 -19.89
C GLY A 230 -27.68 -18.06 -19.82
N ILE A 231 -28.77 -18.52 -19.21
CA ILE A 231 -29.89 -17.65 -18.89
C ILE A 231 -30.20 -17.78 -17.40
N ASN A 232 -31.13 -16.95 -16.92
CA ASN A 232 -31.39 -16.85 -15.48
C ASN A 232 -31.73 -18.20 -14.86
N ILE A 233 -32.87 -18.77 -15.25
CA ILE A 233 -33.39 -20.02 -14.68
C ILE A 233 -33.47 -19.93 -13.16
N THR A 234 -34.62 -19.53 -12.65
CA THR A 234 -34.83 -19.40 -11.21
C THR A 234 -35.88 -20.35 -10.65
N ARG A 235 -36.72 -20.96 -11.49
CA ARG A 235 -37.72 -21.90 -11.01
C ARG A 235 -37.75 -23.11 -11.93
N PHE A 236 -38.05 -24.28 -11.36
CA PHE A 236 -38.12 -25.50 -12.14
C PHE A 236 -39.24 -26.36 -11.62
N GLN A 237 -39.68 -27.30 -12.46
CA GLN A 237 -40.67 -28.30 -12.08
C GLN A 237 -40.22 -29.65 -12.58
N THR A 238 -40.23 -30.64 -11.69
CA THR A 238 -40.01 -32.01 -12.11
C THR A 238 -41.19 -32.51 -12.93
N LEU A 239 -40.90 -33.20 -14.02
CA LEU A 239 -41.92 -33.78 -14.87
C LEU A 239 -41.79 -35.30 -14.80
N LEU A 240 -42.92 -35.98 -14.89
CA LEU A 240 -42.96 -37.42 -14.70
C LEU A 240 -43.62 -38.09 -15.90
N ALA A 241 -43.52 -39.41 -15.93
CA ALA A 241 -44.17 -40.23 -16.95
C ALA A 241 -45.23 -41.08 -16.29
N LEU A 242 -46.50 -40.79 -16.59
CA LEU A 242 -47.64 -41.49 -16.01
C LEU A 242 -48.34 -42.29 -17.10
N HIS A 243 -48.59 -43.57 -16.82
CA HIS A 243 -49.25 -44.46 -17.76
C HIS A 243 -50.55 -44.95 -17.17
N ARG A 244 -51.56 -45.11 -18.02
CA ARG A 244 -52.88 -45.51 -17.56
C ARG A 244 -52.87 -46.97 -17.13
N SER A 245 -53.91 -47.37 -16.40
CA SER A 245 -54.04 -48.75 -15.94
C SER A 245 -54.17 -49.71 -17.12
N GLY A 255 -60.01 -41.16 -16.96
CA GLY A 255 -59.15 -41.38 -15.81
C GLY A 255 -57.72 -41.70 -16.17
N TRP A 256 -56.88 -41.85 -15.15
CA TRP A 256 -55.47 -42.15 -15.34
C TRP A 256 -54.89 -42.71 -14.04
N THR A 257 -53.71 -43.33 -14.16
CA THR A 257 -53.09 -44.07 -13.06
C THR A 257 -51.67 -43.55 -12.85
N ALA A 258 -51.25 -43.51 -11.59
CA ALA A 258 -49.91 -43.09 -11.21
C ALA A 258 -49.32 -44.06 -10.20
N GLY A 259 -47.99 -44.12 -10.15
CA GLY A 259 -47.32 -45.05 -9.27
C GLY A 259 -46.94 -44.43 -7.94
N ALA A 260 -46.07 -45.13 -7.21
CA ALA A 260 -45.62 -44.69 -5.89
C ALA A 260 -44.14 -44.37 -5.97
N ALA A 261 -43.75 -43.24 -5.38
CA ALA A 261 -42.36 -42.80 -5.37
C ALA A 261 -42.13 -41.83 -4.22
N ALA A 262 -40.86 -41.60 -3.90
CA ALA A 262 -40.46 -40.67 -2.86
C ALA A 262 -39.24 -39.88 -3.33
N TYR A 263 -39.13 -38.64 -2.89
CA TYR A 263 -38.05 -37.76 -3.30
C TYR A 263 -37.81 -36.70 -2.22
N TYR A 264 -36.66 -36.04 -2.30
CA TYR A 264 -36.22 -35.08 -1.30
C TYR A 264 -35.63 -33.85 -1.98
N VAL A 265 -35.51 -32.77 -1.23
CA VAL A 265 -35.04 -31.48 -1.74
C VAL A 265 -33.96 -30.94 -0.83
N GLY A 266 -32.89 -30.42 -1.42
CA GLY A 266 -31.82 -29.82 -0.65
C GLY A 266 -31.32 -28.56 -1.31
N TYR A 267 -30.45 -27.84 -0.59
CA TYR A 267 -29.89 -26.57 -1.04
C TYR A 267 -28.44 -26.47 -0.62
N LEU A 268 -27.70 -25.56 -1.25
CA LEU A 268 -26.28 -25.40 -0.98
C LEU A 268 -25.98 -23.99 -0.48
N GLN A 269 -24.98 -23.90 0.38
CA GLN A 269 -24.53 -22.65 0.98
C GLN A 269 -23.01 -22.60 0.92
N PRO A 270 -22.42 -21.41 0.94
CA PRO A 270 -20.95 -21.31 0.89
C PRO A 270 -20.33 -21.83 2.18
N ARG A 271 -19.60 -22.92 2.07
CA ARG A 271 -19.01 -23.55 3.25
C ARG A 271 -17.59 -24.01 2.92
N THR A 272 -16.77 -24.10 3.96
CA THR A 272 -15.41 -24.61 3.86
C THR A 272 -15.42 -26.08 4.26
N PHE A 273 -14.84 -26.92 3.42
CA PHE A 273 -14.88 -28.36 3.61
C PHE A 273 -13.47 -28.94 3.55
N LEU A 274 -13.31 -30.07 4.22
CA LEU A 274 -12.05 -30.82 4.21
C LEU A 274 -12.34 -32.21 3.64
N LEU A 275 -11.43 -32.69 2.78
CA LEU A 275 -11.62 -33.95 2.09
C LEU A 275 -10.41 -34.85 2.29
N LYS A 276 -10.64 -36.16 2.16
CA LYS A 276 -9.62 -37.17 2.34
C LYS A 276 -9.58 -38.07 1.11
N TYR A 277 -8.37 -38.40 0.66
CA TYR A 277 -8.18 -39.28 -0.49
C TYR A 277 -7.33 -40.47 -0.06
N ASN A 278 -7.72 -41.66 -0.52
CA ASN A 278 -7.01 -42.89 -0.20
C ASN A 278 -5.82 -43.08 -1.14
N GLU A 279 -5.26 -44.29 -1.16
CA GLU A 279 -4.15 -44.58 -2.06
C GLU A 279 -4.49 -44.31 -3.51
N ASN A 280 -5.77 -44.45 -3.87
CA ASN A 280 -6.23 -44.13 -5.21
C ASN A 280 -6.93 -42.77 -5.21
N GLY A 281 -7.55 -42.41 -6.33
CA GLY A 281 -8.23 -41.14 -6.43
C GLY A 281 -9.67 -41.18 -5.97
N THR A 282 -9.96 -42.00 -4.96
CA THR A 282 -11.30 -42.15 -4.43
C THR A 282 -11.40 -41.45 -3.09
N ILE A 283 -12.40 -40.58 -2.95
CA ILE A 283 -12.59 -39.85 -1.70
C ILE A 283 -13.16 -40.79 -0.65
N THR A 284 -12.56 -40.77 0.54
CA THR A 284 -12.95 -41.67 1.61
C THR A 284 -13.78 -40.99 2.70
N ASP A 285 -13.35 -39.83 3.18
CA ASP A 285 -14.05 -39.16 4.26
C ASP A 285 -13.97 -37.65 4.07
N ALA A 286 -14.87 -36.94 4.73
CA ALA A 286 -14.91 -35.49 4.68
C ALA A 286 -15.23 -34.93 6.05
N VAL A 287 -14.87 -33.66 6.26
CA VAL A 287 -15.06 -32.98 7.53
C VAL A 287 -15.59 -31.58 7.25
N ASP A 288 -16.63 -31.19 7.96
CA ASP A 288 -17.19 -29.84 7.87
C ASP A 288 -16.43 -28.95 8.83
N CYS A 289 -16.32 -27.67 8.49
CA CYS A 289 -15.57 -26.71 9.30
C CYS A 289 -16.46 -25.65 9.96
N ALA A 290 -17.77 -25.91 10.04
CA ALA A 290 -18.66 -24.94 10.67
C ALA A 290 -19.72 -25.60 11.54
N LEU A 291 -19.56 -26.88 11.87
CA LEU A 291 -20.57 -27.62 12.63
C LEU A 291 -20.37 -27.50 14.13
N ASP A 292 -19.18 -27.83 14.62
CA ASP A 292 -18.93 -27.88 16.05
C ASP A 292 -17.49 -27.46 16.34
N PRO A 293 -17.18 -27.08 17.58
CA PRO A 293 -15.80 -26.71 17.91
C PRO A 293 -14.79 -27.81 17.66
N LEU A 294 -15.16 -29.08 17.84
CA LEU A 294 -14.22 -30.16 17.53
C LEU A 294 -13.89 -30.17 16.05
N SER A 295 -14.89 -29.99 15.19
CA SER A 295 -14.64 -29.91 13.76
C SER A 295 -13.79 -28.69 13.41
N GLU A 296 -14.06 -27.55 14.06
CA GLU A 296 -13.23 -26.37 13.83
C GLU A 296 -11.78 -26.64 14.22
N THR A 297 -11.57 -27.31 15.34
CA THR A 297 -10.21 -27.66 15.77
C THR A 297 -9.54 -28.58 14.76
N LYS A 298 -10.28 -29.57 14.25
CA LYS A 298 -9.72 -30.46 13.24
C LYS A 298 -9.31 -29.68 11.99
N CYS A 299 -10.18 -28.78 11.53
CA CYS A 299 -9.87 -28.00 10.34
C CYS A 299 -8.65 -27.10 10.57
N THR A 300 -8.57 -26.48 11.74
CA THR A 300 -7.44 -25.60 12.03
C THR A 300 -6.13 -26.39 12.11
N LEU A 301 -6.15 -27.54 12.79
CA LEU A 301 -4.95 -28.34 12.96
C LEU A 301 -4.57 -29.13 11.72
N LYS A 302 -5.46 -29.22 10.73
CA LYS A 302 -5.17 -29.93 9.48
C LYS A 302 -4.85 -31.40 9.77
N SER A 303 -5.78 -32.05 10.46
CA SER A 303 -5.62 -33.45 10.82
C SER A 303 -6.98 -34.04 11.12
N PHE A 304 -7.04 -35.38 11.13
CA PHE A 304 -8.27 -36.09 11.45
C PHE A 304 -8.29 -36.62 12.88
N THR A 305 -7.15 -36.63 13.57
CA THR A 305 -7.08 -37.01 14.97
C THR A 305 -6.38 -35.90 15.75
N VAL A 306 -6.91 -35.60 16.94
CA VAL A 306 -6.41 -34.51 17.76
C VAL A 306 -5.96 -35.08 19.10
N GLU A 307 -4.72 -34.79 19.49
CA GLU A 307 -4.21 -35.23 20.77
C GLU A 307 -4.70 -34.30 21.87
N LYS A 308 -4.63 -34.78 23.11
CA LYS A 308 -5.10 -34.00 24.25
C LYS A 308 -4.28 -32.72 24.38
N GLY A 309 -4.97 -31.60 24.58
CA GLY A 309 -4.30 -30.32 24.70
C GLY A 309 -5.31 -29.19 24.58
N ILE A 310 -4.76 -27.98 24.47
CA ILE A 310 -5.54 -26.76 24.36
C ILE A 310 -5.08 -26.01 23.12
N TYR A 311 -6.03 -25.50 22.34
CA TYR A 311 -5.74 -24.93 21.03
C TYR A 311 -6.55 -23.65 20.83
N GLN A 312 -6.07 -22.80 19.93
CA GLN A 312 -6.75 -21.55 19.60
C GLN A 312 -7.33 -21.66 18.19
N THR A 313 -8.55 -21.15 18.00
CA THR A 313 -9.24 -21.27 16.72
C THR A 313 -9.45 -19.94 16.02
N SER A 314 -10.09 -18.98 16.67
CA SER A 314 -10.47 -17.73 16.00
C SER A 314 -10.61 -16.63 17.04
N ASN A 315 -11.20 -15.51 16.63
CA ASN A 315 -11.35 -14.31 17.44
C ASN A 315 -12.83 -14.03 17.69
N PHE A 316 -13.10 -12.89 18.33
CA PHE A 316 -14.45 -12.55 18.75
C PHE A 316 -14.57 -11.05 18.93
N ARG A 317 -15.66 -10.46 18.45
CA ARG A 317 -16.01 -9.07 18.68
C ARG A 317 -17.52 -8.99 18.84
N VAL A 318 -18.03 -7.77 19.04
CA VAL A 318 -19.45 -7.58 19.34
C VAL A 318 -20.32 -7.43 18.09
N GLN A 319 -19.76 -7.01 16.95
CA GLN A 319 -20.55 -6.75 15.74
C GLN A 319 -21.65 -5.75 16.05
N PRO A 320 -21.32 -4.46 16.14
CA PRO A 320 -22.29 -3.45 16.59
C PRO A 320 -23.59 -3.39 15.80
N THR A 321 -24.58 -2.70 16.37
CA THR A 321 -25.88 -2.52 15.75
C THR A 321 -26.17 -1.04 15.56
N GLU A 322 -26.88 -0.72 14.47
CA GLU A 322 -27.36 0.61 14.10
C GLU A 322 -26.27 1.69 14.14
N SER A 323 -26.66 2.95 13.93
CA SER A 323 -25.70 4.03 13.88
C SER A 323 -26.37 5.33 14.31
N ILE A 324 -25.55 6.26 14.80
CA ILE A 324 -26.02 7.50 15.42
C ILE A 324 -25.29 8.68 14.77
N VAL A 325 -26.04 9.75 14.49
CA VAL A 325 -25.57 10.81 13.60
C VAL A 325 -25.70 12.20 14.24
N ARG A 326 -25.49 12.28 15.55
CA ARG A 326 -25.52 13.56 16.27
C ARG A 326 -24.91 14.70 15.47
N PHE A 327 -25.66 15.79 15.35
CA PHE A 327 -25.24 16.98 14.62
C PHE A 327 -25.79 18.21 15.34
N PRO A 328 -25.14 19.37 15.17
CA PRO A 328 -25.61 20.58 15.86
C PRO A 328 -26.89 21.17 15.26
N ASN A 329 -27.28 22.34 15.73
CA ASN A 329 -28.53 22.96 15.33
C ASN A 329 -28.37 23.74 14.03
N ILE A 330 -29.46 24.38 13.60
CA ILE A 330 -29.52 25.18 12.39
C ILE A 330 -30.05 26.56 12.78
N THR A 331 -29.34 27.62 12.37
CA THR A 331 -29.66 28.96 12.84
C THR A 331 -30.04 29.94 11.74
N ASN A 332 -29.22 30.09 10.71
CA ASN A 332 -29.34 31.24 9.81
C ASN A 332 -30.19 30.92 8.60
N LEU A 333 -31.15 31.80 8.30
CA LEU A 333 -32.04 31.65 7.15
C LEU A 333 -31.91 32.90 6.27
N CYS A 334 -32.14 32.72 4.97
CA CYS A 334 -32.15 33.86 4.06
C CYS A 334 -33.51 33.95 3.35
N PRO A 335 -33.96 35.17 3.02
CA PRO A 335 -35.34 35.36 2.54
C PRO A 335 -35.57 35.02 1.06
N PHE A 336 -36.45 34.06 0.83
CA PHE A 336 -36.93 33.80 -0.51
C PHE A 336 -38.31 34.39 -0.74
N GLY A 337 -39.04 34.68 0.34
CA GLY A 337 -40.31 35.37 0.21
C GLY A 337 -40.16 36.75 -0.36
N GLU A 338 -39.10 37.46 0.03
CA GLU A 338 -38.83 38.78 -0.52
C GLU A 338 -38.61 38.75 -2.02
N VAL A 339 -38.10 37.65 -2.55
CA VAL A 339 -37.82 37.54 -3.99
C VAL A 339 -39.05 37.03 -4.75
N PHE A 340 -39.72 36.02 -4.20
CA PHE A 340 -40.83 35.37 -4.88
C PHE A 340 -42.18 36.04 -4.62
N ASN A 341 -42.24 37.04 -3.74
CA ASN A 341 -43.50 37.66 -3.36
C ASN A 341 -43.41 39.19 -3.34
N ALA A 342 -42.49 39.76 -4.10
CA ALA A 342 -42.35 41.21 -4.13
C ALA A 342 -43.58 41.85 -4.77
N THR A 343 -44.14 42.85 -4.09
CA THR A 343 -45.31 43.55 -4.62
C THR A 343 -44.96 44.25 -5.93
N ARG A 344 -43.79 44.90 -5.99
CA ARG A 344 -43.31 45.54 -7.20
C ARG A 344 -42.03 44.83 -7.64
N PHE A 345 -42.14 44.04 -8.69
CA PHE A 345 -41.01 43.25 -9.17
C PHE A 345 -39.95 44.17 -9.77
N ALA A 346 -38.74 43.65 -9.91
CA ALA A 346 -37.66 44.36 -10.60
C ALA A 346 -37.98 44.42 -12.10
N SER A 347 -37.56 45.51 -12.72
CA SER A 347 -37.90 45.75 -14.11
C SER A 347 -37.11 44.82 -15.03
N VAL A 348 -37.60 44.71 -16.27
CA VAL A 348 -36.94 43.85 -17.26
C VAL A 348 -35.52 44.31 -17.53
N TYR A 349 -35.28 45.62 -17.51
CA TYR A 349 -33.94 46.15 -17.71
C TYR A 349 -33.13 46.22 -16.43
N ALA A 350 -33.77 46.46 -15.29
CA ALA A 350 -33.08 46.66 -14.01
C ALA A 350 -33.36 45.49 -13.08
N TRP A 351 -33.36 44.28 -13.64
CA TRP A 351 -33.43 43.08 -12.82
C TRP A 351 -32.29 43.08 -11.80
N ASN A 352 -32.59 42.64 -10.58
CA ASN A 352 -31.63 42.73 -9.49
C ASN A 352 -30.82 41.44 -9.40
N ARG A 353 -29.50 41.59 -9.33
CA ARG A 353 -28.58 40.47 -9.13
C ARG A 353 -28.25 40.39 -7.65
N LYS A 354 -28.79 39.38 -6.98
CA LYS A 354 -28.69 39.25 -5.53
C LYS A 354 -27.65 38.18 -5.19
N ARG A 355 -26.72 38.53 -4.31
CA ARG A 355 -25.69 37.61 -3.88
C ARG A 355 -26.08 36.98 -2.55
N ILE A 356 -25.99 35.65 -2.48
CA ILE A 356 -26.57 34.88 -1.39
C ILE A 356 -25.45 34.27 -0.54
N SER A 357 -25.53 34.50 0.77
CA SER A 357 -24.60 33.91 1.73
C SER A 357 -25.12 34.19 3.14
N ASN A 358 -24.37 33.69 4.13
CA ASN A 358 -24.68 33.89 5.54
C ASN A 358 -26.07 33.41 5.90
N CYS A 359 -26.47 32.26 5.37
CA CYS A 359 -27.73 31.63 5.72
C CYS A 359 -27.58 30.13 5.55
N VAL A 360 -28.70 29.42 5.49
CA VAL A 360 -28.71 28.01 5.14
C VAL A 360 -29.49 27.86 3.83
N ALA A 361 -29.12 26.85 3.05
CA ALA A 361 -29.74 26.60 1.74
C ALA A 361 -30.86 25.59 1.93
N ASP A 362 -32.00 26.07 2.44
CA ASP A 362 -33.16 25.21 2.65
C ASP A 362 -33.83 24.96 1.30
N TYR A 363 -33.12 24.24 0.43
CA TYR A 363 -33.77 23.72 -0.77
C TYR A 363 -34.79 22.65 -0.46
N SER A 364 -34.82 22.14 0.78
CA SER A 364 -35.92 21.28 1.20
C SER A 364 -37.25 21.97 0.96
N VAL A 365 -37.39 23.21 1.42
CA VAL A 365 -38.48 24.05 0.97
C VAL A 365 -38.01 24.86 -0.23
N LEU A 366 -37.92 24.20 -1.39
CA LEU A 366 -37.78 24.88 -2.68
C LEU A 366 -38.59 24.20 -3.76
N TYR A 367 -39.00 22.95 -3.56
CA TYR A 367 -39.86 22.21 -4.47
C TYR A 367 -41.28 22.19 -3.94
N ASN A 368 -41.55 23.07 -2.97
CA ASN A 368 -42.81 23.11 -2.23
C ASN A 368 -43.68 24.20 -2.82
N SER A 369 -43.45 24.51 -4.09
CA SER A 369 -44.25 25.50 -4.80
C SER A 369 -45.15 24.78 -5.77
N ALA A 370 -46.28 25.40 -6.08
CA ALA A 370 -47.19 24.86 -7.09
C ALA A 370 -46.44 24.70 -8.41
N SER A 371 -46.90 23.75 -9.23
CA SER A 371 -46.31 23.25 -10.48
C SER A 371 -45.46 24.22 -11.29
N PHE A 372 -45.63 24.20 -12.61
CA PHE A 372 -45.16 25.21 -13.57
C PHE A 372 -43.74 25.69 -13.27
N SER A 373 -42.94 24.86 -12.61
CA SER A 373 -41.59 25.22 -12.17
C SER A 373 -40.61 24.63 -13.17
N THR A 374 -40.13 25.47 -14.07
CA THR A 374 -39.29 25.04 -15.17
C THR A 374 -37.85 24.93 -14.70
N PHE A 375 -37.57 23.98 -13.81
CA PHE A 375 -36.21 23.74 -13.32
C PHE A 375 -35.53 22.74 -14.26
N LYS A 376 -35.44 23.12 -15.54
CA LYS A 376 -34.63 22.36 -16.51
C LYS A 376 -33.17 22.66 -16.14
N CYS A 377 -32.78 22.19 -14.97
CA CYS A 377 -31.58 22.67 -14.30
C CYS A 377 -30.31 22.09 -14.92
N TYR A 378 -29.17 22.67 -14.59
CA TYR A 378 -27.90 22.24 -15.16
C TYR A 378 -26.90 21.85 -14.08
N GLY A 379 -26.31 20.67 -14.21
CA GLY A 379 -25.19 20.27 -13.39
C GLY A 379 -25.52 19.70 -12.03
N VAL A 380 -26.80 19.55 -11.67
CA VAL A 380 -27.17 19.00 -10.37
C VAL A 380 -28.58 18.44 -10.44
N SER A 381 -28.84 17.40 -9.64
CA SER A 381 -30.17 16.85 -9.40
C SER A 381 -30.89 17.66 -8.34
N PRO A 382 -32.23 17.72 -8.39
CA PRO A 382 -32.96 18.47 -7.36
C PRO A 382 -32.84 17.86 -5.96
N THR A 383 -33.00 16.55 -5.85
CA THR A 383 -32.89 15.88 -4.55
C THR A 383 -31.48 16.02 -3.99
N LYS A 384 -30.48 15.92 -4.87
CA LYS A 384 -29.09 16.10 -4.48
C LYS A 384 -28.87 17.52 -3.93
N LEU A 385 -29.47 18.51 -4.59
CA LEU A 385 -29.35 19.90 -4.17
C LEU A 385 -29.76 20.10 -2.72
N ASN A 386 -28.78 20.49 -1.90
CA ASN A 386 -28.80 20.66 -0.44
C ASN A 386 -27.42 20.34 0.10
N ASP A 387 -26.52 19.84 -0.77
CA ASP A 387 -25.22 19.40 -0.34
C ASP A 387 -24.12 20.06 -1.18
N LEU A 388 -24.49 21.04 -2.00
CA LEU A 388 -23.52 21.80 -2.77
C LEU A 388 -23.28 23.13 -2.10
N CYS A 389 -22.13 23.75 -2.41
CA CYS A 389 -21.70 24.93 -1.70
C CYS A 389 -21.02 25.91 -2.66
N PHE A 390 -21.43 27.18 -2.58
CA PHE A 390 -20.98 28.20 -3.52
C PHE A 390 -20.73 29.50 -2.76
N THR A 391 -19.86 30.33 -3.33
CA THR A 391 -19.66 31.68 -2.80
C THR A 391 -20.86 32.58 -3.04
N ASN A 392 -21.21 32.79 -4.30
CA ASN A 392 -22.12 33.85 -4.69
C ASN A 392 -23.18 33.30 -5.64
N VAL A 393 -24.38 33.10 -5.11
CA VAL A 393 -25.52 32.67 -5.91
C VAL A 393 -26.21 33.91 -6.44
N TYR A 394 -25.77 34.38 -7.62
CA TYR A 394 -26.27 35.62 -8.20
C TYR A 394 -27.65 35.41 -8.78
N ALA A 395 -28.68 35.49 -7.94
CA ALA A 395 -30.05 35.30 -8.36
C ALA A 395 -30.51 36.53 -9.12
N ASP A 396 -31.15 36.31 -10.27
CA ASP A 396 -31.65 37.38 -11.13
C ASP A 396 -33.16 37.32 -11.17
N SER A 397 -33.81 38.49 -11.16
CA SER A 397 -35.27 38.58 -11.09
C SER A 397 -35.79 39.67 -12.00
N PHE A 398 -36.36 39.27 -13.13
CA PHE A 398 -37.09 40.17 -14.01
C PHE A 398 -38.39 39.50 -14.41
N VAL A 399 -39.24 40.24 -15.11
CA VAL A 399 -40.56 39.76 -15.52
C VAL A 399 -40.64 39.81 -17.05
N ILE A 400 -41.05 38.69 -17.64
CA ILE A 400 -41.18 38.55 -19.09
C ILE A 400 -42.54 37.94 -19.39
N ARG A 401 -43.17 38.46 -20.45
CA ARG A 401 -44.46 37.93 -20.88
C ARG A 401 -44.35 36.43 -21.15
N GLY A 402 -45.37 35.69 -20.73
CA GLY A 402 -45.29 34.24 -20.65
C GLY A 402 -45.13 33.55 -21.99
N ASP A 403 -45.31 34.27 -23.10
CA ASP A 403 -45.18 33.65 -24.41
C ASP A 403 -43.76 33.13 -24.66
N GLU A 404 -42.75 33.90 -24.25
CA GLU A 404 -41.37 33.60 -24.57
C GLU A 404 -40.54 33.20 -23.35
N VAL A 405 -41.12 32.40 -22.44
CA VAL A 405 -40.40 31.95 -21.26
C VAL A 405 -39.14 31.18 -21.63
N ARG A 406 -39.18 30.46 -22.76
CA ARG A 406 -38.04 29.63 -23.17
C ARG A 406 -36.92 30.44 -23.81
N GLN A 407 -37.11 31.75 -24.01
CA GLN A 407 -36.11 32.55 -24.73
C GLN A 407 -34.84 32.71 -23.90
N ILE A 408 -34.97 32.81 -22.58
CA ILE A 408 -33.82 33.03 -21.71
C ILE A 408 -33.26 31.67 -21.32
N ALA A 409 -32.22 31.23 -22.03
CA ALA A 409 -31.58 29.94 -21.83
C ALA A 409 -30.25 29.94 -22.59
N PRO A 410 -29.32 29.03 -22.27
CA PRO A 410 -28.05 29.00 -23.01
C PRO A 410 -28.26 28.79 -24.50
N GLY A 411 -27.77 29.74 -25.29
CA GLY A 411 -27.83 29.62 -26.74
C GLY A 411 -29.23 29.60 -27.30
N GLN A 412 -30.10 30.50 -26.85
CA GLN A 412 -31.48 30.57 -27.31
C GLN A 412 -31.71 31.90 -28.01
N THR A 413 -32.58 31.89 -29.01
CA THR A 413 -32.87 33.09 -29.79
C THR A 413 -34.24 33.65 -29.42
N GLY A 414 -34.54 34.80 -29.97
CA GLY A 414 -35.80 35.48 -29.70
C GLY A 414 -35.57 36.96 -29.47
N LYS A 415 -36.68 37.69 -29.28
CA LYS A 415 -36.63 39.14 -29.17
C LYS A 415 -35.76 39.58 -27.98
N ILE A 416 -36.04 39.05 -26.80
CA ILE A 416 -35.25 39.42 -25.62
C ILE A 416 -33.97 38.61 -25.56
N ALA A 417 -33.94 37.44 -26.21
CA ALA A 417 -32.77 36.56 -26.13
C ALA A 417 -31.60 37.08 -26.94
N ASP A 418 -31.85 37.78 -28.04
CA ASP A 418 -30.78 38.33 -28.87
C ASP A 418 -30.58 39.83 -28.66
N TYR A 419 -31.46 40.51 -27.93
CA TYR A 419 -31.41 41.95 -27.79
C TYR A 419 -31.36 42.42 -26.35
N ASN A 420 -32.02 41.72 -25.42
CA ASN A 420 -32.13 42.19 -24.04
C ASN A 420 -31.33 41.35 -23.06
N TYR A 421 -31.42 40.03 -23.15
CA TYR A 421 -30.79 39.16 -22.16
C TYR A 421 -30.36 37.86 -22.82
N LYS A 422 -29.07 37.76 -23.14
CA LYS A 422 -28.51 36.57 -23.76
C LYS A 422 -27.77 35.76 -22.69
N LEU A 423 -28.08 34.47 -22.63
CA LEU A 423 -27.57 33.71 -21.49
C LEU A 423 -26.28 32.98 -21.82
N PRO A 424 -25.44 32.79 -20.81
CA PRO A 424 -24.21 32.01 -21.00
C PRO A 424 -24.49 30.58 -21.41
N ASP A 425 -23.60 30.04 -22.23
CA ASP A 425 -23.73 28.64 -22.64
C ASP A 425 -23.16 27.70 -21.59
N ASP A 426 -22.48 28.24 -20.57
CA ASP A 426 -21.86 27.44 -19.51
C ASP A 426 -22.52 27.66 -18.16
N PHE A 427 -23.76 28.15 -18.15
CA PHE A 427 -24.44 28.43 -16.89
C PHE A 427 -24.87 27.14 -16.21
N THR A 428 -24.57 27.04 -14.91
CA THR A 428 -24.96 25.89 -14.09
C THR A 428 -25.89 26.42 -12.99
N GLY A 429 -27.17 26.08 -13.09
CA GLY A 429 -28.14 26.52 -12.11
C GLY A 429 -29.53 26.18 -12.55
N CYS A 430 -30.47 26.38 -11.63
CA CYS A 430 -31.87 26.02 -11.87
C CYS A 430 -32.68 27.27 -12.13
N VAL A 431 -33.92 27.08 -12.55
CA VAL A 431 -34.84 28.18 -12.87
C VAL A 431 -36.21 27.80 -12.34
N ILE A 432 -36.89 28.77 -11.71
CA ILE A 432 -38.26 28.59 -11.26
C ILE A 432 -39.13 29.65 -11.92
N ALA A 433 -40.20 29.21 -12.59
CA ALA A 433 -41.12 30.11 -13.25
C ALA A 433 -42.51 29.95 -12.65
N TRP A 434 -43.30 31.02 -12.76
CA TRP A 434 -44.71 30.97 -12.37
C TRP A 434 -45.43 32.17 -12.93
N ASN A 435 -46.68 31.96 -13.34
CA ASN A 435 -47.51 33.05 -13.81
C ASN A 435 -48.02 33.89 -12.64
N SER A 436 -48.14 35.19 -12.89
CA SER A 436 -48.71 36.12 -11.92
C SER A 436 -49.87 36.87 -12.56
N ASN A 437 -50.72 36.15 -13.29
CA ASN A 437 -51.86 36.78 -13.94
C ASN A 437 -52.81 37.41 -12.93
N ASN A 438 -52.88 36.87 -11.71
CA ASN A 438 -53.81 37.38 -10.72
C ASN A 438 -53.34 38.70 -10.13
N LEU A 439 -52.02 38.90 -10.03
CA LEU A 439 -51.46 40.00 -9.24
C LEU A 439 -50.78 41.05 -10.10
N ASP A 440 -49.92 40.64 -11.03
CA ASP A 440 -49.03 41.59 -11.69
C ASP A 440 -49.75 42.52 -12.67
N SER A 441 -51.03 42.28 -12.96
CA SER A 441 -51.79 43.14 -13.84
C SER A 441 -52.94 43.76 -13.05
N LYS A 442 -53.07 45.08 -13.14
CA LYS A 442 -54.12 45.81 -12.43
C LYS A 442 -55.22 46.24 -13.39
N VAL A 443 -56.37 46.59 -12.81
CA VAL A 443 -57.60 46.70 -13.60
C VAL A 443 -57.64 48.01 -14.39
N GLY A 444 -57.49 49.13 -13.69
CA GLY A 444 -57.77 50.43 -14.29
C GLY A 444 -56.81 50.85 -15.39
N GLY A 445 -55.92 49.97 -15.81
CA GLY A 445 -54.94 50.32 -16.82
C GLY A 445 -53.56 50.45 -16.21
N ASN A 446 -52.73 49.43 -16.41
CA ASN A 446 -51.42 49.36 -15.77
C ASN A 446 -50.41 50.14 -16.61
N TYR A 447 -50.61 51.46 -16.69
CA TYR A 447 -49.64 52.34 -17.33
C TYR A 447 -48.50 52.70 -16.40
N ASN A 448 -48.40 52.02 -15.25
CA ASN A 448 -47.29 52.24 -14.32
C ASN A 448 -46.05 51.48 -14.76
N TYR A 449 -46.16 50.16 -14.88
CA TYR A 449 -45.05 49.33 -15.32
C TYR A 449 -44.77 49.55 -16.81
N LEU A 450 -43.58 49.13 -17.23
CA LEU A 450 -43.09 49.42 -18.57
C LEU A 450 -42.40 48.21 -19.18
N PHE A 451 -42.39 48.17 -20.51
CA PHE A 451 -41.70 47.14 -21.28
C PHE A 451 -40.50 47.75 -21.99
N ARG A 452 -39.54 46.89 -22.32
CA ARG A 452 -38.40 47.25 -23.16
C ARG A 452 -38.27 46.21 -24.26
N LEU A 453 -37.96 46.65 -25.47
CA LEU A 453 -38.07 45.80 -26.65
C LEU A 453 -36.86 45.81 -27.58
N PHE A 454 -35.91 46.73 -27.40
CA PHE A 454 -34.89 46.96 -28.42
C PHE A 454 -33.54 47.27 -27.81
N ARG A 455 -32.48 47.03 -28.59
CA ARG A 455 -31.10 47.37 -28.26
C ARG A 455 -30.33 47.48 -29.56
N LYS A 456 -29.04 47.79 -29.45
CA LYS A 456 -28.21 47.91 -30.65
C LYS A 456 -27.67 46.56 -31.10
N SER A 457 -26.85 45.91 -30.27
CA SER A 457 -26.10 44.74 -30.70
C SER A 457 -26.25 43.62 -29.67
N ASN A 458 -25.51 42.54 -29.89
CA ASN A 458 -25.50 41.39 -29.00
C ASN A 458 -24.78 41.76 -27.70
N LEU A 459 -24.94 40.92 -26.67
CA LEU A 459 -24.43 41.22 -25.35
C LEU A 459 -23.73 39.99 -24.77
N LYS A 460 -22.79 40.25 -23.86
CA LYS A 460 -22.06 39.18 -23.19
C LYS A 460 -22.98 38.46 -22.21
N PRO A 461 -22.59 37.27 -21.77
CA PRO A 461 -23.30 36.62 -20.66
C PRO A 461 -23.25 37.43 -19.37
N PHE A 462 -24.34 37.36 -18.60
CA PHE A 462 -24.37 37.76 -17.18
C PHE A 462 -24.00 39.24 -16.98
N GLU A 463 -24.88 40.11 -17.45
CA GLU A 463 -24.76 41.54 -17.18
C GLU A 463 -26.15 42.17 -17.25
N ARG A 464 -26.30 43.35 -16.66
CA ARG A 464 -27.58 44.05 -16.62
C ARG A 464 -27.55 45.19 -17.63
N ASP A 465 -28.60 45.26 -18.46
CA ASP A 465 -28.72 46.28 -19.49
C ASP A 465 -29.91 47.18 -19.20
N ILE A 466 -29.67 48.49 -19.13
CA ILE A 466 -30.71 49.46 -18.84
C ILE A 466 -30.73 50.54 -19.91
N SER A 467 -30.32 50.18 -21.13
CA SER A 467 -30.24 51.16 -22.21
C SER A 467 -31.61 51.69 -22.58
N THR A 468 -31.75 53.03 -22.64
CA THR A 468 -32.98 53.70 -23.02
C THR A 468 -32.75 54.75 -24.09
N GLU A 469 -31.59 54.71 -24.77
CA GLU A 469 -31.19 55.81 -25.63
C GLU A 469 -31.74 55.62 -27.04
N ILE A 470 -31.73 56.72 -27.80
CA ILE A 470 -32.19 56.69 -29.19
C ILE A 470 -31.27 55.80 -30.02
N TYR A 471 -31.86 55.00 -30.89
CA TYR A 471 -31.10 54.15 -31.78
C TYR A 471 -30.93 54.80 -33.15
N GLN A 472 -29.70 54.78 -33.67
CA GLN A 472 -29.41 55.35 -34.99
C GLN A 472 -29.71 54.26 -36.01
N ALA A 473 -30.65 54.56 -36.91
CA ALA A 473 -31.19 53.52 -37.77
C ALA A 473 -30.59 53.57 -39.17
N GLY A 474 -30.65 54.74 -39.83
CA GLY A 474 -30.22 54.84 -41.20
C GLY A 474 -28.99 55.70 -41.39
N SER A 475 -28.77 56.11 -42.65
CA SER A 475 -27.62 56.95 -42.98
C SER A 475 -27.69 58.32 -42.32
N THR A 476 -28.89 58.87 -42.16
CA THR A 476 -29.02 60.17 -41.51
C THR A 476 -28.68 60.06 -40.03
N PRO A 477 -27.98 61.05 -39.48
CA PRO A 477 -27.66 61.01 -38.05
C PRO A 477 -28.89 61.23 -37.19
N CYS A 478 -28.78 60.82 -35.92
CA CYS A 478 -29.90 60.94 -34.99
C CYS A 478 -29.75 62.13 -34.05
N ASN A 479 -28.53 62.41 -33.61
CA ASN A 479 -28.25 63.45 -32.61
C ASN A 479 -28.95 63.18 -31.27
N GLY A 480 -29.40 61.94 -31.05
CA GLY A 480 -30.02 61.57 -29.81
C GLY A 480 -31.49 61.90 -29.68
N VAL A 481 -32.22 62.06 -30.79
CA VAL A 481 -33.64 62.37 -30.77
C VAL A 481 -34.32 61.63 -31.90
N GLU A 482 -35.61 61.33 -31.71
CA GLU A 482 -36.39 60.70 -32.76
C GLU A 482 -36.59 61.65 -33.93
N GLY A 483 -36.43 61.11 -35.14
CA GLY A 483 -36.47 61.92 -36.35
C GLY A 483 -36.14 61.11 -37.58
N PHE A 484 -35.23 61.62 -38.40
CA PHE A 484 -34.82 60.93 -39.62
C PHE A 484 -34.10 59.64 -39.26
N ASN A 485 -34.78 58.51 -39.44
CA ASN A 485 -34.24 57.19 -39.12
C ASN A 485 -33.77 57.12 -37.66
N CYS A 486 -34.70 57.34 -36.74
CA CYS A 486 -34.40 57.41 -35.31
C CYS A 486 -35.56 56.80 -34.54
N TYR A 487 -35.30 56.36 -33.31
CA TYR A 487 -36.30 55.60 -32.57
C TYR A 487 -35.99 55.62 -31.08
N PHE A 488 -37.06 55.74 -30.29
CA PHE A 488 -36.98 55.61 -28.83
C PHE A 488 -37.70 54.34 -28.39
N PRO A 489 -37.05 53.43 -27.68
CA PRO A 489 -37.59 52.06 -27.56
C PRO A 489 -38.66 51.89 -26.49
N LEU A 490 -38.71 52.75 -25.47
CA LEU A 490 -39.44 52.46 -24.24
C LEU A 490 -40.94 52.56 -24.46
N GLN A 491 -41.69 51.66 -23.82
CA GLN A 491 -43.14 51.68 -23.78
C GLN A 491 -43.62 51.10 -22.45
N SER A 492 -44.86 51.41 -22.08
CA SER A 492 -45.39 50.97 -20.81
C SER A 492 -46.25 49.72 -20.98
N TYR A 493 -46.61 49.11 -19.84
CA TYR A 493 -47.54 47.98 -19.87
C TYR A 493 -48.89 48.41 -20.43
N GLY A 494 -49.58 49.31 -19.73
CA GLY A 494 -50.94 49.65 -20.07
C GLY A 494 -51.85 48.45 -19.95
N PHE A 495 -51.58 47.59 -18.97
CA PHE A 495 -52.30 46.34 -18.82
C PHE A 495 -53.72 46.56 -18.33
N GLN A 496 -54.68 46.07 -19.10
CA GLN A 496 -56.04 45.85 -18.66
C GLN A 496 -56.21 44.36 -18.42
N PRO A 497 -57.21 43.96 -17.61
CA PRO A 497 -57.34 42.52 -17.29
C PRO A 497 -57.59 41.64 -18.50
N THR A 498 -57.61 42.21 -19.71
CA THR A 498 -58.01 41.44 -20.89
C THR A 498 -56.86 40.72 -21.57
N ASN A 499 -55.60 41.12 -21.32
CA ASN A 499 -54.49 40.62 -22.10
C ASN A 499 -54.35 39.10 -21.96
N GLY A 500 -53.87 38.46 -23.04
CA GLY A 500 -53.96 37.03 -23.18
C GLY A 500 -52.86 36.25 -22.47
N VAL A 501 -52.93 34.94 -22.63
CA VAL A 501 -52.09 34.02 -21.86
C VAL A 501 -50.62 34.24 -22.15
N GLY A 502 -50.25 34.32 -23.43
CA GLY A 502 -48.87 34.56 -23.78
C GLY A 502 -48.31 35.87 -23.26
N TYR A 503 -49.13 36.92 -23.21
CA TYR A 503 -48.74 38.20 -22.66
C TYR A 503 -49.09 38.36 -21.19
N GLN A 504 -49.74 37.37 -20.57
CA GLN A 504 -49.86 37.36 -19.13
C GLN A 504 -48.49 37.06 -18.51
N PRO A 505 -48.19 37.65 -17.35
CA PRO A 505 -46.85 37.52 -16.79
C PRO A 505 -46.52 36.09 -16.38
N TYR A 506 -45.24 35.75 -16.49
CA TYR A 506 -44.69 34.52 -15.95
C TYR A 506 -43.37 34.86 -15.26
N ARG A 507 -43.42 35.06 -13.95
CA ARG A 507 -42.23 35.42 -13.19
C ARG A 507 -41.21 34.29 -13.29
N VAL A 508 -40.10 34.57 -13.96
CA VAL A 508 -39.01 33.62 -14.11
C VAL A 508 -37.88 34.04 -13.18
N VAL A 509 -37.51 33.14 -12.27
CA VAL A 509 -36.41 33.36 -11.34
C VAL A 509 -35.29 32.41 -11.69
N VAL A 510 -34.15 32.96 -12.11
CA VAL A 510 -32.98 32.18 -12.48
C VAL A 510 -32.10 32.06 -11.24
N LEU A 511 -32.24 30.96 -10.52
CA LEU A 511 -31.44 30.69 -9.34
C LEU A 511 -30.03 30.31 -9.76
N SER A 512 -29.20 31.31 -10.02
CA SER A 512 -27.87 31.12 -10.58
C SER A 512 -26.89 30.77 -9.48
N PHE A 513 -26.76 29.48 -9.19
CA PHE A 513 -25.75 28.98 -8.28
C PHE A 513 -24.39 29.04 -8.98
N GLU A 514 -23.68 30.15 -8.80
CA GLU A 514 -22.35 30.32 -9.37
C GLU A 514 -21.35 29.68 -8.42
N LEU A 515 -20.68 28.64 -8.89
CA LEU A 515 -19.84 27.79 -8.05
C LEU A 515 -18.45 28.40 -7.93
N LEU A 516 -18.12 28.88 -6.73
CA LEU A 516 -16.76 29.30 -6.42
C LEU A 516 -16.36 28.78 -5.05
N HIS A 517 -15.25 29.27 -4.51
CA HIS A 517 -14.59 28.62 -3.36
C HIS A 517 -14.84 29.39 -2.05
N ALA A 518 -15.86 28.93 -1.31
CA ALA A 518 -16.14 29.42 0.02
C ALA A 518 -16.60 28.27 0.90
N PRO A 519 -16.47 28.40 2.22
CA PRO A 519 -17.14 27.43 3.12
C PRO A 519 -18.64 27.45 2.91
N ALA A 520 -19.18 28.59 2.47
CA ALA A 520 -20.53 28.70 1.95
C ALA A 520 -21.57 28.26 2.99
N THR A 521 -21.69 29.08 4.04
CA THR A 521 -22.70 28.83 5.07
C THR A 521 -24.01 28.32 4.47
N VAL A 522 -24.37 28.83 3.31
CA VAL A 522 -25.59 28.43 2.62
C VAL A 522 -25.31 27.19 1.77
N CYS A 523 -25.42 26.00 2.40
CA CYS A 523 -25.27 24.72 1.69
C CYS A 523 -26.54 23.88 1.77
N GLY A 524 -27.12 23.73 2.95
CA GLY A 524 -28.30 22.93 3.13
C GLY A 524 -28.52 22.53 4.57
N PRO A 525 -29.78 22.35 4.96
CA PRO A 525 -30.07 21.98 6.35
C PRO A 525 -29.61 20.57 6.67
N LYS A 526 -29.23 20.37 7.93
CA LYS A 526 -28.75 19.09 8.43
C LYS A 526 -29.69 18.58 9.52
N LYS A 527 -29.98 17.29 9.48
CA LYS A 527 -30.91 16.70 10.44
C LYS A 527 -30.14 16.00 11.57
N SER A 528 -30.90 15.42 12.50
CA SER A 528 -30.30 14.72 13.64
C SER A 528 -31.32 13.70 14.14
N THR A 529 -30.87 12.88 15.10
CA THR A 529 -31.69 11.81 15.64
C THR A 529 -31.59 11.81 17.16
N ASN A 530 -32.13 10.76 17.77
CA ASN A 530 -32.03 10.59 19.21
C ASN A 530 -30.98 9.53 19.54
N LEU A 531 -30.32 9.71 20.68
CA LEU A 531 -29.21 8.85 21.09
C LEU A 531 -29.68 7.82 22.12
N VAL A 532 -29.03 6.66 22.09
CA VAL A 532 -29.29 5.58 23.04
C VAL A 532 -27.97 5.18 23.68
N LYS A 533 -27.99 5.03 25.00
CA LYS A 533 -26.78 4.82 25.80
C LYS A 533 -26.65 3.36 26.19
N ASN A 534 -25.43 2.99 26.60
CA ASN A 534 -25.12 1.65 27.10
C ASN A 534 -25.43 0.57 26.07
N LYS A 535 -25.02 0.81 24.82
CA LYS A 535 -25.21 -0.16 23.75
C LYS A 535 -24.09 -0.01 22.72
N CYS A 536 -23.81 -1.11 22.01
CA CYS A 536 -22.80 -1.11 20.96
C CYS A 536 -23.32 -0.30 19.78
N VAL A 537 -22.75 0.88 19.57
CA VAL A 537 -23.34 1.88 18.68
C VAL A 537 -22.27 2.46 17.78
N ASN A 538 -22.59 2.57 16.49
CA ASN A 538 -21.80 3.38 15.57
C ASN A 538 -22.22 4.84 15.70
N PHE A 539 -21.26 5.74 15.82
CA PHE A 539 -21.58 7.14 16.04
C PHE A 539 -20.86 8.02 15.04
N ASN A 540 -21.41 9.21 14.84
CA ASN A 540 -20.81 10.26 13.99
C ASN A 540 -21.13 11.59 14.67
N PHE A 541 -20.13 12.18 15.33
CA PHE A 541 -20.30 13.41 16.08
C PHE A 541 -19.72 14.57 15.28
N ASN A 542 -20.59 15.27 14.54
CA ASN A 542 -20.21 16.46 13.78
C ASN A 542 -19.05 16.17 12.84
N GLY A 543 -19.10 15.01 12.19
CA GLY A 543 -18.05 14.59 11.29
C GLY A 543 -17.06 13.62 11.88
N LEU A 544 -17.03 13.48 13.21
CA LEU A 544 -16.14 12.53 13.86
C LEU A 544 -16.89 11.20 14.00
N THR A 545 -16.48 10.21 13.22
CA THR A 545 -17.17 8.92 13.17
C THR A 545 -16.43 7.90 14.04
N GLY A 546 -17.17 6.90 14.49
CA GLY A 546 -16.58 5.84 15.28
C GLY A 546 -17.64 4.91 15.82
N THR A 547 -17.18 3.93 16.58
CA THR A 547 -18.05 2.91 17.18
C THR A 547 -17.70 2.78 18.66
N GLY A 548 -18.74 2.64 19.49
CA GLY A 548 -18.53 2.41 20.89
C GLY A 548 -19.80 2.63 21.70
N VAL A 549 -19.63 2.62 23.01
CA VAL A 549 -20.71 2.87 23.96
C VAL A 549 -20.42 4.19 24.65
N LEU A 550 -21.48 4.85 25.12
CA LEU A 550 -21.38 6.18 25.71
C LEU A 550 -21.96 6.13 27.12
N THR A 551 -21.23 6.68 28.08
CA THR A 551 -21.66 6.77 29.47
C THR A 551 -21.43 8.19 29.96
N GLU A 552 -21.75 8.42 31.24
CA GLU A 552 -21.53 9.72 31.85
C GLU A 552 -20.09 9.87 32.29
N SER A 553 -19.80 10.99 32.95
CA SER A 553 -18.44 11.27 33.40
C SER A 553 -18.45 12.36 34.45
N ASN A 554 -17.24 12.70 34.91
CA ASN A 554 -17.01 13.79 35.83
C ASN A 554 -15.94 14.77 35.34
N LYS A 555 -15.39 14.53 34.16
CA LYS A 555 -14.36 15.40 33.62
C LYS A 555 -14.92 16.80 33.36
N LYS A 556 -14.09 17.81 33.57
CA LYS A 556 -14.49 19.21 33.43
C LYS A 556 -13.78 19.80 32.21
N PHE A 557 -14.50 19.90 31.11
CA PHE A 557 -13.96 20.51 29.91
C PHE A 557 -13.92 22.03 30.05
N LEU A 558 -13.04 22.64 29.27
CA LEU A 558 -13.09 24.09 29.13
C LEU A 558 -14.18 24.48 28.14
N PRO A 559 -14.69 25.72 28.22
CA PRO A 559 -15.83 26.12 27.38
C PRO A 559 -15.56 26.01 25.89
N PHE A 560 -14.30 26.02 25.49
CA PHE A 560 -13.95 26.06 24.07
C PHE A 560 -13.26 24.79 23.59
N GLN A 561 -13.41 23.68 24.31
CA GLN A 561 -12.87 22.40 23.88
C GLN A 561 -14.01 21.46 23.48
N GLN A 562 -13.84 20.81 22.34
CA GLN A 562 -14.81 19.85 21.83
C GLN A 562 -14.31 18.42 21.93
N PHE A 563 -13.11 18.15 21.40
CA PHE A 563 -12.56 16.81 21.41
C PHE A 563 -11.90 16.53 22.75
N GLY A 564 -11.27 15.36 22.86
CA GLY A 564 -10.51 14.98 24.04
C GLY A 564 -9.64 13.79 23.73
N ARG A 565 -8.36 13.87 24.07
CA ARG A 565 -7.40 12.83 23.70
C ARG A 565 -6.62 12.36 24.92
N ASP A 566 -6.29 11.08 24.93
CA ASP A 566 -5.52 10.47 26.01
C ASP A 566 -4.03 10.52 25.65
N ILE A 567 -3.21 9.86 26.46
CA ILE A 567 -1.79 9.75 26.14
C ILE A 567 -1.56 8.90 24.90
N ALA A 568 -2.46 7.96 24.61
CA ALA A 568 -2.33 7.08 23.46
C ALA A 568 -2.77 7.75 22.16
N ASP A 569 -3.11 9.05 22.21
CA ASP A 569 -3.47 9.82 21.02
C ASP A 569 -4.70 9.24 20.32
N THR A 570 -5.82 9.19 21.05
CA THR A 570 -7.09 8.79 20.51
C THR A 570 -8.22 9.47 21.27
N THR A 571 -9.38 9.53 20.64
CA THR A 571 -10.52 10.22 21.25
C THR A 571 -11.06 9.43 22.44
N ASP A 572 -11.42 10.14 23.49
CA ASP A 572 -12.04 9.53 24.67
C ASP A 572 -13.34 10.19 25.10
N ALA A 573 -13.50 11.49 24.88
CA ALA A 573 -14.70 12.20 25.31
C ALA A 573 -15.13 13.16 24.20
N VAL A 574 -16.43 13.43 24.14
CA VAL A 574 -17.00 14.31 23.13
C VAL A 574 -18.09 15.14 23.78
N ARG A 575 -18.14 16.43 23.41
CA ARG A 575 -19.16 17.34 23.89
C ARG A 575 -20.30 17.34 22.88
N ASP A 576 -21.42 16.75 23.26
CA ASP A 576 -22.57 16.67 22.35
C ASP A 576 -23.07 18.07 22.01
N PRO A 577 -23.41 18.34 20.74
CA PRO A 577 -23.68 19.73 20.34
C PRO A 577 -24.99 20.28 20.88
N GLN A 578 -26.09 19.53 20.75
CA GLN A 578 -27.41 20.08 21.06
C GLN A 578 -27.52 20.47 22.53
N THR A 579 -27.20 19.55 23.42
CA THR A 579 -27.09 19.84 24.84
C THR A 579 -25.63 19.73 25.25
N LEU A 580 -25.13 20.72 25.97
CA LEU A 580 -23.69 20.83 26.25
C LEU A 580 -23.35 19.95 27.45
N GLU A 581 -23.18 18.66 27.17
CA GLU A 581 -22.81 17.66 28.16
C GLU A 581 -21.45 17.06 27.82
N ILE A 582 -21.01 16.12 28.66
CA ILE A 582 -19.76 15.41 28.46
C ILE A 582 -20.05 13.92 28.52
N LEU A 583 -19.59 13.19 27.51
CA LEU A 583 -19.78 11.74 27.43
C LEU A 583 -18.43 11.06 27.26
N ASP A 584 -18.35 9.81 27.68
CA ASP A 584 -17.14 9.01 27.57
C ASP A 584 -17.32 7.92 26.54
N ILE A 585 -16.39 7.83 25.60
CA ILE A 585 -16.47 6.88 24.48
C ILE A 585 -15.66 5.66 24.84
N THR A 586 -16.32 4.49 24.84
CA THR A 586 -15.65 3.22 25.03
C THR A 586 -16.13 2.27 23.92
N PRO A 587 -15.26 1.90 22.99
CA PRO A 587 -15.66 0.94 21.95
C PRO A 587 -16.02 -0.42 22.52
N CYS A 588 -16.55 -1.28 21.65
CA CYS A 588 -17.14 -2.53 22.11
C CYS A 588 -16.09 -3.61 22.30
N SER A 589 -16.36 -4.51 23.24
CA SER A 589 -15.34 -5.45 23.71
C SER A 589 -15.03 -6.49 22.66
N PHE A 590 -14.03 -7.32 22.94
CA PHE A 590 -13.59 -8.36 22.02
C PHE A 590 -12.60 -9.26 22.73
N GLY A 591 -12.26 -10.37 22.09
CA GLY A 591 -11.29 -11.28 22.67
C GLY A 591 -11.07 -12.48 21.79
N GLY A 592 -10.22 -13.39 22.28
CA GLY A 592 -9.89 -14.60 21.56
C GLY A 592 -10.66 -15.80 22.06
N VAL A 593 -10.56 -16.92 21.35
CA VAL A 593 -11.30 -18.14 21.65
C VAL A 593 -10.32 -19.29 21.75
N SER A 594 -10.42 -20.07 22.84
CA SER A 594 -9.58 -21.24 23.05
C SER A 594 -10.46 -22.45 23.29
N VAL A 595 -9.95 -23.61 22.89
CA VAL A 595 -10.68 -24.87 22.97
C VAL A 595 -9.90 -25.83 23.87
N ILE A 596 -10.60 -26.43 24.83
CA ILE A 596 -10.00 -27.42 25.71
C ILE A 596 -10.61 -28.78 25.39
N THR A 597 -9.76 -29.78 25.18
CA THR A 597 -10.23 -31.10 24.78
C THR A 597 -9.25 -32.19 25.23
N PRO A 598 -9.75 -33.35 25.60
CA PRO A 598 -8.88 -34.50 25.82
C PRO A 598 -8.49 -35.14 24.48
N GLY A 599 -7.79 -36.27 24.58
CA GLY A 599 -7.39 -36.97 23.38
C GLY A 599 -8.58 -37.49 22.60
N THR A 600 -8.47 -37.44 21.28
CA THR A 600 -9.54 -37.95 20.42
C THR A 600 -9.76 -39.45 20.64
N ASN A 601 -8.68 -40.20 20.88
CA ASN A 601 -8.80 -41.63 21.12
C ASN A 601 -9.58 -41.95 22.39
N THR A 602 -9.78 -40.96 23.27
CA THR A 602 -10.44 -41.18 24.55
C THR A 602 -11.93 -40.89 24.47
N SER A 603 -12.32 -39.67 24.12
CA SER A 603 -13.72 -39.26 24.14
C SER A 603 -13.94 -38.20 23.06
N ASN A 604 -15.08 -37.52 23.16
CA ASN A 604 -15.46 -36.51 22.18
C ASN A 604 -15.89 -35.18 22.77
N GLN A 605 -16.18 -35.12 24.08
CA GLN A 605 -16.63 -33.87 24.68
C GLN A 605 -15.50 -32.85 24.72
N VAL A 606 -15.89 -31.58 24.65
CA VAL A 606 -14.93 -30.48 24.66
C VAL A 606 -15.44 -29.38 25.60
N ALA A 607 -14.51 -28.53 26.03
CA ALA A 607 -14.83 -27.36 26.83
C ALA A 607 -14.28 -26.11 26.16
N VAL A 608 -15.02 -25.02 26.24
CA VAL A 608 -14.74 -23.80 25.49
C VAL A 608 -14.52 -22.66 26.47
N LEU A 609 -13.53 -21.82 26.19
CA LEU A 609 -13.15 -20.70 27.04
C LEU A 609 -13.29 -19.40 26.27
N TYR A 610 -13.83 -18.38 26.94
CA TYR A 610 -13.78 -17.00 26.46
C TYR A 610 -12.68 -16.27 27.22
N GLN A 611 -12.10 -15.24 26.62
CA GLN A 611 -10.99 -14.53 27.23
C GLN A 611 -11.35 -13.08 27.50
N GLY A 612 -11.05 -12.62 28.72
CA GLY A 612 -11.13 -11.22 29.05
C GLY A 612 -12.49 -10.58 28.92
N VAL A 613 -13.56 -11.36 29.03
CA VAL A 613 -14.92 -10.83 28.91
C VAL A 613 -15.73 -11.27 30.12
N ASN A 614 -16.36 -10.31 30.79
CA ASN A 614 -17.30 -10.59 31.85
C ASN A 614 -18.51 -11.28 31.24
N CYS A 615 -18.75 -12.53 31.60
CA CYS A 615 -19.84 -13.27 30.98
C CYS A 615 -21.18 -12.97 31.62
N THR A 616 -21.26 -11.83 32.32
CA THR A 616 -22.54 -11.17 32.52
C THR A 616 -22.90 -10.48 31.21
N GLU A 617 -21.96 -10.49 30.26
CA GLU A 617 -22.08 -9.74 29.01
C GLU A 617 -21.91 -10.67 27.81
N VAL A 618 -21.55 -11.93 28.05
CA VAL A 618 -21.40 -12.88 26.94
C VAL A 618 -22.68 -12.89 26.13
N PRO A 619 -22.62 -12.86 24.80
CA PRO A 619 -23.86 -12.79 24.03
C PRO A 619 -24.77 -13.96 24.31
N VAL A 620 -25.85 -13.68 25.06
CA VAL A 620 -26.96 -14.62 25.18
C VAL A 620 -27.55 -14.86 23.81
N ALA A 621 -27.37 -13.89 22.90
CA ALA A 621 -27.62 -14.01 21.48
C ALA A 621 -29.09 -14.09 21.12
N ILE A 622 -29.43 -13.53 19.97
CA ILE A 622 -30.75 -13.67 19.38
C ILE A 622 -30.56 -14.55 18.15
N HIS A 623 -29.86 -14.02 17.17
CA HIS A 623 -29.35 -14.85 16.08
C HIS A 623 -27.85 -14.74 15.89
N ALA A 624 -27.30 -13.52 16.01
CA ALA A 624 -25.85 -13.33 15.84
C ALA A 624 -25.47 -11.99 16.48
N ASP A 625 -24.79 -12.07 17.63
CA ASP A 625 -24.14 -10.92 18.25
C ASP A 625 -22.78 -11.34 18.81
N GLN A 626 -22.20 -12.38 18.23
CA GLN A 626 -21.02 -13.06 18.74
C GLN A 626 -20.13 -13.41 17.58
N LEU A 627 -18.92 -12.84 17.55
CA LEU A 627 -18.00 -13.21 16.47
C LEU A 627 -17.28 -14.52 16.75
N THR A 628 -17.47 -15.11 17.93
CA THR A 628 -17.31 -16.54 18.03
C THR A 628 -18.38 -17.19 17.14
N PRO A 629 -18.04 -18.23 16.39
CA PRO A 629 -18.98 -18.72 15.36
C PRO A 629 -20.23 -19.35 15.95
N THR A 630 -20.89 -18.62 16.84
CA THR A 630 -22.25 -18.91 17.33
C THR A 630 -22.39 -20.35 17.81
N TRP A 631 -21.65 -20.66 18.87
CA TRP A 631 -21.83 -21.92 19.59
C TRP A 631 -22.11 -21.67 21.06
N ARG A 632 -23.01 -20.72 21.36
CA ARG A 632 -23.44 -20.52 22.73
C ARG A 632 -24.13 -21.76 23.26
N VAL A 633 -23.92 -22.05 24.54
CA VAL A 633 -24.50 -23.21 25.20
C VAL A 633 -25.30 -22.71 26.41
N TYR A 634 -26.32 -23.48 26.77
CA TYR A 634 -27.12 -23.20 27.95
C TYR A 634 -26.22 -23.04 29.18
N SER A 635 -26.57 -22.09 30.05
CA SER A 635 -25.64 -21.61 31.07
C SER A 635 -25.78 -22.38 32.38
N THR A 636 -27.01 -22.52 32.88
CA THR A 636 -27.21 -23.01 34.24
C THR A 636 -26.67 -24.42 34.43
N GLY A 637 -27.07 -25.35 33.57
CA GLY A 637 -26.64 -26.72 33.69
C GLY A 637 -25.21 -27.00 33.26
N SER A 638 -24.63 -26.13 32.44
CA SER A 638 -23.27 -26.32 31.94
C SER A 638 -22.23 -25.74 32.88
N ASN A 639 -22.66 -25.24 34.04
CA ASN A 639 -21.77 -24.77 35.11
C ASN A 639 -20.91 -23.60 34.62
N VAL A 640 -21.60 -22.52 34.25
CA VAL A 640 -20.91 -21.28 33.89
C VAL A 640 -20.25 -20.71 35.13
N PHE A 641 -18.94 -20.50 35.06
CA PHE A 641 -18.15 -20.08 36.21
C PHE A 641 -17.18 -18.98 35.83
N GLN A 642 -17.28 -17.86 36.53
CA GLN A 642 -16.45 -16.68 36.26
C GLN A 642 -15.06 -16.86 36.84
N THR A 643 -14.05 -16.84 35.98
CA THR A 643 -12.65 -16.90 36.36
C THR A 643 -12.00 -15.55 36.10
N ARG A 644 -10.68 -15.50 36.29
CA ARG A 644 -9.91 -14.30 36.00
C ARG A 644 -9.40 -14.26 34.57
N ALA A 645 -9.75 -15.25 33.76
CA ALA A 645 -9.37 -15.32 32.34
C ALA A 645 -10.61 -15.38 31.46
N GLY A 646 -11.59 -14.54 31.75
CA GLY A 646 -12.91 -14.68 31.18
C GLY A 646 -13.74 -15.60 32.05
N CYS A 647 -14.57 -16.45 31.45
CA CYS A 647 -15.24 -17.49 32.20
C CYS A 647 -15.50 -18.68 31.29
N LEU A 648 -15.76 -19.83 31.90
CA LEU A 648 -15.77 -21.11 31.21
C LEU A 648 -17.20 -21.65 31.13
N ILE A 649 -17.51 -22.33 30.03
CA ILE A 649 -18.78 -23.02 29.87
C ILE A 649 -18.47 -24.46 29.45
N GLY A 650 -18.97 -25.41 30.24
CA GLY A 650 -18.81 -26.82 29.92
C GLY A 650 -18.15 -27.66 30.99
N ALA A 651 -17.69 -27.06 32.09
CA ALA A 651 -17.00 -27.79 33.14
C ALA A 651 -17.54 -27.36 34.50
N GLU A 652 -17.54 -28.32 35.43
CA GLU A 652 -18.01 -28.09 36.78
C GLU A 652 -16.81 -27.92 37.72
N HIS A 653 -17.05 -27.38 38.90
CA HIS A 653 -15.99 -27.13 39.86
C HIS A 653 -16.22 -27.88 41.16
N VAL A 654 -15.14 -28.40 41.73
CA VAL A 654 -15.18 -29.16 42.96
C VAL A 654 -14.33 -28.45 44.01
N ASN A 655 -14.43 -28.92 45.24
CA ASN A 655 -13.62 -28.42 46.33
C ASN A 655 -12.37 -29.27 46.59
N ASN A 656 -12.11 -30.25 45.73
CA ASN A 656 -10.96 -31.12 45.88
C ASN A 656 -9.70 -30.40 45.37
N SER A 657 -8.60 -31.12 45.31
CA SER A 657 -7.34 -30.58 44.80
C SER A 657 -6.46 -31.73 44.33
N TYR A 658 -5.91 -31.61 43.14
CA TYR A 658 -5.06 -32.64 42.55
C TYR A 658 -3.86 -31.97 41.87
N GLU A 659 -3.03 -32.79 41.24
CA GLU A 659 -1.93 -32.27 40.44
C GLU A 659 -2.45 -31.74 39.12
N CYS A 660 -1.72 -30.80 38.53
CA CYS A 660 -2.17 -30.15 37.31
C CYS A 660 -1.96 -31.05 36.09
N ASP A 661 -3.01 -31.18 35.29
CA ASP A 661 -2.96 -31.97 34.06
C ASP A 661 -2.98 -31.08 32.83
N ILE A 662 -3.96 -30.20 32.71
CA ILE A 662 -4.01 -29.25 31.59
C ILE A 662 -4.05 -27.84 32.16
N PRO A 663 -3.01 -27.04 31.93
CA PRO A 663 -3.00 -25.67 32.46
C PRO A 663 -3.94 -24.77 31.67
N ILE A 664 -4.80 -24.06 32.38
CA ILE A 664 -5.71 -23.11 31.77
C ILE A 664 -5.33 -21.68 32.10
N GLY A 665 -4.88 -21.43 33.33
CA GLY A 665 -4.35 -20.12 33.67
C GLY A 665 -4.78 -19.58 35.02
N ALA A 666 -3.98 -18.68 35.57
CA ALA A 666 -4.30 -17.96 36.81
C ALA A 666 -4.60 -18.93 37.96
N GLY A 667 -3.76 -19.95 38.12
CA GLY A 667 -3.92 -20.87 39.22
C GLY A 667 -5.07 -21.83 39.11
N ILE A 668 -5.44 -22.25 37.91
CA ILE A 668 -6.52 -23.21 37.69
C ILE A 668 -6.00 -24.28 36.73
N CYS A 669 -6.53 -25.49 36.86
CA CYS A 669 -6.27 -26.58 35.92
C CYS A 669 -7.58 -27.29 35.60
N ALA A 670 -7.50 -28.25 34.68
CA ALA A 670 -8.66 -29.03 34.27
C ALA A 670 -8.23 -30.44 33.90
N SER A 671 -9.16 -31.38 34.01
CA SER A 671 -8.90 -32.77 33.67
C SER A 671 -10.21 -33.46 33.36
N TYR A 672 -10.11 -34.56 32.63
CA TYR A 672 -11.26 -35.40 32.27
C TYR A 672 -11.21 -36.64 33.16
N GLN A 673 -12.06 -36.68 34.17
CA GLN A 673 -12.02 -37.73 35.18
C GLN A 673 -13.44 -38.16 35.51
N THR A 674 -13.58 -38.90 36.61
CA THR A 674 -14.86 -39.40 37.10
C THR A 674 -15.56 -40.26 36.05
N GLN A 688 -17.91 -39.91 33.99
CA GLN A 688 -16.93 -39.39 33.04
C GLN A 688 -17.33 -37.99 32.57
N SER A 689 -16.57 -36.98 32.97
CA SER A 689 -16.86 -35.60 32.62
C SER A 689 -15.60 -34.77 32.77
N ILE A 690 -15.71 -33.49 32.48
CA ILE A 690 -14.60 -32.56 32.56
C ILE A 690 -14.76 -31.72 33.82
N ILE A 691 -13.69 -31.65 34.61
CA ILE A 691 -13.72 -30.96 35.90
C ILE A 691 -12.57 -29.97 35.96
N ALA A 692 -12.86 -28.77 36.48
CA ALA A 692 -11.86 -27.74 36.66
C ALA A 692 -11.63 -27.53 38.15
N TYR A 693 -10.38 -27.26 38.52
CA TYR A 693 -10.00 -27.21 39.93
C TYR A 693 -8.75 -26.36 40.09
N THR A 694 -8.31 -26.22 41.34
CA THR A 694 -7.05 -25.57 41.66
C THR A 694 -6.04 -26.65 42.02
N MET A 695 -4.85 -26.56 41.45
CA MET A 695 -3.84 -27.60 41.63
C MET A 695 -3.28 -27.57 43.05
N SER A 696 -2.63 -28.67 43.42
CA SER A 696 -1.92 -28.76 44.68
C SER A 696 -0.41 -28.70 44.41
N LEU A 697 0.29 -27.88 45.21
CA LEU A 697 1.72 -27.72 44.99
C LEU A 697 2.49 -29.01 45.23
N GLY A 698 2.11 -29.78 46.24
CA GLY A 698 2.78 -31.03 46.53
C GLY A 698 2.28 -31.63 47.82
N ALA A 699 2.98 -32.68 48.25
CA ALA A 699 2.62 -33.38 49.46
C ALA A 699 2.90 -32.52 50.70
N GLU A 700 2.34 -32.96 51.83
CA GLU A 700 2.47 -32.26 53.09
C GLU A 700 3.35 -33.08 54.01
N ASN A 701 4.41 -32.48 54.53
CA ASN A 701 5.36 -33.18 55.37
C ASN A 701 5.92 -32.24 56.44
N SER A 702 6.24 -32.81 57.60
CA SER A 702 6.87 -32.09 58.70
C SER A 702 7.95 -32.97 59.30
N VAL A 703 8.98 -32.34 59.84
CA VAL A 703 10.15 -33.03 60.36
C VAL A 703 10.29 -32.71 61.84
N ALA A 704 10.46 -33.75 62.66
CA ALA A 704 10.63 -33.58 64.11
C ALA A 704 12.03 -33.06 64.36
N TYR A 705 12.12 -31.83 64.84
CA TYR A 705 13.41 -31.22 65.12
C TYR A 705 13.65 -31.16 66.63
N SER A 706 14.82 -31.62 67.06
CA SER A 706 15.20 -31.58 68.46
C SER A 706 16.68 -31.24 68.56
N ASN A 707 17.08 -30.73 69.71
CA ASN A 707 18.45 -30.29 69.95
C ASN A 707 19.41 -31.45 70.22
N ASN A 708 18.90 -32.68 70.34
CA ASN A 708 19.76 -33.82 70.65
C ASN A 708 19.34 -35.06 69.87
N SER A 709 18.85 -34.88 68.64
CA SER A 709 18.37 -36.00 67.84
C SER A 709 19.05 -36.01 66.48
N ILE A 710 19.16 -37.20 65.89
CA ILE A 710 19.77 -37.38 64.59
C ILE A 710 19.28 -38.68 63.97
N ALA A 711 19.43 -38.78 62.65
CA ALA A 711 19.00 -39.97 61.90
C ALA A 711 20.11 -40.37 60.94
N ILE A 712 20.22 -41.67 60.68
CA ILE A 712 21.29 -42.21 59.85
C ILE A 712 20.75 -43.37 59.01
N PRO A 713 21.06 -43.43 57.71
CA PRO A 713 20.55 -44.52 56.89
C PRO A 713 21.26 -45.84 57.16
N THR A 714 20.66 -46.93 56.67
CA THR A 714 21.21 -48.26 56.84
C THR A 714 21.26 -49.09 55.56
N ASN A 715 20.60 -48.65 54.49
CA ASN A 715 20.60 -49.40 53.24
C ASN A 715 20.58 -48.41 52.08
N PHE A 716 20.99 -48.89 50.91
CA PHE A 716 21.17 -48.03 49.74
C PHE A 716 20.51 -48.66 48.52
N THR A 717 20.52 -47.91 47.43
CA THR A 717 19.95 -48.33 46.16
C THR A 717 20.72 -47.68 45.02
N ILE A 718 20.77 -48.36 43.88
CA ILE A 718 21.43 -47.87 42.68
C ILE A 718 20.37 -47.50 41.67
N SER A 719 20.51 -46.34 41.03
CA SER A 719 19.52 -45.82 40.09
C SER A 719 20.18 -45.42 38.78
N VAL A 720 19.40 -45.45 37.70
CA VAL A 720 19.85 -45.09 36.36
C VAL A 720 18.84 -44.12 35.77
N THR A 721 19.34 -43.04 35.17
CA THR A 721 18.51 -41.99 34.59
C THR A 721 18.97 -41.70 33.16
N THR A 722 18.09 -41.04 32.40
CA THR A 722 18.37 -40.69 31.01
C THR A 722 18.07 -39.22 30.75
N GLU A 723 18.88 -38.60 29.89
CA GLU A 723 18.68 -37.22 29.46
C GLU A 723 18.95 -37.14 27.97
N ILE A 724 18.31 -36.17 27.30
CA ILE A 724 18.36 -36.04 25.85
C ILE A 724 18.79 -34.61 25.51
N LEU A 725 19.62 -34.46 24.48
CA LEU A 725 20.09 -33.16 24.03
C LEU A 725 20.26 -33.15 22.52
N PRO A 726 19.75 -32.15 21.81
CA PRO A 726 19.98 -32.07 20.36
C PRO A 726 21.35 -31.51 20.05
N VAL A 727 21.82 -31.77 18.84
CA VAL A 727 23.18 -31.38 18.48
C VAL A 727 23.21 -30.53 17.21
N SER A 728 22.68 -31.05 16.11
CA SER A 728 22.89 -30.46 14.80
C SER A 728 21.56 -30.15 14.11
N MET A 729 21.66 -29.55 12.93
CA MET A 729 20.51 -29.14 12.14
C MET A 729 20.88 -29.13 10.66
N THR A 730 19.85 -29.15 9.81
CA THR A 730 20.04 -29.49 8.40
C THR A 730 20.52 -28.31 7.57
N LYS A 731 21.38 -28.59 6.59
CA LYS A 731 21.97 -27.57 5.74
C LYS A 731 21.21 -27.47 4.42
N THR A 732 21.03 -26.25 3.92
CA THR A 732 20.32 -25.99 2.68
C THR A 732 21.04 -24.92 1.86
N SER A 733 20.48 -24.62 0.68
CA SER A 733 21.03 -23.62 -0.23
C SER A 733 19.91 -23.02 -1.07
N VAL A 734 20.19 -21.88 -1.71
CA VAL A 734 19.19 -21.09 -2.43
C VAL A 734 19.76 -20.67 -3.78
N ASP A 735 18.94 -20.70 -4.82
CA ASP A 735 19.30 -20.22 -6.15
C ASP A 735 18.42 -19.04 -6.54
N CYS A 736 19.04 -17.85 -6.57
CA CYS A 736 18.31 -16.61 -6.78
C CYS A 736 17.52 -16.62 -8.08
N THR A 737 18.23 -16.70 -9.20
CA THR A 737 17.61 -16.38 -10.48
C THR A 737 16.52 -17.38 -10.81
N MET A 738 16.79 -18.66 -10.60
CA MET A 738 15.81 -19.67 -10.98
C MET A 738 14.74 -19.84 -9.91
N TYR A 739 14.92 -19.23 -8.73
CA TYR A 739 13.80 -19.10 -7.81
C TYR A 739 12.88 -17.92 -8.17
N ILE A 740 13.47 -16.83 -8.63
CA ILE A 740 12.72 -15.58 -8.77
C ILE A 740 12.21 -15.41 -10.20
N CYS A 741 13.13 -15.25 -11.15
CA CYS A 741 12.77 -15.03 -12.54
C CYS A 741 12.35 -16.33 -13.21
N GLY A 742 13.16 -17.37 -13.05
CA GLY A 742 12.87 -18.66 -13.63
C GLY A 742 13.45 -18.82 -15.02
N ASP A 743 12.63 -18.59 -16.04
CA ASP A 743 13.03 -18.79 -17.43
C ASP A 743 12.69 -17.59 -18.29
N SER A 744 12.73 -16.38 -17.72
CA SER A 744 12.44 -15.16 -18.45
C SER A 744 13.69 -14.29 -18.51
N THR A 745 14.09 -13.94 -19.74
CA THR A 745 15.30 -13.16 -19.94
C THR A 745 15.12 -11.68 -19.56
N GLU A 746 14.01 -11.07 -19.98
CA GLU A 746 13.75 -9.68 -19.62
C GLU A 746 13.67 -9.50 -18.11
N CYS A 747 13.19 -10.53 -17.41
CA CYS A 747 13.19 -10.47 -15.95
C CYS A 747 14.60 -10.27 -15.40
N SER A 748 15.56 -11.05 -15.88
CA SER A 748 16.94 -10.85 -15.46
C SER A 748 17.46 -9.50 -15.92
N ASN A 749 17.10 -9.10 -17.14
CA ASN A 749 17.58 -7.83 -17.69
C ASN A 749 17.18 -6.66 -16.81
N LEU A 750 15.97 -6.67 -16.26
CA LEU A 750 15.60 -5.58 -15.37
C LEU A 750 16.07 -5.86 -13.95
N LEU A 751 16.31 -7.14 -13.63
CA LEU A 751 16.67 -7.51 -12.27
C LEU A 751 18.06 -7.08 -11.91
N LEU A 752 19.01 -7.17 -12.84
CA LEU A 752 20.39 -6.82 -12.53
C LEU A 752 20.55 -5.37 -12.09
N GLN A 753 19.46 -4.60 -12.10
CA GLN A 753 19.43 -3.19 -11.77
C GLN A 753 19.15 -2.96 -10.28
N TYR A 754 19.18 -4.01 -9.44
CA TYR A 754 18.69 -3.92 -8.07
C TYR A 754 19.73 -4.27 -7.00
N GLY A 755 20.86 -4.89 -7.36
CA GLY A 755 21.91 -5.05 -6.35
C GLY A 755 22.53 -6.42 -6.13
N SER A 756 23.15 -6.60 -4.95
CA SER A 756 23.96 -7.78 -4.62
C SER A 756 23.36 -8.55 -3.44
N PHE A 757 22.04 -8.42 -3.29
CA PHE A 757 21.33 -9.18 -2.27
C PHE A 757 21.62 -10.67 -2.37
N CYS A 758 21.79 -11.16 -3.60
CA CYS A 758 22.10 -12.57 -3.80
C CYS A 758 23.43 -12.94 -3.18
N THR A 759 24.46 -12.13 -3.41
CA THR A 759 25.75 -12.38 -2.79
C THR A 759 25.64 -12.38 -1.28
N GLN A 760 24.90 -11.41 -0.74
CA GLN A 760 24.72 -11.34 0.72
C GLN A 760 24.11 -12.63 1.26
N LEU A 761 22.99 -13.06 0.68
CA LEU A 761 22.27 -14.21 1.22
C LEU A 761 23.08 -15.49 1.05
N ASN A 762 23.76 -15.63 -0.09
CA ASN A 762 24.60 -16.81 -0.28
C ASN A 762 25.73 -16.85 0.74
N ARG A 763 26.34 -15.70 1.02
CA ARG A 763 27.41 -15.67 2.01
C ARG A 763 26.90 -16.10 3.38
N ALA A 764 25.72 -15.58 3.78
CA ALA A 764 25.17 -15.96 5.09
C ALA A 764 24.89 -17.45 5.15
N LEU A 765 24.28 -18.00 4.10
CA LEU A 765 23.94 -19.42 4.11
C LEU A 765 25.19 -20.28 4.20
N THR A 766 26.24 -19.92 3.45
CA THR A 766 27.49 -20.67 3.53
C THR A 766 28.09 -20.61 4.93
N GLY A 767 28.01 -19.44 5.57
CA GLY A 767 28.51 -19.34 6.93
C GLY A 767 27.82 -20.29 7.88
N ILE A 768 26.49 -20.33 7.84
CA ILE A 768 25.77 -21.24 8.76
C ILE A 768 26.06 -22.70 8.42
N ALA A 769 26.21 -23.00 7.12
CA ALA A 769 26.52 -24.37 6.72
C ALA A 769 27.86 -24.83 7.29
N VAL A 770 28.87 -23.95 7.26
CA VAL A 770 30.16 -24.31 7.84
C VAL A 770 30.03 -24.45 9.36
N GLU A 771 29.28 -23.55 9.99
CA GLU A 771 29.16 -23.57 11.44
C GLU A 771 28.58 -24.88 11.94
N GLN A 772 27.62 -25.45 11.22
CA GLN A 772 27.02 -26.72 11.65
C GLN A 772 28.08 -27.83 11.78
N ASP A 773 28.89 -28.01 10.73
CA ASP A 773 29.92 -29.03 10.78
C ASP A 773 30.95 -28.73 11.84
N LYS A 774 31.27 -27.45 12.05
CA LYS A 774 32.17 -27.10 13.15
C LYS A 774 31.60 -27.57 14.48
N ASN A 775 30.30 -27.33 14.70
CA ASN A 775 29.67 -27.75 15.95
C ASN A 775 29.82 -29.25 16.16
N THR A 776 29.47 -30.03 15.14
CA THR A 776 29.62 -31.47 15.25
C THR A 776 31.06 -31.86 15.57
N GLN A 777 32.01 -31.19 14.91
CA GLN A 777 33.42 -31.48 15.14
C GLN A 777 33.79 -31.33 16.61
N GLU A 778 33.57 -30.15 17.21
CA GLU A 778 34.12 -30.00 18.56
C GLU A 778 33.23 -30.68 19.60
N VAL A 779 31.99 -31.05 19.25
CA VAL A 779 31.22 -31.81 20.24
C VAL A 779 31.71 -33.25 20.31
N PHE A 780 32.06 -33.85 19.18
CA PHE A 780 32.42 -35.26 19.24
C PHE A 780 33.93 -35.55 19.27
N ALA A 781 34.72 -34.92 18.39
CA ALA A 781 36.12 -35.29 18.26
C ALA A 781 36.89 -34.83 19.51
N GLN A 782 37.15 -35.79 20.40
CA GLN A 782 37.85 -35.50 21.64
C GLN A 782 38.91 -36.52 22.05
N VAL A 783 38.96 -37.68 21.41
CA VAL A 783 39.91 -38.73 21.77
C VAL A 783 40.89 -38.93 20.62
N LYS A 784 42.18 -38.96 20.93
CA LYS A 784 43.20 -39.01 19.89
C LYS A 784 43.34 -40.41 19.29
N GLN A 785 43.17 -41.45 20.10
CA GLN A 785 43.40 -42.81 19.66
C GLN A 785 42.09 -43.58 19.59
N ILE A 786 42.20 -44.83 19.13
CA ILE A 786 41.06 -45.74 19.01
C ILE A 786 41.40 -47.00 19.81
N TYR A 787 40.52 -47.37 20.73
CA TYR A 787 40.73 -48.55 21.55
C TYR A 787 39.75 -49.65 21.17
N LYS A 788 40.05 -50.86 21.64
CA LYS A 788 39.22 -52.02 21.37
C LYS A 788 39.07 -52.86 22.65
N THR A 789 37.92 -53.51 22.78
CA THR A 789 37.67 -54.35 23.94
C THR A 789 38.42 -55.67 23.81
N PRO A 790 38.80 -56.28 24.94
CA PRO A 790 39.41 -57.61 24.86
C PRO A 790 38.41 -58.63 24.36
N PRO A 791 38.87 -59.67 23.67
CA PRO A 791 37.93 -60.65 23.11
C PRO A 791 37.08 -61.36 24.16
N ILE A 792 37.63 -61.59 25.35
CA ILE A 792 36.92 -62.27 26.42
C ILE A 792 36.24 -61.22 27.28
N LYS A 793 34.94 -61.40 27.53
CA LYS A 793 34.13 -60.41 28.23
C LYS A 793 33.80 -60.95 29.62
N ASP A 794 34.70 -60.71 30.57
CA ASP A 794 34.54 -61.11 31.96
C ASP A 794 34.91 -59.93 32.84
N PHE A 795 33.94 -59.41 33.59
CA PHE A 795 34.11 -58.19 34.38
C PHE A 795 33.50 -58.37 35.76
N GLY A 796 33.66 -59.55 36.35
CA GLY A 796 33.23 -59.79 37.71
C GLY A 796 31.74 -59.68 37.95
N GLY A 797 30.92 -60.24 37.07
CA GLY A 797 29.48 -60.33 37.29
C GLY A 797 28.66 -59.29 36.54
N PHE A 798 29.28 -58.21 36.09
CA PHE A 798 28.55 -57.19 35.36
C PHE A 798 28.35 -57.64 33.91
N ASN A 799 27.13 -57.49 33.41
CA ASN A 799 26.77 -57.99 32.09
C ASN A 799 27.28 -57.09 30.98
N PHE A 800 26.88 -55.82 31.00
CA PHE A 800 27.28 -54.81 30.01
C PHE A 800 26.86 -55.19 28.59
N SER A 801 26.00 -56.20 28.45
CA SER A 801 25.64 -56.68 27.12
C SER A 801 24.73 -55.71 26.37
N GLN A 802 23.96 -54.90 27.09
CA GLN A 802 22.94 -54.07 26.46
C GLN A 802 23.50 -52.78 25.85
N ILE A 803 24.74 -52.41 26.16
CA ILE A 803 25.32 -51.19 25.62
C ILE A 803 26.53 -51.44 24.75
N LEU A 804 27.24 -52.55 24.92
CA LEU A 804 28.40 -52.84 24.10
C LEU A 804 27.96 -53.17 22.68
N PRO A 805 28.71 -52.70 21.68
CA PRO A 805 28.29 -52.89 20.28
C PRO A 805 28.14 -54.35 19.91
N ASP A 806 27.14 -54.62 19.06
CA ASP A 806 26.85 -55.98 18.63
C ASP A 806 27.52 -56.25 17.29
N PRO A 807 28.46 -57.19 17.22
CA PRO A 807 29.08 -57.50 15.93
C PRO A 807 28.18 -58.31 15.01
N SER A 808 27.08 -58.86 15.51
CA SER A 808 26.22 -59.70 14.67
C SER A 808 25.58 -58.89 13.56
N LYS A 809 24.94 -57.78 13.90
CA LYS A 809 24.28 -56.96 12.88
C LYS A 809 25.32 -56.18 12.09
N PRO A 810 25.08 -55.96 10.79
CA PRO A 810 26.07 -55.23 9.98
C PRO A 810 26.30 -53.81 10.46
N SER A 811 25.28 -53.14 11.00
CA SER A 811 25.44 -51.77 11.46
C SER A 811 26.36 -51.65 12.65
N LYS A 812 26.58 -52.74 13.40
CA LYS A 812 27.44 -52.76 14.57
C LYS A 812 27.00 -51.71 15.59
N ARG A 813 25.77 -51.90 16.09
CA ARG A 813 25.14 -50.94 16.98
C ARG A 813 24.53 -51.67 18.17
N SER A 814 24.39 -50.95 19.27
CA SER A 814 23.76 -51.51 20.45
C SER A 814 22.26 -51.64 20.25
N PRO A 815 21.62 -52.56 20.98
CA PRO A 815 20.15 -52.65 20.91
C PRO A 815 19.46 -51.32 21.22
N ILE A 816 20.01 -50.55 22.16
CA ILE A 816 19.43 -49.26 22.49
C ILE A 816 19.50 -48.32 21.29
N GLU A 817 20.65 -48.29 20.61
CA GLU A 817 20.78 -47.44 19.42
C GLU A 817 19.84 -47.89 18.31
N ASP A 818 19.69 -49.21 18.13
CA ASP A 818 18.76 -49.71 17.14
C ASP A 818 17.33 -49.29 17.46
N LEU A 819 16.94 -49.39 18.73
CA LEU A 819 15.61 -48.94 19.14
C LEU A 819 15.42 -47.46 18.89
N LEU A 820 16.43 -46.65 19.19
CA LEU A 820 16.34 -45.21 18.95
C LEU A 820 16.16 -44.92 17.46
N PHE A 821 16.96 -45.56 16.61
CA PHE A 821 16.84 -45.35 15.18
C PHE A 821 15.48 -45.76 14.66
N ASN A 822 14.97 -46.90 15.11
CA ASN A 822 13.67 -47.37 14.65
C ASN A 822 12.52 -46.52 15.17
N LYS A 823 12.61 -46.00 16.38
CA LYS A 823 11.54 -45.17 16.94
C LYS A 823 11.54 -43.76 16.37
N VAL A 824 12.70 -43.19 16.07
CA VAL A 824 12.81 -41.84 15.54
C VAL A 824 12.68 -41.91 14.03
N THR A 825 11.75 -41.14 13.47
CA THR A 825 11.55 -41.11 12.02
C THR A 825 12.28 -39.93 11.40
N ASP A 846 9.45 -36.51 -2.56
CA ASP A 846 9.26 -35.66 -3.73
C ASP A 846 9.45 -34.19 -3.37
N LEU A 847 9.39 -33.90 -2.07
CA LEU A 847 9.57 -32.53 -1.61
C LEU A 847 10.96 -32.01 -1.97
N ILE A 848 11.98 -32.84 -1.80
CA ILE A 848 13.35 -32.42 -2.11
C ILE A 848 13.46 -32.02 -3.58
N CYS A 849 12.92 -32.86 -4.48
CA CYS A 849 12.96 -32.53 -5.90
C CYS A 849 12.16 -31.27 -6.20
N ALA A 850 10.99 -31.13 -5.57
CA ALA A 850 10.17 -29.95 -5.81
C ALA A 850 10.92 -28.66 -5.44
N GLN A 851 11.47 -28.61 -4.24
CA GLN A 851 12.25 -27.44 -3.84
C GLN A 851 13.50 -27.30 -4.69
N LYS A 852 14.03 -28.40 -5.22
CA LYS A 852 15.13 -28.32 -6.17
C LYS A 852 14.72 -27.55 -7.42
N PHE A 853 13.52 -27.82 -7.94
CA PHE A 853 13.07 -27.12 -9.13
C PHE A 853 12.86 -25.63 -8.92
N ASN A 854 12.88 -25.16 -7.67
CA ASN A 854 12.93 -23.73 -7.41
C ASN A 854 14.27 -23.29 -6.84
N GLY A 855 15.29 -24.12 -6.91
CA GLY A 855 16.60 -23.74 -6.46
C GLY A 855 16.89 -23.96 -4.98
N LEU A 856 16.17 -24.86 -4.33
CA LEU A 856 16.41 -25.18 -2.93
C LEU A 856 16.95 -26.61 -2.83
N THR A 857 18.21 -26.73 -2.43
CA THR A 857 18.88 -28.03 -2.39
C THR A 857 19.38 -28.30 -0.98
N VAL A 858 19.52 -29.59 -0.66
CA VAL A 858 19.93 -30.05 0.66
C VAL A 858 21.31 -30.66 0.55
N LEU A 859 22.23 -30.20 1.41
CA LEU A 859 23.58 -30.73 1.33
C LEU A 859 23.77 -31.89 2.30
N PRO A 860 24.57 -32.89 1.94
CA PRO A 860 24.81 -34.01 2.83
C PRO A 860 25.77 -33.62 3.95
N PRO A 861 25.70 -34.29 5.09
CA PRO A 861 26.63 -34.00 6.18
C PRO A 861 28.02 -34.51 5.88
N LEU A 862 28.98 -34.09 6.71
CA LEU A 862 30.37 -34.49 6.50
C LEU A 862 30.68 -35.80 7.19
N LEU A 863 30.31 -35.93 8.47
CA LEU A 863 30.57 -37.14 9.24
C LEU A 863 29.38 -38.09 9.08
N THR A 864 29.64 -39.39 9.19
CA THR A 864 28.56 -40.35 9.01
C THR A 864 28.34 -41.18 10.27
N ASP A 865 27.17 -41.82 10.30
CA ASP A 865 26.75 -42.62 11.44
C ASP A 865 27.78 -43.68 11.80
N GLU A 866 28.46 -44.26 10.80
CA GLU A 866 29.42 -45.31 11.08
C GLU A 866 30.59 -44.81 11.91
N MET A 867 31.21 -43.70 11.51
CA MET A 867 32.32 -43.18 12.30
C MET A 867 31.84 -42.60 13.63
N ILE A 868 30.62 -42.08 13.68
CA ILE A 868 30.10 -41.63 14.97
C ILE A 868 29.97 -42.80 15.94
N ALA A 869 29.42 -43.92 15.46
CA ALA A 869 29.31 -45.11 16.28
C ALA A 869 30.68 -45.64 16.67
N GLN A 870 31.64 -45.56 15.76
CA GLN A 870 33.00 -45.96 16.09
C GLN A 870 33.57 -45.13 17.22
N TYR A 871 33.35 -43.81 17.17
CA TYR A 871 33.81 -42.94 18.25
C TYR A 871 33.16 -43.31 19.57
N THR A 872 31.85 -43.55 19.55
CA THR A 872 31.15 -43.91 20.79
C THR A 872 31.69 -45.22 21.36
N SER A 873 31.90 -46.21 20.49
CA SER A 873 32.42 -47.50 20.95
C SER A 873 33.82 -47.34 21.53
N ALA A 874 34.66 -46.52 20.89
CA ALA A 874 35.99 -46.28 21.41
C ALA A 874 35.94 -45.64 22.80
N LEU A 875 35.06 -44.65 22.97
CA LEU A 875 34.92 -44.01 24.28
C LEU A 875 34.47 -45.02 25.33
N LEU A 876 33.49 -45.85 25.00
CA LEU A 876 33.01 -46.84 25.96
C LEU A 876 34.11 -47.82 26.35
N ALA A 877 34.84 -48.32 25.36
CA ALA A 877 35.92 -49.27 25.66
C ALA A 877 36.98 -48.62 26.53
N GLY A 878 37.37 -47.38 26.22
CA GLY A 878 38.38 -46.71 27.01
C GLY A 878 37.95 -46.49 28.44
N THR A 879 36.73 -46.00 28.65
CA THR A 879 36.28 -45.75 30.02
C THR A 879 36.06 -47.04 30.79
N ILE A 880 35.69 -48.13 30.13
CA ILE A 880 35.57 -49.41 30.82
C ILE A 880 36.94 -49.94 31.22
N THR A 881 37.91 -49.93 30.31
CA THR A 881 39.20 -50.55 30.59
C THR A 881 40.09 -49.74 31.52
N SER A 882 40.16 -48.42 31.36
CA SER A 882 41.17 -47.63 32.05
C SER A 882 40.63 -46.62 33.05
N GLY A 883 39.32 -46.49 33.18
CA GLY A 883 38.75 -45.51 34.08
C GLY A 883 38.95 -44.09 33.55
N TRP A 884 39.36 -43.19 34.44
CA TRP A 884 39.59 -41.79 34.06
C TRP A 884 41.03 -41.53 33.63
N THR A 885 41.91 -42.53 33.69
CA THR A 885 43.32 -42.32 33.40
C THR A 885 43.56 -41.89 31.96
N PHE A 886 42.85 -42.47 30.99
CA PHE A 886 43.10 -42.18 29.58
C PHE A 886 42.62 -40.80 29.18
N GLY A 887 42.01 -40.03 30.08
CA GLY A 887 41.53 -38.72 29.72
C GLY A 887 42.59 -37.64 29.83
N ALA A 888 43.73 -37.96 30.43
CA ALA A 888 44.80 -36.99 30.64
C ALA A 888 46.18 -37.57 30.34
N GLY A 889 46.29 -38.46 29.35
CA GLY A 889 47.57 -39.01 28.98
C GLY A 889 47.49 -40.47 28.58
N PRO A 890 48.58 -41.20 28.80
CA PRO A 890 48.60 -42.62 28.43
C PRO A 890 47.64 -43.43 29.29
N ALA A 891 47.12 -44.51 28.70
CA ALA A 891 46.12 -45.34 29.37
C ALA A 891 46.81 -46.37 30.25
N LEU A 892 46.24 -46.60 31.43
CA LEU A 892 46.72 -47.61 32.37
C LEU A 892 45.58 -48.52 32.76
N GLN A 893 45.83 -49.82 32.74
CA GLN A 893 44.79 -50.78 33.10
C GLN A 893 44.65 -50.89 34.62
N ILE A 894 43.45 -51.24 35.05
CA ILE A 894 43.14 -51.38 36.48
C ILE A 894 41.84 -52.18 36.60
N PRO A 895 41.76 -53.12 37.53
CA PRO A 895 40.53 -53.93 37.65
C PRO A 895 39.30 -53.09 37.99
N PHE A 896 38.19 -53.49 37.38
CA PHE A 896 36.93 -52.76 37.56
C PHE A 896 36.46 -52.70 39.00
N PRO A 897 36.51 -53.78 39.80
CA PRO A 897 36.16 -53.63 41.23
C PRO A 897 37.01 -52.60 41.95
N MET A 898 38.31 -52.52 41.65
CA MET A 898 39.14 -51.50 42.30
C MET A 898 38.76 -50.11 41.84
N GLN A 899 38.42 -49.95 40.55
CA GLN A 899 37.93 -48.66 40.09
C GLN A 899 36.65 -48.26 40.82
N MET A 900 35.74 -49.21 41.00
CA MET A 900 34.52 -48.96 41.75
C MET A 900 34.81 -48.60 43.20
N ALA A 901 35.81 -49.26 43.81
CA ALA A 901 36.19 -48.93 45.18
C ALA A 901 36.70 -47.49 45.26
N TYR A 902 37.51 -47.07 44.30
CA TYR A 902 37.98 -45.69 44.29
C TYR A 902 36.81 -44.73 44.16
N ARG A 903 35.88 -45.03 43.26
CA ARG A 903 34.72 -44.15 43.09
C ARG A 903 33.87 -44.07 44.35
N PHE A 904 33.67 -45.20 45.03
CA PHE A 904 32.94 -45.19 46.30
C PHE A 904 33.68 -44.36 47.34
N ASN A 905 35.01 -44.49 47.40
CA ASN A 905 35.79 -43.66 48.33
C ASN A 905 35.61 -42.18 48.02
N GLY A 906 35.41 -41.85 46.74
CA GLY A 906 35.30 -40.45 46.35
C GLY A 906 34.17 -39.69 47.00
N ILE A 907 33.18 -40.39 47.55
CA ILE A 907 32.01 -39.74 48.15
C ILE A 907 31.94 -39.98 49.66
N GLY A 908 33.04 -40.36 50.29
CA GLY A 908 33.08 -40.49 51.73
C GLY A 908 32.57 -41.80 52.30
N VAL A 909 32.73 -42.91 51.59
CA VAL A 909 32.35 -44.22 52.07
C VAL A 909 33.54 -45.15 51.96
N THR A 910 33.78 -45.94 53.01
CA THR A 910 34.96 -46.79 53.06
C THR A 910 34.81 -47.97 52.09
N GLN A 911 35.93 -48.63 51.85
CA GLN A 911 36.00 -49.64 50.78
C GLN A 911 35.33 -50.95 51.18
N ASN A 912 35.38 -51.31 52.46
CA ASN A 912 34.83 -52.59 52.90
C ASN A 912 33.34 -52.70 52.57
N VAL A 913 32.63 -51.57 52.59
CA VAL A 913 31.19 -51.59 52.30
C VAL A 913 30.95 -52.18 50.91
N LEU A 914 31.67 -51.69 49.91
CA LEU A 914 31.57 -52.29 48.58
C LEU A 914 32.13 -53.71 48.59
N TYR A 915 33.25 -53.92 49.28
CA TYR A 915 33.93 -55.21 49.21
C TYR A 915 33.08 -56.34 49.77
N GLU A 916 32.06 -56.02 50.56
CA GLU A 916 31.22 -57.06 51.17
C GLU A 916 29.79 -57.07 50.65
N ASN A 917 29.51 -56.46 49.51
CA ASN A 917 28.15 -56.42 48.97
C ASN A 917 28.17 -56.59 47.46
N GLN A 918 29.16 -57.33 46.95
CA GLN A 918 29.41 -57.40 45.52
C GLN A 918 28.22 -57.99 44.76
N LYS A 919 27.73 -59.15 45.21
CA LYS A 919 26.65 -59.82 44.50
C LYS A 919 25.38 -58.98 44.48
N LEU A 920 25.03 -58.38 45.62
CA LEU A 920 23.84 -57.55 45.68
C LEU A 920 23.96 -56.34 44.78
N ILE A 921 25.13 -55.69 44.77
CA ILE A 921 25.32 -54.53 43.91
C ILE A 921 25.20 -54.93 42.45
N ALA A 922 25.81 -56.06 42.06
CA ALA A 922 25.74 -56.50 40.69
C ALA A 922 24.29 -56.81 40.28
N ASN A 923 23.54 -57.47 41.16
CA ASN A 923 22.15 -57.78 40.85
C ASN A 923 21.33 -56.51 40.67
N GLN A 924 21.53 -55.53 41.56
CA GLN A 924 20.81 -54.27 41.42
C GLN A 924 21.16 -53.58 40.11
N PHE A 925 22.44 -53.58 39.75
CA PHE A 925 22.88 -52.94 38.51
C PHE A 925 22.23 -53.59 37.30
N ASN A 926 22.22 -54.93 37.26
CA ASN A 926 21.63 -55.64 36.12
C ASN A 926 20.14 -55.38 36.03
N SER A 927 19.44 -55.44 37.17
CA SER A 927 18.01 -55.18 37.17
C SER A 927 17.71 -53.76 36.70
N ALA A 928 18.52 -52.79 37.16
CA ALA A 928 18.32 -51.42 36.74
C ALA A 928 18.50 -51.26 35.24
N ILE A 929 19.53 -51.91 34.66
CA ILE A 929 19.75 -51.82 33.23
C ILE A 929 18.58 -52.40 32.45
N GLY A 930 18.12 -53.59 32.85
CA GLY A 930 16.98 -54.17 32.17
C GLY A 930 15.75 -53.28 32.24
N LYS A 931 15.48 -52.72 33.42
CA LYS A 931 14.32 -51.85 33.57
C LYS A 931 14.44 -50.58 32.75
N ILE A 932 15.63 -49.97 32.68
CA ILE A 932 15.74 -48.70 31.98
C ILE A 932 15.57 -48.95 30.48
N GLN A 933 16.12 -50.07 29.99
CA GLN A 933 15.85 -50.47 28.62
C GLN A 933 14.35 -50.64 28.37
N ASP A 934 13.66 -51.30 29.29
CA ASP A 934 12.22 -51.51 29.13
C ASP A 934 11.49 -50.18 29.09
N SER A 935 11.86 -49.25 29.97
CA SER A 935 11.17 -47.96 30.03
C SER A 935 11.38 -47.15 28.75
N LEU A 936 12.60 -47.14 28.21
CA LEU A 936 12.81 -46.47 26.93
C LEU A 936 12.04 -47.15 25.81
N SER A 937 11.94 -48.48 25.84
CA SER A 937 11.12 -49.15 24.84
C SER A 937 9.66 -48.74 24.97
N SER A 938 9.19 -48.55 26.19
CA SER A 938 7.77 -48.29 26.44
C SER A 938 7.40 -46.84 26.09
N THR A 939 8.03 -45.88 26.75
CA THR A 939 7.55 -44.49 26.67
C THR A 939 7.83 -43.90 25.29
N PRO A 940 6.80 -43.45 24.57
CA PRO A 940 7.00 -42.86 23.24
C PRO A 940 7.09 -41.34 23.20
N SER A 941 7.01 -40.65 24.33
CA SER A 941 6.94 -39.20 24.36
C SER A 941 8.25 -38.54 24.77
N ALA A 942 9.38 -39.21 24.57
CA ALA A 942 10.66 -38.65 25.04
C ALA A 942 11.38 -37.89 23.94
N LEU A 943 11.16 -38.22 22.68
CA LEU A 943 11.93 -37.68 21.55
C LEU A 943 11.33 -36.40 21.01
N GLY A 944 10.58 -35.70 21.86
CA GLY A 944 9.84 -34.54 21.44
C GLY A 944 10.70 -33.41 20.90
N LYS A 945 11.87 -33.19 21.50
CA LYS A 945 12.72 -32.08 21.08
C LYS A 945 13.23 -32.27 19.66
N LEU A 946 13.78 -33.45 19.37
CA LEU A 946 14.28 -33.74 18.03
C LEU A 946 13.14 -33.74 17.02
N GLN A 947 12.00 -34.35 17.38
CA GLN A 947 10.85 -34.34 16.49
C GLN A 947 10.43 -32.90 16.19
N ASP A 948 10.44 -32.04 17.21
CA ASP A 948 10.05 -30.65 17.05
C ASP A 948 11.00 -29.93 16.09
N VAL A 949 12.31 -30.16 16.24
CA VAL A 949 13.27 -29.50 15.36
C VAL A 949 13.02 -29.89 13.91
N VAL A 950 12.85 -31.21 13.67
CA VAL A 950 12.62 -31.68 12.31
C VAL A 950 11.35 -31.07 11.74
N ASN A 951 10.28 -31.07 12.53
CA ASN A 951 9.00 -30.54 12.07
C ASN A 951 9.10 -29.05 11.77
N GLN A 952 9.83 -28.30 12.59
CA GLN A 952 9.98 -26.87 12.35
C GLN A 952 10.69 -26.62 11.02
N ASN A 953 11.78 -27.34 10.76
CA ASN A 953 12.48 -27.16 9.49
C ASN A 953 11.57 -27.49 8.31
N ALA A 954 10.85 -28.61 8.40
CA ALA A 954 9.98 -29.02 7.30
C ALA A 954 8.88 -27.99 7.07
N GLN A 955 8.29 -27.47 8.15
CA GLN A 955 7.21 -26.49 8.03
C GLN A 955 7.71 -25.21 7.39
N ALA A 956 8.90 -24.74 7.81
CA ALA A 956 9.44 -23.53 7.20
C ALA A 956 9.67 -23.70 5.71
N LEU A 957 10.25 -24.84 5.31
CA LEU A 957 10.47 -25.08 3.89
C LEU A 957 9.16 -25.14 3.13
N ASN A 958 8.15 -25.80 3.70
CA ASN A 958 6.86 -25.90 3.03
C ASN A 958 6.23 -24.53 2.84
N THR A 959 6.30 -23.68 3.86
CA THR A 959 5.74 -22.33 3.72
C THR A 959 6.46 -21.55 2.64
N LEU A 960 7.80 -21.60 2.64
CA LEU A 960 8.55 -20.87 1.64
C LEU A 960 8.21 -21.35 0.23
N VAL A 961 8.03 -22.65 0.05
CA VAL A 961 7.61 -23.16 -1.25
C VAL A 961 6.22 -22.65 -1.61
N LYS A 962 5.29 -22.71 -0.65
CA LYS A 962 3.90 -22.35 -0.95
C LYS A 962 3.71 -20.85 -1.17
N GLN A 963 4.72 -20.03 -0.85
CA GLN A 963 4.60 -18.60 -1.12
C GLN A 963 4.51 -18.27 -2.61
N LEU A 964 4.82 -19.22 -3.50
CA LEU A 964 4.95 -18.91 -4.92
C LEU A 964 3.61 -18.68 -5.63
N SER A 965 2.49 -19.11 -5.07
CA SER A 965 1.23 -19.13 -5.79
C SER A 965 0.41 -17.85 -5.63
N SER A 966 0.93 -16.86 -4.90
CA SER A 966 0.18 -15.64 -4.63
C SER A 966 0.26 -14.68 -5.80
N ASN A 967 -0.86 -14.00 -6.05
CA ASN A 967 -0.94 -13.01 -7.12
C ASN A 967 -0.16 -11.73 -6.82
N PHE A 968 -0.07 -11.34 -5.54
CA PHE A 968 0.59 -10.10 -5.14
C PHE A 968 -0.02 -8.88 -5.81
N GLY A 969 -1.34 -8.86 -5.98
CA GLY A 969 -2.01 -7.75 -6.61
C GLY A 969 -1.95 -7.75 -8.12
N ALA A 970 -1.35 -8.76 -8.72
CA ALA A 970 -1.25 -8.84 -10.18
C ALA A 970 -2.55 -9.39 -10.76
N ILE A 971 -2.57 -9.61 -12.07
CA ILE A 971 -3.70 -10.27 -12.71
C ILE A 971 -3.57 -11.78 -12.69
N SER A 972 -2.37 -12.31 -12.49
CA SER A 972 -2.15 -13.74 -12.35
C SER A 972 -0.82 -13.96 -11.65
N SER A 973 -0.61 -15.19 -11.19
CA SER A 973 0.57 -15.54 -10.43
C SER A 973 1.56 -16.42 -11.21
N VAL A 974 1.51 -16.39 -12.53
CA VAL A 974 2.45 -17.12 -13.37
C VAL A 974 3.04 -16.16 -14.39
N LEU A 975 4.35 -16.22 -14.56
CA LEU A 975 5.06 -15.22 -15.38
C LEU A 975 4.74 -15.37 -16.86
N ASN A 976 4.52 -16.60 -17.34
CA ASN A 976 4.41 -16.83 -18.78
C ASN A 976 3.21 -16.11 -19.39
N ASP A 977 2.02 -16.30 -18.80
CA ASP A 977 0.85 -15.64 -19.36
C ASP A 977 0.91 -14.14 -19.19
N ILE A 978 1.50 -13.66 -18.10
CA ILE A 978 1.69 -12.23 -17.93
C ILE A 978 2.54 -11.67 -19.06
N LEU A 979 3.63 -12.37 -19.40
CA LEU A 979 4.49 -11.91 -20.49
C LEU A 979 3.77 -12.01 -21.84
N SER A 980 2.90 -12.99 -22.00
CA SER A 980 2.18 -13.17 -23.26
C SER A 980 0.86 -12.40 -23.32
N ARG A 981 0.54 -11.63 -22.26
CA ARG A 981 -0.70 -10.87 -22.21
C ARG A 981 -0.51 -9.44 -21.75
N LEU A 982 0.56 -9.14 -21.03
CA LEU A 982 0.76 -7.83 -20.44
C LEU A 982 2.15 -7.33 -20.81
N ASP A 983 2.29 -6.02 -20.91
CA ASP A 983 3.57 -5.48 -21.34
C ASP A 983 4.55 -5.42 -20.17
N PRO A 984 5.85 -5.53 -20.44
CA PRO A 984 6.86 -5.35 -19.40
C PRO A 984 6.79 -3.97 -18.76
N PRO A 985 6.30 -2.93 -19.46
CA PRO A 985 6.02 -1.66 -18.76
C PRO A 985 5.20 -1.79 -17.48
N GLU A 986 4.33 -2.79 -17.36
CA GLU A 986 3.59 -3.00 -16.13
C GLU A 986 3.94 -4.31 -15.42
N ALA A 987 4.46 -5.30 -16.15
CA ALA A 987 4.89 -6.53 -15.51
C ALA A 987 5.84 -6.25 -14.35
N GLU A 988 6.78 -5.33 -14.54
CA GLU A 988 7.87 -5.18 -13.58
C GLU A 988 7.34 -4.78 -12.20
N VAL A 989 6.21 -4.08 -12.14
CA VAL A 989 5.66 -3.69 -10.84
C VAL A 989 5.20 -4.91 -10.06
N GLN A 990 4.42 -5.77 -10.72
CA GLN A 990 3.89 -6.95 -10.03
C GLN A 990 4.98 -7.98 -9.76
N ILE A 991 5.86 -8.20 -10.74
CA ILE A 991 6.99 -9.08 -10.51
C ILE A 991 7.92 -8.50 -9.45
N ASP A 992 7.94 -7.17 -9.31
CA ASP A 992 8.78 -6.53 -8.31
C ASP A 992 8.20 -6.76 -6.92
N ARG A 993 6.90 -6.57 -6.78
CA ARG A 993 6.27 -6.90 -5.51
C ARG A 993 6.45 -8.38 -5.20
N LEU A 994 6.38 -9.23 -6.22
CA LEU A 994 6.63 -10.65 -6.03
C LEU A 994 8.05 -10.90 -5.54
N ILE A 995 9.03 -10.22 -6.17
CA ILE A 995 10.40 -10.31 -5.71
C ILE A 995 10.50 -9.93 -4.24
N THR A 996 10.13 -8.69 -3.91
CA THR A 996 10.27 -8.22 -2.53
C THR A 996 9.53 -9.10 -1.55
N GLY A 997 8.36 -9.63 -1.95
CA GLY A 997 7.67 -10.58 -1.09
C GLY A 997 8.49 -11.83 -0.87
N ARG A 998 9.10 -12.34 -1.94
CA ARG A 998 9.99 -13.48 -1.82
C ARG A 998 11.20 -13.14 -0.97
N LEU A 999 11.66 -11.88 -1.05
CA LEU A 999 12.86 -11.49 -0.32
C LEU A 999 12.60 -11.34 1.16
N GLN A 1000 11.46 -10.77 1.56
CA GLN A 1000 11.14 -10.79 2.98
C GLN A 1000 10.79 -12.20 3.43
N SER A 1001 10.20 -13.01 2.54
CA SER A 1001 9.97 -14.41 2.89
C SER A 1001 11.27 -15.09 3.26
N LEU A 1002 12.22 -15.16 2.32
CA LEU A 1002 13.48 -15.82 2.59
C LEU A 1002 14.33 -15.01 3.56
N GLN A 1003 13.96 -13.76 3.83
CA GLN A 1003 14.75 -12.92 4.72
C GLN A 1003 14.39 -13.19 6.17
N THR A 1004 13.09 -13.18 6.49
CA THR A 1004 12.64 -13.71 7.77
C THR A 1004 13.00 -15.18 7.91
N TYR A 1005 13.04 -15.91 6.79
CA TYR A 1005 13.53 -17.28 6.80
C TYR A 1005 14.98 -17.33 7.29
N VAL A 1006 15.83 -16.48 6.72
CA VAL A 1006 17.23 -16.41 7.13
C VAL A 1006 17.34 -15.98 8.58
N THR A 1007 16.50 -15.03 8.99
CA THR A 1007 16.55 -14.54 10.36
C THR A 1007 16.20 -15.63 11.36
N GLN A 1008 15.11 -16.37 11.11
CA GLN A 1008 14.75 -17.45 12.02
C GLN A 1008 15.77 -18.57 11.95
N GLN A 1009 16.37 -18.80 10.78
CA GLN A 1009 17.45 -19.77 10.69
C GLN A 1009 18.62 -19.36 11.58
N LEU A 1010 18.96 -18.07 11.57
CA LEU A 1010 20.04 -17.57 12.41
C LEU A 1010 19.72 -17.74 13.89
N ILE A 1011 18.48 -17.43 14.27
CA ILE A 1011 18.09 -17.57 15.67
C ILE A 1011 18.17 -19.04 16.10
N ARG A 1012 17.64 -19.94 15.27
CA ARG A 1012 17.72 -21.36 15.58
C ARG A 1012 19.17 -21.82 15.66
N ALA A 1013 20.02 -21.32 14.76
CA ALA A 1013 21.43 -21.69 14.79
C ALA A 1013 22.09 -21.23 16.08
N ALA A 1014 21.77 -20.02 16.56
CA ALA A 1014 22.34 -19.54 17.79
C ALA A 1014 21.92 -20.41 18.98
N GLU A 1015 20.62 -20.73 19.07
CA GLU A 1015 20.18 -21.54 20.21
C GLU A 1015 20.73 -22.96 20.12
N ILE A 1016 20.86 -23.49 18.90
CA ILE A 1016 21.47 -24.81 18.71
C ILE A 1016 22.92 -24.78 19.14
N ARG A 1017 23.65 -23.70 18.83
CA ARG A 1017 25.04 -23.59 19.25
C ARG A 1017 25.15 -23.56 20.77
N ALA A 1018 24.23 -22.85 21.43
CA ALA A 1018 24.23 -22.85 22.90
C ALA A 1018 24.02 -24.26 23.44
N SER A 1019 23.05 -24.98 22.87
CA SER A 1019 22.79 -26.36 23.30
C SER A 1019 24.01 -27.24 23.09
N ALA A 1020 24.67 -27.08 21.93
CA ALA A 1020 25.86 -27.88 21.64
C ALA A 1020 26.98 -27.58 22.63
N ASN A 1021 27.15 -26.31 22.99
CA ASN A 1021 28.17 -25.97 23.98
C ASN A 1021 27.87 -26.62 25.32
N LEU A 1022 26.60 -26.61 25.74
CA LEU A 1022 26.23 -27.29 26.98
C LEU A 1022 26.52 -28.78 26.90
N ALA A 1023 26.20 -29.40 25.76
CA ALA A 1023 26.46 -30.83 25.60
C ALA A 1023 27.95 -31.12 25.66
N ALA A 1024 28.77 -30.25 25.05
CA ALA A 1024 30.21 -30.44 25.09
C ALA A 1024 30.74 -30.34 26.51
N THR A 1025 30.24 -29.39 27.29
CA THR A 1025 30.66 -29.28 28.69
C THR A 1025 30.28 -30.53 29.48
N LYS A 1026 29.07 -31.05 29.25
CA LYS A 1026 28.66 -32.28 29.92
C LYS A 1026 29.57 -33.43 29.54
N MET A 1027 29.85 -33.60 28.25
CA MET A 1027 30.82 -34.60 27.81
C MET A 1027 32.14 -34.46 28.54
N SER A 1028 32.64 -33.23 28.64
CA SER A 1028 33.94 -33.01 29.26
C SER A 1028 33.96 -33.41 30.73
N GLU A 1029 32.90 -33.06 31.48
CA GLU A 1029 32.99 -33.20 32.93
C GLU A 1029 32.32 -34.44 33.50
N CYS A 1030 31.18 -34.88 32.97
CA CYS A 1030 30.46 -35.98 33.59
C CYS A 1030 30.86 -37.36 33.08
N VAL A 1031 31.65 -37.43 32.02
CA VAL A 1031 32.00 -38.72 31.41
C VAL A 1031 33.46 -39.08 31.68
N LEU A 1032 34.37 -38.12 31.53
CA LEU A 1032 35.80 -38.37 31.69
C LEU A 1032 36.25 -38.33 33.14
N GLY A 1033 35.36 -38.05 34.07
CA GLY A 1033 35.72 -38.01 35.47
C GLY A 1033 34.51 -38.02 36.36
N GLN A 1034 34.74 -37.77 37.64
CA GLN A 1034 33.68 -37.73 38.64
C GLN A 1034 33.43 -36.29 39.03
N SER A 1035 32.16 -35.89 39.06
CA SER A 1035 31.76 -34.51 39.29
C SER A 1035 31.19 -34.34 40.69
N LYS A 1036 31.60 -33.27 41.36
CA LYS A 1036 31.08 -32.95 42.67
C LYS A 1036 29.92 -31.96 42.63
N ARG A 1037 29.69 -31.31 41.50
CA ARG A 1037 28.58 -30.36 41.40
C ARG A 1037 27.25 -31.09 41.56
N VAL A 1038 26.37 -30.49 42.36
CA VAL A 1038 25.10 -31.12 42.67
C VAL A 1038 24.15 -30.98 41.47
N ASP A 1039 23.51 -32.08 41.10
CA ASP A 1039 22.47 -32.15 40.08
C ASP A 1039 22.98 -31.83 38.68
N PHE A 1040 24.30 -31.67 38.50
CA PHE A 1040 24.81 -31.39 37.16
C PHE A 1040 24.73 -32.62 36.27
N CYS A 1041 25.14 -33.77 36.79
CA CYS A 1041 25.18 -35.01 36.01
C CYS A 1041 24.19 -36.04 36.55
N GLY A 1042 23.00 -35.59 36.91
CA GLY A 1042 21.96 -36.47 37.41
C GLY A 1042 21.56 -36.12 38.83
N LYS A 1043 20.56 -36.87 39.31
CA LYS A 1043 20.00 -36.67 40.64
C LYS A 1043 20.54 -37.73 41.58
N GLY A 1044 21.14 -37.29 42.69
CA GLY A 1044 21.76 -38.14 43.67
C GLY A 1044 23.25 -37.88 43.73
N TYR A 1045 24.01 -38.93 44.05
CA TYR A 1045 25.46 -38.86 44.05
C TYR A 1045 25.99 -39.50 42.76
N HIS A 1046 26.65 -38.70 41.94
CA HIS A 1046 27.09 -39.18 40.63
C HIS A 1046 28.21 -40.20 40.77
N LEU A 1047 28.15 -41.25 39.95
CA LEU A 1047 29.19 -42.27 39.91
C LEU A 1047 29.90 -42.34 38.57
N MET A 1048 29.18 -42.67 37.50
CA MET A 1048 29.76 -42.82 36.18
C MET A 1048 28.76 -42.33 35.15
N SER A 1049 29.04 -42.61 33.89
CA SER A 1049 28.16 -42.20 32.79
C SER A 1049 28.47 -43.04 31.56
N PHE A 1050 27.49 -43.10 30.66
CA PHE A 1050 27.67 -43.74 29.36
C PHE A 1050 26.96 -42.90 28.30
N PRO A 1051 27.62 -42.61 27.18
CA PRO A 1051 26.95 -41.93 26.07
C PRO A 1051 26.45 -42.90 25.01
N GLN A 1052 25.44 -42.44 24.26
CA GLN A 1052 24.90 -43.19 23.13
C GLN A 1052 24.59 -42.22 22.01
N SER A 1053 24.59 -42.74 20.78
CA SER A 1053 24.42 -41.93 19.58
C SER A 1053 22.98 -41.94 19.14
N ALA A 1054 22.48 -40.77 18.74
CA ALA A 1054 21.12 -40.57 18.28
C ALA A 1054 21.14 -39.69 17.04
N PRO A 1055 20.09 -39.74 16.22
CA PRO A 1055 20.03 -38.83 15.06
C PRO A 1055 20.01 -37.36 15.49
N HIS A 1056 21.06 -36.62 15.10
CA HIS A 1056 21.16 -35.19 15.38
C HIS A 1056 21.18 -34.90 16.88
N GLY A 1057 21.66 -35.85 17.66
CA GLY A 1057 21.66 -35.68 19.10
C GLY A 1057 22.44 -36.78 19.78
N VAL A 1058 22.50 -36.69 21.11
CA VAL A 1058 23.24 -37.63 21.94
C VAL A 1058 22.35 -38.03 23.12
N VAL A 1059 22.68 -39.17 23.72
CA VAL A 1059 21.91 -39.73 24.83
C VAL A 1059 22.89 -40.05 25.96
N PHE A 1060 22.52 -39.68 27.18
CA PHE A 1060 23.34 -39.95 28.36
C PHE A 1060 22.60 -40.89 29.32
N LEU A 1061 23.37 -41.74 30.00
CA LEU A 1061 22.87 -42.57 31.07
C LEU A 1061 23.70 -42.29 32.31
N HIS A 1062 23.04 -41.92 33.41
CA HIS A 1062 23.71 -41.57 34.64
C HIS A 1062 23.45 -42.63 35.70
N VAL A 1063 24.47 -42.92 36.50
CA VAL A 1063 24.37 -43.89 37.60
C VAL A 1063 24.58 -43.13 38.90
N THR A 1064 23.64 -43.27 39.83
CA THR A 1064 23.65 -42.52 41.06
C THR A 1064 23.40 -43.43 42.25
N TYR A 1065 23.76 -42.93 43.43
CA TYR A 1065 23.68 -43.68 44.68
C TYR A 1065 22.68 -42.99 45.60
N VAL A 1066 21.77 -43.76 46.17
CA VAL A 1066 20.68 -43.22 46.97
C VAL A 1066 20.61 -43.96 48.31
N PRO A 1067 20.63 -43.26 49.44
CA PRO A 1067 20.46 -43.94 50.73
C PRO A 1067 18.99 -44.23 51.02
N ALA A 1068 18.78 -45.05 52.04
CA ALA A 1068 17.43 -45.41 52.47
C ALA A 1068 17.49 -46.10 53.82
N GLN A 1069 16.30 -46.37 54.37
CA GLN A 1069 16.15 -47.15 55.60
C GLN A 1069 16.90 -46.51 56.78
N GLU A 1070 16.43 -45.33 57.17
CA GLU A 1070 17.05 -44.59 58.26
C GLU A 1070 16.57 -45.11 59.61
N LYS A 1071 17.11 -44.52 60.67
CA LYS A 1071 16.83 -44.93 62.03
C LYS A 1071 17.13 -43.78 62.98
N ASN A 1072 16.40 -43.75 64.10
CA ASN A 1072 16.54 -42.67 65.07
C ASN A 1072 17.67 -42.96 66.05
N PHE A 1073 18.30 -41.90 66.54
CA PHE A 1073 19.41 -42.02 67.48
C PHE A 1073 19.51 -40.76 68.31
N THR A 1074 20.36 -40.82 69.33
CA THR A 1074 20.64 -39.69 70.21
C THR A 1074 22.13 -39.36 70.14
N THR A 1075 22.46 -38.08 70.16
CA THR A 1075 23.83 -37.64 69.97
C THR A 1075 24.22 -36.61 71.02
N ALA A 1076 25.53 -36.38 71.12
CA ALA A 1076 26.12 -35.39 72.00
C ALA A 1076 27.30 -34.76 71.28
N PRO A 1077 27.62 -33.50 71.60
CA PRO A 1077 28.71 -32.83 70.88
C PRO A 1077 30.10 -33.32 71.27
N ALA A 1078 30.36 -33.51 72.56
CA ALA A 1078 31.70 -33.86 73.01
C ALA A 1078 31.62 -34.65 74.30
N ILE A 1079 32.74 -35.29 74.65
CA ILE A 1079 32.83 -36.14 75.84
C ILE A 1079 33.96 -35.62 76.71
N CYS A 1080 33.68 -35.41 77.99
CA CYS A 1080 34.69 -35.04 78.95
C CYS A 1080 35.10 -36.28 79.74
N HIS A 1081 36.38 -36.62 79.69
CA HIS A 1081 36.93 -37.76 80.41
C HIS A 1081 38.26 -37.36 81.03
N ASP A 1082 38.45 -37.70 82.30
CA ASP A 1082 39.67 -37.36 83.04
C ASP A 1082 39.95 -35.87 82.98
N GLY A 1083 38.89 -35.08 83.07
CA GLY A 1083 39.04 -33.63 83.04
C GLY A 1083 39.48 -33.06 81.72
N LYS A 1084 39.37 -33.83 80.63
CA LYS A 1084 39.80 -33.39 79.32
C LYS A 1084 38.69 -33.62 78.30
N ALA A 1085 38.65 -32.78 77.28
CA ALA A 1085 37.62 -32.82 76.25
C ALA A 1085 38.17 -33.56 75.04
N HIS A 1086 37.37 -34.49 74.50
CA HIS A 1086 37.75 -35.27 73.33
C HIS A 1086 36.74 -35.02 72.22
N PHE A 1087 37.24 -34.85 71.00
CA PHE A 1087 36.41 -34.65 69.83
C PHE A 1087 36.64 -35.76 68.81
N PRO A 1088 35.62 -36.10 68.02
CA PRO A 1088 35.84 -37.08 66.95
C PRO A 1088 36.79 -36.54 65.90
N ARG A 1089 37.63 -37.43 65.37
CA ARG A 1089 38.61 -37.05 64.36
C ARG A 1089 38.00 -36.99 62.97
N GLU A 1090 37.18 -37.99 62.60
CA GLU A 1090 36.50 -37.94 61.30
C GLU A 1090 35.04 -38.35 61.40
N GLY A 1091 34.53 -38.65 62.60
CA GLY A 1091 33.20 -39.18 62.71
C GLY A 1091 32.27 -38.39 63.60
N VAL A 1092 31.26 -39.06 64.16
CA VAL A 1092 30.27 -38.41 65.00
C VAL A 1092 29.89 -39.37 66.12
N PHE A 1093 29.63 -38.82 67.30
CA PHE A 1093 29.32 -39.61 68.48
C PHE A 1093 27.83 -39.93 68.52
N VAL A 1094 27.49 -41.19 68.80
CA VAL A 1094 26.12 -41.63 68.92
C VAL A 1094 25.98 -42.50 70.16
N SER A 1095 24.74 -42.67 70.60
CA SER A 1095 24.44 -43.51 71.76
C SER A 1095 23.24 -44.38 71.45
N ASN A 1096 23.33 -45.66 71.82
CA ASN A 1096 22.25 -46.61 71.66
C ASN A 1096 21.28 -46.58 72.84
N GLY A 1097 21.55 -45.73 73.84
CA GLY A 1097 20.73 -45.67 75.03
C GLY A 1097 21.52 -45.97 76.28
N THR A 1098 22.52 -46.84 76.17
CA THR A 1098 23.35 -47.24 77.29
C THR A 1098 24.83 -47.02 77.04
N HIS A 1099 25.29 -47.20 75.82
CA HIS A 1099 26.70 -47.06 75.47
C HIS A 1099 26.88 -45.94 74.45
N TRP A 1100 28.13 -45.64 74.15
CA TRP A 1100 28.50 -44.59 73.21
C TRP A 1100 29.46 -45.13 72.17
N PHE A 1101 29.33 -44.66 70.94
CA PHE A 1101 30.15 -45.12 69.82
C PHE A 1101 30.41 -43.96 68.86
N VAL A 1102 31.16 -44.26 67.80
CA VAL A 1102 31.48 -43.31 66.75
C VAL A 1102 31.27 -43.99 65.41
N THR A 1103 30.75 -43.24 64.44
CA THR A 1103 30.43 -43.79 63.13
C THR A 1103 30.54 -42.73 62.06
N GLN A 1104 30.66 -43.17 60.81
CA GLN A 1104 30.69 -42.26 59.68
C GLN A 1104 29.30 -41.69 59.41
N ARG A 1105 29.27 -40.59 58.67
CA ARG A 1105 28.03 -39.83 58.54
C ARG A 1105 27.04 -40.46 57.58
N ASN A 1106 27.50 -41.20 56.57
CA ASN A 1106 26.63 -41.68 55.52
C ASN A 1106 26.32 -43.17 55.61
N PHE A 1107 26.78 -43.85 56.67
CA PHE A 1107 26.44 -45.25 56.85
C PHE A 1107 26.60 -45.60 58.32
N TYR A 1108 25.87 -46.63 58.76
CA TYR A 1108 25.85 -47.03 60.15
C TYR A 1108 26.86 -48.16 60.38
N GLU A 1109 27.81 -47.93 61.28
CA GLU A 1109 28.72 -48.97 61.74
C GLU A 1109 29.23 -48.58 63.13
N PRO A 1110 29.03 -49.45 64.11
CA PRO A 1110 29.48 -49.11 65.47
C PRO A 1110 30.94 -49.49 65.70
N GLN A 1111 31.62 -48.68 66.49
CA GLN A 1111 33.00 -48.94 66.88
C GLN A 1111 33.25 -48.38 68.26
N ILE A 1112 34.27 -48.93 68.92
CA ILE A 1112 34.59 -48.54 70.29
C ILE A 1112 35.39 -47.24 70.27
N ILE A 1113 35.00 -46.30 71.13
CA ILE A 1113 35.67 -45.01 71.20
C ILE A 1113 37.05 -45.23 71.82
N THR A 1114 38.10 -45.06 71.02
CA THR A 1114 39.47 -45.14 71.48
C THR A 1114 40.17 -43.81 71.22
N THR A 1115 41.48 -43.78 71.45
CA THR A 1115 42.28 -42.58 71.23
C THR A 1115 42.86 -42.52 69.83
N ASP A 1116 42.59 -43.51 68.99
CA ASP A 1116 43.11 -43.54 67.63
C ASP A 1116 42.21 -42.83 66.63
N ASN A 1117 40.98 -42.52 67.01
CA ASN A 1117 40.04 -41.81 66.14
C ASN A 1117 39.52 -40.53 66.79
N THR A 1118 40.20 -40.04 67.82
CA THR A 1118 39.82 -38.82 68.50
C THR A 1118 41.07 -37.99 68.78
N PHE A 1119 40.86 -36.74 69.17
CA PHE A 1119 41.95 -35.87 69.59
C PHE A 1119 41.46 -34.97 70.72
N VAL A 1120 42.42 -34.47 71.50
CA VAL A 1120 42.14 -33.73 72.72
C VAL A 1120 42.48 -32.27 72.51
N SER A 1121 41.66 -31.38 73.08
CA SER A 1121 41.90 -29.95 73.01
C SER A 1121 41.25 -29.29 74.21
N GLY A 1122 42.06 -28.93 75.21
CA GLY A 1122 41.59 -28.16 76.34
C GLY A 1122 40.77 -28.98 77.32
N ASN A 1123 40.38 -28.31 78.41
CA ASN A 1123 39.52 -28.90 79.43
C ASN A 1123 38.06 -28.84 79.00
N CYS A 1124 37.19 -29.40 79.82
CA CYS A 1124 35.77 -29.53 79.50
C CYS A 1124 34.90 -28.57 80.30
N ASP A 1125 35.40 -27.36 80.57
CA ASP A 1125 34.63 -26.36 81.32
C ASP A 1125 34.10 -25.24 80.43
N VAL A 1126 34.22 -25.37 79.10
CA VAL A 1126 33.83 -24.33 78.17
C VAL A 1126 32.77 -24.82 77.19
N VAL A 1127 32.96 -26.01 76.61
CA VAL A 1127 32.04 -26.52 75.60
C VAL A 1127 30.69 -26.79 76.24
N ILE A 1128 29.62 -26.35 75.57
CA ILE A 1128 28.27 -26.50 76.08
C ILE A 1128 27.71 -27.83 75.61
N GLY A 1129 27.14 -28.59 76.53
CA GLY A 1129 26.53 -29.86 76.20
C GLY A 1129 27.42 -31.08 76.32
N ILE A 1130 28.62 -30.93 76.88
CA ILE A 1130 29.51 -32.06 77.01
C ILE A 1130 28.94 -33.07 78.01
N VAL A 1131 29.31 -34.34 77.84
CA VAL A 1131 28.82 -35.42 78.68
C VAL A 1131 30.00 -36.08 79.38
N ASN A 1132 29.68 -36.91 80.37
CA ASN A 1132 30.67 -37.64 81.15
C ASN A 1132 30.70 -39.09 80.69
N ASN A 1133 31.90 -39.61 80.43
CA ASN A 1133 32.08 -40.99 80.02
C ASN A 1133 33.55 -41.36 80.17
N THR A 1134 33.90 -42.55 79.73
CA THR A 1134 35.26 -43.05 79.79
C THR A 1134 35.81 -43.24 78.37
N VAL A 1135 37.12 -43.11 78.26
CA VAL A 1135 37.81 -43.27 76.98
C VAL A 1135 38.75 -44.46 77.11
N TYR A 1136 38.59 -45.42 76.21
CA TYR A 1136 39.45 -46.61 76.20
C TYR A 1136 40.80 -46.27 75.57
N ASP A 1137 41.86 -46.37 76.37
CA ASP A 1137 43.21 -46.19 75.86
C ASP A 1137 43.76 -47.54 75.46
N PRO A 1138 44.11 -47.76 74.19
CA PRO A 1138 44.63 -49.06 73.76
C PRO A 1138 46.06 -49.34 74.20
N LEU A 1139 46.80 -48.34 74.65
CA LEU A 1139 48.18 -48.51 75.09
C LEU A 1139 48.31 -49.23 76.42
N GLN A 1140 47.49 -48.85 77.40
CA GLN A 1140 47.53 -49.38 78.76
C GLN A 1140 47.32 -50.89 78.87
N PRO A 1141 46.31 -51.48 78.21
CA PRO A 1141 46.08 -52.92 78.41
C PRO A 1141 47.25 -53.78 77.96
N GLU A 1142 47.85 -53.46 76.81
CA GLU A 1142 49.02 -54.21 76.38
C GLU A 1142 50.28 -53.83 77.14
N LEU A 1143 50.39 -52.57 77.58
CA LEU A 1143 51.49 -52.20 78.47
C LEU A 1143 51.41 -52.90 79.81
N ASP A 1144 50.22 -53.35 80.21
CA ASP A 1144 50.04 -54.12 81.44
C ASP A 1144 50.12 -55.63 81.19
N SER A 1145 50.23 -56.05 79.94
CA SER A 1145 50.27 -57.47 79.60
C SER A 1145 51.69 -57.90 79.26
N GLN B 14 -11.25 66.72 5.13
CA GLN B 14 -11.68 66.85 6.52
C GLN B 14 -10.70 66.16 7.46
N CYS B 15 -9.41 66.33 7.19
CA CYS B 15 -8.34 65.71 7.97
C CYS B 15 -7.18 66.70 8.12
N VAL B 16 -6.40 66.50 9.19
CA VAL B 16 -5.34 67.42 9.58
C VAL B 16 -4.02 66.68 9.62
N ASN B 17 -2.94 67.46 9.62
CA ASN B 17 -1.58 66.92 9.59
C ASN B 17 -0.78 67.52 10.73
N LEU B 18 0.13 66.74 11.30
CA LEU B 18 1.01 67.17 12.38
C LEU B 18 2.35 66.46 12.21
N THR B 19 3.43 67.09 12.67
CA THR B 19 4.77 66.55 12.49
C THR B 19 5.60 66.72 13.76
N THR B 20 5.52 65.71 14.62
CA THR B 20 6.35 65.57 15.80
C THR B 20 6.85 64.14 15.94
N ARG B 21 8.12 63.90 15.61
CA ARG B 21 8.66 62.55 15.66
C ARG B 21 9.94 62.48 16.49
N THR B 22 10.12 61.35 17.17
CA THR B 22 11.32 61.07 17.96
C THR B 22 11.82 59.69 17.55
N GLN B 23 13.10 59.60 17.20
CA GLN B 23 13.67 58.34 16.74
C GLN B 23 14.54 57.71 17.83
N LEU B 24 14.51 56.38 17.92
CA LEU B 24 15.30 55.66 18.89
C LEU B 24 15.34 54.19 18.50
N PRO B 25 16.47 53.51 18.64
CA PRO B 25 16.49 52.06 18.47
C PRO B 25 15.68 51.39 19.56
N PRO B 26 14.93 50.34 19.24
CA PRO B 26 14.02 49.75 20.22
C PRO B 26 14.76 49.25 21.45
N ALA B 27 14.19 49.56 22.61
CA ALA B 27 14.76 49.08 23.87
C ALA B 27 14.65 47.57 23.95
N TYR B 28 15.81 46.92 24.05
CA TYR B 28 15.92 45.48 23.92
C TYR B 28 15.75 44.82 25.28
N THR B 29 14.54 44.33 25.54
CA THR B 29 14.22 43.63 26.77
C THR B 29 13.87 42.20 26.44
N ASN B 30 14.37 41.27 27.25
CA ASN B 30 14.07 39.86 27.11
C ASN B 30 12.61 39.63 27.46
N SER B 31 11.85 39.05 26.52
CA SER B 31 10.48 38.65 26.78
C SER B 31 10.51 37.49 27.75
N PHE B 32 10.09 37.74 28.99
CA PHE B 32 10.28 36.79 30.08
C PHE B 32 9.64 35.44 29.76
N THR B 33 8.31 35.41 29.65
CA THR B 33 7.60 34.19 29.30
C THR B 33 6.37 34.47 28.44
N ARG B 34 6.11 35.72 28.07
CA ARG B 34 4.85 36.05 27.42
C ARG B 34 4.84 35.58 25.97
N GLY B 35 3.63 35.35 25.46
CA GLY B 35 3.48 34.95 24.07
C GLY B 35 3.23 33.47 23.87
N VAL B 36 2.38 32.88 24.70
CA VAL B 36 2.02 31.47 24.61
C VAL B 36 0.51 31.37 24.50
N TYR B 37 0.04 30.62 23.51
CA TYR B 37 -1.38 30.47 23.25
C TYR B 37 -1.71 29.00 22.97
N TYR B 38 -2.97 28.64 23.19
CA TYR B 38 -3.42 27.28 22.93
C TYR B 38 -3.39 27.00 21.44
N PRO B 39 -2.71 25.95 20.98
CA PRO B 39 -2.69 25.67 19.54
C PRO B 39 -4.00 25.11 19.03
N ASP B 40 -4.61 24.16 19.76
CA ASP B 40 -5.78 23.45 19.25
C ASP B 40 -6.95 23.53 20.23
N LYS B 41 -8.01 22.77 19.94
CA LYS B 41 -9.20 22.76 20.77
C LYS B 41 -9.43 21.38 21.37
N VAL B 42 -8.34 20.67 21.69
CA VAL B 42 -8.41 19.32 22.21
C VAL B 42 -7.94 19.33 23.66
N PHE B 43 -8.57 18.49 24.48
CA PHE B 43 -8.31 18.45 25.92
C PHE B 43 -7.34 17.32 26.25
N ARG B 44 -6.29 17.64 26.98
CA ARG B 44 -5.34 16.66 27.49
C ARG B 44 -5.07 16.95 28.96
N SER B 45 -4.90 15.90 29.75
CA SER B 45 -4.73 16.03 31.19
C SER B 45 -3.39 15.46 31.62
N SER B 46 -2.59 16.28 32.28
CA SER B 46 -1.30 15.89 32.88
C SER B 46 -0.42 15.14 31.87
N VAL B 47 -0.26 15.75 30.70
CA VAL B 47 0.53 15.15 29.62
C VAL B 47 1.46 16.22 29.05
N LEU B 48 2.73 15.87 28.91
CA LEU B 48 3.70 16.71 28.21
C LEU B 48 3.50 16.53 26.71
N HIS B 49 3.44 17.65 25.99
CA HIS B 49 3.20 17.63 24.56
C HIS B 49 4.20 18.52 23.84
N SER B 50 4.60 18.11 22.65
CA SER B 50 5.55 18.84 21.83
C SER B 50 4.87 19.26 20.53
N THR B 51 5.25 20.43 20.02
CA THR B 51 4.66 20.97 18.80
C THR B 51 5.63 21.91 18.11
N GLN B 52 5.38 22.17 16.83
CA GLN B 52 6.19 23.08 16.02
C GLN B 52 5.26 23.95 15.20
N ASP B 53 5.15 25.22 15.57
CA ASP B 53 4.33 26.19 14.85
C ASP B 53 5.00 27.55 14.99
N LEU B 54 4.24 28.60 14.67
CA LEU B 54 4.74 29.97 14.76
C LEU B 54 4.61 30.44 16.20
N PHE B 55 5.72 30.92 16.78
CA PHE B 55 5.73 31.37 18.16
C PHE B 55 6.73 32.52 18.32
N LEU B 56 6.56 33.28 19.39
CA LEU B 56 7.49 34.33 19.74
C LEU B 56 8.61 33.74 20.58
N PRO B 57 9.87 33.88 20.17
CA PRO B 57 10.96 33.21 20.90
C PRO B 57 11.09 33.71 22.33
N PHE B 58 11.49 32.81 23.22
CA PHE B 58 11.71 33.16 24.61
C PHE B 58 12.96 34.02 24.75
N PHE B 59 12.93 34.95 25.70
CA PHE B 59 14.06 35.83 26.00
C PHE B 59 14.51 36.58 24.75
N SER B 60 13.52 36.94 23.93
CA SER B 60 13.76 37.65 22.69
C SER B 60 13.67 39.14 22.93
N ASN B 61 14.47 39.90 22.18
CA ASN B 61 14.45 41.35 22.30
C ASN B 61 13.12 41.90 21.77
N VAL B 62 12.36 42.51 22.68
CA VAL B 62 11.05 43.05 22.33
C VAL B 62 11.25 44.47 21.80
N THR B 63 10.59 44.77 20.69
CA THR B 63 10.65 46.12 20.13
C THR B 63 9.85 47.07 21.01
N TRP B 64 10.52 47.68 21.97
CA TRP B 64 9.88 48.58 22.92
C TRP B 64 9.78 49.95 22.28
N PHE B 65 8.72 50.17 21.52
CA PHE B 65 8.37 51.49 21.04
C PHE B 65 7.50 52.17 22.09
N HIS B 66 8.15 52.91 22.98
CA HIS B 66 7.47 53.56 24.09
C HIS B 66 6.66 54.74 23.55
N ALA B 67 5.45 54.44 23.09
CA ALA B 67 4.57 55.44 22.50
C ALA B 67 4.02 56.32 23.61
N ILE B 68 4.88 57.21 24.12
CA ILE B 68 4.49 58.08 25.23
C ILE B 68 3.87 59.36 24.69
N LYS B 75 3.75 68.33 23.60
CA LYS B 75 3.37 67.01 24.06
C LYS B 75 3.99 65.92 23.19
N ARG B 76 3.46 64.71 23.28
CA ARG B 76 4.01 63.56 22.59
C ARG B 76 2.93 62.88 21.76
N PHE B 77 3.26 62.56 20.51
CA PHE B 77 2.36 61.83 19.63
C PHE B 77 3.20 61.03 18.65
N ASP B 78 2.68 59.87 18.24
CA ASP B 78 3.41 58.99 17.32
C ASP B 78 2.46 57.93 16.80
N ASN B 79 2.43 57.76 15.48
CA ASN B 79 1.57 56.76 14.82
C ASN B 79 2.17 56.40 13.46
N PRO B 80 3.12 55.49 13.43
CA PRO B 80 3.69 55.05 12.15
C PRO B 80 2.82 53.99 11.49
N VAL B 81 3.31 53.48 10.37
CA VAL B 81 2.65 52.41 9.64
C VAL B 81 3.64 51.26 9.54
N LEU B 82 3.22 50.07 9.99
CA LEU B 82 4.16 48.96 10.05
C LEU B 82 3.80 47.90 9.02
N PRO B 83 4.79 47.24 8.41
CA PRO B 83 4.49 46.20 7.42
C PRO B 83 4.07 44.91 8.10
N PHE B 84 3.05 44.27 7.54
CA PHE B 84 2.53 43.04 8.12
C PHE B 84 3.48 41.88 7.87
N ASN B 85 3.34 40.85 8.69
CA ASN B 85 4.21 39.68 8.65
C ASN B 85 3.39 38.46 9.08
N ASP B 86 4.06 37.38 9.43
CA ASP B 86 3.36 36.16 9.84
C ASP B 86 2.38 36.43 10.97
N GLY B 87 2.76 37.25 11.93
CA GLY B 87 1.87 37.59 13.03
C GLY B 87 2.49 38.68 13.87
N VAL B 88 1.65 39.29 14.69
CA VAL B 88 2.07 40.38 15.56
C VAL B 88 1.53 40.14 16.96
N TYR B 89 2.41 40.21 17.94
CA TYR B 89 2.03 40.19 19.35
C TYR B 89 1.79 41.62 19.80
N PHE B 90 0.52 41.98 19.98
CA PHE B 90 0.13 43.34 20.31
C PHE B 90 -0.16 43.44 21.80
N ALA B 91 0.62 44.27 22.48
CA ALA B 91 0.43 44.52 23.91
C ALA B 91 -0.16 45.91 24.09
N SER B 92 -1.23 45.98 24.89
CA SER B 92 -1.97 47.22 25.06
C SER B 92 -1.76 47.74 26.47
N THR B 93 -0.98 48.81 26.59
CA THR B 93 -0.77 49.50 27.86
C THR B 93 -1.66 50.74 27.88
N GLU B 94 -2.92 50.55 28.24
CA GLU B 94 -3.91 51.61 28.05
C GLU B 94 -4.95 51.54 29.15
N LYS B 95 -5.61 52.68 29.37
CA LYS B 95 -6.82 52.75 30.19
C LYS B 95 -7.75 53.77 29.55
N SER B 96 -9.03 53.63 29.84
CA SER B 96 -10.11 54.49 29.35
C SER B 96 -10.33 54.38 27.85
N ASN B 97 -9.70 53.41 27.19
CA ASN B 97 -9.95 53.09 25.78
C ASN B 97 -9.65 54.28 24.87
N ILE B 98 -8.40 54.72 24.88
CA ILE B 98 -7.98 55.75 23.93
C ILE B 98 -7.94 55.19 22.51
N ILE B 99 -7.43 53.97 22.35
CA ILE B 99 -7.38 53.30 21.05
C ILE B 99 -8.69 52.57 20.84
N ARG B 100 -9.18 52.58 19.59
CA ARG B 100 -10.47 51.98 19.26
C ARG B 100 -10.34 50.90 18.17
N GLY B 101 -9.49 51.11 17.17
CA GLY B 101 -9.48 50.21 16.04
C GLY B 101 -8.13 49.87 15.43
N TRP B 102 -8.15 49.01 14.42
CA TRP B 102 -6.96 48.63 13.68
C TRP B 102 -7.31 48.56 12.20
N ILE B 103 -6.29 48.71 11.34
CA ILE B 103 -6.46 48.67 9.90
C ILE B 103 -5.45 47.71 9.32
N PHE B 104 -5.93 46.74 8.53
CA PHE B 104 -5.06 45.83 7.80
C PHE B 104 -5.36 45.93 6.31
N GLY B 105 -4.36 45.62 5.49
CA GLY B 105 -4.54 45.68 4.05
C GLY B 105 -3.24 45.43 3.33
N THR B 106 -3.23 45.82 2.06
CA THR B 106 -2.04 45.73 1.22
C THR B 106 -1.55 47.09 0.72
N THR B 107 -2.42 47.88 0.09
CA THR B 107 -2.05 49.18 -0.44
C THR B 107 -2.74 50.35 0.25
N LEU B 108 -3.80 50.10 1.01
CA LEU B 108 -4.46 51.13 1.81
C LEU B 108 -5.01 52.26 0.94
N ASP B 109 -5.86 51.90 -0.02
CA ASP B 109 -6.51 52.87 -0.89
C ASP B 109 -7.77 52.22 -1.45
N SER B 110 -8.37 52.88 -2.45
CA SER B 110 -9.53 52.33 -3.13
C SER B 110 -9.17 51.20 -4.09
N LYS B 111 -7.91 51.11 -4.51
CA LYS B 111 -7.51 50.06 -5.45
C LYS B 111 -7.68 48.68 -4.85
N THR B 112 -7.29 48.51 -3.58
CA THR B 112 -7.39 47.23 -2.89
C THR B 112 -8.36 47.35 -1.74
N GLN B 113 -9.02 46.24 -1.42
CA GLN B 113 -10.01 46.23 -0.35
C GLN B 113 -9.32 46.36 1.00
N SER B 114 -10.09 46.74 2.02
CA SER B 114 -9.51 47.10 3.30
C SER B 114 -10.21 46.40 4.46
N LEU B 115 -9.95 46.83 5.69
CA LEU B 115 -10.53 46.23 6.87
C LEU B 115 -10.50 47.20 8.03
N LEU B 116 -11.64 47.37 8.69
CA LEU B 116 -11.74 48.18 9.89
C LEU B 116 -12.39 47.37 11.00
N ILE B 117 -11.72 47.28 12.14
CA ILE B 117 -12.25 46.63 13.34
C ILE B 117 -12.46 47.71 14.39
N VAL B 118 -13.71 48.15 14.54
CA VAL B 118 -14.04 49.26 15.42
C VAL B 118 -14.82 48.74 16.61
N ASN B 119 -14.34 49.05 17.81
CA ASN B 119 -15.00 48.66 19.05
C ASN B 119 -15.95 49.79 19.44
N ASN B 120 -17.24 49.57 19.22
CA ASN B 120 -18.26 50.55 19.56
C ASN B 120 -18.39 50.66 21.08
N ALA B 121 -19.07 51.73 21.52
CA ALA B 121 -19.29 51.93 22.96
C ALA B 121 -20.12 50.81 23.56
N THR B 122 -20.92 50.12 22.74
CA THR B 122 -21.73 49.01 23.22
C THR B 122 -21.43 47.70 22.52
N ASN B 123 -20.70 47.71 21.40
CA ASN B 123 -20.46 46.52 20.60
C ASN B 123 -19.14 46.70 19.87
N VAL B 124 -18.92 45.87 18.86
CA VAL B 124 -17.80 46.04 17.93
C VAL B 124 -18.34 46.00 16.51
N VAL B 125 -17.63 46.66 15.60
CA VAL B 125 -18.02 46.77 14.20
C VAL B 125 -16.86 46.29 13.34
N ILE B 126 -17.14 45.36 12.43
CA ILE B 126 -16.13 44.80 11.55
C ILE B 126 -16.55 45.08 10.12
N LYS B 127 -15.76 45.88 9.41
CA LYS B 127 -16.03 46.24 8.03
C LYS B 127 -14.83 45.89 7.15
N VAL B 128 -15.12 45.52 5.91
CA VAL B 128 -14.09 45.05 4.99
C VAL B 128 -14.11 45.81 3.67
N CYS B 129 -15.00 46.78 3.49
CA CYS B 129 -15.29 47.31 2.16
C CYS B 129 -14.14 48.19 1.65
N GLU B 130 -14.20 48.48 0.35
CA GLU B 130 -13.20 49.30 -0.34
C GLU B 130 -13.40 50.75 0.05
N PHE B 131 -12.57 51.23 0.97
CA PHE B 131 -12.65 52.61 1.41
C PHE B 131 -11.56 53.46 0.75
N GLN B 132 -11.82 54.76 0.66
CA GLN B 132 -10.83 55.75 0.26
C GLN B 132 -10.54 56.60 1.49
N PHE B 133 -9.53 56.16 2.25
CA PHE B 133 -9.22 56.78 3.54
C PHE B 133 -8.54 58.13 3.35
N CYS B 134 -8.48 58.88 4.43
CA CYS B 134 -7.58 60.01 4.57
C CYS B 134 -6.15 59.50 4.68
N ASN B 135 -5.20 60.41 4.50
CA ASN B 135 -3.82 60.09 4.84
C ASN B 135 -3.66 59.89 6.34
N ASP B 136 -4.45 60.60 7.14
CA ASP B 136 -4.45 60.47 8.59
C ASP B 136 -5.88 60.45 9.11
N PRO B 137 -6.59 59.34 8.95
CA PRO B 137 -7.93 59.23 9.53
C PRO B 137 -7.86 58.94 11.02
N PHE B 138 -8.92 59.30 11.73
CA PHE B 138 -8.97 59.19 13.18
C PHE B 138 -10.42 59.28 13.62
N LEU B 139 -10.66 59.19 14.93
CA LEU B 139 -11.98 59.36 15.51
C LEU B 139 -11.95 60.53 16.50
N GLY B 140 -12.92 61.43 16.37
CA GLY B 140 -13.00 62.58 17.23
C GLY B 140 -14.07 62.47 18.30
N MET B 151 -21.35 63.35 27.37
CA MET B 151 -21.62 62.28 26.43
C MET B 151 -21.25 62.73 25.03
N GLU B 152 -20.39 61.96 24.36
CA GLU B 152 -19.94 62.26 23.02
C GLU B 152 -20.52 61.23 22.06
N SER B 153 -21.05 61.69 20.93
CA SER B 153 -21.72 60.84 19.96
C SER B 153 -21.31 61.20 18.53
N GLU B 154 -20.00 61.31 18.28
CA GLU B 154 -19.52 61.72 16.97
C GLU B 154 -18.42 60.79 16.48
N PHE B 155 -18.36 60.61 15.16
CA PHE B 155 -17.34 59.81 14.50
C PHE B 155 -17.14 60.34 13.09
N ARG B 156 -15.92 60.20 12.56
CA ARG B 156 -15.54 60.67 11.23
C ARG B 156 -14.51 59.68 10.69
N VAL B 157 -14.91 58.86 9.72
CA VAL B 157 -14.05 57.73 9.35
C VAL B 157 -13.62 57.76 7.89
N TYR B 158 -14.57 57.67 6.97
CA TYR B 158 -14.26 57.36 5.58
C TYR B 158 -15.11 58.19 4.64
N SER B 159 -14.75 58.14 3.35
CA SER B 159 -15.46 58.84 2.29
C SER B 159 -16.39 57.94 1.49
N SER B 160 -15.89 56.86 0.91
CA SER B 160 -16.68 56.02 0.03
C SER B 160 -16.51 54.56 0.43
N ALA B 161 -17.61 53.82 0.43
CA ALA B 161 -17.61 52.38 0.71
C ALA B 161 -18.27 51.67 -0.47
N ASN B 162 -17.52 50.75 -1.10
CA ASN B 162 -18.06 50.07 -2.27
C ASN B 162 -18.91 48.85 -1.89
N ASN B 163 -18.29 47.81 -1.37
CA ASN B 163 -18.98 46.57 -1.06
C ASN B 163 -18.03 45.64 -0.33
N CYS B 164 -18.60 44.81 0.55
CA CYS B 164 -17.87 43.79 1.28
C CYS B 164 -18.87 42.90 2.01
N THR B 165 -18.35 41.80 2.58
CA THR B 165 -19.18 40.68 2.99
C THR B 165 -19.53 40.64 4.47
N PHE B 166 -18.54 40.59 5.36
CA PHE B 166 -18.76 40.18 6.74
C PHE B 166 -18.93 41.39 7.65
N GLU B 167 -19.75 41.21 8.68
CA GLU B 167 -19.89 42.16 9.77
C GLU B 167 -20.20 41.36 11.02
N TYR B 168 -19.90 41.93 12.19
CA TYR B 168 -20.09 41.24 13.45
C TYR B 168 -20.55 42.23 14.51
N VAL B 169 -21.56 41.83 15.29
CA VAL B 169 -22.06 42.62 16.40
C VAL B 169 -22.32 41.69 17.58
N SER B 170 -21.56 41.88 18.66
CA SER B 170 -21.78 41.16 19.91
C SER B 170 -21.15 41.98 21.03
N GLN B 171 -20.97 41.36 22.18
CA GLN B 171 -20.31 42.04 23.29
C GLN B 171 -18.91 42.46 22.88
N PRO B 172 -18.56 43.73 23.09
CA PRO B 172 -17.24 44.21 22.64
C PRO B 172 -16.10 43.46 23.34
N PHE B 173 -15.03 43.19 22.58
CA PHE B 173 -13.87 42.54 23.17
C PHE B 173 -13.26 43.41 24.26
N LEU B 174 -13.17 44.72 24.02
CA LEU B 174 -12.60 45.63 25.00
C LEU B 174 -13.66 46.05 26.02
N ASN B 183 -1.22 48.61 36.48
CA ASN B 183 -2.26 47.75 37.02
C ASN B 183 -3.15 47.22 35.91
N PHE B 184 -2.58 46.44 35.01
CA PHE B 184 -3.33 45.92 33.88
C PHE B 184 -4.20 44.75 34.31
N LYS B 185 -5.43 45.06 34.74
CA LYS B 185 -6.40 44.01 34.96
C LYS B 185 -6.89 43.40 33.65
N ASN B 186 -6.58 44.02 32.51
CA ASN B 186 -6.87 43.47 31.20
C ASN B 186 -5.61 43.51 30.36
N LEU B 187 -4.88 42.39 30.31
CA LEU B 187 -3.79 42.21 29.35
C LEU B 187 -4.42 41.89 27.99
N ARG B 188 -4.69 42.93 27.21
CA ARG B 188 -5.30 42.82 25.89
C ARG B 188 -4.26 42.28 24.91
N GLU B 189 -4.04 40.97 24.94
CA GLU B 189 -3.02 40.31 24.14
C GLU B 189 -3.69 39.61 22.96
N PHE B 190 -3.43 40.11 21.76
CA PHE B 190 -4.02 39.57 20.54
C PHE B 190 -2.95 39.01 19.64
N VAL B 191 -3.22 37.83 19.09
CA VAL B 191 -2.40 37.22 18.05
C VAL B 191 -3.20 37.23 16.77
N PHE B 192 -2.68 37.91 15.75
CA PHE B 192 -3.37 38.04 14.47
C PHE B 192 -2.74 37.11 13.45
N LYS B 193 -3.54 36.19 12.92
CA LYS B 193 -3.08 35.22 11.94
C LYS B 193 -4.08 35.14 10.81
N ASN B 194 -3.55 34.98 9.59
CA ASN B 194 -4.37 34.80 8.39
C ASN B 194 -3.84 33.57 7.66
N ILE B 195 -4.52 32.45 7.84
CA ILE B 195 -4.10 31.17 7.28
C ILE B 195 -5.25 30.61 6.45
N ASP B 196 -4.91 30.09 5.27
CA ASP B 196 -5.78 29.34 4.36
C ASP B 196 -7.22 29.86 4.37
N GLY B 197 -7.35 31.17 4.19
CA GLY B 197 -8.63 31.80 4.03
C GLY B 197 -9.36 32.15 5.31
N TYR B 198 -8.79 31.84 6.47
CA TYR B 198 -9.40 32.17 7.75
C TYR B 198 -8.48 33.09 8.53
N PHE B 199 -9.04 34.22 8.98
CA PHE B 199 -8.33 35.15 9.85
C PHE B 199 -8.70 34.81 11.29
N LYS B 200 -7.71 34.41 12.07
CA LYS B 200 -7.92 33.90 13.41
C LYS B 200 -7.44 34.92 14.44
N ILE B 201 -8.27 35.21 15.43
CA ILE B 201 -7.97 36.18 16.46
C ILE B 201 -8.03 35.48 17.81
N TYR B 202 -6.86 35.22 18.39
CA TYR B 202 -6.75 34.67 19.72
C TYR B 202 -6.41 35.78 20.71
N SER B 203 -7.28 35.96 21.70
CA SER B 203 -7.10 37.02 22.67
C SER B 203 -7.24 36.46 24.06
N LYS B 204 -6.57 37.11 25.01
CA LYS B 204 -6.63 36.70 26.40
C LYS B 204 -6.99 37.91 27.25
N HIS B 205 -7.68 37.65 28.35
CA HIS B 205 -7.95 38.66 29.37
C HIS B 205 -7.39 38.16 30.70
N THR B 206 -6.57 38.99 31.32
CA THR B 206 -5.78 38.57 32.45
C THR B 206 -5.52 39.80 33.31
N PRO B 207 -5.51 39.63 34.63
CA PRO B 207 -5.06 40.71 35.52
C PRO B 207 -3.55 40.67 35.73
N ILE B 208 -3.03 41.78 36.25
CA ILE B 208 -1.62 41.83 36.60
C ILE B 208 -1.48 41.88 38.12
N ASP B 213 6.91 47.32 33.07
CA ASP B 213 7.32 46.35 32.07
C ASP B 213 6.53 45.05 32.21
N LEU B 214 6.80 44.11 31.31
CA LEU B 214 6.14 42.81 31.40
C LEU B 214 6.71 42.04 32.58
N PRO B 215 5.87 41.57 33.49
CA PRO B 215 6.35 40.87 34.69
C PRO B 215 6.72 39.42 34.38
N GLN B 216 7.09 38.71 35.43
CA GLN B 216 7.41 37.29 35.34
C GLN B 216 6.12 36.48 35.32
N GLY B 217 6.24 35.17 35.50
CA GLY B 217 5.08 34.29 35.53
C GLY B 217 4.68 33.79 34.17
N PHE B 218 3.66 32.95 34.16
CA PHE B 218 3.17 32.31 32.95
C PHE B 218 1.70 32.65 32.74
N SER B 219 1.31 32.78 31.47
CA SER B 219 -0.07 33.10 31.13
C SER B 219 -0.33 32.68 29.69
N ALA B 220 -1.31 31.79 29.50
CA ALA B 220 -1.67 31.35 28.17
C ALA B 220 -2.77 32.23 27.58
N LEU B 221 -2.89 32.18 26.26
CA LEU B 221 -3.85 32.99 25.52
C LEU B 221 -4.93 32.08 24.94
N GLU B 222 -6.19 32.58 24.93
CA GLU B 222 -7.36 31.81 24.51
C GLU B 222 -7.83 32.23 23.13
N PRO B 223 -8.54 31.36 22.41
CA PRO B 223 -9.14 31.76 21.14
C PRO B 223 -10.39 32.61 21.37
N LEU B 224 -10.62 33.55 20.47
CA LEU B 224 -11.81 34.38 20.54
C LEU B 224 -12.76 34.14 19.38
N VAL B 225 -12.31 34.34 18.15
CA VAL B 225 -13.15 34.26 16.95
C VAL B 225 -12.26 33.97 15.75
N ASP B 226 -12.72 33.05 14.90
CA ASP B 226 -12.13 32.85 13.58
C ASP B 226 -13.04 33.51 12.55
N LEU B 227 -12.43 34.17 11.56
CA LEU B 227 -13.16 34.97 10.60
C LEU B 227 -12.66 34.66 9.19
N PRO B 228 -13.49 34.08 8.33
CA PRO B 228 -13.08 33.74 6.94
C PRO B 228 -13.25 34.88 5.93
N ILE B 229 -12.28 35.79 5.90
CA ILE B 229 -12.24 36.88 4.94
C ILE B 229 -11.54 36.46 3.65
N GLY B 230 -10.38 35.82 3.77
CA GLY B 230 -9.66 35.32 2.61
C GLY B 230 -9.12 36.38 1.67
N ILE B 231 -8.54 37.45 2.22
CA ILE B 231 -7.92 38.50 1.41
C ILE B 231 -6.42 38.47 1.64
N ASN B 232 -5.66 38.74 0.58
CA ASN B 232 -4.23 38.94 0.73
C ASN B 232 -3.96 40.17 1.58
N ILE B 233 -2.90 40.12 2.38
CA ILE B 233 -2.55 41.18 3.30
C ILE B 233 -1.05 41.41 3.26
N THR B 234 -0.65 42.68 3.30
CA THR B 234 0.77 43.02 3.28
C THR B 234 1.20 44.02 4.34
N ARG B 235 0.33 44.92 4.79
CA ARG B 235 0.75 46.00 5.69
C ARG B 235 -0.46 46.44 6.49
N PHE B 236 -0.18 47.04 7.67
CA PHE B 236 -1.25 47.32 8.62
C PHE B 236 -0.94 48.59 9.40
N GLN B 237 -1.96 49.10 10.07
CA GLN B 237 -1.84 50.24 10.97
C GLN B 237 -2.96 50.19 11.99
N THR B 238 -2.80 50.94 13.07
CA THR B 238 -3.77 50.99 14.15
C THR B 238 -4.54 52.31 14.12
N LEU B 239 -5.70 52.31 14.76
CA LEU B 239 -6.54 53.50 14.89
C LEU B 239 -6.35 54.12 16.26
N LEU B 240 -6.61 55.43 16.32
CA LEU B 240 -6.62 56.17 17.57
C LEU B 240 -7.85 57.06 17.60
N ALA B 241 -8.20 57.52 18.79
CA ALA B 241 -9.35 58.40 19.00
C ALA B 241 -8.83 59.73 19.54
N LEU B 242 -8.43 60.61 18.64
CA LEU B 242 -7.94 61.92 19.03
C LEU B 242 -9.09 62.82 19.45
N HIS B 243 -8.83 63.65 20.46
CA HIS B 243 -9.85 64.54 21.01
C HIS B 243 -9.34 65.97 20.94
N ARG B 244 -10.17 66.83 20.33
CA ARG B 244 -9.88 68.26 20.22
C ARG B 244 -10.25 68.93 21.54
N SER B 245 -9.33 69.70 22.09
CA SER B 245 -9.55 70.37 23.37
C SER B 245 -9.72 71.87 23.18
N GLY B 255 -5.28 72.83 21.73
CA GLY B 255 -6.01 72.37 20.56
C GLY B 255 -6.53 70.96 20.70
N TRP B 256 -5.64 70.01 20.93
CA TRP B 256 -5.99 68.61 21.11
C TRP B 256 -5.07 67.97 22.15
N THR B 257 -5.62 67.04 22.92
CA THR B 257 -4.88 66.34 23.96
C THR B 257 -4.92 64.84 23.70
N ALA B 258 -3.80 64.17 23.93
CA ALA B 258 -3.68 62.73 23.75
C ALA B 258 -3.13 62.09 25.02
N GLY B 259 -3.63 60.92 25.34
CA GLY B 259 -3.17 60.20 26.52
C GLY B 259 -1.87 59.48 26.29
N ALA B 260 -1.38 58.86 27.37
CA ALA B 260 -0.13 58.11 27.33
C ALA B 260 -0.43 56.62 27.25
N ALA B 261 -0.03 55.99 26.15
CA ALA B 261 -0.26 54.58 25.96
C ALA B 261 0.77 54.04 24.97
N ALA B 262 1.68 53.21 25.49
CA ALA B 262 2.76 52.66 24.69
C ALA B 262 2.40 51.25 24.25
N TYR B 263 2.44 51.01 22.95
CA TYR B 263 2.16 49.70 22.39
C TYR B 263 3.46 49.01 22.05
N TYR B 264 3.41 47.68 21.94
CA TYR B 264 4.58 46.88 21.67
C TYR B 264 4.32 45.99 20.46
N VAL B 265 5.34 45.85 19.61
CA VAL B 265 5.22 45.11 18.36
C VAL B 265 6.24 43.98 18.37
N GLY B 266 5.77 42.75 18.17
CA GLY B 266 6.66 41.62 17.98
C GLY B 266 6.24 40.86 16.74
N TYR B 267 7.20 40.12 16.19
CA TYR B 267 7.00 39.38 14.96
C TYR B 267 7.06 37.88 15.22
N LEU B 268 6.38 37.11 14.39
CA LEU B 268 6.20 35.68 14.59
C LEU B 268 7.19 34.88 13.76
N GLN B 269 7.75 33.83 14.37
CA GLN B 269 8.73 32.99 13.74
C GLN B 269 8.38 31.53 13.97
N PRO B 270 8.73 30.65 13.02
CA PRO B 270 8.46 29.21 13.21
C PRO B 270 9.45 28.57 14.17
N ARG B 271 8.96 28.00 15.26
CA ARG B 271 9.80 27.38 16.28
C ARG B 271 9.18 26.07 16.71
N THR B 272 9.85 25.38 17.63
CA THR B 272 9.38 24.15 18.22
C THR B 272 9.37 24.30 19.73
N PHE B 273 8.23 24.06 20.35
CA PHE B 273 8.04 24.28 21.78
C PHE B 273 7.51 23.02 22.44
N LEU B 274 7.89 22.85 23.71
CA LEU B 274 7.41 21.76 24.55
C LEU B 274 6.52 22.36 25.63
N LEU B 275 5.32 21.81 25.79
CA LEU B 275 4.33 22.37 26.70
C LEU B 275 3.92 21.36 27.75
N LYS B 276 3.49 21.85 28.90
CA LYS B 276 3.09 21.03 30.04
C LYS B 276 1.64 21.32 30.39
N TYR B 277 0.85 20.26 30.55
CA TYR B 277 -0.54 20.35 30.95
C TYR B 277 -0.70 19.87 32.38
N ASN B 278 -1.59 20.52 33.13
CA ASN B 278 -1.84 20.14 34.51
C ASN B 278 -2.99 19.13 34.58
N GLU B 279 -3.49 18.90 35.79
CA GLU B 279 -4.64 18.01 35.94
C GLU B 279 -5.90 18.62 35.35
N ASN B 280 -6.19 19.87 35.67
CA ASN B 280 -7.42 20.52 35.20
C ASN B 280 -7.22 21.23 33.86
N GLY B 281 -6.66 20.51 32.89
CA GLY B 281 -6.69 20.94 31.50
C GLY B 281 -6.19 22.34 31.24
N THR B 282 -5.08 22.73 31.87
CA THR B 282 -4.50 24.04 31.64
C THR B 282 -2.99 23.94 31.56
N ILE B 283 -2.37 24.95 30.96
CA ILE B 283 -0.94 24.94 30.69
C ILE B 283 -0.24 25.79 31.75
N THR B 284 0.81 25.24 32.35
CA THR B 284 1.53 25.93 33.41
C THR B 284 2.96 26.31 33.06
N ASP B 285 3.63 25.55 32.20
CA ASP B 285 5.02 25.84 31.86
C ASP B 285 5.34 25.32 30.47
N ALA B 286 6.41 25.86 29.90
CA ALA B 286 6.84 25.48 28.56
C ALA B 286 8.35 25.63 28.44
N VAL B 287 8.91 24.93 27.47
CA VAL B 287 10.35 24.92 27.22
C VAL B 287 10.60 25.11 25.73
N ASP B 288 11.55 25.98 25.39
CA ASP B 288 11.94 26.21 24.01
C ASP B 288 13.14 25.35 23.66
N CYS B 289 13.08 24.71 22.48
CA CYS B 289 14.11 23.75 22.08
C CYS B 289 15.37 24.43 21.53
N ALA B 290 15.31 25.70 21.17
CA ALA B 290 16.40 26.34 20.43
C ALA B 290 16.98 27.54 21.16
N LEU B 291 17.04 27.49 22.49
CA LEU B 291 17.65 28.56 23.26
C LEU B 291 19.07 28.21 23.70
N ASP B 292 19.24 27.12 24.43
CA ASP B 292 20.52 26.71 24.97
C ASP B 292 20.62 25.19 24.92
N PRO B 293 21.84 24.64 25.00
CA PRO B 293 21.97 23.18 25.00
C PRO B 293 21.22 22.51 26.13
N LEU B 294 21.07 23.17 27.29
CA LEU B 294 20.31 22.56 28.38
C LEU B 294 18.85 22.35 28.00
N SER B 295 18.22 23.38 27.42
CA SER B 295 16.84 23.22 26.96
C SER B 295 16.76 22.23 25.81
N GLU B 296 17.77 22.22 24.94
CA GLU B 296 17.84 21.22 23.88
C GLU B 296 17.78 19.81 24.45
N THR B 297 18.61 19.56 25.47
CA THR B 297 18.63 18.24 26.11
C THR B 297 17.29 17.95 26.79
N LYS B 298 16.70 18.97 27.45
CA LYS B 298 15.42 18.77 28.12
C LYS B 298 14.36 18.31 27.14
N CYS B 299 14.20 19.03 26.03
CA CYS B 299 13.16 18.69 25.08
C CYS B 299 13.55 17.53 24.18
N THR B 300 14.82 17.11 24.19
CA THR B 300 15.19 15.84 23.57
C THR B 300 14.77 14.68 24.45
N LEU B 301 14.97 14.79 25.76
CA LEU B 301 14.63 13.72 26.69
C LEU B 301 13.16 13.72 27.08
N LYS B 302 12.41 14.76 26.71
CA LYS B 302 10.96 14.79 26.90
C LYS B 302 10.58 14.78 28.38
N SER B 303 11.28 15.58 29.17
CA SER B 303 10.96 15.72 30.59
C SER B 303 11.53 17.04 31.10
N PHE B 304 10.96 17.53 32.19
CA PHE B 304 11.42 18.76 32.81
C PHE B 304 12.57 18.56 33.78
N THR B 305 12.91 17.32 34.11
CA THR B 305 13.99 17.01 35.03
C THR B 305 14.97 16.07 34.34
N VAL B 306 16.27 16.36 34.50
CA VAL B 306 17.33 15.61 33.85
C VAL B 306 18.26 15.07 34.91
N GLU B 307 18.59 13.78 34.82
CA GLU B 307 19.54 13.16 35.73
C GLU B 307 20.96 13.34 35.22
N LYS B 308 21.93 13.11 36.10
CA LYS B 308 23.33 13.26 35.74
C LYS B 308 23.72 12.22 34.69
N GLY B 309 24.46 12.68 33.68
CA GLY B 309 24.92 11.79 32.64
C GLY B 309 25.37 12.59 31.42
N ILE B 310 25.62 11.85 30.34
CA ILE B 310 26.04 12.42 29.06
C ILE B 310 25.06 11.95 27.99
N TYR B 311 24.62 12.88 27.15
CA TYR B 311 23.60 12.61 26.16
C TYR B 311 23.98 13.22 24.83
N GLN B 312 23.61 12.55 23.74
CA GLN B 312 23.85 13.04 22.39
C GLN B 312 22.58 13.71 21.88
N THR B 313 22.70 14.95 21.41
CA THR B 313 21.54 15.74 21.00
C THR B 313 21.34 15.76 19.50
N SER B 314 22.33 16.23 18.73
CA SER B 314 22.17 16.38 17.29
C SER B 314 23.55 16.39 16.64
N ASN B 315 23.59 16.79 15.37
CA ASN B 315 24.81 16.82 14.59
C ASN B 315 25.13 18.24 14.18
N PHE B 316 26.39 18.46 13.79
CA PHE B 316 26.81 19.73 13.22
C PHE B 316 27.50 19.48 11.89
N ARG B 317 27.23 20.35 10.92
CA ARG B 317 27.91 20.35 9.64
C ARG B 317 28.06 21.79 9.17
N VAL B 318 29.28 22.14 8.77
CA VAL B 318 29.55 23.50 8.34
C VAL B 318 28.83 23.79 7.03
N GLN B 319 28.50 25.08 6.81
CA GLN B 319 27.66 25.38 5.66
C GLN B 319 28.40 26.25 4.66
N PRO B 320 28.03 26.18 3.38
CA PRO B 320 28.75 26.97 2.36
C PRO B 320 28.43 28.45 2.45
N THR B 321 29.23 29.25 1.75
CA THR B 321 29.10 30.70 1.75
C THR B 321 28.82 31.27 0.35
N GLU B 322 29.56 30.80 -0.65
CA GLU B 322 29.52 31.41 -1.99
C GLU B 322 29.21 30.34 -3.04
N SER B 323 29.24 30.76 -4.30
CA SER B 323 28.96 29.87 -5.42
C SER B 323 29.82 30.26 -6.61
N ILE B 324 30.07 29.29 -7.49
CA ILE B 324 30.87 29.47 -8.70
C ILE B 324 30.14 28.82 -9.86
N VAL B 325 30.04 29.54 -10.98
CA VAL B 325 29.29 29.09 -12.15
C VAL B 325 30.21 29.09 -13.37
N ARG B 326 31.46 28.67 -13.17
CA ARG B 326 32.47 28.72 -14.22
C ARG B 326 32.04 27.90 -15.44
N PHE B 327 32.06 28.54 -16.61
CA PHE B 327 31.62 27.97 -17.89
C PHE B 327 32.64 28.23 -18.98
N PRO B 328 32.56 27.51 -20.11
CA PRO B 328 33.38 27.86 -21.27
C PRO B 328 33.07 29.27 -21.79
N ASN B 329 33.84 29.70 -22.79
CA ASN B 329 33.78 31.09 -23.23
C ASN B 329 33.17 31.27 -24.61
N ILE B 330 33.38 30.34 -25.54
CA ILE B 330 32.90 30.51 -26.90
C ILE B 330 31.38 30.54 -26.91
N THR B 331 30.80 31.43 -27.72
CA THR B 331 29.37 31.66 -27.74
C THR B 331 28.71 31.28 -29.06
N ASN B 332 29.15 31.88 -30.18
CA ASN B 332 28.54 31.69 -31.49
C ASN B 332 27.02 31.89 -31.46
N LEU B 333 26.30 31.25 -32.38
CA LEU B 333 24.85 31.34 -32.46
C LEU B 333 24.28 30.26 -33.36
N CYS B 334 23.26 29.55 -32.90
CA CYS B 334 22.73 28.42 -33.64
C CYS B 334 21.78 28.91 -34.74
N PRO B 335 21.72 28.19 -35.87
CA PRO B 335 20.89 28.61 -37.01
C PRO B 335 19.47 28.06 -36.94
N PHE B 336 18.69 28.54 -35.97
CA PHE B 336 17.30 28.11 -35.85
C PHE B 336 16.39 28.80 -36.86
N GLY B 337 16.83 29.93 -37.43
CA GLY B 337 16.01 30.62 -38.41
C GLY B 337 15.77 29.78 -39.65
N GLU B 338 16.81 29.12 -40.15
CA GLU B 338 16.64 28.24 -41.30
C GLU B 338 15.91 26.96 -40.91
N VAL B 339 15.97 26.58 -39.64
CA VAL B 339 15.24 25.39 -39.19
C VAL B 339 13.74 25.65 -39.22
N PHE B 340 13.31 26.80 -38.70
CA PHE B 340 11.89 27.05 -38.50
C PHE B 340 11.24 27.86 -39.60
N ASN B 341 11.95 28.79 -40.23
CA ASN B 341 11.37 29.67 -41.25
C ASN B 341 11.56 29.13 -42.66
N ALA B 342 12.06 27.90 -42.80
CA ALA B 342 12.30 27.33 -44.11
C ALA B 342 11.00 27.20 -44.90
N THR B 343 11.07 27.51 -46.19
CA THR B 343 9.89 27.44 -47.04
C THR B 343 9.54 25.99 -47.36
N ARG B 344 10.54 25.17 -47.66
CA ARG B 344 10.33 23.79 -48.07
C ARG B 344 10.83 22.85 -46.99
N PHE B 345 9.95 22.01 -46.48
CA PHE B 345 10.28 20.98 -45.51
C PHE B 345 10.51 19.66 -46.25
N ALA B 346 10.62 18.57 -45.49
CA ALA B 346 10.91 17.25 -46.05
C ALA B 346 9.66 16.38 -46.04
N SER B 347 9.69 15.34 -46.86
CA SER B 347 8.57 14.41 -46.93
C SER B 347 8.68 13.33 -45.86
N VAL B 348 7.72 12.41 -45.87
CA VAL B 348 7.64 11.39 -44.82
C VAL B 348 8.82 10.43 -44.91
N TYR B 349 9.11 9.91 -46.10
CA TYR B 349 10.12 8.87 -46.22
C TYR B 349 11.54 9.42 -46.16
N ALA B 350 11.76 10.64 -46.66
CA ALA B 350 13.12 11.15 -46.82
C ALA B 350 13.38 12.34 -45.90
N TRP B 351 12.98 12.23 -44.64
CA TRP B 351 13.14 13.33 -43.70
C TRP B 351 14.61 13.66 -43.49
N ASN B 352 14.89 14.96 -43.32
CA ASN B 352 16.25 15.47 -43.29
C ASN B 352 16.81 15.37 -41.88
N ARG B 353 18.12 15.19 -41.77
CA ARG B 353 18.84 15.17 -40.49
C ARG B 353 19.72 16.40 -40.41
N LYS B 354 19.58 17.17 -39.33
CA LYS B 354 20.37 18.37 -39.11
C LYS B 354 21.16 18.24 -37.82
N ARG B 355 22.43 18.61 -37.87
CA ARG B 355 23.35 18.47 -36.74
C ARG B 355 23.91 19.83 -36.36
N ILE B 356 23.78 20.19 -35.09
CA ILE B 356 24.10 21.53 -34.60
C ILE B 356 25.00 21.41 -33.39
N SER B 357 26.01 22.28 -33.31
CA SER B 357 26.87 22.37 -32.13
C SER B 357 27.66 23.67 -32.21
N ASN B 358 28.45 23.91 -31.16
CA ASN B 358 29.33 25.08 -31.07
C ASN B 358 28.55 26.37 -31.28
N CYS B 359 27.50 26.54 -30.50
CA CYS B 359 26.66 27.74 -30.55
C CYS B 359 25.80 27.76 -29.30
N VAL B 360 24.94 28.79 -29.21
CA VAL B 360 24.03 28.94 -28.09
C VAL B 360 22.60 28.88 -28.60
N ALA B 361 21.77 28.09 -27.92
CA ALA B 361 20.37 27.91 -28.31
C ALA B 361 19.51 28.62 -27.26
N ASP B 362 19.08 29.84 -27.59
CA ASP B 362 18.25 30.64 -26.69
C ASP B 362 16.84 30.06 -26.71
N TYR B 363 16.58 29.16 -25.76
CA TYR B 363 15.27 28.54 -25.63
C TYR B 363 14.27 29.45 -24.91
N SER B 364 14.73 30.57 -24.34
CA SER B 364 13.84 31.52 -23.69
C SER B 364 12.83 32.11 -24.66
N VAL B 365 13.20 32.28 -25.92
CA VAL B 365 12.26 32.77 -26.94
C VAL B 365 11.55 31.54 -27.49
N LEU B 366 10.58 31.06 -26.73
CA LEU B 366 9.77 29.92 -27.13
C LEU B 366 8.28 30.15 -27.01
N TYR B 367 7.83 31.00 -26.08
CA TYR B 367 6.41 31.33 -25.95
C TYR B 367 6.08 32.57 -26.79
N ASN B 368 6.57 32.56 -28.03
CA ASN B 368 6.46 33.74 -28.89
C ASN B 368 6.12 33.38 -30.33
N SER B 369 5.91 32.10 -30.63
CA SER B 369 5.65 31.65 -31.98
C SER B 369 4.20 31.20 -32.10
N ALA B 370 3.86 30.65 -33.26
CA ALA B 370 2.59 29.95 -33.39
C ALA B 370 2.49 28.89 -32.32
N SER B 371 1.50 29.06 -31.43
CA SER B 371 1.43 28.31 -30.19
C SER B 371 1.53 26.82 -30.43
N PHE B 372 2.61 26.22 -29.95
CA PHE B 372 2.80 24.79 -30.07
C PHE B 372 1.67 24.01 -29.40
N SER B 373 0.90 23.30 -30.22
CA SER B 373 -0.12 22.40 -29.71
C SER B 373 0.48 21.23 -28.93
N THR B 374 1.68 20.80 -29.31
CA THR B 374 2.39 19.71 -28.66
C THR B 374 3.64 20.28 -28.00
N PHE B 375 3.78 20.07 -26.69
CA PHE B 375 4.98 20.48 -25.97
C PHE B 375 5.31 19.32 -25.04
N LYS B 376 4.97 18.12 -25.49
CA LYS B 376 5.23 16.86 -24.81
C LYS B 376 6.74 16.62 -24.78
N CYS B 377 7.31 16.66 -23.58
CA CYS B 377 8.74 16.58 -23.36
C CYS B 377 9.07 15.52 -22.32
N TYR B 378 9.71 14.44 -22.74
CA TYR B 378 10.07 13.32 -21.87
C TYR B 378 11.54 13.38 -21.54
N GLY B 379 11.88 12.87 -20.34
CA GLY B 379 13.22 12.96 -19.81
C GLY B 379 13.64 14.37 -19.47
N VAL B 380 12.73 15.34 -19.62
CA VAL B 380 13.05 16.75 -19.53
C VAL B 380 11.78 17.48 -19.13
N SER B 381 11.91 18.43 -18.19
CA SER B 381 10.83 19.36 -17.86
C SER B 381 11.05 20.66 -18.61
N PRO B 382 10.27 20.98 -19.65
CA PRO B 382 10.66 22.03 -20.59
C PRO B 382 10.48 23.45 -20.09
N THR B 383 9.70 23.65 -19.03
CA THR B 383 9.39 25.01 -18.56
C THR B 383 10.63 25.61 -17.92
N LYS B 384 11.23 26.56 -18.64
CA LYS B 384 12.34 27.40 -18.15
C LYS B 384 13.40 26.54 -17.44
N LEU B 385 13.97 25.60 -18.18
CA LEU B 385 15.08 24.77 -17.68
C LEU B 385 16.12 24.55 -18.77
N ASN B 386 16.57 25.63 -19.40
CA ASN B 386 17.53 25.57 -20.48
C ASN B 386 18.98 25.72 -20.01
N ASP B 387 19.27 25.23 -18.80
CA ASP B 387 20.54 25.49 -18.13
C ASP B 387 21.52 24.31 -18.21
N LEU B 388 21.29 23.38 -19.13
CA LEU B 388 22.10 22.16 -19.22
C LEU B 388 22.89 22.15 -20.52
N CYS B 389 24.08 21.54 -20.48
CA CYS B 389 24.94 21.43 -21.64
C CYS B 389 24.84 20.02 -22.22
N PHE B 390 24.34 19.92 -23.44
CA PHE B 390 24.23 18.67 -24.16
C PHE B 390 25.49 18.45 -25.00
N THR B 391 25.66 17.22 -25.47
CA THR B 391 26.80 16.90 -26.33
C THR B 391 26.59 17.45 -27.74
N ASN B 392 25.57 16.97 -28.44
CA ASN B 392 25.26 17.38 -29.80
C ASN B 392 23.78 17.18 -30.06
N VAL B 393 23.31 17.78 -31.15
CA VAL B 393 21.90 17.74 -31.54
C VAL B 393 21.79 17.11 -32.91
N TYR B 394 20.92 16.11 -33.04
CA TYR B 394 20.55 15.53 -34.32
C TYR B 394 19.10 15.90 -34.61
N ALA B 395 18.90 17.05 -35.26
CA ALA B 395 17.57 17.57 -35.56
C ALA B 395 17.03 16.87 -36.80
N ASP B 396 15.78 16.45 -36.73
CA ASP B 396 15.12 15.70 -37.81
C ASP B 396 13.77 16.37 -38.09
N SER B 397 13.50 16.65 -39.36
CA SER B 397 12.30 17.39 -39.75
C SER B 397 11.61 16.73 -40.94
N PHE B 398 10.28 16.82 -40.94
CA PHE B 398 9.44 16.28 -42.01
C PHE B 398 8.02 16.77 -41.81
N VAL B 399 7.14 16.36 -42.73
CA VAL B 399 5.74 16.78 -42.74
C VAL B 399 4.85 15.54 -42.84
N ILE B 400 3.77 15.52 -42.05
CA ILE B 400 2.80 14.44 -42.01
C ILE B 400 1.39 15.03 -41.95
N ARG B 401 0.40 14.14 -41.98
CA ARG B 401 -1.00 14.54 -41.96
C ARG B 401 -1.44 14.88 -40.53
N GLY B 402 -2.73 15.21 -40.40
CA GLY B 402 -3.23 15.66 -39.11
C GLY B 402 -3.68 14.53 -38.20
N ASP B 403 -4.06 13.38 -38.77
CA ASP B 403 -4.62 12.30 -37.97
C ASP B 403 -3.58 11.66 -37.06
N GLU B 404 -2.31 11.78 -37.40
CA GLU B 404 -1.25 11.17 -36.60
C GLU B 404 -0.58 12.13 -35.63
N VAL B 405 -1.18 13.30 -35.37
CA VAL B 405 -0.62 14.20 -34.38
C VAL B 405 -0.53 13.51 -33.03
N ARG B 406 -1.55 12.74 -32.67
CA ARG B 406 -1.47 11.88 -31.49
C ARG B 406 -0.51 10.72 -31.71
N GLN B 407 -0.40 10.23 -32.95
CA GLN B 407 0.48 9.08 -33.20
C GLN B 407 1.94 9.46 -33.04
N ILE B 408 2.25 10.75 -33.05
CA ILE B 408 3.60 11.21 -32.68
C ILE B 408 3.63 11.25 -31.16
N ALA B 409 4.02 10.13 -30.58
CA ALA B 409 4.12 9.89 -29.14
C ALA B 409 4.73 8.51 -28.90
N PRO B 410 5.47 8.31 -27.81
CA PRO B 410 5.94 6.95 -27.50
C PRO B 410 4.77 6.02 -27.23
N GLY B 411 4.80 4.85 -27.86
CA GLY B 411 3.70 3.90 -27.72
C GLY B 411 2.50 4.23 -28.57
N GLN B 412 2.71 4.48 -29.85
CA GLN B 412 1.62 4.75 -30.79
C GLN B 412 1.85 3.93 -32.05
N THR B 413 0.76 3.52 -32.70
CA THR B 413 0.80 2.64 -33.85
C THR B 413 0.13 3.31 -35.04
N GLY B 414 0.58 2.95 -36.24
CA GLY B 414 0.03 3.49 -37.46
C GLY B 414 0.86 3.02 -38.62
N LYS B 415 0.55 3.56 -39.81
CA LYS B 415 1.37 3.26 -40.98
C LYS B 415 2.79 3.73 -40.76
N ILE B 416 2.97 4.93 -40.21
CA ILE B 416 4.31 5.40 -39.88
C ILE B 416 4.98 4.44 -38.91
N ALA B 417 4.30 4.07 -37.83
CA ALA B 417 4.92 3.28 -36.78
C ALA B 417 5.36 1.92 -37.31
N ASP B 418 4.52 1.26 -38.10
CA ASP B 418 4.80 -0.10 -38.52
C ASP B 418 5.63 -0.20 -39.79
N TYR B 419 5.60 0.81 -40.67
CA TYR B 419 6.28 0.72 -41.95
C TYR B 419 7.20 1.88 -42.28
N ASN B 420 6.92 3.09 -41.78
CA ASN B 420 7.60 4.28 -42.25
C ASN B 420 8.54 4.91 -41.21
N TYR B 421 8.12 4.99 -39.95
CA TYR B 421 8.88 5.77 -38.97
C TYR B 421 8.61 5.24 -37.57
N LYS B 422 9.68 4.88 -36.86
CA LYS B 422 9.59 4.34 -35.52
C LYS B 422 10.35 5.23 -34.54
N LEU B 423 9.75 5.49 -33.38
CA LEU B 423 10.30 6.31 -32.31
C LEU B 423 10.69 5.45 -31.12
N PRO B 424 11.72 5.84 -30.37
CA PRO B 424 12.07 5.11 -29.16
C PRO B 424 11.06 5.32 -28.04
N ASP B 425 10.96 4.33 -27.17
CA ASP B 425 10.10 4.45 -26.00
C ASP B 425 10.81 5.18 -24.87
N ASP B 426 12.12 5.38 -25.01
CA ASP B 426 12.93 6.09 -24.03
C ASP B 426 13.42 7.44 -24.54
N PHE B 427 12.74 8.01 -25.53
CA PHE B 427 13.18 9.26 -26.12
C PHE B 427 13.22 10.39 -25.10
N THR B 428 14.29 11.17 -25.14
CA THR B 428 14.44 12.35 -24.30
C THR B 428 14.60 13.57 -25.19
N GLY B 429 13.75 14.57 -24.97
CA GLY B 429 13.78 15.77 -25.78
C GLY B 429 12.43 16.47 -25.75
N CYS B 430 12.24 17.38 -26.70
CA CYS B 430 11.04 18.19 -26.77
C CYS B 430 10.50 18.19 -28.19
N VAL B 431 9.19 18.40 -28.29
CA VAL B 431 8.47 18.38 -29.56
C VAL B 431 7.69 19.68 -29.68
N ILE B 432 7.65 20.26 -30.88
CA ILE B 432 6.87 21.46 -31.16
C ILE B 432 6.11 21.23 -32.46
N ALA B 433 4.81 21.46 -32.44
CA ALA B 433 3.94 21.29 -33.61
C ALA B 433 2.98 22.47 -33.70
N TRP B 434 2.56 22.80 -34.92
CA TRP B 434 1.71 23.95 -35.16
C TRP B 434 1.11 23.87 -36.56
N ASN B 435 0.09 24.70 -36.80
CA ASN B 435 -0.61 24.68 -38.07
C ASN B 435 0.00 25.68 -39.03
N SER B 436 0.05 25.30 -40.32
CA SER B 436 0.60 26.14 -41.37
C SER B 436 -0.31 26.09 -42.60
N ASN B 437 -1.61 26.33 -42.39
CA ASN B 437 -2.59 26.20 -43.46
C ASN B 437 -2.37 27.17 -44.62
N ASN B 438 -2.10 28.45 -44.33
CA ASN B 438 -2.06 29.46 -45.37
C ASN B 438 -0.91 29.30 -46.36
N LEU B 439 0.07 28.44 -46.06
CA LEU B 439 1.20 28.22 -46.97
C LEU B 439 1.33 26.79 -47.44
N ASP B 440 0.55 25.84 -46.93
CA ASP B 440 0.67 24.44 -47.30
C ASP B 440 -0.57 23.92 -48.03
N SER B 441 -1.46 24.82 -48.45
CA SER B 441 -2.70 24.43 -49.09
C SER B 441 -2.89 25.18 -50.40
N LYS B 442 -3.11 24.43 -51.47
CA LYS B 442 -3.40 24.99 -52.78
C LYS B 442 -4.53 24.22 -53.42
N VAL B 443 -5.45 24.95 -54.05
CA VAL B 443 -6.68 24.36 -54.57
C VAL B 443 -6.37 23.30 -55.62
N GLY B 444 -5.25 23.45 -56.34
CA GLY B 444 -4.88 22.48 -57.35
C GLY B 444 -4.64 21.08 -56.85
N GLY B 445 -3.94 20.93 -55.72
CA GLY B 445 -3.68 19.62 -55.18
C GLY B 445 -2.23 19.39 -54.79
N ASN B 446 -2.00 18.76 -53.64
CA ASN B 446 -0.66 18.47 -53.15
C ASN B 446 -0.52 16.95 -53.01
N TYR B 447 0.38 16.37 -53.82
CA TYR B 447 0.68 14.95 -53.76
C TYR B 447 2.08 14.68 -53.24
N ASN B 448 2.69 15.65 -52.55
CA ASN B 448 4.08 15.50 -52.09
C ASN B 448 4.22 14.34 -51.10
N TYR B 449 3.56 14.45 -49.95
CA TYR B 449 3.78 13.49 -48.88
C TYR B 449 3.08 12.17 -49.17
N LEU B 450 3.67 11.08 -48.69
CA LEU B 450 3.26 9.73 -49.05
C LEU B 450 3.45 8.81 -47.85
N PHE B 451 2.52 7.87 -47.68
CA PHE B 451 2.65 6.84 -46.67
C PHE B 451 2.90 5.49 -47.32
N ARG B 452 3.06 4.48 -46.48
CA ARG B 452 3.31 3.11 -46.91
C ARG B 452 2.30 2.19 -46.25
N LEU B 453 1.18 1.96 -46.92
CA LEU B 453 0.11 1.14 -46.38
C LEU B 453 0.44 -0.34 -46.34
N PHE B 454 1.34 -0.82 -47.21
CA PHE B 454 1.84 -2.18 -47.15
C PHE B 454 3.36 -2.17 -47.19
N ARG B 455 3.96 -3.14 -46.49
CA ARG B 455 5.41 -3.29 -46.41
C ARG B 455 5.71 -4.61 -45.74
N LYS B 456 7.01 -4.93 -45.62
CA LYS B 456 7.41 -6.23 -45.10
C LYS B 456 7.49 -6.23 -43.58
N SER B 457 8.32 -5.37 -42.99
CA SER B 457 8.62 -5.43 -41.58
C SER B 457 8.42 -4.07 -40.93
N ASN B 458 8.78 -4.00 -39.65
CA ASN B 458 8.63 -2.76 -38.89
C ASN B 458 9.99 -2.13 -38.62
N LEU B 459 10.00 -0.81 -38.47
CA LEU B 459 11.24 -0.09 -38.24
C LEU B 459 11.62 -0.14 -36.77
N LYS B 460 12.83 0.37 -36.48
CA LYS B 460 13.34 0.34 -35.13
C LYS B 460 13.51 1.79 -34.63
N PRO B 461 13.67 1.97 -33.31
CA PRO B 461 13.72 3.33 -32.76
C PRO B 461 14.83 4.18 -33.37
N PHE B 462 14.50 5.44 -33.65
CA PHE B 462 15.45 6.43 -34.17
C PHE B 462 16.15 5.92 -35.43
N GLU B 463 15.36 5.28 -36.30
CA GLU B 463 15.88 4.68 -37.52
C GLU B 463 15.28 5.41 -38.72
N ARG B 464 16.08 5.55 -39.77
CA ARG B 464 15.67 6.24 -40.99
C ARG B 464 15.59 5.25 -42.14
N ASP B 465 14.45 5.26 -42.83
CA ASP B 465 14.26 4.50 -44.05
C ASP B 465 13.83 5.46 -45.15
N ILE B 466 14.67 5.62 -46.17
CA ILE B 466 14.43 6.58 -47.24
C ILE B 466 14.16 5.82 -48.53
N SER B 467 13.62 4.61 -48.41
CA SER B 467 13.40 3.76 -49.57
C SER B 467 12.24 4.27 -50.42
N THR B 468 12.42 4.21 -51.74
CA THR B 468 11.35 4.49 -52.69
C THR B 468 11.09 3.27 -53.58
N GLU B 469 11.46 2.09 -53.11
CA GLU B 469 11.35 0.88 -53.92
C GLU B 469 9.90 0.44 -54.05
N ILE B 470 9.50 0.10 -55.28
CA ILE B 470 8.12 -0.23 -55.56
C ILE B 470 7.70 -1.47 -54.77
N TYR B 471 6.48 -1.44 -54.23
CA TYR B 471 5.98 -2.53 -53.40
C TYR B 471 5.57 -3.72 -54.25
N GLN B 472 5.71 -4.92 -53.68
CA GLN B 472 5.23 -6.16 -54.27
C GLN B 472 4.19 -6.76 -53.35
N ALA B 473 3.00 -7.03 -53.91
CA ALA B 473 1.86 -7.38 -53.07
C ALA B 473 1.67 -8.89 -52.92
N GLY B 474 1.47 -9.60 -54.03
CA GLY B 474 0.97 -10.95 -53.98
C GLY B 474 1.90 -12.01 -54.57
N SER B 475 1.27 -13.11 -54.97
CA SER B 475 2.02 -14.31 -55.36
C SER B 475 2.65 -14.16 -56.74
N THR B 476 1.85 -13.84 -57.76
CA THR B 476 2.36 -13.77 -59.11
C THR B 476 3.40 -12.67 -59.21
N PRO B 477 4.62 -12.97 -59.67
CA PRO B 477 5.66 -11.94 -59.74
C PRO B 477 5.27 -10.81 -60.68
N CYS B 478 5.59 -9.59 -60.26
CA CYS B 478 5.31 -8.42 -61.09
C CYS B 478 6.41 -8.16 -62.12
N ASN B 479 7.56 -8.83 -61.98
CA ASN B 479 8.68 -8.68 -62.91
C ASN B 479 9.15 -7.23 -63.03
N GLY B 480 9.06 -6.48 -61.94
CA GLY B 480 9.50 -5.10 -61.94
C GLY B 480 8.59 -4.15 -62.70
N VAL B 481 7.32 -4.52 -62.85
CA VAL B 481 6.35 -3.66 -63.52
C VAL B 481 5.00 -3.88 -62.86
N GLU B 482 4.18 -2.83 -62.82
CA GLU B 482 2.90 -2.91 -62.16
C GLU B 482 1.94 -3.81 -62.93
N GLY B 483 0.85 -4.17 -62.26
CA GLY B 483 -0.13 -5.07 -62.85
C GLY B 483 -0.89 -5.80 -61.77
N PHE B 484 -0.96 -7.11 -61.91
CA PHE B 484 -1.57 -7.93 -60.88
C PHE B 484 -0.67 -8.01 -59.65
N ASN B 485 -1.28 -7.81 -58.47
CA ASN B 485 -0.61 -8.01 -57.18
C ASN B 485 0.57 -7.08 -57.00
N CYS B 486 0.40 -5.79 -57.30
CA CYS B 486 1.42 -4.79 -57.03
C CYS B 486 0.77 -3.43 -56.87
N TYR B 487 1.28 -2.63 -55.92
CA TYR B 487 0.79 -1.28 -55.66
C TYR B 487 1.98 -0.36 -55.48
N PHE B 488 1.73 0.94 -55.62
CA PHE B 488 2.78 1.91 -55.33
C PHE B 488 3.03 1.96 -53.83
N PRO B 489 4.27 1.75 -53.38
CA PRO B 489 4.54 1.74 -51.94
C PRO B 489 4.26 3.07 -51.27
N LEU B 490 4.51 4.18 -51.94
CA LEU B 490 4.32 5.51 -51.39
C LEU B 490 3.00 6.08 -51.90
N GLN B 491 2.01 6.14 -51.01
CA GLN B 491 0.64 6.45 -51.40
C GLN B 491 0.34 7.91 -51.12
N SER B 492 0.01 8.64 -52.17
CA SER B 492 -0.30 10.06 -52.08
C SER B 492 -1.67 10.27 -51.45
N TYR B 493 -1.86 11.44 -50.85
CA TYR B 493 -3.14 11.74 -50.23
C TYR B 493 -4.01 12.59 -51.15
N GLY B 494 -3.39 13.22 -52.14
CA GLY B 494 -4.08 14.19 -52.96
C GLY B 494 -4.58 15.35 -52.13
N PHE B 495 -3.66 16.04 -51.45
CA PHE B 495 -4.04 17.07 -50.51
C PHE B 495 -4.77 18.21 -51.22
N GLN B 496 -5.83 18.70 -50.56
CA GLN B 496 -6.74 19.68 -51.13
C GLN B 496 -7.31 20.49 -49.99
N PRO B 497 -7.17 21.83 -50.02
CA PRO B 497 -7.58 22.64 -48.86
C PRO B 497 -9.06 22.54 -48.53
N THR B 498 -9.90 22.14 -49.47
CA THR B 498 -11.35 22.12 -49.22
C THR B 498 -11.78 20.99 -48.29
N ASN B 499 -10.85 20.17 -47.81
CA ASN B 499 -11.24 19.01 -47.01
C ASN B 499 -11.23 19.37 -45.52
N GLY B 500 -11.31 18.33 -44.68
CA GLY B 500 -11.67 18.48 -43.28
C GLY B 500 -10.60 19.14 -42.42
N VAL B 501 -10.93 19.24 -41.13
CA VAL B 501 -10.09 19.98 -40.19
C VAL B 501 -9.10 19.04 -39.50
N GLY B 502 -9.53 17.84 -39.13
CA GLY B 502 -8.58 16.82 -38.74
C GLY B 502 -7.64 16.47 -39.87
N TYR B 503 -8.05 16.79 -41.09
CA TYR B 503 -7.27 16.70 -42.31
C TYR B 503 -6.28 17.85 -42.48
N GLN B 504 -6.46 18.93 -41.72
CA GLN B 504 -5.60 20.11 -41.86
C GLN B 504 -4.13 19.73 -41.62
N PRO B 505 -3.26 20.02 -42.59
CA PRO B 505 -1.83 19.74 -42.40
C PRO B 505 -1.22 20.60 -41.29
N TYR B 506 -0.18 20.04 -40.67
CA TYR B 506 0.56 20.72 -39.61
C TYR B 506 2.05 20.59 -39.88
N ARG B 507 2.85 21.46 -39.28
CA ARG B 507 4.30 21.36 -39.34
C ARG B 507 4.85 20.90 -38.00
N VAL B 508 5.78 19.96 -38.04
CA VAL B 508 6.30 19.29 -36.85
C VAL B 508 7.82 19.32 -36.90
N VAL B 509 8.44 19.62 -35.76
CA VAL B 509 9.89 19.60 -35.60
C VAL B 509 10.21 18.78 -34.35
N VAL B 510 11.14 17.85 -34.48
CA VAL B 510 11.53 16.95 -33.40
C VAL B 510 12.97 17.23 -33.03
N LEU B 511 13.23 17.43 -31.74
CA LEU B 511 14.56 17.74 -31.23
C LEU B 511 15.04 16.62 -30.33
N SER B 512 16.32 16.28 -30.44
CA SER B 512 16.95 15.26 -29.61
C SER B 512 18.23 15.84 -29.01
N PHE B 513 18.61 15.35 -27.83
CA PHE B 513 19.80 15.80 -27.14
C PHE B 513 20.69 14.62 -26.79
N GLU B 514 21.99 14.89 -26.65
CA GLU B 514 23.00 13.86 -26.47
C GLU B 514 23.83 14.16 -25.23
N LEU B 515 24.24 13.09 -24.54
CA LEU B 515 25.05 13.20 -23.33
C LEU B 515 26.01 12.02 -23.28
N LEU B 516 27.31 12.30 -23.32
CA LEU B 516 28.37 11.30 -23.32
C LEU B 516 29.57 11.81 -22.55
N HIS B 517 30.68 11.06 -22.62
CA HIS B 517 31.95 11.48 -22.04
C HIS B 517 32.66 12.38 -23.04
N ALA B 518 32.04 13.51 -23.31
CA ALA B 518 32.48 14.49 -24.29
C ALA B 518 32.53 15.85 -23.63
N PRO B 519 33.33 16.78 -24.16
CA PRO B 519 33.35 18.13 -23.58
C PRO B 519 31.98 18.78 -23.56
N ALA B 520 31.16 18.57 -24.59
CA ALA B 520 29.77 19.01 -24.62
C ALA B 520 29.65 20.51 -24.31
N THR B 521 30.16 21.31 -25.24
CA THR B 521 30.21 22.76 -25.05
C THR B 521 29.00 23.49 -25.60
N VAL B 522 27.85 22.82 -25.69
CA VAL B 522 26.65 23.45 -26.23
C VAL B 522 25.61 23.62 -25.13
N CYS B 523 25.38 24.86 -24.72
CA CYS B 523 24.35 25.19 -23.73
C CYS B 523 24.11 26.69 -23.74
N GLY B 524 23.25 27.13 -22.82
CA GLY B 524 22.86 28.51 -22.74
C GLY B 524 24.02 29.42 -22.36
N PRO B 525 23.88 30.71 -22.64
CA PRO B 525 25.02 31.63 -22.43
C PRO B 525 25.42 31.77 -20.97
N LYS B 526 24.47 32.12 -20.10
CA LYS B 526 24.74 32.36 -18.69
C LYS B 526 25.84 33.41 -18.50
N LYS B 527 26.36 33.55 -17.28
CA LYS B 527 27.38 34.54 -16.98
C LYS B 527 28.54 33.85 -16.29
N SER B 528 29.73 33.95 -16.87
CA SER B 528 30.92 33.40 -16.24
C SER B 528 31.36 34.27 -15.06
N THR B 529 32.02 33.65 -14.10
CA THR B 529 32.44 34.32 -12.88
C THR B 529 33.89 34.00 -12.55
N ASN B 530 34.41 34.67 -11.52
CA ASN B 530 35.77 34.50 -11.08
C ASN B 530 35.92 33.21 -10.27
N LEU B 531 37.16 32.79 -10.09
CA LEU B 531 37.49 31.56 -9.36
C LEU B 531 38.12 31.92 -8.02
N VAL B 532 37.72 31.19 -6.97
CA VAL B 532 38.24 31.39 -5.62
C VAL B 532 38.61 30.04 -5.04
N LYS B 533 39.54 30.04 -4.09
CA LYS B 533 40.06 28.81 -3.51
C LYS B 533 40.09 28.90 -1.99
N ASN B 534 40.35 27.76 -1.36
CA ASN B 534 40.64 27.60 0.07
C ASN B 534 39.47 27.90 0.98
N LYS B 535 38.25 28.00 0.46
CA LYS B 535 37.06 28.17 1.28
C LYS B 535 35.95 27.33 0.69
N CYS B 536 35.41 26.41 1.48
CA CYS B 536 34.41 25.48 0.96
C CYS B 536 33.10 26.24 0.68
N VAL B 537 32.72 26.28 -0.59
CA VAL B 537 31.55 27.00 -1.06
C VAL B 537 30.84 26.13 -2.10
N ASN B 538 29.71 26.64 -2.60
CA ASN B 538 29.01 25.98 -3.69
C ASN B 538 29.80 26.17 -4.98
N PHE B 539 29.65 25.24 -5.91
CA PHE B 539 30.28 25.36 -7.22
C PHE B 539 29.38 24.76 -8.29
N ASN B 540 29.60 25.21 -9.53
CA ASN B 540 28.89 24.67 -10.69
C ASN B 540 29.88 24.70 -11.85
N PHE B 541 30.35 23.53 -12.26
CA PHE B 541 31.34 23.40 -13.33
C PHE B 541 30.68 22.70 -14.52
N ASN B 542 30.35 23.47 -15.55
CA ASN B 542 29.76 22.93 -16.78
C ASN B 542 28.52 22.09 -16.49
N GLY B 543 27.65 22.61 -15.61
CA GLY B 543 26.45 21.91 -15.22
C GLY B 543 26.60 20.95 -14.06
N LEU B 544 27.82 20.74 -13.58
CA LEU B 544 28.05 19.86 -12.44
C LEU B 544 28.11 20.70 -11.17
N THR B 545 27.16 20.49 -10.27
CA THR B 545 26.97 21.32 -9.10
C THR B 545 27.35 20.57 -7.84
N GLY B 546 27.82 21.30 -6.83
CA GLY B 546 28.16 20.71 -5.55
C GLY B 546 28.73 21.75 -4.62
N THR B 547 29.11 21.29 -3.43
CA THR B 547 29.75 22.13 -2.43
C THR B 547 31.01 21.45 -1.93
N GLY B 548 31.97 22.26 -1.51
CA GLY B 548 33.22 21.74 -1.00
C GLY B 548 34.34 22.74 -1.22
N VAL B 549 35.55 22.32 -0.84
CA VAL B 549 36.74 23.16 -0.94
C VAL B 549 37.59 22.64 -2.08
N LEU B 550 38.36 23.55 -2.69
CA LEU B 550 39.16 23.25 -3.87
C LEU B 550 40.63 23.52 -3.56
N THR B 551 41.50 22.64 -4.03
CA THR B 551 42.93 22.73 -3.77
C THR B 551 43.70 22.21 -4.98
N GLU B 552 44.99 22.55 -5.03
CA GLU B 552 45.87 22.12 -6.11
C GLU B 552 46.07 20.60 -6.05
N SER B 553 45.55 19.89 -7.06
CA SER B 553 45.68 18.45 -7.10
C SER B 553 46.92 18.04 -7.90
N ASN B 554 47.58 16.98 -7.44
CA ASN B 554 48.87 16.55 -7.98
C ASN B 554 48.75 15.38 -8.94
N LYS B 555 47.55 15.05 -9.38
CA LYS B 555 47.36 13.91 -10.27
C LYS B 555 47.97 14.19 -11.65
N LYS B 556 48.36 13.12 -12.33
CA LYS B 556 48.89 13.21 -13.68
C LYS B 556 47.80 12.89 -14.70
N PHE B 557 46.87 13.84 -14.85
CA PHE B 557 45.77 13.67 -15.79
C PHE B 557 46.28 13.59 -17.22
N LEU B 558 45.74 12.65 -17.98
CA LEU B 558 46.12 12.51 -19.37
C LEU B 558 45.27 13.46 -20.24
N PRO B 559 45.78 13.84 -21.41
CA PRO B 559 45.07 14.85 -22.23
C PRO B 559 43.66 14.45 -22.61
N PHE B 560 43.37 13.17 -22.80
CA PHE B 560 42.05 12.74 -23.22
C PHE B 560 41.08 12.55 -22.06
N GLN B 561 41.52 12.80 -20.84
CA GLN B 561 40.66 12.65 -19.66
C GLN B 561 40.07 14.01 -19.29
N GLN B 562 38.77 14.04 -19.03
CA GLN B 562 38.06 15.27 -18.68
C GLN B 562 37.94 15.45 -17.18
N PHE B 563 37.33 14.50 -16.48
CA PHE B 563 37.10 14.62 -15.04
C PHE B 563 37.43 13.31 -14.35
N GLY B 564 38.01 13.43 -13.15
CA GLY B 564 38.25 12.30 -12.29
C GLY B 564 37.09 12.08 -11.33
N ARG B 565 36.95 10.84 -10.90
CA ARG B 565 35.86 10.45 -10.01
C ARG B 565 36.37 9.36 -9.07
N ASP B 566 35.89 9.41 -7.83
CA ASP B 566 36.44 8.62 -6.73
C ASP B 566 35.86 7.20 -6.74
N ILE B 567 36.13 6.46 -5.66
CA ILE B 567 35.68 5.09 -5.52
C ILE B 567 34.17 4.98 -5.39
N ALA B 568 33.51 6.05 -4.96
CA ALA B 568 32.07 6.05 -4.75
C ALA B 568 31.33 6.74 -5.89
N ASP B 569 31.79 6.54 -7.13
CA ASP B 569 31.25 7.15 -8.35
C ASP B 569 30.76 8.59 -8.12
N THR B 570 31.62 9.39 -7.48
CA THR B 570 31.40 10.81 -7.32
C THR B 570 32.66 11.55 -7.74
N THR B 571 32.48 12.76 -8.25
CA THR B 571 33.60 13.52 -8.79
C THR B 571 34.57 13.90 -7.69
N ASP B 572 35.82 13.48 -7.83
CA ASP B 572 36.89 13.82 -6.90
C ASP B 572 37.76 14.95 -7.39
N ALA B 573 38.33 14.82 -8.58
CA ALA B 573 39.17 15.85 -9.17
C ALA B 573 38.61 16.22 -10.54
N VAL B 574 38.73 17.49 -10.89
CA VAL B 574 38.19 18.01 -12.14
C VAL B 574 39.26 18.82 -12.86
N ARG B 575 39.33 18.63 -14.18
CA ARG B 575 40.19 19.43 -15.03
C ARG B 575 39.47 20.72 -15.40
N ASP B 576 40.04 21.84 -14.98
CA ASP B 576 39.36 23.12 -15.03
C ASP B 576 39.12 23.56 -16.47
N PRO B 577 38.00 24.22 -16.75
CA PRO B 577 37.75 24.74 -18.10
C PRO B 577 38.50 26.05 -18.34
N GLN B 578 38.34 26.63 -19.53
CA GLN B 578 39.10 27.81 -19.93
C GLN B 578 40.59 27.53 -19.81
N THR B 579 41.21 27.99 -18.72
CA THR B 579 42.60 27.63 -18.43
C THR B 579 42.65 26.22 -17.86
N LEU B 580 43.63 25.44 -18.31
CA LEU B 580 43.66 24.01 -18.01
C LEU B 580 44.46 23.78 -16.73
N GLU B 581 43.74 23.53 -15.64
CA GLU B 581 44.33 23.09 -14.39
C GLU B 581 43.46 21.99 -13.81
N ILE B 582 43.96 21.37 -12.73
CA ILE B 582 43.26 20.28 -12.06
C ILE B 582 43.11 20.64 -10.59
N LEU B 583 41.89 20.46 -10.07
CA LEU B 583 41.59 20.76 -8.68
C LEU B 583 40.83 19.59 -8.08
N ASP B 584 41.01 19.38 -6.78
CA ASP B 584 40.32 18.30 -6.08
C ASP B 584 39.18 18.87 -5.24
N ILE B 585 38.24 18.00 -4.88
CA ILE B 585 37.06 18.39 -4.12
C ILE B 585 37.07 17.63 -2.80
N THR B 586 36.86 18.36 -1.71
CA THR B 586 36.78 17.77 -0.38
C THR B 586 35.66 18.48 0.37
N PRO B 587 34.54 17.81 0.67
CA PRO B 587 33.51 18.44 1.48
C PRO B 587 34.02 18.77 2.87
N CYS B 588 33.62 19.93 3.37
CA CYS B 588 34.15 20.44 4.63
C CYS B 588 33.50 19.75 5.82
N SER B 589 34.01 20.08 7.01
CA SER B 589 33.88 19.20 8.16
C SER B 589 32.44 19.10 8.67
N PHE B 590 32.18 18.02 9.41
CA PHE B 590 30.91 17.80 10.08
C PHE B 590 31.11 16.77 11.18
N GLY B 591 30.12 16.66 12.06
CA GLY B 591 30.21 15.70 13.14
C GLY B 591 29.03 15.81 14.08
N GLY B 592 29.14 15.10 15.21
CA GLY B 592 28.08 15.05 16.20
C GLY B 592 28.42 15.85 17.45
N VAL B 593 27.39 16.06 18.27
CA VAL B 593 27.48 16.90 19.46
C VAL B 593 26.88 16.15 20.63
N SER B 594 27.54 16.21 21.79
CA SER B 594 27.05 15.60 23.02
C SER B 594 27.17 16.59 24.17
N VAL B 595 26.37 16.39 25.20
CA VAL B 595 26.26 17.32 26.32
C VAL B 595 26.53 16.56 27.62
N ILE B 596 27.28 17.18 28.53
CA ILE B 596 27.58 16.61 29.83
C ILE B 596 27.03 17.54 30.91
N THR B 597 26.42 16.96 31.94
CA THR B 597 25.87 17.75 33.03
C THR B 597 25.64 16.88 34.26
N PRO B 598 25.81 17.44 35.46
CA PRO B 598 25.35 16.76 36.66
C PRO B 598 23.83 16.83 36.77
N GLY B 599 23.31 16.24 37.84
CA GLY B 599 21.87 16.26 38.06
C GLY B 599 21.34 17.67 38.16
N THR B 600 20.19 17.90 37.52
CA THR B 600 19.54 19.21 37.58
C THR B 600 19.11 19.57 38.99
N ASN B 601 19.02 18.59 39.89
CA ASN B 601 18.70 18.86 41.29
C ASN B 601 19.79 19.67 41.97
N THR B 602 20.98 19.75 41.38
CA THR B 602 22.11 20.44 41.99
C THR B 602 22.42 21.78 41.33
N SER B 603 22.66 21.80 40.02
CA SER B 603 23.08 23.02 39.34
C SER B 603 22.46 23.04 37.95
N ASN B 604 22.80 24.09 37.19
CA ASN B 604 22.25 24.29 35.85
C ASN B 604 23.31 24.78 34.86
N GLN B 605 24.57 24.42 35.07
CA GLN B 605 25.64 24.77 34.13
C GLN B 605 26.21 23.48 33.52
N VAL B 606 26.52 23.54 32.22
CA VAL B 606 26.86 22.35 31.45
C VAL B 606 28.16 22.58 30.70
N ALA B 607 28.62 21.53 30.04
CA ALA B 607 29.78 21.56 29.17
C ALA B 607 29.45 20.85 27.85
N VAL B 608 30.08 21.31 26.78
CA VAL B 608 29.76 20.87 25.43
C VAL B 608 31.01 20.31 24.78
N LEU B 609 30.88 19.12 24.18
CA LEU B 609 31.98 18.46 23.49
C LEU B 609 31.64 18.31 22.01
N TYR B 610 32.55 18.76 21.14
CA TYR B 610 32.46 18.51 19.71
C TYR B 610 33.33 17.30 19.38
N GLN B 611 32.88 16.49 18.43
CA GLN B 611 33.51 15.21 18.16
C GLN B 611 34.34 15.25 16.88
N GLY B 612 35.58 14.77 16.97
CA GLY B 612 36.39 14.50 15.80
C GLY B 612 36.71 15.69 14.92
N VAL B 613 37.13 16.80 15.51
CA VAL B 613 37.55 17.98 14.77
C VAL B 613 38.83 18.52 15.39
N ASN B 614 39.81 18.84 14.55
CA ASN B 614 41.00 19.55 15.01
C ASN B 614 40.54 20.89 15.56
N CYS B 615 40.90 21.18 16.80
CA CYS B 615 40.24 22.29 17.49
C CYS B 615 41.04 23.57 17.25
N THR B 616 42.09 23.47 16.43
CA THR B 616 42.68 24.65 15.83
C THR B 616 41.82 25.05 14.63
N GLU B 617 41.18 24.04 14.03
CA GLU B 617 40.24 24.24 12.94
C GLU B 617 38.81 24.40 13.47
N VAL B 618 38.66 24.36 14.80
CA VAL B 618 37.35 24.34 15.48
C VAL B 618 36.40 25.31 14.81
N PRO B 619 35.12 24.95 14.62
CA PRO B 619 34.19 25.84 13.91
C PRO B 619 34.26 27.30 14.30
N VAL B 620 34.11 27.61 15.59
CA VAL B 620 34.01 28.99 16.06
C VAL B 620 32.81 29.64 15.37
N ALA B 621 32.90 29.78 14.05
CA ALA B 621 31.78 30.12 13.17
C ALA B 621 31.31 31.56 13.37
N ILE B 622 30.58 32.09 12.39
CA ILE B 622 30.01 33.42 12.50
C ILE B 622 28.50 33.33 12.43
N HIS B 623 27.98 32.93 11.29
CA HIS B 623 26.53 32.75 11.17
C HIS B 623 26.12 31.42 10.57
N ALA B 624 26.85 30.94 9.56
CA ALA B 624 26.43 29.78 8.77
C ALA B 624 27.61 28.90 8.44
N ASP B 625 28.44 28.58 9.44
CA ASP B 625 29.58 27.70 9.23
C ASP B 625 29.46 26.50 10.15
N GLN B 626 28.22 26.14 10.48
CA GLN B 626 27.94 25.01 11.36
C GLN B 626 26.44 24.75 11.37
N LEU B 627 26.06 23.47 11.45
CA LEU B 627 24.64 23.12 11.48
C LEU B 627 24.00 23.45 12.82
N THR B 628 24.76 23.34 13.90
CA THR B 628 24.19 23.57 15.23
C THR B 628 23.64 25.00 15.31
N PRO B 629 22.40 25.17 15.78
CA PRO B 629 21.72 26.46 15.62
C PRO B 629 22.14 27.55 16.60
N THR B 630 23.30 28.14 16.36
CA THR B 630 23.66 29.46 16.87
C THR B 630 23.62 29.53 18.40
N TRP B 631 24.52 28.78 19.03
CA TRP B 631 24.85 29.02 20.43
C TRP B 631 26.37 29.05 20.59
N ARG B 632 27.03 29.85 19.76
CA ARG B 632 28.48 29.83 19.67
C ARG B 632 29.13 30.26 20.99
N VAL B 633 29.99 29.40 21.52
CA VAL B 633 30.90 29.73 22.62
C VAL B 633 32.26 29.16 22.26
N TYR B 634 33.30 29.97 22.43
CA TYR B 634 34.64 29.53 22.04
C TYR B 634 35.69 30.21 22.92
N SER B 635 36.64 29.41 23.40
CA SER B 635 37.80 29.87 24.16
C SER B 635 37.32 30.62 25.39
N THR B 636 37.46 31.94 25.47
CA THR B 636 37.10 32.79 26.61
C THR B 636 37.42 32.13 27.95
N GLY B 637 36.52 32.27 28.92
CA GLY B 637 36.71 31.60 30.19
C GLY B 637 36.37 30.13 30.18
N SER B 638 35.75 29.64 29.11
CA SER B 638 35.41 28.23 29.01
C SER B 638 36.65 27.35 28.89
N ASN B 639 37.74 27.89 28.35
CA ASN B 639 38.99 27.17 28.12
C ASN B 639 38.82 26.09 27.05
N VAL B 640 39.91 25.72 26.39
CA VAL B 640 39.89 24.79 25.28
C VAL B 640 40.92 23.69 25.52
N PHE B 641 40.49 22.44 25.46
CA PHE B 641 41.38 21.30 25.45
C PHE B 641 41.13 20.48 24.19
N GLN B 642 42.19 20.20 23.46
CA GLN B 642 42.14 19.28 22.32
C GLN B 642 42.35 17.87 22.83
N THR B 643 41.30 17.05 22.77
CA THR B 643 41.33 15.68 23.22
C THR B 643 41.46 14.73 22.03
N ARG B 644 41.40 13.44 22.31
CA ARG B 644 41.44 12.44 21.26
C ARG B 644 40.08 12.22 20.59
N ALA B 645 39.01 12.75 21.16
CA ALA B 645 37.68 12.62 20.58
C ALA B 645 37.10 13.95 20.13
N GLY B 646 37.95 14.96 19.91
CA GLY B 646 37.49 16.28 19.57
C GLY B 646 38.12 17.30 20.49
N CYS B 647 37.40 18.38 20.80
CA CYS B 647 37.88 19.33 21.79
C CYS B 647 36.70 19.81 22.62
N LEU B 648 37.00 20.15 23.88
CA LEU B 648 35.98 20.42 24.89
C LEU B 648 35.91 21.91 25.17
N ILE B 649 34.72 22.39 25.49
CA ILE B 649 34.48 23.79 25.82
C ILE B 649 33.74 23.84 27.15
N GLY B 650 34.29 24.59 28.10
CA GLY B 650 33.62 24.82 29.37
C GLY B 650 34.24 24.14 30.57
N ALA B 651 35.49 23.70 30.52
CA ALA B 651 36.11 23.00 31.64
C ALA B 651 37.55 23.45 31.80
N GLU B 652 38.14 23.06 32.93
CA GLU B 652 39.53 23.40 33.26
C GLU B 652 40.23 22.16 33.78
N HIS B 653 41.56 22.12 33.61
CA HIS B 653 42.32 20.94 33.98
C HIS B 653 42.85 21.04 35.41
N VAL B 654 43.11 19.88 36.00
CA VAL B 654 43.89 19.75 37.23
C VAL B 654 44.92 18.66 37.00
N ASN B 655 46.02 18.71 37.75
CA ASN B 655 47.05 17.70 37.62
C ASN B 655 46.81 16.50 38.54
N ASN B 656 45.77 16.54 39.37
CA ASN B 656 45.47 15.43 40.24
C ASN B 656 44.86 14.27 39.46
N SER B 657 44.84 13.11 40.10
CA SER B 657 44.21 11.91 39.55
C SER B 657 43.21 11.39 40.56
N TYR B 658 41.96 11.22 40.12
CA TYR B 658 40.88 10.79 41.00
C TYR B 658 40.23 9.55 40.42
N GLU B 659 39.34 8.95 41.20
CA GLU B 659 38.45 7.93 40.68
C GLU B 659 37.32 8.63 39.92
N CYS B 660 37.15 8.29 38.65
CA CYS B 660 36.34 9.12 37.78
C CYS B 660 34.88 8.65 37.76
N ASP B 661 33.98 9.62 37.69
CA ASP B 661 32.54 9.37 37.80
C ASP B 661 31.85 9.32 36.45
N ILE B 662 31.97 10.39 35.66
CA ILE B 662 31.27 10.52 34.38
C ILE B 662 32.29 10.23 33.28
N PRO B 663 32.15 9.12 32.55
CA PRO B 663 33.14 8.78 31.51
C PRO B 663 32.96 9.65 30.28
N ILE B 664 34.09 10.02 29.66
CA ILE B 664 34.08 10.75 28.41
C ILE B 664 34.69 9.92 27.28
N GLY B 665 35.95 9.54 27.44
CA GLY B 665 36.66 8.74 26.45
C GLY B 665 38.15 8.92 26.58
N ALA B 666 38.88 7.92 26.08
CA ALA B 666 40.36 7.93 26.06
C ALA B 666 40.93 8.14 27.45
N GLY B 667 40.35 7.49 28.46
CA GLY B 667 40.86 7.59 29.81
C GLY B 667 40.61 8.92 30.50
N ILE B 668 39.68 9.73 30.00
CA ILE B 668 39.39 11.04 30.57
C ILE B 668 37.97 11.03 31.09
N CYS B 669 37.79 11.48 32.33
CA CYS B 669 36.48 11.59 32.95
C CYS B 669 36.29 12.98 33.52
N ALA B 670 35.05 13.28 33.92
CA ALA B 670 34.68 14.57 34.44
C ALA B 670 33.79 14.42 35.66
N SER B 671 33.78 15.45 36.50
CA SER B 671 32.95 15.47 37.70
C SER B 671 32.73 16.93 38.10
N TYR B 672 31.81 17.14 39.03
CA TYR B 672 31.42 18.47 39.49
C TYR B 672 31.99 18.68 40.89
N GLN B 673 33.16 19.31 40.96
CA GLN B 673 33.86 19.55 42.21
C GLN B 673 34.14 21.03 42.37
N THR B 674 34.67 21.39 43.54
CA THR B 674 35.02 22.78 43.83
C THR B 674 36.34 23.17 43.17
N GLN B 688 31.90 23.29 42.77
CA GLN B 688 31.16 24.39 42.17
C GLN B 688 31.57 24.61 40.70
N SER B 689 32.27 23.62 40.14
CA SER B 689 32.73 23.72 38.77
C SER B 689 32.89 22.32 38.19
N ILE B 690 33.03 22.26 36.88
CA ILE B 690 33.19 21.00 36.16
C ILE B 690 34.65 20.91 35.71
N ILE B 691 35.30 19.80 36.01
CA ILE B 691 36.72 19.62 35.73
C ILE B 691 36.91 18.31 34.97
N ALA B 692 38.04 18.22 34.27
CA ALA B 692 38.43 17.02 33.53
C ALA B 692 39.82 16.60 33.94
N TYR B 693 40.07 15.29 33.89
CA TYR B 693 41.35 14.75 34.34
C TYR B 693 41.49 13.34 33.77
N THR B 694 42.65 12.74 34.07
CA THR B 694 42.90 11.34 33.75
C THR B 694 42.60 10.50 34.98
N MET B 695 41.77 9.47 34.80
CA MET B 695 41.32 8.66 35.93
C MET B 695 42.47 7.86 36.52
N SER B 696 42.27 7.41 37.76
CA SER B 696 43.28 6.70 38.53
C SER B 696 42.84 5.26 38.73
N LEU B 697 43.73 4.32 38.41
CA LEU B 697 43.39 2.90 38.49
C LEU B 697 43.09 2.46 39.93
N GLY B 698 43.91 2.89 40.89
CA GLY B 698 43.71 2.48 42.26
C GLY B 698 44.89 2.86 43.12
N ALA B 699 44.91 2.28 44.31
CA ALA B 699 45.93 2.58 45.29
C ALA B 699 47.16 1.70 45.09
N GLU B 700 48.33 2.29 45.24
CA GLU B 700 49.58 1.55 45.11
C GLU B 700 49.87 0.78 46.39
N ASN B 701 50.12 -0.53 46.25
CA ASN B 701 50.40 -1.38 47.39
C ASN B 701 51.53 -2.33 47.05
N SER B 702 52.31 -2.69 48.06
CA SER B 702 53.44 -3.60 47.89
C SER B 702 53.43 -4.63 49.01
N VAL B 703 54.05 -5.78 48.75
CA VAL B 703 54.13 -6.87 49.71
C VAL B 703 55.59 -7.18 49.98
N ALA B 704 55.95 -7.26 51.25
CA ALA B 704 57.32 -7.61 51.64
C ALA B 704 57.53 -9.10 51.47
N TYR B 705 58.47 -9.48 50.62
CA TYR B 705 58.75 -10.88 50.31
C TYR B 705 60.21 -11.19 50.66
N SER B 706 60.43 -12.37 51.24
CA SER B 706 61.77 -12.81 51.60
C SER B 706 61.85 -14.33 51.46
N ASN B 707 62.94 -14.90 51.97
CA ASN B 707 63.16 -16.33 51.84
C ASN B 707 62.26 -17.12 52.78
N ASN B 708 62.15 -16.68 54.03
CA ASN B 708 61.56 -17.50 55.08
C ASN B 708 60.63 -16.68 55.98
N SER B 709 59.74 -15.89 55.37
CA SER B 709 58.75 -15.13 56.10
C SER B 709 57.35 -15.58 55.71
N ILE B 710 56.45 -15.65 56.69
CA ILE B 710 55.07 -16.06 56.47
C ILE B 710 54.16 -15.24 57.36
N ALA B 711 52.86 -15.25 57.03
CA ALA B 711 51.85 -14.52 57.76
C ALA B 711 50.68 -15.45 58.06
N ILE B 712 50.03 -15.24 59.20
CA ILE B 712 48.93 -16.08 59.66
C ILE B 712 47.88 -15.19 60.30
N PRO B 713 46.60 -15.35 59.99
CA PRO B 713 45.57 -14.53 60.64
C PRO B 713 45.29 -15.01 62.06
N THR B 714 44.57 -14.16 62.80
CA THR B 714 44.22 -14.47 64.18
C THR B 714 42.74 -14.24 64.51
N ASN B 715 42.00 -13.55 63.64
CA ASN B 715 40.60 -13.27 63.90
C ASN B 715 39.82 -13.33 62.59
N PHE B 716 38.50 -13.45 62.70
CA PHE B 716 37.66 -13.63 61.53
C PHE B 716 36.39 -12.78 61.67
N THR B 717 35.70 -12.61 60.55
CA THR B 717 34.46 -11.86 60.49
C THR B 717 33.46 -12.58 59.59
N ILE B 718 32.20 -12.16 59.69
CA ILE B 718 31.11 -12.71 58.90
C ILE B 718 30.48 -11.58 58.10
N SER B 719 30.20 -11.84 56.82
CA SER B 719 29.68 -10.83 55.92
C SER B 719 28.46 -11.38 55.19
N VAL B 720 27.53 -10.50 54.83
CA VAL B 720 26.34 -10.84 54.06
C VAL B 720 26.28 -9.95 52.84
N THR B 721 26.09 -10.55 51.67
CA THR B 721 26.03 -9.83 50.41
C THR B 721 24.70 -10.08 49.71
N THR B 722 24.46 -9.32 48.65
CA THR B 722 23.19 -9.35 47.93
C THR B 722 23.43 -9.27 46.43
N GLU B 723 22.50 -9.81 45.66
CA GLU B 723 22.52 -9.69 44.20
C GLU B 723 21.12 -9.97 43.67
N ILE B 724 20.82 -9.49 42.47
CA ILE B 724 19.49 -9.53 41.89
C ILE B 724 19.58 -10.13 40.48
N LEU B 725 18.59 -10.93 40.11
CA LEU B 725 18.57 -11.58 38.80
C LEU B 725 17.15 -11.59 38.24
N PRO B 726 16.94 -11.09 37.02
CA PRO B 726 15.61 -11.16 36.41
C PRO B 726 15.29 -12.58 35.96
N VAL B 727 13.99 -12.86 35.80
CA VAL B 727 13.51 -14.21 35.51
C VAL B 727 12.67 -14.25 34.23
N SER B 728 11.58 -13.47 34.19
CA SER B 728 10.60 -13.61 33.12
C SER B 728 10.11 -12.24 32.69
N MET B 729 9.47 -12.21 31.51
CA MET B 729 8.95 -11.00 30.90
C MET B 729 7.50 -11.21 30.46
N THR B 730 6.81 -10.10 30.24
CA THR B 730 5.34 -10.09 30.12
C THR B 730 4.87 -10.63 28.78
N LYS B 731 3.82 -11.45 28.83
CA LYS B 731 3.24 -12.06 27.63
C LYS B 731 2.26 -11.10 26.97
N THR B 732 2.19 -11.14 25.64
CA THR B 732 1.29 -10.30 24.85
C THR B 732 0.76 -11.08 23.65
N SER B 733 -0.17 -10.45 22.92
CA SER B 733 -0.75 -11.00 21.69
C SER B 733 -1.27 -9.85 20.83
N VAL B 734 -1.45 -10.12 19.54
CA VAL B 734 -1.80 -9.08 18.56
C VAL B 734 -2.87 -9.63 17.62
N ASP B 735 -3.82 -8.80 17.24
CA ASP B 735 -4.85 -9.17 16.27
C ASP B 735 -4.58 -8.50 14.93
N CYS B 736 -4.06 -9.28 13.97
CA CYS B 736 -3.37 -8.68 12.83
C CYS B 736 -4.33 -7.93 11.93
N THR B 737 -5.47 -8.53 11.59
CA THR B 737 -6.39 -7.91 10.64
C THR B 737 -6.95 -6.59 11.18
N MET B 738 -7.41 -6.60 12.42
CA MET B 738 -8.03 -5.37 12.91
C MET B 738 -6.96 -4.33 13.22
N TYR B 739 -5.74 -4.78 13.54
CA TYR B 739 -4.64 -3.82 13.58
C TYR B 739 -4.41 -3.17 12.21
N ILE B 740 -4.26 -3.97 11.17
CA ILE B 740 -3.80 -3.43 9.89
C ILE B 740 -4.83 -2.45 9.33
N CYS B 741 -6.09 -2.84 9.29
CA CYS B 741 -7.08 -1.93 8.71
C CYS B 741 -8.41 -1.94 9.46
N GLY B 742 -8.37 -1.89 10.78
CA GLY B 742 -9.58 -1.65 11.56
C GLY B 742 -10.69 -2.62 11.24
N ASP B 743 -11.86 -2.08 10.90
CA ASP B 743 -13.04 -2.86 10.56
C ASP B 743 -13.51 -2.63 9.13
N SER B 744 -12.71 -1.94 8.31
CA SER B 744 -13.09 -1.65 6.93
C SER B 744 -13.12 -2.96 6.14
N THR B 745 -14.34 -3.42 5.83
CA THR B 745 -14.49 -4.68 5.10
C THR B 745 -13.90 -4.62 3.70
N GLU B 746 -13.86 -3.44 3.08
CA GLU B 746 -13.26 -3.30 1.76
C GLU B 746 -11.78 -3.65 1.76
N CYS B 747 -11.03 -3.24 2.77
CA CYS B 747 -9.63 -3.63 2.91
C CYS B 747 -9.43 -5.13 3.05
N SER B 748 -10.25 -5.79 3.87
CA SER B 748 -10.09 -7.23 4.09
C SER B 748 -10.13 -8.01 2.79
N ASN B 749 -10.85 -7.51 1.78
CA ASN B 749 -10.80 -8.13 0.46
C ASN B 749 -9.40 -8.02 -0.14
N LEU B 750 -8.74 -6.87 0.06
CA LEU B 750 -7.43 -6.65 -0.52
C LEU B 750 -6.32 -7.42 0.20
N LEU B 751 -6.57 -7.88 1.43
CA LEU B 751 -5.54 -8.58 2.17
C LEU B 751 -5.38 -10.03 1.74
N LEU B 752 -6.35 -10.57 1.01
CA LEU B 752 -6.27 -11.97 0.59
C LEU B 752 -5.14 -12.19 -0.42
N GLN B 753 -4.80 -11.18 -1.19
CA GLN B 753 -3.82 -11.31 -2.27
C GLN B 753 -2.38 -11.25 -1.78
N TYR B 754 -2.15 -11.37 -0.47
CA TYR B 754 -0.79 -11.33 0.08
C TYR B 754 -0.30 -12.69 0.55
N GLY B 755 -1.13 -13.73 0.44
CA GLY B 755 -0.73 -15.02 0.95
C GLY B 755 -0.80 -15.08 2.47
N SER B 756 -0.35 -16.21 3.00
CA SER B 756 -0.35 -16.46 4.45
C SER B 756 0.76 -15.62 5.10
N PHE B 757 0.34 -14.46 5.63
CA PHE B 757 1.29 -13.50 6.17
C PHE B 757 0.99 -13.10 7.61
N CYS B 758 0.13 -13.84 8.32
CA CYS B 758 -0.24 -13.51 9.69
C CYS B 758 -0.06 -14.68 10.63
N THR B 759 -0.20 -15.90 10.12
CA THR B 759 -0.08 -17.10 10.96
C THR B 759 1.33 -17.24 11.54
N GLN B 760 2.34 -16.85 10.77
CA GLN B 760 3.71 -16.96 11.26
C GLN B 760 3.91 -16.07 12.48
N LEU B 761 3.41 -14.83 12.40
CA LEU B 761 3.49 -13.93 13.54
C LEU B 761 2.74 -14.50 14.74
N ASN B 762 1.53 -15.03 14.50
CA ASN B 762 0.75 -15.57 15.60
C ASN B 762 1.48 -16.73 16.27
N ARG B 763 2.07 -17.64 15.48
CA ARG B 763 2.74 -18.79 16.07
C ARG B 763 4.02 -18.38 16.78
N ALA B 764 4.74 -17.38 16.29
CA ALA B 764 5.91 -16.89 17.01
C ALA B 764 5.52 -16.33 18.36
N LEU B 765 4.44 -15.53 18.40
CA LEU B 765 3.97 -15.00 19.67
C LEU B 765 3.53 -16.11 20.62
N THR B 766 2.87 -17.14 20.10
CA THR B 766 2.50 -18.28 20.92
C THR B 766 3.75 -18.95 21.50
N GLY B 767 4.79 -19.11 20.69
CA GLY B 767 6.01 -19.74 21.16
C GLY B 767 6.66 -18.98 22.29
N ILE B 768 6.81 -17.66 22.14
CA ILE B 768 7.42 -16.88 23.22
C ILE B 768 6.54 -16.93 24.46
N ALA B 769 5.22 -16.86 24.29
CA ALA B 769 4.32 -16.90 25.44
C ALA B 769 4.48 -18.20 26.23
N VAL B 770 4.52 -19.34 25.55
CA VAL B 770 4.67 -20.60 26.27
C VAL B 770 6.07 -20.72 26.87
N GLU B 771 7.08 -20.14 26.21
CA GLU B 771 8.45 -20.21 26.73
C GLU B 771 8.56 -19.49 28.06
N GLN B 772 7.84 -18.37 28.21
CA GLN B 772 7.88 -17.65 29.48
C GLN B 772 7.46 -18.54 30.66
N ASP B 773 6.29 -19.18 30.53
CA ASP B 773 5.80 -20.03 31.60
C ASP B 773 6.71 -21.24 31.80
N LYS B 774 7.25 -21.78 30.71
CA LYS B 774 8.21 -22.87 30.83
C LYS B 774 9.39 -22.45 31.70
N ASN B 775 9.95 -21.26 31.43
CA ASN B 775 11.10 -20.77 32.18
C ASN B 775 10.80 -20.63 33.66
N THR B 776 9.66 -20.01 33.97
CA THR B 776 9.31 -19.84 35.38
C THR B 776 9.17 -21.19 36.07
N GLN B 777 8.51 -22.15 35.42
CA GLN B 777 8.31 -23.45 36.04
C GLN B 777 9.64 -24.16 36.29
N GLU B 778 10.53 -24.19 35.29
CA GLU B 778 11.78 -24.90 35.54
C GLU B 778 12.63 -24.20 36.59
N VAL B 779 12.59 -22.87 36.67
CA VAL B 779 13.47 -22.20 37.61
C VAL B 779 12.96 -22.37 39.04
N PHE B 780 11.64 -22.48 39.24
CA PHE B 780 11.17 -22.54 40.62
C PHE B 780 10.79 -23.95 41.09
N ALA B 781 10.13 -24.75 40.26
CA ALA B 781 9.67 -26.08 40.69
C ALA B 781 10.89 -26.97 40.85
N GLN B 782 11.31 -27.14 42.11
CA GLN B 782 12.53 -27.88 42.40
C GLN B 782 12.36 -29.02 43.40
N VAL B 783 11.50 -28.87 44.40
CA VAL B 783 11.33 -29.87 45.46
C VAL B 783 9.99 -30.55 45.27
N LYS B 784 9.88 -31.78 45.78
CA LYS B 784 8.66 -32.56 45.57
C LYS B 784 7.70 -32.47 46.76
N GLN B 785 8.22 -32.36 47.98
CA GLN B 785 7.38 -32.22 49.15
C GLN B 785 7.31 -30.76 49.60
N ILE B 786 6.58 -30.53 50.69
CA ILE B 786 6.48 -29.21 51.31
C ILE B 786 6.78 -29.40 52.79
N TYR B 787 7.69 -28.60 53.33
CA TYR B 787 8.11 -28.74 54.71
C TYR B 787 7.61 -27.55 55.54
N LYS B 788 7.53 -27.77 56.86
CA LYS B 788 7.09 -26.74 57.78
C LYS B 788 8.02 -26.69 58.98
N THR B 789 8.28 -25.48 59.45
CA THR B 789 9.10 -25.28 60.63
C THR B 789 8.36 -25.74 61.89
N PRO B 790 9.09 -26.23 62.89
CA PRO B 790 8.45 -26.56 64.16
C PRO B 790 7.94 -25.29 64.84
N PRO B 791 6.88 -25.40 65.66
CA PRO B 791 6.32 -24.19 66.28
C PRO B 791 7.32 -23.44 67.15
N ILE B 792 8.20 -24.16 67.84
CA ILE B 792 9.21 -23.52 68.67
C ILE B 792 10.31 -22.96 67.78
N LYS B 793 10.81 -21.78 68.13
CA LYS B 793 11.72 -21.02 67.29
C LYS B 793 13.05 -20.77 67.99
N ASP B 794 13.62 -21.81 68.61
CA ASP B 794 14.93 -21.73 69.24
C ASP B 794 15.94 -22.51 68.42
N PHE B 795 17.06 -21.89 68.10
CA PHE B 795 18.12 -22.50 67.32
C PHE B 795 19.50 -22.15 67.87
N GLY B 796 19.62 -22.13 69.19
CA GLY B 796 20.92 -21.92 69.82
C GLY B 796 21.42 -20.50 69.83
N GLY B 797 20.62 -19.53 69.40
CA GLY B 797 21.00 -18.12 69.50
C GLY B 797 20.91 -17.34 68.21
N PHE B 798 20.37 -17.90 67.14
CA PHE B 798 20.20 -17.18 65.89
C PHE B 798 18.73 -16.79 65.74
N ASN B 799 18.47 -15.49 65.63
CA ASN B 799 17.11 -14.98 65.70
C ASN B 799 16.27 -15.45 64.52
N PHE B 800 16.76 -15.24 63.29
CA PHE B 800 16.13 -15.68 62.05
C PHE B 800 14.76 -15.07 61.81
N SER B 801 14.31 -14.14 62.67
CA SER B 801 12.96 -13.63 62.56
C SER B 801 12.74 -12.75 61.34
N GLN B 802 13.80 -12.11 60.83
CA GLN B 802 13.66 -11.15 59.75
C GLN B 802 13.44 -11.79 58.38
N ILE B 803 13.55 -13.11 58.27
CA ILE B 803 13.39 -13.78 56.99
C ILE B 803 12.25 -14.78 56.98
N LEU B 804 11.84 -15.31 58.12
CA LEU B 804 10.75 -16.26 58.17
C LEU B 804 9.42 -15.56 57.88
N PRO B 805 8.44 -16.30 57.36
CA PRO B 805 7.14 -15.69 57.08
C PRO B 805 6.47 -15.18 58.34
N ASP B 806 5.70 -14.10 58.19
CA ASP B 806 4.99 -13.51 59.32
C ASP B 806 3.53 -13.91 59.26
N PRO B 807 3.03 -14.67 60.24
CA PRO B 807 1.62 -15.11 60.18
C PRO B 807 0.63 -13.96 60.24
N SER B 808 0.99 -12.83 60.83
CA SER B 808 0.04 -11.73 60.99
C SER B 808 -0.41 -11.17 59.65
N LYS B 809 0.55 -10.87 58.78
CA LYS B 809 0.20 -10.27 57.49
C LYS B 809 -0.54 -11.28 56.62
N PRO B 810 -1.60 -10.85 55.92
CA PRO B 810 -2.31 -11.78 55.04
C PRO B 810 -1.46 -12.33 53.91
N SER B 811 -0.49 -11.56 53.42
CA SER B 811 0.39 -12.02 52.37
C SER B 811 1.40 -13.05 52.85
N LYS B 812 1.48 -13.29 54.16
CA LYS B 812 2.42 -14.22 54.78
C LYS B 812 3.81 -14.12 54.15
N ARG B 813 4.36 -12.92 54.20
CA ARG B 813 5.65 -12.60 53.60
C ARG B 813 6.59 -12.05 54.66
N SER B 814 7.88 -12.20 54.42
CA SER B 814 8.87 -11.64 55.31
C SER B 814 8.87 -10.12 55.21
N PRO B 815 9.32 -9.44 56.27
CA PRO B 815 9.45 -7.97 56.19
C PRO B 815 10.31 -7.52 55.01
N ILE B 816 11.36 -8.26 54.69
CA ILE B 816 12.19 -7.92 53.54
C ILE B 816 11.39 -8.05 52.25
N GLU B 817 10.59 -9.10 52.13
CA GLU B 817 9.76 -9.27 50.95
C GLU B 817 8.75 -8.13 50.81
N ASP B 818 8.12 -7.75 51.92
CA ASP B 818 7.17 -6.65 51.88
C ASP B 818 7.85 -5.35 51.50
N LEU B 819 9.05 -5.10 52.04
CA LEU B 819 9.78 -3.90 51.69
C LEU B 819 10.11 -3.88 50.20
N LEU B 820 10.54 -5.02 49.65
CA LEU B 820 10.84 -5.08 48.22
C LEU B 820 9.59 -4.83 47.39
N PHE B 821 8.47 -5.45 47.77
CA PHE B 821 7.23 -5.26 47.01
C PHE B 821 6.78 -3.81 47.04
N ASN B 822 6.86 -3.15 48.20
CA ASN B 822 6.50 -1.74 48.27
C ASN B 822 7.48 -0.87 47.49
N LYS B 823 8.77 -1.21 47.54
CA LYS B 823 9.78 -0.39 46.86
C LYS B 823 9.62 -0.45 45.35
N VAL B 824 9.37 -1.63 44.81
CA VAL B 824 9.21 -1.79 43.36
C VAL B 824 7.76 -1.50 43.01
N THR B 825 7.56 -0.55 42.10
CA THR B 825 6.22 -0.16 41.68
C THR B 825 6.00 -0.47 40.20
N ALA B 843 -13.48 6.23 36.36
CA ALA B 843 -12.49 7.29 36.38
C ALA B 843 -11.26 6.91 35.55
N ALA B 844 -11.18 7.47 34.34
CA ALA B 844 -10.07 7.26 33.41
C ALA B 844 -9.99 5.81 32.95
N ARG B 845 -9.22 5.57 31.89
CA ARG B 845 -9.03 4.23 31.34
C ARG B 845 -7.61 3.76 31.60
N ASP B 846 -7.48 2.52 32.05
CA ASP B 846 -6.17 1.95 32.30
C ASP B 846 -5.46 1.63 30.99
N LEU B 847 -4.12 1.55 31.07
CA LEU B 847 -3.32 1.19 29.90
C LEU B 847 -3.72 -0.17 29.35
N ILE B 848 -4.17 -1.08 30.21
CA ILE B 848 -4.58 -2.41 29.74
C ILE B 848 -5.69 -2.30 28.71
N CYS B 849 -6.80 -1.67 29.08
CA CYS B 849 -7.91 -1.52 28.14
C CYS B 849 -7.54 -0.61 26.99
N ALA B 850 -6.71 0.42 27.25
CA ALA B 850 -6.31 1.33 26.19
C ALA B 850 -5.59 0.58 25.07
N GLN B 851 -4.57 -0.21 25.41
CA GLN B 851 -3.91 -1.02 24.40
C GLN B 851 -4.80 -2.17 23.94
N LYS B 852 -5.79 -2.55 24.75
CA LYS B 852 -6.73 -3.57 24.34
C LYS B 852 -7.49 -3.14 23.10
N PHE B 853 -7.98 -1.92 23.10
CA PHE B 853 -9.00 -1.56 22.12
C PHE B 853 -8.42 -1.18 20.78
N ASN B 854 -7.16 -1.55 20.54
CA ASN B 854 -6.47 -1.35 19.28
C ASN B 854 -5.87 -2.65 18.72
N GLY B 855 -6.25 -3.80 19.27
CA GLY B 855 -5.75 -5.08 18.78
C GLY B 855 -4.64 -5.71 19.59
N LEU B 856 -4.35 -5.19 20.78
CA LEU B 856 -3.28 -5.73 21.61
C LEU B 856 -3.87 -6.21 22.93
N THR B 857 -3.53 -7.42 23.34
CA THR B 857 -4.05 -8.00 24.57
C THR B 857 -2.91 -8.51 25.44
N VAL B 858 -3.16 -8.51 26.75
CA VAL B 858 -2.19 -8.94 27.76
C VAL B 858 -2.78 -10.14 28.49
N LEU B 859 -2.05 -11.24 28.50
CA LEU B 859 -2.54 -12.42 29.17
C LEU B 859 -1.94 -12.54 30.57
N PRO B 860 -2.65 -13.18 31.51
CA PRO B 860 -2.12 -13.33 32.86
C PRO B 860 -1.18 -14.51 32.97
N PRO B 861 -0.27 -14.50 33.93
CA PRO B 861 0.64 -15.63 34.09
C PRO B 861 -0.08 -16.86 34.63
N LEU B 862 0.69 -17.95 34.79
CA LEU B 862 0.10 -19.20 35.26
C LEU B 862 0.22 -19.32 36.77
N LEU B 863 1.40 -19.03 37.32
CA LEU B 863 1.66 -19.19 38.74
C LEU B 863 1.40 -17.87 39.46
N THR B 864 1.01 -17.96 40.73
CA THR B 864 0.66 -16.74 41.46
C THR B 864 1.64 -16.51 42.63
N ASP B 865 1.59 -15.29 43.15
CA ASP B 865 2.53 -14.87 44.18
C ASP B 865 2.39 -15.69 45.45
N GLU B 866 1.17 -16.08 45.81
CA GLU B 866 0.98 -16.90 47.00
C GLU B 866 1.71 -18.24 46.87
N MET B 867 1.56 -18.88 45.71
CA MET B 867 2.25 -20.15 45.48
C MET B 867 3.75 -19.96 45.44
N ILE B 868 4.22 -18.86 44.85
CA ILE B 868 5.66 -18.60 44.83
C ILE B 868 6.20 -18.45 46.25
N ALA B 869 5.49 -17.70 47.09
CA ALA B 869 5.90 -17.54 48.48
C ALA B 869 5.87 -18.86 49.22
N GLN B 870 4.87 -19.71 48.92
CA GLN B 870 4.81 -21.03 49.53
C GLN B 870 6.04 -21.85 49.16
N TYR B 871 6.43 -21.83 47.89
CA TYR B 871 7.63 -22.55 47.46
C TYR B 871 8.86 -22.03 48.18
N THR B 872 9.01 -20.71 48.26
CA THR B 872 10.17 -20.13 48.91
C THR B 872 10.23 -20.52 50.37
N SER B 873 9.10 -20.44 51.07
CA SER B 873 9.06 -20.80 52.48
C SER B 873 9.39 -22.28 52.69
N ALA B 874 8.88 -23.14 51.81
CA ALA B 874 9.19 -24.56 51.92
C ALA B 874 10.68 -24.81 51.75
N LEU B 875 11.30 -24.17 50.75
CA LEU B 875 12.73 -24.34 50.56
C LEU B 875 13.52 -23.84 51.77
N LEU B 876 13.13 -22.69 52.30
CA LEU B 876 13.85 -22.13 53.45
C LEU B 876 13.73 -23.04 54.67
N ALA B 877 12.52 -23.55 54.93
CA ALA B 877 12.35 -24.45 56.07
C ALA B 877 13.16 -25.72 55.89
N GLY B 878 13.15 -26.28 54.68
CA GLY B 878 13.93 -27.49 54.44
C GLY B 878 15.41 -27.29 54.66
N THR B 879 15.97 -26.20 54.11
CA THR B 879 17.40 -25.97 54.27
C THR B 879 17.77 -25.60 55.70
N ILE B 880 16.87 -24.98 56.46
CA ILE B 880 17.14 -24.71 57.86
C ILE B 880 17.13 -25.99 58.68
N THR B 881 16.17 -26.88 58.45
CA THR B 881 16.01 -28.04 59.31
C THR B 881 16.91 -29.21 58.96
N SER B 882 17.17 -29.47 57.68
CA SER B 882 17.84 -30.71 57.29
C SER B 882 19.18 -30.54 56.59
N GLY B 883 19.67 -29.32 56.41
CA GLY B 883 20.93 -29.14 55.70
C GLY B 883 20.81 -29.51 54.23
N TRP B 884 21.82 -30.19 53.70
CA TRP B 884 21.84 -30.57 52.29
C TRP B 884 21.27 -31.96 52.05
N THR B 885 20.85 -32.67 53.11
CA THR B 885 20.42 -34.04 52.96
C THR B 885 19.19 -34.19 52.07
N PHE B 886 18.22 -33.29 52.21
CA PHE B 886 16.98 -33.41 51.46
C PHE B 886 17.15 -33.17 49.97
N GLY B 887 18.30 -32.66 49.54
CA GLY B 887 18.55 -32.43 48.13
C GLY B 887 18.86 -33.65 47.32
N ALA B 888 19.07 -34.81 47.96
CA ALA B 888 19.38 -36.04 47.24
C ALA B 888 18.66 -37.23 47.84
N GLY B 889 17.47 -37.03 48.38
CA GLY B 889 16.70 -38.11 48.95
C GLY B 889 15.92 -37.70 50.18
N PRO B 890 15.61 -38.68 51.04
CA PRO B 890 14.84 -38.37 52.25
C PRO B 890 15.58 -37.41 53.17
N ALA B 891 14.82 -36.54 53.82
CA ALA B 891 15.39 -35.54 54.71
C ALA B 891 15.70 -36.16 56.07
N LEU B 892 16.82 -35.77 56.66
CA LEU B 892 17.23 -36.24 57.97
C LEU B 892 17.52 -35.05 58.87
N GLN B 893 16.97 -35.06 60.08
CA GLN B 893 17.17 -33.96 61.01
C GLN B 893 18.57 -33.98 61.60
N ILE B 894 19.04 -32.82 62.02
CA ILE B 894 20.38 -32.66 62.57
C ILE B 894 20.46 -31.30 63.26
N PRO B 895 21.12 -31.21 64.42
CA PRO B 895 21.23 -29.91 65.10
C PRO B 895 21.96 -28.87 64.26
N PHE B 896 21.48 -27.63 64.38
CA PHE B 896 22.05 -26.52 63.62
C PHE B 896 23.52 -26.27 63.94
N PRO B 897 23.97 -26.22 65.21
CA PRO B 897 25.42 -26.13 65.45
C PRO B 897 26.18 -27.30 64.86
N MET B 898 25.58 -28.49 64.84
CA MET B 898 26.25 -29.64 64.23
C MET B 898 26.47 -29.41 62.74
N GLN B 899 25.45 -28.91 62.06
CA GLN B 899 25.58 -28.61 60.64
C GLN B 899 26.62 -27.52 60.40
N MET B 900 26.63 -26.51 61.28
CA MET B 900 27.65 -25.47 61.17
C MET B 900 29.06 -26.02 61.33
N ALA B 901 29.24 -26.95 62.27
CA ALA B 901 30.53 -27.59 62.44
C ALA B 901 30.92 -28.37 61.20
N TYR B 902 29.96 -29.08 60.59
CA TYR B 902 30.26 -29.81 59.36
C TYR B 902 30.70 -28.86 58.25
N ARG B 903 30.01 -27.73 58.11
CA ARG B 903 30.39 -26.77 57.08
C ARG B 903 31.76 -26.16 57.36
N PHE B 904 32.08 -25.91 58.63
CA PHE B 904 33.40 -25.38 58.97
C PHE B 904 34.50 -26.39 58.67
N ASN B 905 34.24 -27.66 58.96
CA ASN B 905 35.20 -28.69 58.56
C ASN B 905 35.35 -28.75 57.05
N GLY B 906 34.24 -28.55 56.33
CA GLY B 906 34.31 -28.54 54.87
C GLY B 906 35.17 -27.42 54.33
N ILE B 907 34.97 -26.20 54.85
CA ILE B 907 35.82 -25.08 54.42
C ILE B 907 37.26 -25.27 54.86
N GLY B 908 37.51 -25.95 55.97
CA GLY B 908 38.85 -26.36 56.33
C GLY B 908 39.39 -25.85 57.64
N VAL B 909 38.54 -25.64 58.65
CA VAL B 909 38.97 -25.24 59.98
C VAL B 909 38.40 -26.23 60.98
N THR B 910 39.19 -26.59 61.99
CA THR B 910 38.76 -27.56 62.97
C THR B 910 37.57 -27.03 63.76
N GLN B 911 36.69 -27.97 64.17
CA GLN B 911 35.40 -27.62 64.73
C GLN B 911 35.48 -27.03 66.13
N ASN B 912 36.57 -27.24 66.86
CA ASN B 912 36.72 -26.64 68.17
C ASN B 912 36.68 -25.12 68.10
N VAL B 913 37.24 -24.53 67.03
CA VAL B 913 37.22 -23.08 66.88
C VAL B 913 35.79 -22.56 66.88
N LEU B 914 34.91 -23.20 66.11
CA LEU B 914 33.50 -22.85 66.16
C LEU B 914 32.92 -23.11 67.54
N TYR B 915 33.25 -24.26 68.13
CA TYR B 915 32.64 -24.64 69.41
C TYR B 915 32.98 -23.66 70.53
N GLU B 916 34.07 -22.92 70.42
CA GLU B 916 34.49 -22.02 71.49
C GLU B 916 34.21 -20.54 71.20
N ASN B 917 33.41 -20.22 70.17
CA ASN B 917 33.13 -18.83 69.83
C ASN B 917 31.68 -18.65 69.42
N GLN B 918 30.79 -19.48 69.99
CA GLN B 918 29.41 -19.53 69.54
C GLN B 918 28.69 -18.21 69.75
N LYS B 919 28.85 -17.62 70.94
CA LYS B 919 28.14 -16.38 71.25
C LYS B 919 28.59 -15.25 70.33
N LEU B 920 29.90 -15.12 70.13
CA LEU B 920 30.42 -14.08 69.24
C LEU B 920 29.90 -14.28 67.82
N ILE B 921 29.90 -15.53 67.34
CA ILE B 921 29.41 -15.79 66.00
C ILE B 921 27.94 -15.40 65.87
N ALA B 922 27.13 -15.77 66.86
CA ALA B 922 25.70 -15.45 66.80
C ALA B 922 25.48 -13.94 66.82
N ASN B 923 26.22 -13.22 67.67
CA ASN B 923 26.08 -11.77 67.72
C ASN B 923 26.43 -11.13 66.39
N GLN B 924 27.55 -11.56 65.79
CA GLN B 924 27.93 -11.01 64.48
C GLN B 924 26.88 -11.32 63.43
N PHE B 925 26.32 -12.54 63.46
CA PHE B 925 25.30 -12.91 62.48
C PHE B 925 24.07 -12.02 62.60
N ASN B 926 23.58 -11.82 63.82
CA ASN B 926 22.40 -10.97 64.01
C ASN B 926 22.69 -9.54 63.60
N SER B 927 23.86 -9.02 63.96
CA SER B 927 24.21 -7.65 63.58
C SER B 927 24.26 -7.51 62.06
N ALA B 928 24.82 -8.51 61.37
CA ALA B 928 24.89 -8.44 59.92
C ALA B 928 23.50 -8.45 59.31
N ILE B 929 22.59 -9.27 59.85
CA ILE B 929 21.22 -9.29 59.34
C ILE B 929 20.57 -7.92 59.51
N GLY B 930 20.73 -7.31 60.69
CA GLY B 930 20.20 -5.97 60.89
C GLY B 930 20.78 -4.97 59.92
N LYS B 931 22.09 -5.04 59.69
CA LYS B 931 22.72 -4.08 58.80
C LYS B 931 22.23 -4.24 57.36
N ILE B 932 22.06 -5.47 56.88
CA ILE B 932 21.61 -5.63 55.51
C ILE B 932 20.16 -5.16 55.39
N GLN B 933 19.34 -5.42 56.41
CA GLN B 933 17.99 -4.87 56.41
C GLN B 933 18.02 -3.34 56.27
N ASP B 934 18.85 -2.68 57.08
CA ASP B 934 18.93 -1.23 57.00
C ASP B 934 19.42 -0.78 55.63
N SER B 935 20.39 -1.49 55.06
CA SER B 935 20.99 -1.08 53.80
C SER B 935 19.99 -1.18 52.65
N LEU B 936 19.28 -2.31 52.53
CA LEU B 936 18.33 -2.43 51.44
C LEU B 936 17.10 -1.56 51.67
N SER B 937 16.82 -1.22 52.93
CA SER B 937 15.80 -0.21 53.19
C SER B 937 16.24 1.15 52.69
N SER B 938 17.53 1.48 52.86
CA SER B 938 18.01 2.82 52.56
C SER B 938 18.24 3.03 51.05
N THR B 939 19.10 2.21 50.45
CA THR B 939 19.56 2.50 49.09
C THR B 939 18.42 2.35 48.09
N PRO B 940 18.13 3.39 47.31
CA PRO B 940 17.04 3.32 46.32
C PRO B 940 17.46 3.01 44.89
N SER B 941 18.74 2.73 44.64
CA SER B 941 19.23 2.57 43.27
C SER B 941 19.81 1.18 43.03
N ALA B 942 19.35 0.19 43.79
CA ALA B 942 19.89 -1.17 43.68
C ALA B 942 19.00 -2.12 42.89
N LEU B 943 17.92 -1.63 42.27
CA LEU B 943 16.98 -2.51 41.60
C LEU B 943 16.73 -2.06 40.16
N GLY B 944 17.80 -1.76 39.43
CA GLY B 944 17.66 -1.21 38.09
C GLY B 944 17.09 -2.17 37.06
N LYS B 945 17.51 -3.43 37.08
CA LYS B 945 17.34 -4.30 35.92
C LYS B 945 15.87 -4.55 35.60
N LEU B 946 15.06 -4.86 36.62
CA LEU B 946 13.64 -5.12 36.38
C LEU B 946 12.95 -3.87 35.85
N GLN B 947 13.29 -2.71 36.41
CA GLN B 947 12.74 -1.45 35.94
C GLN B 947 13.08 -1.23 34.47
N ASP B 948 14.33 -1.52 34.08
CA ASP B 948 14.73 -1.36 32.69
C ASP B 948 13.94 -2.31 31.79
N VAL B 949 13.72 -3.54 32.23
CA VAL B 949 12.93 -4.48 31.42
C VAL B 949 11.53 -3.93 31.18
N VAL B 950 10.88 -3.47 32.25
CA VAL B 950 9.54 -2.93 32.12
C VAL B 950 9.52 -1.71 31.20
N ASN B 951 10.50 -0.82 31.37
CA ASN B 951 10.55 0.38 30.54
C ASN B 951 10.76 0.05 29.07
N GLN B 952 11.63 -0.93 28.77
CA GLN B 952 11.81 -1.32 27.37
C GLN B 952 10.53 -1.86 26.78
N ASN B 953 9.82 -2.72 27.52
CA ASN B 953 8.58 -3.27 26.98
C ASN B 953 7.56 -2.16 26.73
N ALA B 954 7.42 -1.24 27.70
CA ALA B 954 6.46 -0.16 27.55
C ALA B 954 6.82 0.75 26.38
N GLN B 955 8.10 1.06 26.22
CA GLN B 955 8.53 1.91 25.10
C GLN B 955 8.23 1.25 23.77
N ALA B 956 8.49 -0.05 23.65
CA ALA B 956 8.19 -0.75 22.40
C ALA B 956 6.70 -0.68 22.09
N LEU B 957 5.86 -0.94 23.09
CA LEU B 957 4.42 -0.90 22.85
C LEU B 957 3.96 0.51 22.47
N ASN B 958 4.51 1.53 23.14
CA ASN B 958 4.13 2.90 22.86
C ASN B 958 4.50 3.29 21.43
N THR B 959 5.70 2.93 21.00
CA THR B 959 6.09 3.22 19.61
C THR B 959 5.16 2.50 18.64
N LEU B 960 4.85 1.23 18.92
CA LEU B 960 3.98 0.48 18.03
C LEU B 960 2.62 1.16 17.87
N VAL B 961 2.00 1.58 18.99
CA VAL B 961 0.68 2.18 18.88
C VAL B 961 0.77 3.56 18.21
N LYS B 962 1.82 4.32 18.53
CA LYS B 962 1.95 5.66 17.93
C LYS B 962 2.20 5.59 16.43
N GLN B 963 2.69 4.45 15.93
CA GLN B 963 2.94 4.32 14.49
C GLN B 963 1.66 4.40 13.65
N LEU B 964 0.48 4.26 14.24
CA LEU B 964 -0.74 4.12 13.46
C LEU B 964 -1.16 5.40 12.75
N SER B 965 -0.64 6.57 13.17
CA SER B 965 -1.16 7.84 12.69
C SER B 965 -0.34 8.43 11.55
N SER B 966 0.60 7.68 10.98
CA SER B 966 1.45 8.18 9.92
C SER B 966 0.75 8.06 8.57
N ASN B 967 0.91 9.09 7.73
CA ASN B 967 0.30 9.07 6.40
C ASN B 967 1.04 8.14 5.44
N PHE B 968 2.32 7.88 5.70
CA PHE B 968 3.17 7.04 4.86
C PHE B 968 3.27 7.56 3.43
N GLY B 969 2.96 8.83 3.22
CA GLY B 969 3.01 9.43 1.89
C GLY B 969 1.67 9.54 1.19
N ALA B 970 0.60 9.07 1.81
CA ALA B 970 -0.72 9.12 1.18
C ALA B 970 -1.39 10.45 1.50
N ILE B 971 -2.68 10.55 1.19
CA ILE B 971 -3.42 11.79 1.43
C ILE B 971 -3.62 12.00 2.93
N SER B 972 -4.31 11.06 3.58
CA SER B 972 -4.60 11.16 5.01
C SER B 972 -4.47 9.80 5.66
N SER B 973 -4.09 9.81 6.94
CA SER B 973 -3.95 8.56 7.68
C SER B 973 -5.29 7.85 7.84
N VAL B 974 -6.36 8.60 8.12
CA VAL B 974 -7.66 8.01 8.34
C VAL B 974 -8.19 7.48 7.01
N LEU B 975 -8.67 6.23 7.01
CA LEU B 975 -9.02 5.57 5.77
C LEU B 975 -10.49 5.69 5.41
N ASN B 976 -11.39 5.87 6.39
CA ASN B 976 -12.79 6.04 6.05
C ASN B 976 -13.01 7.35 5.31
N ASP B 977 -12.23 8.38 5.64
CA ASP B 977 -12.33 9.65 4.93
C ASP B 977 -12.07 9.46 3.44
N ILE B 978 -10.95 8.84 3.09
CA ILE B 978 -10.56 8.72 1.69
C ILE B 978 -11.51 7.80 0.94
N LEU B 979 -12.29 6.99 1.66
CA LEU B 979 -13.25 6.11 1.02
C LEU B 979 -14.42 6.85 0.37
N SER B 980 -14.65 8.11 0.75
CA SER B 980 -15.82 8.85 0.28
C SER B 980 -15.45 10.20 -0.31
N ARG B 981 -14.31 10.28 -1.00
CA ARG B 981 -13.88 11.50 -1.67
C ARG B 981 -13.73 11.32 -3.17
N LEU B 982 -13.47 10.11 -3.64
CA LEU B 982 -12.91 9.90 -4.97
C LEU B 982 -13.15 8.47 -5.42
N ASP B 983 -12.49 8.10 -6.51
CA ASP B 983 -12.81 6.87 -7.21
C ASP B 983 -12.08 5.65 -6.61
N PRO B 984 -12.72 4.49 -6.68
CA PRO B 984 -12.10 3.25 -6.18
C PRO B 984 -10.78 2.94 -6.86
N PRO B 985 -10.63 3.16 -8.18
CA PRO B 985 -9.37 2.74 -8.82
C PRO B 985 -8.10 3.32 -8.21
N GLU B 986 -8.16 4.51 -7.61
CA GLU B 986 -6.96 5.07 -7.01
C GLU B 986 -7.06 5.14 -5.49
N ALA B 987 -8.28 5.13 -4.95
CA ALA B 987 -8.45 4.86 -3.53
C ALA B 987 -7.80 3.53 -3.16
N GLU B 988 -7.90 2.53 -4.05
CA GLU B 988 -7.29 1.23 -3.78
C GLU B 988 -5.77 1.31 -3.82
N VAL B 989 -5.22 2.21 -4.66
CA VAL B 989 -3.78 2.45 -4.64
C VAL B 989 -3.36 2.95 -3.26
N GLN B 990 -4.09 3.94 -2.74
CA GLN B 990 -3.77 4.47 -1.43
C GLN B 990 -3.86 3.39 -0.35
N ILE B 991 -4.92 2.57 -0.41
CA ILE B 991 -5.09 1.49 0.55
C ILE B 991 -3.90 0.54 0.50
N ASP B 992 -3.48 0.16 -0.71
CA ASP B 992 -2.36 -0.75 -0.88
C ASP B 992 -1.10 -0.19 -0.21
N ARG B 993 -0.79 1.07 -0.49
CA ARG B 993 0.44 1.65 0.06
C ARG B 993 0.40 1.72 1.58
N LEU B 994 -0.76 2.09 2.15
CA LEU B 994 -0.88 2.13 3.61
C LEU B 994 -0.69 0.74 4.21
N ILE B 995 -1.30 -0.27 3.59
CA ILE B 995 -1.16 -1.65 4.06
C ILE B 995 0.31 -2.05 4.09
N THR B 996 1.04 -1.76 3.02
CA THR B 996 2.45 -2.12 2.97
C THR B 996 3.22 -1.49 4.13
N GLY B 997 3.03 -0.19 4.35
CA GLY B 997 3.77 0.47 5.43
C GLY B 997 3.48 -0.14 6.79
N ARG B 998 2.19 -0.34 7.10
CA ARG B 998 1.86 -0.86 8.43
C ARG B 998 2.38 -2.28 8.63
N LEU B 999 2.30 -3.13 7.59
CA LEU B 999 2.82 -4.48 7.75
C LEU B 999 4.32 -4.48 8.00
N GLN B 1000 5.06 -3.59 7.31
CA GLN B 1000 6.49 -3.52 7.56
C GLN B 1000 6.78 -3.15 9.02
N SER B 1001 6.04 -2.17 9.55
CA SER B 1001 6.26 -1.78 10.95
C SER B 1001 6.00 -2.96 11.89
N LEU B 1002 4.93 -3.71 11.63
CA LEU B 1002 4.62 -4.87 12.47
C LEU B 1002 5.77 -5.88 12.45
N GLN B 1003 6.33 -6.13 11.26
CA GLN B 1003 7.45 -7.05 11.16
C GLN B 1003 8.61 -6.60 12.03
N THR B 1004 8.95 -5.32 11.97
CA THR B 1004 10.06 -4.80 12.77
C THR B 1004 9.84 -5.05 14.26
N TYR B 1005 8.64 -4.73 14.74
CA TYR B 1005 8.37 -4.94 16.17
C TYR B 1005 8.53 -6.40 16.56
N VAL B 1006 8.01 -7.30 15.72
CA VAL B 1006 8.10 -8.73 16.03
C VAL B 1006 9.55 -9.16 16.17
N THR B 1007 10.41 -8.74 15.23
CA THR B 1007 11.82 -9.15 15.31
C THR B 1007 12.48 -8.66 16.60
N GLN B 1008 12.20 -7.41 16.98
CA GLN B 1008 12.75 -6.90 18.23
C GLN B 1008 12.34 -7.77 19.41
N GLN B 1009 11.06 -8.18 19.44
CA GLN B 1009 10.59 -9.00 20.54
C GLN B 1009 11.31 -10.34 20.60
N LEU B 1010 11.54 -10.98 19.45
CA LEU B 1010 12.27 -12.24 19.47
C LEU B 1010 13.67 -12.07 20.07
N ILE B 1011 14.39 -11.02 19.68
CA ILE B 1011 15.74 -10.84 20.19
C ILE B 1011 15.74 -10.70 21.71
N ARG B 1012 14.85 -9.84 22.22
CA ARG B 1012 14.81 -9.65 23.67
C ARG B 1012 14.44 -10.94 24.40
N ALA B 1013 13.51 -11.72 23.83
CA ALA B 1013 13.13 -12.98 24.47
C ALA B 1013 14.32 -13.92 24.58
N ALA B 1014 15.14 -14.01 23.52
CA ALA B 1014 16.30 -14.90 23.59
C ALA B 1014 17.25 -14.48 24.70
N GLU B 1015 17.52 -13.17 24.82
CA GLU B 1015 18.43 -12.74 25.87
C GLU B 1015 17.89 -13.08 27.25
N ILE B 1016 16.58 -12.85 27.46
CA ILE B 1016 15.99 -13.18 28.76
C ILE B 1016 16.09 -14.66 29.05
N ARG B 1017 15.90 -15.51 28.03
CA ARG B 1017 16.04 -16.94 28.22
C ARG B 1017 17.43 -17.29 28.74
N ALA B 1018 18.46 -16.71 28.13
CA ALA B 1018 19.84 -17.01 28.59
C ALA B 1018 20.03 -16.61 30.06
N SER B 1019 19.54 -15.42 30.43
CA SER B 1019 19.66 -14.99 31.82
C SER B 1019 18.95 -15.96 32.75
N ALA B 1020 17.79 -16.46 32.33
CA ALA B 1020 17.03 -17.40 33.17
C ALA B 1020 17.82 -18.69 33.38
N ASN B 1021 18.47 -19.21 32.34
CA ASN B 1021 19.27 -20.41 32.54
C ASN B 1021 20.39 -20.18 33.55
N LEU B 1022 21.06 -19.04 33.44
CA LEU B 1022 22.14 -18.77 34.40
C LEU B 1022 21.60 -18.72 35.83
N ALA B 1023 20.45 -18.05 36.02
CA ALA B 1023 19.87 -17.96 37.36
C ALA B 1023 19.52 -19.34 37.90
N ALA B 1024 18.94 -20.19 37.04
CA ALA B 1024 18.59 -21.54 37.48
C ALA B 1024 19.82 -22.32 37.92
N THR B 1025 20.91 -22.22 37.16
CA THR B 1025 22.13 -22.93 37.56
C THR B 1025 22.64 -22.44 38.90
N LYS B 1026 22.65 -21.11 39.10
CA LYS B 1026 23.12 -20.58 40.38
C LYS B 1026 22.24 -21.08 41.53
N MET B 1027 20.93 -21.09 41.35
CA MET B 1027 20.04 -21.58 42.39
C MET B 1027 20.33 -23.04 42.70
N SER B 1028 20.53 -23.85 41.65
CA SER B 1028 20.77 -25.27 41.86
C SER B 1028 22.06 -25.51 42.64
N GLU B 1029 23.11 -24.74 42.36
CA GLU B 1029 24.40 -25.06 42.97
C GLU B 1029 24.62 -24.38 44.32
N CYS B 1030 24.32 -23.09 44.48
CA CYS B 1030 24.74 -22.38 45.68
C CYS B 1030 23.80 -22.54 46.87
N VAL B 1031 22.68 -23.24 46.71
CA VAL B 1031 21.70 -23.35 47.78
C VAL B 1031 21.62 -24.78 48.33
N LEU B 1032 21.29 -25.75 47.48
CA LEU B 1032 21.11 -27.13 47.91
C LEU B 1032 22.40 -27.78 48.36
N GLY B 1033 23.52 -27.08 48.33
CA GLY B 1033 24.77 -27.65 48.77
C GLY B 1033 25.81 -26.57 48.92
N GLN B 1034 27.06 -27.01 49.11
CA GLN B 1034 28.19 -26.11 49.27
C GLN B 1034 29.07 -26.21 48.02
N SER B 1035 29.47 -25.05 47.49
CA SER B 1035 30.25 -24.98 46.27
C SER B 1035 31.68 -24.58 46.59
N LYS B 1036 32.62 -25.04 45.76
CA LYS B 1036 34.02 -24.71 45.93
C LYS B 1036 34.54 -23.76 44.87
N ARG B 1037 33.78 -23.51 43.81
CA ARG B 1037 34.20 -22.57 42.78
C ARG B 1037 34.31 -21.16 43.36
N VAL B 1038 35.41 -20.49 43.05
CA VAL B 1038 35.72 -19.20 43.63
C VAL B 1038 34.86 -18.13 42.98
N ASP B 1039 34.29 -17.25 43.80
CA ASP B 1039 33.55 -16.07 43.35
C ASP B 1039 32.33 -16.45 42.51
N PHE B 1040 31.81 -17.67 42.69
CA PHE B 1040 30.59 -18.08 42.02
C PHE B 1040 29.34 -17.83 42.84
N CYS B 1041 29.43 -17.94 44.17
CA CYS B 1041 28.31 -17.71 45.06
C CYS B 1041 28.65 -16.65 46.09
N GLY B 1042 29.29 -15.58 45.65
CA GLY B 1042 29.64 -14.46 46.50
C GLY B 1042 31.14 -14.23 46.56
N LYS B 1043 31.49 -13.15 47.25
CA LYS B 1043 32.90 -12.77 47.43
C LYS B 1043 33.38 -13.33 48.76
N GLY B 1044 34.41 -14.16 48.71
CA GLY B 1044 34.99 -14.78 49.88
C GLY B 1044 34.71 -16.26 49.89
N TYR B 1045 34.86 -16.87 51.06
CA TYR B 1045 34.61 -18.29 51.25
C TYR B 1045 33.13 -18.52 51.50
N HIS B 1046 32.49 -19.31 50.64
CA HIS B 1046 31.06 -19.53 50.76
C HIS B 1046 30.73 -20.45 51.94
N LEU B 1047 29.66 -20.10 52.67
CA LEU B 1047 29.12 -20.98 53.69
C LEU B 1047 27.71 -21.45 53.38
N MET B 1048 26.77 -20.54 53.21
CA MET B 1048 25.36 -20.87 52.94
C MET B 1048 24.75 -19.73 52.14
N SER B 1049 23.48 -19.89 51.76
CA SER B 1049 22.76 -18.86 51.04
C SER B 1049 21.27 -19.03 51.29
N PHE B 1050 20.52 -17.93 51.08
CA PHE B 1050 19.08 -17.91 51.29
C PHE B 1050 18.40 -17.23 50.11
N PRO B 1051 17.33 -17.82 49.56
CA PRO B 1051 16.61 -17.19 48.45
C PRO B 1051 15.43 -16.36 48.93
N GLN B 1052 15.05 -15.39 48.09
CA GLN B 1052 13.90 -14.55 48.32
C GLN B 1052 13.21 -14.26 46.99
N SER B 1053 11.93 -13.93 47.06
CA SER B 1053 11.11 -13.70 45.87
C SER B 1053 10.88 -12.20 45.66
N ALA B 1054 10.75 -11.82 44.40
CA ALA B 1054 10.55 -10.45 43.99
C ALA B 1054 9.69 -10.43 42.73
N PRO B 1055 9.02 -9.31 42.45
CA PRO B 1055 8.23 -9.22 41.21
C PRO B 1055 9.08 -9.44 39.97
N HIS B 1056 8.77 -10.49 39.21
CA HIS B 1056 9.46 -10.83 37.97
C HIS B 1056 10.97 -11.00 38.18
N GLY B 1057 11.34 -11.56 39.32
CA GLY B 1057 12.76 -11.76 39.61
C GLY B 1057 12.94 -12.52 40.90
N VAL B 1058 14.20 -12.82 41.18
CA VAL B 1058 14.60 -13.54 42.39
C VAL B 1058 15.78 -12.81 43.02
N VAL B 1059 15.93 -12.99 44.33
CA VAL B 1059 17.00 -12.35 45.09
C VAL B 1059 17.64 -13.39 45.99
N PHE B 1060 18.97 -13.44 46.00
CA PHE B 1060 19.72 -14.36 46.83
C PHE B 1060 20.51 -13.59 47.87
N LEU B 1061 20.59 -14.15 49.08
CA LEU B 1061 21.41 -13.59 50.15
C LEU B 1061 22.53 -14.57 50.44
N HIS B 1062 23.77 -14.08 50.43
CA HIS B 1062 24.95 -14.92 50.58
C HIS B 1062 25.59 -14.66 51.94
N VAL B 1063 26.11 -15.72 52.56
CA VAL B 1063 26.84 -15.63 53.81
C VAL B 1063 28.23 -16.18 53.57
N THR B 1064 29.26 -15.40 53.93
CA THR B 1064 30.63 -15.76 53.62
C THR B 1064 31.51 -15.58 54.85
N TYR B 1065 32.75 -16.05 54.74
CA TYR B 1065 33.72 -16.00 55.82
C TYR B 1065 34.92 -15.19 55.36
N VAL B 1066 35.44 -14.35 56.25
CA VAL B 1066 36.57 -13.48 55.92
C VAL B 1066 37.55 -13.44 57.09
N PRO B 1067 38.82 -13.76 56.85
CA PRO B 1067 39.81 -13.67 57.93
C PRO B 1067 40.28 -12.24 58.15
N ALA B 1068 41.00 -12.05 59.25
CA ALA B 1068 41.52 -10.73 59.60
C ALA B 1068 42.59 -10.87 60.67
N GLN B 1069 43.22 -9.74 61.00
CA GLN B 1069 44.18 -9.64 62.10
C GLN B 1069 45.34 -10.62 61.93
N GLU B 1070 46.14 -10.36 60.89
CA GLU B 1070 47.29 -11.19 60.58
C GLU B 1070 48.47 -10.86 61.50
N LYS B 1071 49.56 -11.61 61.34
CA LYS B 1071 50.75 -11.45 62.15
C LYS B 1071 51.95 -12.05 61.43
N ASN B 1072 53.15 -11.61 61.83
CA ASN B 1072 54.38 -12.05 61.19
C ASN B 1072 55.01 -13.20 61.96
N PHE B 1073 55.68 -14.09 61.24
CA PHE B 1073 56.37 -15.23 61.83
C PHE B 1073 57.52 -15.65 60.94
N THR B 1074 58.25 -16.68 61.38
CA THR B 1074 59.37 -17.24 60.65
C THR B 1074 59.12 -18.72 60.42
N THR B 1075 59.42 -19.19 59.21
CA THR B 1075 59.11 -20.56 58.81
C THR B 1075 60.33 -21.26 58.24
N ALA B 1076 60.28 -22.58 58.27
CA ALA B 1076 61.31 -23.46 57.73
C ALA B 1076 60.63 -24.65 57.07
N PRO B 1077 61.26 -25.25 56.05
CA PRO B 1077 60.59 -26.34 55.33
C PRO B 1077 60.52 -27.64 56.12
N ALA B 1078 61.61 -28.03 56.79
CA ALA B 1078 61.65 -29.34 57.42
C ALA B 1078 62.62 -29.30 58.60
N ILE B 1079 62.54 -30.34 59.44
CA ILE B 1079 63.32 -30.44 60.66
C ILE B 1079 64.23 -31.66 60.56
N CYS B 1080 65.50 -31.47 60.87
CA CYS B 1080 66.45 -32.56 60.95
C CYS B 1080 66.70 -32.92 62.41
N HIS B 1081 66.64 -34.21 62.73
CA HIS B 1081 66.90 -34.68 64.08
C HIS B 1081 67.38 -36.12 64.02
N ASP B 1082 68.48 -36.40 64.72
CA ASP B 1082 69.05 -37.74 64.79
C ASP B 1082 69.33 -38.29 63.40
N GLY B 1083 69.89 -37.44 62.54
CA GLY B 1083 70.24 -37.88 61.19
C GLY B 1083 69.07 -38.23 60.31
N LYS B 1084 67.88 -37.71 60.60
CA LYS B 1084 66.68 -38.00 59.83
C LYS B 1084 65.92 -36.70 59.58
N ALA B 1085 65.16 -36.67 58.49
CA ALA B 1085 64.38 -35.51 58.09
C ALA B 1085 62.92 -35.73 58.43
N HIS B 1086 62.27 -34.69 58.95
CA HIS B 1086 60.88 -34.75 59.36
C HIS B 1086 60.08 -33.68 58.64
N PHE B 1087 58.85 -34.01 58.25
CA PHE B 1087 57.95 -33.12 57.56
C PHE B 1087 56.64 -32.97 58.34
N PRO B 1088 55.94 -31.85 58.17
CA PRO B 1088 54.63 -31.72 58.80
C PRO B 1088 53.58 -32.46 58.00
N ARG B 1089 52.79 -33.29 58.69
CA ARG B 1089 51.80 -34.11 58.00
C ARG B 1089 50.70 -33.26 57.37
N GLU B 1090 50.19 -32.28 58.12
CA GLU B 1090 49.08 -31.48 57.64
C GLU B 1090 49.26 -29.98 57.83
N GLY B 1091 50.36 -29.53 58.42
CA GLY B 1091 50.51 -28.14 58.78
C GLY B 1091 51.84 -27.57 58.32
N VAL B 1092 52.31 -26.58 59.08
CA VAL B 1092 53.55 -25.88 58.76
C VAL B 1092 54.30 -25.63 60.05
N PHE B 1093 55.63 -25.70 59.97
CA PHE B 1093 56.48 -25.43 61.11
C PHE B 1093 56.70 -23.94 61.24
N VAL B 1094 56.57 -23.41 62.46
CA VAL B 1094 56.77 -21.99 62.73
C VAL B 1094 57.62 -21.86 63.98
N SER B 1095 58.22 -20.67 64.12
CA SER B 1095 59.05 -20.37 65.28
C SER B 1095 58.72 -18.98 65.78
N ASN B 1096 58.55 -18.84 67.09
CA ASN B 1096 58.31 -17.55 67.73
C ASN B 1096 59.59 -16.78 67.99
N GLY B 1097 60.74 -17.36 67.67
CA GLY B 1097 62.02 -16.74 67.93
C GLY B 1097 62.95 -17.64 68.70
N THR B 1098 62.38 -18.50 69.55
CA THR B 1098 63.15 -19.43 70.36
C THR B 1098 62.64 -20.85 70.34
N HIS B 1099 61.38 -21.10 69.98
CA HIS B 1099 60.79 -22.41 70.02
C HIS B 1099 60.20 -22.74 68.65
N TRP B 1100 59.85 -24.01 68.45
CA TRP B 1100 59.28 -24.47 67.18
C TRP B 1100 57.96 -25.19 67.44
N PHE B 1101 56.96 -24.90 66.61
CA PHE B 1101 55.63 -25.47 66.75
C PHE B 1101 55.08 -25.82 65.37
N VAL B 1102 53.92 -26.47 65.38
CA VAL B 1102 53.19 -26.83 64.16
C VAL B 1102 51.76 -26.36 64.32
N THR B 1103 51.19 -25.83 63.25
CA THR B 1103 49.85 -25.25 63.30
C THR B 1103 49.17 -25.39 61.95
N GLN B 1104 47.86 -25.16 61.93
CA GLN B 1104 47.11 -25.17 60.69
C GLN B 1104 47.33 -23.85 59.95
N ARG B 1105 46.71 -23.74 58.78
CA ARG B 1105 47.07 -22.68 57.85
C ARG B 1105 46.16 -21.47 57.95
N ASN B 1106 44.86 -21.67 58.18
CA ASN B 1106 43.90 -20.58 58.14
C ASN B 1106 43.62 -19.97 59.50
N PHE B 1107 44.26 -20.46 60.55
CA PHE B 1107 44.03 -19.90 61.88
C PHE B 1107 45.20 -20.29 62.78
N TYR B 1108 45.63 -19.33 63.60
CA TYR B 1108 46.79 -19.55 64.46
C TYR B 1108 46.40 -20.37 65.68
N GLU B 1109 47.07 -21.52 65.85
CA GLU B 1109 46.98 -22.29 67.09
C GLU B 1109 48.26 -23.10 67.25
N PRO B 1110 49.13 -22.70 68.17
CA PRO B 1110 50.39 -23.41 68.35
C PRO B 1110 50.18 -24.77 69.01
N GLN B 1111 51.08 -25.70 68.71
CA GLN B 1111 51.06 -27.04 69.28
C GLN B 1111 52.48 -27.57 69.37
N ILE B 1112 52.67 -28.55 70.25
CA ILE B 1112 53.99 -29.14 70.45
C ILE B 1112 54.27 -30.15 69.35
N ILE B 1113 55.46 -30.05 68.76
CA ILE B 1113 55.85 -30.93 67.67
C ILE B 1113 56.13 -32.32 68.23
N THR B 1114 55.43 -33.33 67.72
CA THR B 1114 55.56 -34.71 68.14
C THR B 1114 55.60 -35.61 66.93
N THR B 1115 55.53 -36.92 67.17
CA THR B 1115 55.64 -37.90 66.09
C THR B 1115 54.29 -38.34 65.52
N ASP B 1116 53.18 -37.97 66.14
CA ASP B 1116 51.88 -38.34 65.62
C ASP B 1116 51.35 -37.36 64.59
N ASN B 1117 51.92 -36.16 64.50
CA ASN B 1117 51.56 -35.19 63.48
C ASN B 1117 52.67 -34.97 62.46
N THR B 1118 53.68 -35.84 62.46
CA THR B 1118 54.81 -35.72 61.55
C THR B 1118 55.15 -37.09 60.99
N PHE B 1119 55.81 -37.09 59.83
CA PHE B 1119 56.24 -38.32 59.18
C PHE B 1119 57.67 -38.14 58.67
N VAL B 1120 58.37 -39.26 58.54
CA VAL B 1120 59.81 -39.27 58.29
C VAL B 1120 60.07 -39.84 56.91
N SER B 1121 61.00 -39.21 56.19
CA SER B 1121 61.42 -39.70 54.87
C SER B 1121 62.74 -39.05 54.51
N GLY B 1122 63.75 -39.88 54.21
CA GLY B 1122 65.01 -39.38 53.71
C GLY B 1122 65.95 -38.87 54.80
N ASN B 1123 67.16 -38.56 54.37
CA ASN B 1123 68.21 -38.03 55.23
C ASN B 1123 68.24 -36.51 55.15
N CYS B 1124 69.27 -35.91 55.75
CA CYS B 1124 69.36 -34.45 55.88
C CYS B 1124 70.41 -33.84 54.96
N ASP B 1125 70.50 -34.30 53.71
CA ASP B 1125 71.49 -33.76 52.79
C ASP B 1125 70.92 -33.40 51.42
N VAL B 1126 69.69 -33.83 51.12
CA VAL B 1126 69.10 -33.56 49.82
C VAL B 1126 68.19 -32.35 49.82
N VAL B 1127 67.39 -32.15 50.86
CA VAL B 1127 66.51 -31.00 50.94
C VAL B 1127 67.31 -29.78 51.32
N ILE B 1128 66.99 -28.64 50.71
CA ILE B 1128 67.72 -27.39 50.91
C ILE B 1128 67.06 -26.61 52.04
N GLY B 1129 67.86 -26.19 53.01
CA GLY B 1129 67.38 -25.33 54.06
C GLY B 1129 66.85 -26.02 55.30
N ILE B 1130 67.06 -27.32 55.45
CA ILE B 1130 66.59 -28.04 56.63
C ILE B 1130 67.36 -27.54 57.85
N VAL B 1131 66.71 -27.60 59.02
CA VAL B 1131 67.28 -27.07 60.24
C VAL B 1131 67.29 -28.17 61.31
N ASN B 1132 67.99 -27.87 62.40
CA ASN B 1132 68.22 -28.84 63.47
C ASN B 1132 67.34 -28.52 64.68
N ASN B 1133 66.70 -29.55 65.22
CA ASN B 1133 65.91 -29.43 66.44
C ASN B 1133 65.67 -30.84 66.98
N THR B 1134 64.84 -30.93 68.01
CA THR B 1134 64.55 -32.19 68.69
C THR B 1134 63.10 -32.56 68.49
N VAL B 1135 62.84 -33.86 68.33
CA VAL B 1135 61.50 -34.40 68.15
C VAL B 1135 61.14 -35.19 69.40
N TYR B 1136 59.98 -34.88 69.98
CA TYR B 1136 59.53 -35.52 71.21
C TYR B 1136 58.72 -36.77 70.89
N ASP B 1137 59.01 -37.86 71.63
CA ASP B 1137 58.29 -39.10 71.49
C ASP B 1137 57.49 -39.37 72.76
N PRO B 1138 56.16 -39.44 72.70
CA PRO B 1138 55.39 -39.70 73.92
C PRO B 1138 55.60 -41.09 74.51
N LEU B 1139 56.11 -42.05 73.74
CA LEU B 1139 56.23 -43.42 74.22
C LEU B 1139 57.29 -43.53 75.31
N GLN B 1140 58.44 -42.88 75.12
CA GLN B 1140 59.57 -43.09 76.01
C GLN B 1140 59.31 -42.70 77.46
N PRO B 1141 58.70 -41.53 77.76
CA PRO B 1141 58.45 -41.22 79.18
C PRO B 1141 57.60 -42.25 79.89
N GLU B 1142 56.60 -42.81 79.21
CA GLU B 1142 55.80 -43.88 79.79
C GLU B 1142 56.56 -45.19 79.87
N LEU B 1143 57.42 -45.47 78.90
CA LEU B 1143 58.19 -46.71 78.91
C LEU B 1143 59.19 -46.75 80.05
N ASP B 1144 59.86 -45.63 80.33
CA ASP B 1144 60.87 -45.59 81.38
C ASP B 1144 60.28 -45.35 82.77
N SER B 1145 58.98 -45.10 82.88
CA SER B 1145 58.36 -44.89 84.18
C SER B 1145 57.81 -46.19 84.75
N GLN C 14 42.21 5.91 -59.62
CA GLN C 14 42.20 5.07 -60.81
C GLN C 14 42.69 3.68 -60.46
N CYS C 15 42.81 2.80 -61.47
CA CYS C 15 42.98 1.38 -61.20
C CYS C 15 43.76 0.71 -62.33
N VAL C 16 44.33 -0.46 -62.02
CA VAL C 16 45.10 -1.27 -62.95
C VAL C 16 44.91 -2.73 -62.57
N ASN C 17 44.79 -3.60 -63.58
CA ASN C 17 44.42 -5.00 -63.36
C ASN C 17 45.68 -5.85 -63.18
N LEU C 18 45.54 -6.93 -62.40
CA LEU C 18 46.58 -7.92 -62.19
C LEU C 18 45.96 -9.16 -61.58
N THR C 19 46.44 -10.35 -62.01
CA THR C 19 45.84 -11.59 -61.54
C THR C 19 46.86 -12.70 -61.27
N THR C 20 48.13 -12.34 -61.03
CA THR C 20 49.15 -13.33 -60.75
C THR C 20 49.22 -13.69 -59.27
N ARG C 21 48.38 -14.60 -58.80
CA ARG C 21 48.29 -14.87 -57.37
C ARG C 21 48.71 -16.30 -57.06
N THR C 22 49.06 -16.53 -55.79
CA THR C 22 49.43 -17.84 -55.28
C THR C 22 48.48 -18.22 -54.17
N GLN C 23 48.16 -19.51 -54.08
CA GLN C 23 47.14 -19.99 -53.14
C GLN C 23 47.80 -20.70 -51.97
N LEU C 24 47.42 -20.32 -50.75
CA LEU C 24 47.88 -20.97 -49.54
C LEU C 24 46.94 -20.63 -48.38
N PRO C 25 46.63 -21.59 -47.52
CA PRO C 25 45.78 -21.29 -46.35
C PRO C 25 46.53 -20.41 -45.36
N PRO C 26 45.86 -19.47 -44.72
CA PRO C 26 46.52 -18.67 -43.68
C PRO C 26 46.85 -19.52 -42.46
N ALA C 27 47.93 -19.15 -41.80
CA ALA C 27 48.35 -19.84 -40.58
C ALA C 27 47.58 -19.32 -39.38
N TYR C 28 47.60 -20.10 -38.30
CA TYR C 28 46.93 -19.75 -37.06
C TYR C 28 47.97 -19.60 -35.97
N THR C 29 47.97 -18.46 -35.30
CA THR C 29 48.96 -18.17 -34.26
C THR C 29 48.25 -17.75 -32.97
N ASN C 30 48.96 -17.90 -31.87
CA ASN C 30 48.43 -17.64 -30.54
C ASN C 30 48.46 -16.14 -30.26
N SER C 31 47.33 -15.60 -29.83
CA SER C 31 47.24 -14.22 -29.37
C SER C 31 47.44 -14.20 -27.86
N PHE C 32 48.67 -13.93 -27.44
CA PHE C 32 49.06 -14.16 -26.05
C PHE C 32 48.36 -13.21 -25.09
N THR C 33 48.64 -11.91 -25.21
CA THR C 33 48.09 -10.93 -24.27
C THR C 33 47.70 -9.61 -24.91
N ARG C 34 47.75 -9.48 -26.24
CA ARG C 34 47.50 -8.19 -26.86
C ARG C 34 46.00 -7.96 -27.06
N GLY C 35 45.63 -6.70 -27.23
CA GLY C 35 44.25 -6.35 -27.48
C GLY C 35 43.53 -5.74 -26.30
N VAL C 36 44.20 -4.85 -25.58
CA VAL C 36 43.62 -4.17 -24.43
C VAL C 36 43.65 -2.66 -24.69
N TYR C 37 42.51 -2.02 -24.49
CA TYR C 37 42.37 -0.58 -24.71
C TYR C 37 41.58 0.04 -23.58
N TYR C 38 41.80 1.34 -23.37
CA TYR C 38 41.08 2.07 -22.33
C TYR C 38 39.62 2.18 -22.71
N PRO C 39 38.68 1.75 -21.86
CA PRO C 39 37.26 1.79 -22.22
C PRO C 39 36.69 3.20 -22.26
N ASP C 40 36.92 3.97 -21.19
CA ASP C 40 36.30 5.28 -21.02
C ASP C 40 37.37 6.31 -20.74
N LYS C 41 36.93 7.56 -20.54
CA LYS C 41 37.82 8.69 -20.31
C LYS C 41 37.78 9.17 -18.86
N VAL C 42 37.62 8.25 -17.92
CA VAL C 42 37.52 8.59 -16.50
C VAL C 42 38.76 8.08 -15.79
N PHE C 43 39.36 8.96 -14.98
CA PHE C 43 40.60 8.62 -14.30
C PHE C 43 40.36 7.68 -13.13
N ARG C 44 41.32 6.78 -12.90
CA ARG C 44 41.27 5.86 -11.78
C ARG C 44 42.69 5.62 -11.29
N SER C 45 42.81 5.02 -10.10
CA SER C 45 44.11 4.74 -9.53
C SER C 45 43.98 3.69 -8.43
N SER C 46 44.83 2.66 -8.51
CA SER C 46 44.98 1.66 -7.44
C SER C 46 43.64 1.02 -7.09
N VAL C 47 42.89 0.60 -8.11
CA VAL C 47 41.59 -0.01 -7.93
C VAL C 47 41.36 -1.05 -9.02
N LEU C 48 40.73 -2.15 -8.65
CA LEU C 48 40.35 -3.20 -9.59
C LEU C 48 38.92 -2.92 -10.06
N HIS C 49 38.71 -2.96 -11.38
CA HIS C 49 37.43 -2.61 -11.98
C HIS C 49 36.95 -3.73 -12.88
N SER C 50 35.65 -3.94 -12.93
CA SER C 50 35.03 -4.97 -13.75
C SER C 50 34.15 -4.31 -14.79
N THR C 51 34.32 -4.72 -16.06
CA THR C 51 33.54 -4.19 -17.17
C THR C 51 33.14 -5.32 -18.10
N GLN C 52 32.32 -4.98 -19.09
CA GLN C 52 31.84 -5.95 -20.08
C GLN C 52 31.74 -5.21 -21.42
N ASP C 53 32.65 -5.51 -22.34
CA ASP C 53 32.74 -4.81 -23.62
C ASP C 53 33.30 -5.74 -24.68
N LEU C 54 33.34 -5.25 -25.91
CA LEU C 54 33.96 -5.99 -27.01
C LEU C 54 35.46 -6.10 -26.77
N PHE C 55 35.99 -7.31 -26.94
CA PHE C 55 37.40 -7.54 -26.68
C PHE C 55 37.89 -8.72 -27.50
N LEU C 56 39.22 -8.84 -27.58
CA LEU C 56 39.85 -9.97 -28.26
C LEU C 56 40.17 -11.05 -27.24
N PRO C 57 39.59 -12.25 -27.36
CA PRO C 57 39.87 -13.30 -26.37
C PRO C 57 41.34 -13.66 -26.33
N PHE C 58 41.84 -13.94 -25.13
CA PHE C 58 43.23 -14.33 -24.96
C PHE C 58 43.47 -15.72 -25.51
N PHE C 59 44.70 -15.95 -25.97
CA PHE C 59 45.15 -17.26 -26.46
C PHE C 59 44.24 -17.79 -27.55
N SER C 60 43.99 -16.94 -28.53
CA SER C 60 43.12 -17.25 -29.66
C SER C 60 43.94 -17.42 -30.94
N ASN C 61 43.45 -18.28 -31.82
CA ASN C 61 44.07 -18.49 -33.12
C ASN C 61 43.63 -17.39 -34.07
N VAL C 62 44.51 -16.42 -34.30
CA VAL C 62 44.25 -15.31 -35.20
C VAL C 62 44.69 -15.71 -36.59
N THR C 63 44.08 -15.08 -37.59
CA THR C 63 44.43 -15.35 -38.98
C THR C 63 45.78 -14.72 -39.31
N TRP C 64 46.83 -15.54 -39.23
CA TRP C 64 48.19 -15.10 -39.48
C TRP C 64 48.33 -14.95 -40.99
N PHE C 65 47.85 -13.84 -41.52
CA PHE C 65 47.76 -13.62 -42.95
C PHE C 65 49.13 -13.23 -43.47
N HIS C 66 49.98 -14.22 -43.70
CA HIS C 66 51.33 -13.97 -44.19
C HIS C 66 51.24 -13.58 -45.65
N ALA C 67 50.93 -12.31 -45.89
CA ALA C 67 50.81 -11.77 -47.24
C ALA C 67 52.20 -11.39 -47.74
N ILE C 68 52.96 -12.39 -48.18
CA ILE C 68 54.33 -12.15 -48.65
C ILE C 68 54.31 -11.42 -49.98
N LYS C 75 57.43 -12.84 -56.97
CA LYS C 75 56.51 -11.72 -56.77
C LYS C 75 55.11 -12.23 -56.46
N ARG C 76 54.47 -11.60 -55.47
CA ARG C 76 53.22 -12.08 -54.90
C ARG C 76 52.18 -10.96 -54.93
N PHE C 77 50.90 -11.34 -54.87
CA PHE C 77 49.83 -10.35 -54.78
C PHE C 77 48.61 -11.01 -54.16
N ASP C 78 48.16 -10.48 -53.03
CA ASP C 78 46.96 -11.00 -52.37
C ASP C 78 46.36 -9.88 -51.53
N ASN C 79 45.30 -9.25 -52.05
CA ASN C 79 44.57 -8.20 -51.34
C ASN C 79 43.07 -8.37 -51.60
N PRO C 80 42.44 -9.38 -50.99
CA PRO C 80 41.02 -9.63 -51.23
C PRO C 80 40.15 -8.74 -50.34
N VAL C 81 38.84 -8.89 -50.51
CA VAL C 81 37.85 -8.13 -49.75
C VAL C 81 37.43 -8.97 -48.55
N LEU C 82 37.42 -8.35 -47.37
CA LEU C 82 37.13 -9.03 -46.13
C LEU C 82 35.89 -8.41 -45.47
N PRO C 83 35.11 -9.21 -44.75
CA PRO C 83 33.93 -8.68 -44.07
C PRO C 83 34.32 -7.80 -42.88
N PHE C 84 33.36 -6.98 -42.46
CA PHE C 84 33.56 -5.98 -41.40
C PHE C 84 32.53 -6.17 -40.30
N ASN C 85 32.47 -7.38 -39.75
CA ASN C 85 31.74 -7.60 -38.49
C ASN C 85 32.34 -6.72 -37.40
N ASP C 86 31.74 -6.76 -36.21
CA ASP C 86 31.80 -5.68 -35.22
C ASP C 86 33.15 -4.96 -35.12
N GLY C 87 34.26 -5.70 -35.05
CA GLY C 87 35.54 -5.03 -34.86
C GLY C 87 36.70 -5.86 -35.38
N VAL C 88 37.81 -5.15 -35.61
CA VAL C 88 39.04 -5.76 -36.10
C VAL C 88 40.23 -5.16 -35.36
N TYR C 89 41.14 -6.02 -34.91
CA TYR C 89 42.41 -5.60 -34.33
C TYR C 89 43.47 -5.65 -35.41
N PHE C 90 44.05 -4.50 -35.73
CA PHE C 90 45.00 -4.39 -36.84
C PHE C 90 46.41 -4.25 -36.31
N ALA C 91 47.32 -5.05 -36.84
CA ALA C 91 48.73 -4.99 -36.51
C ALA C 91 49.54 -4.99 -37.80
N SER C 92 50.50 -4.06 -37.89
CA SER C 92 51.33 -3.93 -39.08
C SER C 92 52.77 -4.21 -38.73
N THR C 93 53.39 -5.13 -39.46
CA THR C 93 54.82 -5.41 -39.33
C THR C 93 55.49 -4.97 -40.62
N GLU C 94 55.84 -3.68 -40.70
CA GLU C 94 56.36 -3.09 -41.92
C GLU C 94 57.49 -2.12 -41.60
N LYS C 95 58.23 -1.76 -42.64
CA LYS C 95 59.30 -0.78 -42.56
C LYS C 95 59.30 0.01 -43.86
N SER C 96 59.66 1.29 -43.78
CA SER C 96 59.72 2.21 -44.92
C SER C 96 58.35 2.55 -45.48
N ASN C 97 57.27 2.15 -44.79
CA ASN C 97 55.92 2.62 -45.07
C ASN C 97 55.46 2.24 -46.49
N ILE C 98 55.40 0.94 -46.75
CA ILE C 98 54.77 0.48 -47.98
C ILE C 98 53.27 0.70 -47.93
N ILE C 99 52.65 0.43 -46.78
CA ILE C 99 51.21 0.57 -46.63
C ILE C 99 50.82 2.04 -46.71
N ARG C 100 49.64 2.31 -47.27
CA ARG C 100 49.18 3.68 -47.42
C ARG C 100 47.89 3.98 -46.67
N GLY C 101 46.84 3.20 -46.88
CA GLY C 101 45.56 3.57 -46.32
C GLY C 101 44.58 2.42 -46.26
N TRP C 102 43.32 2.77 -46.01
CA TRP C 102 42.26 1.82 -45.78
C TRP C 102 41.00 2.25 -46.51
N ILE C 103 40.14 1.28 -46.82
CA ILE C 103 38.85 1.55 -47.46
C ILE C 103 37.80 0.66 -46.82
N PHE C 104 36.62 1.22 -46.56
CA PHE C 104 35.49 0.48 -46.02
C PHE C 104 34.22 0.90 -46.74
N GLY C 105 33.25 -0.01 -46.80
CA GLY C 105 32.01 0.29 -47.46
C GLY C 105 31.07 -0.90 -47.40
N THR C 106 30.00 -0.82 -48.21
CA THR C 106 29.01 -1.88 -48.32
C THR C 106 28.93 -2.46 -49.73
N THR C 107 28.81 -1.61 -50.74
CA THR C 107 28.74 -2.05 -52.13
C THR C 107 29.91 -1.55 -52.97
N LEU C 108 30.61 -0.52 -52.50
CA LEU C 108 31.78 0.04 -53.21
C LEU C 108 31.39 0.57 -54.58
N ASP C 109 30.39 1.46 -54.61
CA ASP C 109 29.91 2.08 -55.82
C ASP C 109 29.54 3.54 -55.53
N SER C 110 29.23 4.28 -56.59
CA SER C 110 28.71 5.63 -56.41
C SER C 110 27.36 5.63 -55.73
N LYS C 111 26.64 4.51 -55.77
CA LYS C 111 25.31 4.46 -55.15
C LYS C 111 25.39 4.61 -53.64
N THR C 112 26.31 3.90 -53.00
CA THR C 112 26.42 3.89 -51.55
C THR C 112 27.63 4.70 -51.09
N GLN C 113 27.55 5.18 -49.85
CA GLN C 113 28.62 5.99 -49.30
C GLN C 113 29.75 5.09 -48.81
N SER C 114 30.99 5.56 -48.98
CA SER C 114 32.17 4.88 -48.48
C SER C 114 33.08 5.88 -47.80
N LEU C 115 34.25 5.42 -47.38
CA LEU C 115 35.22 6.25 -46.67
C LEU C 115 36.58 6.14 -47.34
N LEU C 116 37.37 7.20 -47.24
CA LEU C 116 38.75 7.20 -47.71
C LEU C 116 39.60 8.03 -46.76
N ILE C 117 40.73 7.45 -46.35
CA ILE C 117 41.68 8.13 -45.47
C ILE C 117 43.08 7.94 -46.02
N VAL C 118 43.86 9.02 -46.03
CA VAL C 118 45.16 9.06 -46.67
C VAL C 118 46.16 9.75 -45.75
N ASN C 119 47.38 9.23 -45.70
CA ASN C 119 48.46 9.74 -44.85
C ASN C 119 49.69 10.04 -45.71
N ASN C 120 49.50 10.82 -46.77
CA ASN C 120 50.50 10.99 -47.83
C ASN C 120 51.64 11.92 -47.41
N ALA C 121 52.25 11.60 -46.28
CA ALA C 121 53.50 12.19 -45.80
C ALA C 121 53.39 13.70 -45.57
N THR C 122 52.22 14.28 -45.78
CA THR C 122 51.99 15.70 -45.53
C THR C 122 51.03 15.92 -44.38
N ASN C 123 49.85 15.33 -44.45
CA ASN C 123 48.87 15.32 -43.38
C ASN C 123 47.80 14.29 -43.74
N VAL C 124 46.95 13.98 -42.77
CA VAL C 124 45.86 13.06 -43.05
C VAL C 124 44.62 13.84 -43.41
N VAL C 125 44.05 13.54 -44.58
CA VAL C 125 42.75 14.03 -44.99
C VAL C 125 41.77 12.86 -44.88
N ILE C 126 40.66 13.08 -44.22
CA ILE C 126 39.65 12.04 -43.99
C ILE C 126 38.45 12.37 -44.85
N LYS C 127 38.06 11.41 -45.69
CA LYS C 127 36.98 11.60 -46.64
C LYS C 127 35.93 10.51 -46.46
N VAL C 128 34.67 10.91 -46.53
CA VAL C 128 33.56 9.98 -46.59
C VAL C 128 32.84 10.27 -47.90
N CYS C 129 33.27 9.63 -48.98
CA CYS C 129 32.72 9.87 -50.30
C CYS C 129 32.20 8.55 -50.86
N GLU C 130 31.21 8.67 -51.74
CA GLU C 130 30.91 7.63 -52.70
C GLU C 130 32.02 7.65 -53.74
N PHE C 131 32.57 6.49 -54.02
CA PHE C 131 33.58 6.37 -55.06
C PHE C 131 33.30 5.11 -55.85
N GLN C 132 33.78 5.10 -57.09
CA GLN C 132 33.79 3.90 -57.90
C GLN C 132 35.20 3.31 -57.82
N PHE C 133 35.49 2.65 -56.70
CA PHE C 133 36.66 1.78 -56.70
C PHE C 133 36.50 0.72 -57.77
N CYS C 134 37.58 0.54 -58.54
CA CYS C 134 37.63 -0.40 -59.63
C CYS C 134 37.65 -1.83 -59.09
N ASN C 135 37.70 -2.82 -59.98
CA ASN C 135 37.62 -4.20 -59.53
C ASN C 135 38.82 -4.60 -58.67
N ASP C 136 40.02 -4.10 -58.97
CA ASP C 136 41.16 -4.22 -58.06
C ASP C 136 41.78 -2.84 -57.89
N PRO C 137 41.22 -2.02 -57.00
CA PRO C 137 41.68 -0.64 -56.88
C PRO C 137 42.84 -0.47 -55.91
N PHE C 138 43.92 0.15 -56.37
CA PHE C 138 45.09 0.43 -55.54
C PHE C 138 45.97 1.44 -56.27
N LEU C 139 47.01 1.91 -55.59
CA LEU C 139 47.95 2.86 -56.15
C LEU C 139 48.95 2.11 -57.03
N GLY C 140 49.44 2.81 -58.06
CA GLY C 140 50.41 2.25 -58.97
C GLY C 140 51.83 2.64 -58.61
N MET C 151 60.85 10.61 -55.58
CA MET C 151 59.89 11.16 -56.53
C MET C 151 58.65 10.28 -56.52
N GLU C 152 57.48 10.92 -56.48
CA GLU C 152 56.19 10.23 -56.48
C GLU C 152 55.31 10.90 -57.54
N SER C 153 55.01 10.18 -58.61
CA SER C 153 54.23 10.73 -59.72
C SER C 153 53.20 9.74 -60.22
N GLU C 154 52.42 9.15 -59.30
CA GLU C 154 51.36 8.22 -59.68
C GLU C 154 50.30 8.24 -58.58
N PHE C 155 49.17 8.86 -58.87
CA PHE C 155 48.05 8.98 -57.92
C PHE C 155 46.82 8.31 -58.54
N ARG C 156 46.67 7.02 -58.30
CA ARG C 156 45.55 6.22 -58.81
C ARG C 156 44.88 5.53 -57.62
N VAL C 157 43.76 6.07 -57.16
CA VAL C 157 43.03 5.53 -56.02
C VAL C 157 41.57 5.23 -56.37
N TYR C 158 40.87 6.16 -57.01
CA TYR C 158 39.48 5.94 -57.38
C TYR C 158 39.31 6.25 -58.87
N SER C 159 38.32 5.58 -59.47
CA SER C 159 38.01 5.80 -60.88
C SER C 159 36.94 6.87 -61.11
N SER C 160 36.04 7.08 -60.16
CA SER C 160 35.00 8.10 -60.28
C SER C 160 34.84 8.82 -58.95
N ALA C 161 34.63 10.13 -59.01
CA ALA C 161 34.55 10.99 -57.83
C ALA C 161 33.09 11.38 -57.59
N ASN C 162 32.57 11.07 -56.42
CA ASN C 162 31.26 11.53 -56.00
C ASN C 162 31.41 12.44 -54.77
N ASN C 163 30.28 12.86 -54.20
CA ASN C 163 30.30 13.85 -53.12
C ASN C 163 30.74 13.22 -51.81
N CYS C 164 31.30 14.05 -50.93
CA CYS C 164 31.66 13.65 -49.57
C CYS C 164 30.67 14.23 -48.57
N THR C 165 30.14 13.36 -47.71
CA THR C 165 29.31 13.84 -46.60
C THR C 165 30.18 14.50 -45.53
N PHE C 166 31.15 13.78 -44.99
CA PHE C 166 32.05 14.31 -43.98
C PHE C 166 33.45 14.45 -44.56
N GLU C 167 34.05 15.61 -44.36
CA GLU C 167 35.45 15.85 -44.68
C GLU C 167 36.17 16.26 -43.40
N TYR C 168 37.36 15.69 -43.20
CA TYR C 168 38.14 15.97 -42.02
C TYR C 168 39.61 16.10 -42.43
N VAL C 169 40.16 17.30 -42.23
CA VAL C 169 41.56 17.58 -42.49
C VAL C 169 42.20 18.05 -41.20
N SER C 170 43.31 17.42 -40.81
CA SER C 170 44.02 17.81 -39.60
C SER C 170 45.42 17.20 -39.63
N GLN C 171 46.13 17.36 -38.52
CA GLN C 171 47.47 16.81 -38.39
C GLN C 171 47.38 15.28 -38.41
N PRO C 172 48.27 14.60 -39.14
CA PRO C 172 48.06 13.18 -39.45
C PRO C 172 48.13 12.29 -38.22
N PHE C 173 47.75 11.02 -38.43
CA PHE C 173 47.99 10.01 -37.41
C PHE C 173 49.49 9.85 -37.15
N LEU C 174 50.31 9.92 -38.18
CA LEU C 174 51.75 9.74 -38.05
C LEU C 174 52.47 11.07 -38.26
N ASN C 183 64.14 -2.83 -36.36
CA ASN C 183 62.93 -3.31 -35.71
C ASN C 183 61.85 -2.25 -35.67
N PHE C 184 60.85 -2.44 -34.82
CA PHE C 184 59.77 -1.47 -34.71
C PHE C 184 59.90 -0.62 -33.46
N LYS C 185 60.26 0.65 -33.64
CA LYS C 185 59.98 1.66 -32.64
C LYS C 185 58.51 2.04 -32.59
N ASN C 186 57.73 1.69 -33.60
CA ASN C 186 56.29 1.90 -33.62
C ASN C 186 55.59 0.58 -33.93
N LEU C 187 54.93 0.02 -32.93
CA LEU C 187 54.01 -1.10 -33.14
C LEU C 187 52.65 -0.51 -33.44
N ARG C 188 52.33 -0.37 -34.73
CA ARG C 188 51.13 0.33 -35.17
C ARG C 188 49.93 -0.57 -34.94
N GLU C 189 49.30 -0.41 -33.78
CA GLU C 189 48.16 -1.22 -33.38
C GLU C 189 46.91 -0.37 -33.43
N PHE C 190 46.01 -0.70 -34.35
CA PHE C 190 44.79 0.08 -34.55
C PHE C 190 43.57 -0.79 -34.29
N VAL C 191 42.62 -0.25 -33.54
CA VAL C 191 41.35 -0.90 -33.27
C VAL C 191 40.24 0.00 -33.80
N PHE C 192 39.38 -0.56 -34.66
CA PHE C 192 38.34 0.21 -35.32
C PHE C 192 36.98 -0.18 -34.75
N LYS C 193 36.25 0.82 -34.25
CA LYS C 193 34.93 0.62 -33.68
C LYS C 193 33.96 1.63 -34.26
N ASN C 194 32.76 1.16 -34.60
CA ASN C 194 31.70 2.02 -35.15
C ASN C 194 30.37 1.58 -34.54
N ILE C 195 29.93 2.30 -33.51
CA ILE C 195 28.66 2.05 -32.85
C ILE C 195 27.97 3.38 -32.62
N ASP C 196 26.65 3.34 -32.44
CA ASP C 196 25.86 4.50 -32.06
C ASP C 196 25.91 5.59 -33.15
N GLY C 197 26.50 5.24 -34.28
CA GLY C 197 26.71 6.21 -35.34
C GLY C 197 28.00 7.00 -35.22
N TYR C 198 28.90 6.58 -34.33
CA TYR C 198 30.18 7.24 -34.15
C TYR C 198 31.30 6.27 -34.51
N PHE C 199 32.38 6.82 -35.05
CA PHE C 199 33.55 6.03 -35.44
C PHE C 199 34.69 6.38 -34.50
N LYS C 200 35.16 5.38 -33.74
CA LYS C 200 36.24 5.57 -32.79
C LYS C 200 37.46 4.77 -33.25
N ILE C 201 38.63 5.37 -33.11
CA ILE C 201 39.89 4.77 -33.53
C ILE C 201 40.83 4.76 -32.33
N TYR C 202 41.32 3.57 -31.98
CA TYR C 202 42.27 3.41 -30.90
C TYR C 202 43.62 2.97 -31.47
N SER C 203 44.65 3.77 -31.22
CA SER C 203 45.96 3.53 -31.78
C SER C 203 47.02 3.57 -30.68
N LYS C 204 48.09 2.81 -30.90
CA LYS C 204 49.20 2.81 -29.96
C LYS C 204 50.50 2.96 -30.73
N HIS C 205 51.36 3.85 -30.22
CA HIS C 205 52.68 4.07 -30.77
C HIS C 205 53.72 3.56 -29.77
N THR C 206 54.01 2.27 -29.86
CA THR C 206 54.90 1.63 -28.90
C THR C 206 55.97 0.86 -29.65
N PRO C 207 57.17 0.75 -29.10
CA PRO C 207 58.23 -0.02 -29.76
C PRO C 207 58.11 -1.51 -29.54
N ILE C 208 59.02 -2.25 -30.19
CA ILE C 208 59.11 -3.69 -30.02
C ILE C 208 60.30 -4.03 -29.14
N ASP C 213 55.94 -12.47 -35.14
CA ASP C 213 55.12 -12.96 -34.04
C ASP C 213 54.96 -11.91 -32.96
N LEU C 214 53.77 -11.87 -32.36
CA LEU C 214 53.52 -10.90 -31.30
C LEU C 214 54.36 -11.24 -30.07
N PRO C 215 54.90 -10.23 -29.38
CA PRO C 215 55.74 -10.49 -28.22
C PRO C 215 54.93 -10.77 -26.97
N GLN C 216 55.63 -11.24 -25.94
CA GLN C 216 55.02 -11.52 -24.65
C GLN C 216 55.18 -10.30 -23.75
N GLY C 217 54.05 -9.76 -23.32
CA GLY C 217 54.06 -8.57 -22.49
C GLY C 217 52.70 -7.92 -22.47
N PHE C 218 52.61 -6.84 -21.71
CA PHE C 218 51.37 -6.11 -21.54
C PHE C 218 51.53 -4.70 -22.08
N SER C 219 50.58 -4.26 -22.90
CA SER C 219 50.61 -2.92 -23.48
C SER C 219 49.19 -2.53 -23.86
N ALA C 220 48.68 -1.48 -23.22
CA ALA C 220 47.33 -1.02 -23.50
C ALA C 220 47.30 -0.16 -24.76
N LEU C 221 46.09 0.15 -25.22
CA LEU C 221 45.87 0.97 -26.40
C LEU C 221 45.09 2.21 -26.00
N GLU C 222 45.46 3.37 -26.60
CA GLU C 222 44.80 4.62 -26.28
C GLU C 222 43.90 5.07 -27.42
N PRO C 223 42.81 5.77 -27.12
CA PRO C 223 41.96 6.32 -28.18
C PRO C 223 42.50 7.64 -28.70
N LEU C 224 42.40 7.84 -30.00
CA LEU C 224 42.89 9.05 -30.64
C LEU C 224 41.78 9.85 -31.31
N VAL C 225 40.96 9.23 -32.15
CA VAL C 225 40.07 9.95 -33.04
C VAL C 225 38.66 9.38 -32.90
N ASP C 226 37.66 10.27 -32.80
CA ASP C 226 36.26 9.91 -32.78
C ASP C 226 35.54 10.69 -33.87
N LEU C 227 34.76 10.00 -34.70
CA LEU C 227 34.07 10.63 -35.82
C LEU C 227 32.59 10.32 -35.77
N PRO C 228 31.71 11.33 -35.75
CA PRO C 228 30.25 11.10 -35.78
C PRO C 228 29.68 10.97 -37.18
N ILE C 229 29.90 9.82 -37.81
CA ILE C 229 29.46 9.63 -39.20
C ILE C 229 28.10 8.95 -39.24
N GLY C 230 28.03 7.72 -38.73
CA GLY C 230 26.80 6.96 -38.81
C GLY C 230 26.57 6.37 -40.18
N ILE C 231 27.48 5.51 -40.62
CA ILE C 231 27.43 4.89 -41.94
C ILE C 231 27.51 3.38 -41.78
N ASN C 232 26.57 2.68 -42.43
CA ASN C 232 26.57 1.22 -42.40
C ASN C 232 27.73 0.67 -43.23
N ILE C 233 28.49 -0.25 -42.64
CA ILE C 233 29.65 -0.86 -43.29
C ILE C 233 29.48 -2.36 -43.28
N THR C 234 29.82 -3.01 -44.39
CA THR C 234 29.69 -4.46 -44.50
C THR C 234 31.02 -5.13 -44.77
N ARG C 235 31.80 -4.58 -45.71
CA ARG C 235 33.08 -5.15 -46.10
C ARG C 235 34.13 -4.05 -46.18
N PHE C 236 35.38 -4.45 -46.40
CA PHE C 236 36.47 -3.50 -46.39
C PHE C 236 37.68 -4.08 -47.10
N GLN C 237 38.72 -3.25 -47.22
CA GLN C 237 39.99 -3.64 -47.79
C GLN C 237 41.01 -2.57 -47.42
N THR C 238 42.24 -2.75 -47.86
CA THR C 238 43.33 -1.83 -47.57
C THR C 238 43.82 -1.17 -48.85
N LEU C 239 44.84 -0.32 -48.69
CA LEU C 239 45.44 0.40 -49.80
C LEU C 239 46.95 0.30 -49.70
N LEU C 240 47.62 0.30 -50.84
CA LEU C 240 49.07 0.14 -50.91
C LEU C 240 49.70 1.23 -51.77
N ALA C 241 50.99 1.07 -52.03
CA ALA C 241 51.76 1.97 -52.89
C ALA C 241 52.66 1.12 -53.78
N LEU C 242 52.17 0.78 -54.97
CA LEU C 242 52.92 -0.07 -55.88
C LEU C 242 54.15 0.66 -56.42
N HIS C 243 55.18 -0.12 -56.76
CA HIS C 243 56.39 0.42 -57.37
C HIS C 243 56.30 0.21 -58.88
N ARG C 244 56.05 1.29 -59.61
CA ARG C 244 55.98 1.25 -61.07
C ARG C 244 57.32 1.63 -61.65
N SER C 245 57.82 0.79 -62.57
CA SER C 245 59.11 1.03 -63.20
C SER C 245 59.08 2.28 -64.08
N GLY C 255 53.73 -8.23 -59.21
CA GLY C 255 53.42 -8.61 -57.85
C GLY C 255 54.08 -7.71 -56.82
N TRP C 256 53.57 -7.72 -55.60
CA TRP C 256 54.10 -6.88 -54.53
C TRP C 256 54.73 -7.77 -53.46
N THR C 257 55.90 -7.33 -53.00
CA THR C 257 56.61 -7.98 -51.89
C THR C 257 56.94 -6.93 -50.85
N ALA C 258 56.01 -6.69 -49.92
CA ALA C 258 56.26 -5.80 -48.80
C ALA C 258 57.01 -6.55 -47.71
N GLY C 259 57.10 -5.93 -46.54
CA GLY C 259 57.64 -6.62 -45.39
C GLY C 259 56.77 -7.82 -45.00
N ALA C 260 57.07 -8.40 -43.85
CA ALA C 260 56.25 -9.51 -43.40
C ALA C 260 54.86 -8.99 -43.06
N ALA C 261 53.94 -9.14 -44.02
CA ALA C 261 52.66 -8.46 -43.98
C ALA C 261 51.64 -9.38 -43.34
N ALA C 262 51.94 -9.87 -42.15
CA ALA C 262 51.05 -10.73 -41.40
C ALA C 262 50.01 -9.88 -40.70
N TYR C 263 49.23 -9.12 -41.47
CA TYR C 263 48.08 -8.43 -40.90
C TYR C 263 47.13 -9.47 -40.35
N TYR C 264 46.68 -9.25 -39.13
CA TYR C 264 45.79 -10.18 -38.46
C TYR C 264 44.39 -9.59 -38.44
N VAL C 265 43.44 -10.34 -38.99
CA VAL C 265 42.03 -9.96 -38.97
C VAL C 265 41.38 -10.66 -37.79
N GLY C 266 41.39 -10.00 -36.63
CA GLY C 266 40.80 -10.56 -35.44
C GLY C 266 39.43 -9.95 -35.19
N TYR C 267 38.45 -10.84 -35.03
CA TYR C 267 37.06 -10.44 -34.84
C TYR C 267 36.75 -10.33 -33.36
N LEU C 268 36.35 -9.14 -32.95
CA LEU C 268 36.00 -8.86 -31.56
C LEU C 268 34.69 -9.53 -31.19
N GLN C 269 34.45 -9.64 -29.89
CA GLN C 269 33.27 -10.30 -29.35
C GLN C 269 33.15 -9.93 -27.88
N PRO C 270 31.94 -9.62 -27.41
CA PRO C 270 31.77 -9.11 -26.04
C PRO C 270 32.10 -10.17 -25.01
N ARG C 271 32.81 -9.75 -23.96
CA ARG C 271 33.13 -10.60 -22.83
C ARG C 271 33.15 -9.74 -21.56
N THR C 272 33.40 -10.39 -20.44
CA THR C 272 33.52 -9.71 -19.15
C THR C 272 34.96 -9.82 -18.67
N PHE C 273 35.55 -8.68 -18.31
CA PHE C 273 36.96 -8.61 -17.97
C PHE C 273 37.16 -7.91 -16.64
N LEU C 274 38.25 -8.26 -15.97
CA LEU C 274 38.69 -7.60 -14.75
C LEU C 274 39.98 -6.84 -15.07
N LEU C 275 39.99 -5.55 -14.76
CA LEU C 275 41.10 -4.67 -15.11
C LEU C 275 41.79 -4.19 -13.84
N LYS C 276 43.13 -4.18 -13.88
CA LYS C 276 43.94 -3.74 -12.75
C LYS C 276 44.60 -2.41 -13.08
N TYR C 277 44.39 -1.42 -12.22
CA TYR C 277 45.03 -0.12 -12.34
C TYR C 277 46.17 -0.04 -11.33
N ASN C 278 47.34 0.41 -11.80
CA ASN C 278 48.49 0.58 -10.92
C ASN C 278 48.34 1.90 -10.17
N GLU C 279 49.42 2.33 -9.51
CA GLU C 279 49.40 3.60 -8.81
C GLU C 279 49.12 4.76 -9.77
N ASN C 280 49.75 4.73 -10.95
CA ASN C 280 49.47 5.71 -12.00
C ASN C 280 48.15 5.36 -12.67
N GLY C 281 47.72 6.24 -13.58
CA GLY C 281 46.49 6.00 -14.31
C GLY C 281 46.69 5.09 -15.51
N THR C 282 47.33 3.94 -15.29
CA THR C 282 47.64 3.01 -16.36
C THR C 282 47.15 1.61 -15.98
N ILE C 283 46.99 0.77 -16.99
CA ILE C 283 46.60 -0.62 -16.81
C ILE C 283 47.87 -1.47 -16.86
N THR C 284 48.12 -2.23 -15.79
CA THR C 284 49.31 -3.07 -15.71
C THR C 284 49.01 -4.55 -15.84
N ASP C 285 47.79 -4.98 -15.58
CA ASP C 285 47.41 -6.38 -15.75
C ASP C 285 45.90 -6.47 -15.89
N ALA C 286 45.45 -7.59 -16.43
CA ALA C 286 44.03 -7.86 -16.59
C ALA C 286 43.81 -9.36 -16.60
N VAL C 287 42.65 -9.78 -16.09
CA VAL C 287 42.30 -11.19 -16.02
C VAL C 287 41.02 -11.41 -16.82
N ASP C 288 41.08 -12.26 -17.83
CA ASP C 288 39.92 -12.62 -18.62
C ASP C 288 39.06 -13.59 -17.82
N CYS C 289 37.82 -13.18 -17.54
CA CYS C 289 36.92 -14.02 -16.77
C CYS C 289 36.48 -15.27 -17.49
N ALA C 290 36.73 -15.37 -18.80
CA ALA C 290 36.18 -16.45 -19.62
C ALA C 290 37.27 -17.33 -20.22
N LEU C 291 38.26 -17.72 -19.42
CA LEU C 291 39.37 -18.52 -19.91
C LEU C 291 39.53 -19.85 -19.19
N ASP C 292 39.56 -19.86 -17.87
CA ASP C 292 39.96 -21.05 -17.13
C ASP C 292 39.34 -20.99 -15.74
N PRO C 293 39.25 -22.14 -15.03
CA PRO C 293 38.59 -22.13 -13.71
C PRO C 293 39.25 -21.18 -12.72
N LEU C 294 40.57 -21.07 -12.74
CA LEU C 294 41.23 -20.12 -11.84
C LEU C 294 40.84 -18.69 -12.17
N SER C 295 40.69 -18.40 -13.47
CA SER C 295 40.21 -17.08 -13.86
C SER C 295 38.79 -16.83 -13.35
N GLU C 296 37.92 -17.83 -13.45
CA GLU C 296 36.57 -17.68 -12.92
C GLU C 296 36.59 -17.43 -11.42
N THR C 297 37.42 -18.19 -10.71
CA THR C 297 37.52 -18.02 -9.26
C THR C 297 38.05 -16.63 -8.90
N LYS C 298 39.06 -16.15 -9.63
CA LYS C 298 39.58 -14.82 -9.37
C LYS C 298 38.53 -13.76 -9.64
N CYS C 299 37.75 -13.92 -10.71
CA CYS C 299 36.69 -12.95 -11.00
C CYS C 299 35.62 -12.98 -9.92
N THR C 300 35.29 -14.17 -9.41
CA THR C 300 34.29 -14.27 -8.35
C THR C 300 34.78 -13.61 -7.06
N LEU C 301 36.04 -13.87 -6.69
CA LEU C 301 36.57 -13.38 -5.43
C LEU C 301 37.10 -11.95 -5.51
N LYS C 302 37.15 -11.36 -6.71
CA LYS C 302 37.60 -9.99 -6.90
C LYS C 302 39.03 -9.79 -6.39
N SER C 303 39.90 -10.75 -6.70
CA SER C 303 41.29 -10.68 -6.30
C SER C 303 42.15 -11.46 -7.29
N PHE C 304 43.45 -11.18 -7.27
CA PHE C 304 44.39 -11.81 -8.18
C PHE C 304 45.02 -13.07 -7.60
N THR C 305 44.98 -13.25 -6.27
CA THR C 305 45.56 -14.42 -5.63
C THR C 305 44.51 -15.06 -4.74
N VAL C 306 44.47 -16.39 -4.73
CA VAL C 306 43.53 -17.14 -3.91
C VAL C 306 44.31 -18.13 -3.04
N GLU C 307 43.72 -18.49 -1.91
CA GLU C 307 44.34 -19.42 -0.99
C GLU C 307 43.74 -20.82 -1.19
N LYS C 308 44.26 -21.78 -0.42
CA LYS C 308 43.75 -23.15 -0.49
C LYS C 308 42.35 -23.22 0.08
N GLY C 309 41.45 -23.87 -0.65
CA GLY C 309 40.08 -24.00 -0.20
C GLY C 309 39.18 -24.44 -1.33
N ILE C 310 37.88 -24.40 -1.06
CA ILE C 310 36.85 -24.76 -2.02
C ILE C 310 35.84 -23.62 -2.08
N TYR C 311 35.42 -23.28 -3.30
CA TYR C 311 34.54 -22.15 -3.52
C TYR C 311 33.42 -22.52 -4.49
N GLN C 312 32.28 -21.85 -4.35
CA GLN C 312 31.15 -22.03 -5.25
C GLN C 312 31.14 -20.86 -6.22
N THR C 313 31.20 -21.17 -7.52
CA THR C 313 31.31 -20.13 -8.55
C THR C 313 29.94 -19.75 -9.11
N SER C 314 29.24 -20.70 -9.70
CA SER C 314 27.96 -20.43 -10.36
C SER C 314 27.22 -21.75 -10.50
N ASN C 315 26.00 -21.69 -11.03
CA ASN C 315 25.15 -22.85 -11.19
C ASN C 315 25.10 -23.29 -12.64
N PHE C 316 25.43 -24.55 -12.87
CA PHE C 316 25.24 -25.19 -14.16
C PHE C 316 23.81 -25.72 -14.21
N ARG C 317 23.35 -26.05 -15.41
CA ARG C 317 22.10 -26.75 -15.57
C ARG C 317 22.10 -27.43 -16.93
N VAL C 318 21.19 -28.38 -17.10
CA VAL C 318 20.96 -28.93 -18.42
C VAL C 318 20.04 -27.98 -19.16
N GLN C 319 20.62 -26.97 -19.78
CA GLN C 319 19.86 -26.07 -20.62
C GLN C 319 19.23 -26.88 -21.74
N PRO C 320 17.97 -26.62 -22.08
CA PRO C 320 17.28 -27.46 -23.08
C PRO C 320 18.08 -27.54 -24.36
N THR C 321 18.68 -28.72 -24.57
CA THR C 321 19.57 -28.93 -25.70
C THR C 321 18.81 -28.89 -27.01
N GLU C 322 17.74 -29.67 -27.15
CA GLU C 322 16.85 -29.56 -28.28
C GLU C 322 15.44 -29.32 -27.77
N SER C 323 14.73 -28.41 -28.42
CA SER C 323 13.42 -27.97 -27.97
C SER C 323 12.35 -28.54 -28.90
N ILE C 324 11.31 -29.12 -28.31
CA ILE C 324 10.22 -29.70 -29.07
C ILE C 324 8.95 -28.89 -28.79
N VAL C 325 7.88 -29.25 -29.49
CA VAL C 325 6.59 -28.58 -29.36
C VAL C 325 5.51 -29.64 -29.28
N ARG C 326 4.96 -29.85 -28.08
CA ARG C 326 3.92 -30.84 -27.85
C ARG C 326 2.55 -30.18 -27.96
N PHE C 327 2.35 -29.43 -29.03
CA PHE C 327 1.16 -28.63 -29.24
C PHE C 327 0.12 -29.53 -29.88
N PRO C 328 -1.07 -29.63 -29.28
CA PRO C 328 -2.13 -30.45 -29.88
C PRO C 328 -2.45 -29.99 -31.30
N ASN C 329 -2.78 -30.97 -32.14
CA ASN C 329 -2.69 -30.79 -33.58
C ASN C 329 -3.83 -29.96 -34.17
N ILE C 330 -4.57 -29.22 -33.34
CA ILE C 330 -5.56 -28.29 -33.87
C ILE C 330 -4.87 -27.26 -34.77
N THR C 331 -5.52 -26.94 -35.88
CA THR C 331 -4.90 -26.12 -36.91
C THR C 331 -5.72 -24.90 -37.33
N ASN C 332 -6.83 -24.61 -36.66
CA ASN C 332 -7.66 -23.47 -37.04
C ASN C 332 -7.12 -22.18 -36.41
N LYS C 527 -2.20 -22.24 -37.15
CA LYS C 527 -1.59 -23.35 -37.88
C LYS C 527 -0.97 -24.33 -36.90
N SER C 528 -0.94 -25.61 -37.26
CA SER C 528 -0.63 -26.69 -36.33
C SER C 528 0.84 -27.09 -36.42
N THR C 529 1.25 -28.01 -35.55
CA THR C 529 2.60 -28.54 -35.50
C THR C 529 2.54 -29.94 -34.90
N ASN C 530 3.52 -30.77 -35.22
CA ASN C 530 3.53 -32.15 -34.73
C ASN C 530 4.17 -32.23 -33.35
N LEU C 531 4.44 -33.46 -32.90
CA LEU C 531 4.88 -33.69 -31.53
C LEU C 531 5.75 -34.94 -31.44
N VAL C 532 6.73 -34.92 -30.52
CA VAL C 532 7.70 -35.99 -30.35
C VAL C 532 7.95 -36.21 -28.85
N LYS C 533 8.72 -37.25 -28.52
CA LYS C 533 8.73 -37.79 -27.18
C LYS C 533 10.13 -38.16 -26.69
N ASN C 534 10.22 -38.41 -25.39
CA ASN C 534 11.29 -39.16 -24.73
C ASN C 534 12.66 -38.48 -24.83
N LYS C 535 12.77 -37.32 -24.18
CA LYS C 535 14.05 -36.67 -23.92
C LYS C 535 13.88 -35.54 -22.92
N CYS C 536 14.96 -34.98 -22.39
CA CYS C 536 14.85 -33.77 -21.59
C CYS C 536 14.53 -32.59 -22.50
N VAL C 537 13.24 -32.31 -22.63
CA VAL C 537 12.73 -31.34 -23.58
C VAL C 537 11.72 -30.42 -22.90
N ASN C 538 11.54 -29.23 -23.45
CA ASN C 538 10.46 -28.36 -23.04
C ASN C 538 9.24 -28.59 -23.92
N PHE C 539 8.07 -28.71 -23.30
CA PHE C 539 6.85 -29.06 -24.01
C PHE C 539 5.73 -28.11 -23.63
N ASN C 540 4.61 -28.23 -24.34
CA ASN C 540 3.42 -27.40 -24.11
C ASN C 540 2.19 -28.22 -24.50
N PHE C 541 1.60 -28.91 -23.52
CA PHE C 541 0.39 -29.71 -23.73
C PHE C 541 -0.83 -28.82 -23.49
N ASN C 542 -1.53 -28.47 -24.57
CA ASN C 542 -2.78 -27.72 -24.49
C ASN C 542 -2.60 -26.42 -23.69
N GLY C 543 -1.47 -25.77 -23.92
CA GLY C 543 -1.13 -24.56 -23.19
C GLY C 543 -0.38 -24.78 -21.90
N LEU C 544 -0.18 -26.03 -21.49
CA LEU C 544 0.53 -26.36 -20.25
C LEU C 544 1.98 -26.61 -20.58
N THR C 545 2.84 -25.66 -20.22
CA THR C 545 4.27 -25.76 -20.47
C THR C 545 4.93 -26.65 -19.43
N GLY C 546 6.09 -27.19 -19.78
CA GLY C 546 6.83 -28.04 -18.87
C GLY C 546 8.12 -28.49 -19.50
N THR C 547 8.96 -29.14 -18.69
CA THR C 547 10.25 -29.62 -19.14
C THR C 547 10.66 -30.82 -18.29
N GLY C 548 11.21 -31.84 -18.94
CA GLY C 548 11.72 -32.97 -18.21
C GLY C 548 11.68 -34.24 -19.04
N VAL C 549 11.92 -35.35 -18.36
CA VAL C 549 11.94 -36.67 -18.98
C VAL C 549 10.53 -37.26 -18.89
N LEU C 550 10.03 -37.75 -20.01
CA LEU C 550 8.68 -38.30 -20.08
C LEU C 550 8.74 -39.83 -20.09
N THR C 551 7.91 -40.45 -19.27
CA THR C 551 7.85 -41.91 -19.17
C THR C 551 6.43 -42.35 -18.88
N GLU C 552 6.20 -43.65 -19.03
CA GLU C 552 4.87 -44.21 -18.83
C GLU C 552 4.56 -44.28 -17.33
N SER C 553 3.39 -43.79 -16.95
CA SER C 553 2.96 -43.78 -15.55
C SER C 553 1.66 -44.56 -15.40
N ASN C 554 1.54 -45.28 -14.28
CA ASN C 554 0.47 -46.25 -14.12
C ASN C 554 -0.45 -45.92 -12.95
N LYS C 555 -0.89 -44.66 -12.85
CA LYS C 555 -1.88 -44.26 -11.86
C LYS C 555 -3.28 -44.41 -12.45
N LYS C 556 -4.18 -45.02 -11.68
CA LYS C 556 -5.51 -45.38 -12.16
C LYS C 556 -6.35 -44.12 -12.33
N PHE C 557 -6.08 -43.39 -13.41
CA PHE C 557 -6.84 -42.18 -13.70
C PHE C 557 -8.27 -42.52 -14.08
N LEU C 558 -9.21 -41.75 -13.54
CA LEU C 558 -10.60 -41.92 -13.89
C LEU C 558 -10.93 -41.13 -15.16
N PRO C 559 -11.96 -41.54 -15.89
CA PRO C 559 -12.27 -40.87 -17.17
C PRO C 559 -12.44 -39.37 -17.06
N PHE C 560 -13.10 -38.88 -15.99
CA PHE C 560 -13.27 -37.45 -15.84
C PHE C 560 -12.00 -36.75 -15.36
N GLN C 561 -11.05 -37.51 -14.82
CA GLN C 561 -9.78 -36.93 -14.39
C GLN C 561 -8.95 -36.57 -15.62
N GLN C 562 -8.52 -35.31 -15.70
CA GLN C 562 -7.81 -34.82 -16.86
C GLN C 562 -6.30 -34.99 -16.73
N PHE C 563 -5.70 -34.37 -15.71
CA PHE C 563 -4.27 -34.49 -15.50
C PHE C 563 -3.97 -34.72 -14.03
N GLY C 564 -2.68 -34.77 -13.67
CA GLY C 564 -2.29 -35.09 -12.31
C GLY C 564 -1.55 -33.94 -11.66
N ARG C 565 -1.67 -33.88 -10.35
CA ARG C 565 -0.96 -32.90 -9.53
C ARG C 565 -0.34 -33.61 -8.34
N ASP C 566 0.65 -32.96 -7.74
CA ASP C 566 1.39 -33.52 -6.61
C ASP C 566 1.05 -32.73 -5.34
N ILE C 567 1.72 -33.08 -4.25
CA ILE C 567 1.52 -32.39 -2.98
C ILE C 567 1.97 -30.94 -3.09
N ALA C 568 3.07 -30.69 -3.80
CA ALA C 568 3.63 -29.35 -3.95
C ALA C 568 2.85 -28.50 -4.95
N ASP C 569 1.68 -28.96 -5.39
CA ASP C 569 0.81 -28.20 -6.28
C ASP C 569 1.53 -27.85 -7.59
N THR C 570 1.90 -28.89 -8.33
CA THR C 570 2.52 -28.74 -9.63
C THR C 570 2.03 -29.87 -10.54
N THR C 571 2.19 -29.68 -11.83
CA THR C 571 1.79 -30.69 -12.81
C THR C 571 2.68 -31.92 -12.70
N ASP C 572 2.07 -33.10 -12.75
CA ASP C 572 2.81 -34.36 -12.67
C ASP C 572 2.51 -35.33 -13.80
N ALA C 573 1.26 -35.46 -14.24
CA ALA C 573 0.91 -36.44 -15.26
C ALA C 573 -0.05 -35.81 -16.25
N VAL C 574 0.15 -36.12 -17.53
CA VAL C 574 -0.68 -35.58 -18.60
C VAL C 574 -1.13 -36.72 -19.50
N ARG C 575 -2.20 -36.48 -20.24
CA ARG C 575 -2.74 -37.43 -21.21
C ARG C 575 -2.70 -36.80 -22.60
N ASP C 576 -2.23 -37.57 -23.58
CA ASP C 576 -2.09 -37.05 -24.93
C ASP C 576 -3.46 -36.81 -25.55
N PRO C 577 -3.80 -35.59 -25.96
CA PRO C 577 -5.09 -35.39 -26.65
C PRO C 577 -4.97 -35.67 -28.14
N GLN C 578 -4.19 -36.69 -28.48
CA GLN C 578 -4.21 -37.30 -29.81
C GLN C 578 -4.16 -38.81 -29.77
N THR C 579 -3.57 -39.42 -28.73
CA THR C 579 -3.52 -40.85 -28.56
C THR C 579 -4.05 -41.32 -27.21
N LEU C 580 -4.22 -40.40 -26.25
CA LEU C 580 -4.86 -40.68 -24.97
C LEU C 580 -4.09 -41.73 -24.17
N GLU C 581 -2.85 -41.39 -23.82
CA GLU C 581 -2.02 -42.21 -22.96
C GLU C 581 -1.53 -41.38 -21.77
N ILE C 582 -1.53 -42.00 -20.59
CA ILE C 582 -1.09 -41.33 -19.38
C ILE C 582 0.44 -41.37 -19.29
N LEU C 583 1.04 -40.22 -18.96
CA LEU C 583 2.49 -40.08 -18.96
C LEU C 583 2.96 -39.45 -17.66
N ASP C 584 4.25 -39.61 -17.37
CA ASP C 584 4.86 -39.07 -16.17
C ASP C 584 5.86 -37.98 -16.54
N ILE C 585 6.09 -37.05 -15.60
CA ILE C 585 6.95 -35.89 -15.83
C ILE C 585 7.93 -35.76 -14.68
N THR C 586 9.19 -35.47 -15.01
CA THR C 586 10.22 -35.17 -14.02
C THR C 586 11.28 -34.28 -14.64
N PRO C 587 11.42 -33.03 -14.18
CA PRO C 587 12.40 -32.13 -14.78
C PRO C 587 13.80 -32.71 -14.74
N CYS C 588 14.52 -32.51 -15.84
CA CYS C 588 15.85 -33.08 -15.96
C CYS C 588 16.87 -32.22 -15.20
N SER C 589 18.08 -32.77 -15.06
CA SER C 589 18.94 -32.40 -13.94
C SER C 589 19.47 -30.97 -14.03
N PHE C 590 20.05 -30.52 -12.91
CA PHE C 590 20.73 -29.24 -12.78
C PHE C 590 21.39 -29.21 -11.41
N GLY C 591 22.14 -28.14 -11.14
CA GLY C 591 22.78 -28.04 -9.85
C GLY C 591 23.79 -26.91 -9.81
N GLY C 592 24.74 -27.04 -8.89
CA GLY C 592 25.78 -26.06 -8.69
C GLY C 592 27.16 -26.68 -8.90
N VAL C 593 28.16 -25.83 -9.14
CA VAL C 593 29.51 -26.25 -9.46
C VAL C 593 30.48 -25.62 -8.47
N SER C 594 31.37 -26.43 -7.91
CA SER C 594 32.38 -25.97 -6.97
C SER C 594 33.77 -26.33 -7.48
N VAL C 595 34.76 -25.56 -7.03
CA VAL C 595 36.13 -25.68 -7.50
C VAL C 595 37.02 -26.00 -6.31
N ILE C 596 37.88 -26.99 -6.46
CA ILE C 596 38.85 -27.36 -5.43
C ILE C 596 40.24 -26.95 -5.92
N THR C 597 41.01 -26.30 -5.05
CA THR C 597 42.34 -25.82 -5.45
C THR C 597 43.26 -25.66 -4.26
N PRO C 598 44.55 -25.95 -4.43
CA PRO C 598 45.53 -25.56 -3.42
C PRO C 598 45.91 -24.09 -3.56
N GLY C 599 46.91 -23.69 -2.79
CA GLY C 599 47.35 -22.31 -2.83
C GLY C 599 47.90 -21.93 -4.19
N THR C 600 47.71 -20.66 -4.54
CA THR C 600 48.17 -20.17 -5.85
C THR C 600 49.68 -20.24 -5.97
N ASN C 601 50.41 -19.82 -4.95
CA ASN C 601 51.87 -19.85 -4.98
C ASN C 601 52.43 -21.27 -5.05
N THR C 602 51.61 -22.28 -4.78
CA THR C 602 52.04 -23.67 -4.83
C THR C 602 51.96 -24.25 -6.24
N SER C 603 50.82 -24.13 -6.90
CA SER C 603 50.64 -24.66 -8.25
C SER C 603 49.50 -23.92 -8.92
N ASN C 604 49.05 -24.44 -10.06
CA ASN C 604 47.97 -23.83 -10.82
C ASN C 604 46.93 -24.82 -11.31
N GLN C 605 47.10 -26.11 -11.06
CA GLN C 605 46.14 -27.12 -11.48
C GLN C 605 45.05 -27.30 -10.43
N VAL C 606 43.82 -27.49 -10.90
CA VAL C 606 42.65 -27.51 -10.03
C VAL C 606 41.78 -28.70 -10.39
N ALA C 607 40.80 -28.97 -9.53
CA ALA C 607 39.78 -29.97 -9.76
C ALA C 607 38.41 -29.36 -9.58
N VAL C 608 37.42 -29.90 -10.30
CA VAL C 608 36.08 -29.35 -10.35
C VAL C 608 35.09 -30.42 -9.93
N LEU C 609 34.16 -30.06 -9.06
CA LEU C 609 33.15 -30.98 -8.54
C LEU C 609 31.78 -30.58 -9.08
N TYR C 610 31.07 -31.54 -9.65
CA TYR C 610 29.67 -31.34 -10.05
C TYR C 610 28.78 -31.94 -8.98
N GLN C 611 27.79 -31.18 -8.54
CA GLN C 611 26.93 -31.56 -7.43
C GLN C 611 25.70 -32.30 -7.93
N GLY C 612 25.40 -33.44 -7.31
CA GLY C 612 24.18 -34.18 -7.59
C GLY C 612 24.05 -34.72 -8.99
N VAL C 613 25.11 -35.31 -9.52
CA VAL C 613 25.09 -35.93 -10.84
C VAL C 613 25.66 -37.34 -10.71
N ASN C 614 25.20 -38.25 -11.59
CA ASN C 614 25.57 -39.65 -11.50
C ASN C 614 26.67 -40.04 -12.49
N CYS C 615 27.24 -39.07 -13.21
CA CYS C 615 28.30 -39.33 -14.18
C CYS C 615 27.87 -40.23 -15.34
N THR C 616 26.59 -40.61 -15.39
CA THR C 616 26.03 -41.23 -16.58
C THR C 616 25.09 -40.30 -17.33
N GLU C 617 24.28 -39.52 -16.62
CA GLU C 617 23.54 -38.42 -17.22
C GLU C 617 24.34 -37.14 -17.24
N VAL C 618 25.63 -37.20 -16.89
CA VAL C 618 26.48 -36.02 -16.78
C VAL C 618 26.56 -35.33 -18.13
N PRO C 619 26.53 -34.00 -18.18
CA PRO C 619 26.83 -33.32 -19.44
C PRO C 619 28.31 -33.42 -19.77
N VAL C 620 28.62 -34.30 -20.72
CA VAL C 620 29.98 -34.41 -21.23
C VAL C 620 30.39 -33.16 -21.98
N ALA C 621 29.42 -32.30 -22.35
CA ALA C 621 29.64 -31.01 -23.00
C ALA C 621 30.13 -31.18 -24.43
N ILE C 622 29.70 -30.29 -25.31
CA ILE C 622 30.14 -30.30 -26.70
C ILE C 622 31.07 -29.12 -26.91
N HIS C 623 30.55 -27.90 -26.72
CA HIS C 623 31.38 -26.70 -26.75
C HIS C 623 31.26 -25.93 -25.44
N ALA C 624 30.03 -25.60 -25.04
CA ALA C 624 29.80 -24.87 -23.80
C ALA C 624 28.34 -25.09 -23.40
N ASP C 625 28.13 -25.82 -22.30
CA ASP C 625 26.80 -26.04 -21.76
C ASP C 625 26.74 -25.71 -20.27
N GLN C 626 27.63 -24.83 -19.81
CA GLN C 626 27.78 -24.52 -18.40
C GLN C 626 27.91 -23.02 -18.26
N LEU C 627 27.69 -22.51 -17.04
CA LEU C 627 28.11 -21.15 -16.73
C LEU C 627 29.63 -21.03 -16.65
N THR C 628 30.35 -22.16 -16.66
CA THR C 628 31.80 -22.18 -16.79
C THR C 628 32.18 -21.61 -18.15
N PRO C 629 32.80 -20.44 -18.19
CA PRO C 629 33.01 -19.77 -19.48
C PRO C 629 34.14 -20.37 -20.31
N THR C 630 33.85 -21.49 -20.97
CA THR C 630 34.70 -22.07 -21.99
C THR C 630 36.06 -22.50 -21.44
N TRP C 631 36.02 -23.44 -20.49
CA TRP C 631 37.24 -24.17 -20.13
C TRP C 631 36.94 -25.64 -19.85
N ARG C 632 36.08 -26.26 -20.66
CA ARG C 632 35.64 -27.62 -20.41
C ARG C 632 36.82 -28.60 -20.39
N VAL C 633 36.78 -29.54 -19.46
CA VAL C 633 37.77 -30.60 -19.35
C VAL C 633 37.03 -31.92 -19.56
N TYR C 634 37.41 -32.65 -20.61
CA TYR C 634 36.57 -33.75 -21.09
C TYR C 634 36.36 -34.92 -20.14
N SER C 635 37.37 -35.75 -19.85
CA SER C 635 37.17 -37.00 -19.13
C SER C 635 38.47 -37.78 -18.96
N THR C 636 38.37 -38.95 -18.32
CA THR C 636 39.39 -40.00 -18.39
C THR C 636 40.73 -39.55 -17.83
N GLY C 637 41.39 -38.63 -18.52
CA GLY C 637 42.66 -38.13 -18.02
C GLY C 637 42.54 -37.51 -16.64
N SER C 638 41.43 -36.81 -16.40
CA SER C 638 41.08 -36.35 -15.07
C SER C 638 40.24 -37.37 -14.31
N ASN C 639 39.84 -38.46 -14.97
CA ASN C 639 39.16 -39.60 -14.35
C ASN C 639 37.78 -39.26 -13.83
N VAL C 640 37.04 -40.29 -13.42
CA VAL C 640 35.64 -40.15 -13.01
C VAL C 640 35.42 -40.99 -11.76
N PHE C 641 34.80 -40.39 -10.75
CA PHE C 641 34.35 -41.11 -9.56
C PHE C 641 32.87 -40.84 -9.35
N GLN C 642 32.21 -41.77 -8.69
CA GLN C 642 30.81 -41.62 -8.31
C GLN C 642 30.73 -41.51 -6.78
N THR C 643 30.43 -40.32 -6.29
CA THR C 643 30.29 -40.07 -4.86
C THR C 643 28.81 -39.92 -4.51
N ARG C 644 28.55 -39.78 -3.20
CA ARG C 644 27.19 -39.53 -2.75
C ARG C 644 26.79 -38.06 -2.86
N ALA C 645 27.74 -37.14 -2.66
CA ALA C 645 27.45 -35.72 -2.75
C ALA C 645 27.54 -35.18 -4.17
N GLY C 646 27.74 -36.06 -5.14
CA GLY C 646 27.97 -35.64 -6.52
C GLY C 646 28.75 -36.73 -7.24
N CYS C 647 29.60 -36.29 -8.16
CA CYS C 647 30.54 -37.18 -8.82
C CYS C 647 31.64 -36.34 -9.47
N LEU C 648 32.89 -36.69 -9.16
CA LEU C 648 34.04 -35.80 -9.28
C LEU C 648 34.83 -36.11 -10.54
N ILE C 649 35.57 -35.11 -11.02
CA ILE C 649 36.47 -35.24 -12.17
C ILE C 649 37.72 -34.43 -11.88
N GLY C 650 38.87 -35.10 -11.78
CA GLY C 650 40.14 -34.41 -11.61
C GLY C 650 41.11 -35.07 -10.65
N ALA C 651 40.76 -36.18 -10.01
CA ALA C 651 41.63 -36.81 -9.02
C ALA C 651 41.53 -38.33 -9.11
N GLU C 652 42.47 -39.00 -8.44
CA GLU C 652 42.55 -40.45 -8.44
C GLU C 652 42.51 -40.95 -7.00
N HIS C 653 42.12 -42.22 -6.83
CA HIS C 653 41.91 -42.76 -5.50
C HIS C 653 43.03 -43.72 -5.11
N VAL C 654 43.49 -43.59 -3.88
CA VAL C 654 44.49 -44.50 -3.33
C VAL C 654 43.82 -45.37 -2.27
N ASN C 655 44.32 -46.60 -2.15
CA ASN C 655 43.82 -47.50 -1.12
C ASN C 655 44.26 -47.09 0.28
N ASN C 656 45.17 -46.12 0.39
CA ASN C 656 45.61 -45.62 1.67
C ASN C 656 44.52 -44.76 2.31
N SER C 657 44.73 -44.44 3.58
CA SER C 657 43.80 -43.61 4.34
C SER C 657 44.59 -42.65 5.20
N TYR C 658 44.49 -41.35 4.90
CA TYR C 658 45.26 -40.33 5.58
C TYR C 658 44.32 -39.31 6.20
N GLU C 659 44.88 -38.49 7.10
CA GLU C 659 44.19 -37.28 7.54
C GLU C 659 44.26 -36.25 6.42
N CYS C 660 43.22 -35.45 6.26
CA CYS C 660 43.13 -34.53 5.14
C CYS C 660 43.09 -33.08 5.61
N ASP C 661 43.04 -32.18 4.63
CA ASP C 661 43.01 -30.74 4.87
C ASP C 661 41.79 -30.08 4.24
N ILE C 662 41.35 -30.54 3.08
CA ILE C 662 40.28 -29.89 2.34
C ILE C 662 39.07 -30.81 2.29
N PRO C 663 38.06 -30.59 3.12
CA PRO C 663 36.90 -31.50 3.14
C PRO C 663 36.02 -31.32 1.92
N ILE C 664 35.27 -32.37 1.58
CA ILE C 664 34.29 -32.32 0.51
C ILE C 664 32.91 -32.72 1.01
N GLY C 665 32.80 -33.89 1.62
CA GLY C 665 31.55 -34.39 2.14
C GLY C 665 31.50 -35.91 2.07
N ALA C 666 30.60 -36.49 2.87
CA ALA C 666 30.42 -37.93 2.94
C ALA C 666 31.71 -38.66 3.30
N GLY C 667 32.52 -38.05 4.15
CA GLY C 667 33.75 -38.66 4.63
C GLY C 667 34.86 -38.75 3.60
N ILE C 668 34.84 -37.92 2.56
CA ILE C 668 35.85 -37.94 1.52
C ILE C 668 36.48 -36.56 1.42
N CYS C 669 37.80 -36.52 1.39
CA CYS C 669 38.54 -35.27 1.25
C CYS C 669 39.83 -35.53 0.51
N ALA C 670 40.37 -34.47 -0.09
CA ALA C 670 41.49 -34.58 -1.02
C ALA C 670 42.67 -33.75 -0.54
N SER C 671 43.82 -33.98 -1.19
CA SER C 671 45.05 -33.26 -0.88
C SER C 671 45.93 -33.28 -2.12
N TYR C 672 46.96 -32.43 -2.11
CA TYR C 672 47.86 -32.24 -3.25
C TYR C 672 49.23 -32.80 -2.90
N GLN C 673 49.48 -34.05 -3.30
CA GLN C 673 50.79 -34.66 -3.12
C GLN C 673 50.89 -35.96 -3.91
N THR C 674 51.99 -36.15 -4.62
CA THR C 674 52.23 -37.39 -5.36
C THR C 674 53.72 -37.69 -5.44
N GLN C 688 52.17 -33.74 -6.32
CA GLN C 688 52.35 -33.51 -7.74
C GLN C 688 51.00 -33.52 -8.46
N SER C 689 49.95 -33.92 -7.73
CA SER C 689 48.62 -33.97 -8.29
C SER C 689 47.60 -34.02 -7.15
N ILE C 690 46.33 -34.10 -7.52
CA ILE C 690 45.23 -34.14 -6.57
C ILE C 690 44.78 -35.58 -6.41
N ILE C 691 44.62 -36.01 -5.17
CA ILE C 691 44.24 -37.39 -4.85
C ILE C 691 43.11 -37.37 -3.83
N ALA C 692 42.13 -38.26 -4.03
CA ALA C 692 40.99 -38.38 -3.14
C ALA C 692 41.13 -39.65 -2.31
N TYR C 693 40.67 -39.57 -1.06
CA TYR C 693 40.83 -40.70 -0.13
C TYR C 693 39.78 -40.58 0.96
N THR C 694 39.81 -41.56 1.87
CA THR C 694 38.81 -41.67 2.91
C THR C 694 39.40 -41.26 4.25
N MET C 695 38.57 -40.63 5.10
CA MET C 695 38.97 -40.26 6.45
C MET C 695 39.63 -41.42 7.18
N SER C 696 40.65 -41.09 7.96
CA SER C 696 41.26 -42.02 8.90
C SER C 696 41.10 -41.46 10.31
N LEU C 697 40.39 -42.20 11.16
CA LEU C 697 40.09 -41.68 12.49
C LEU C 697 41.34 -41.60 13.37
N GLY C 698 42.18 -42.63 13.34
CA GLY C 698 43.37 -42.63 14.17
C GLY C 698 43.92 -44.04 14.31
N ALA C 699 44.98 -44.13 15.10
CA ALA C 699 45.65 -45.40 15.32
C ALA C 699 44.83 -46.29 16.24
N GLU C 700 44.96 -47.59 16.06
CA GLU C 700 44.29 -48.56 16.93
C GLU C 700 45.16 -48.84 18.15
N ASN C 701 44.53 -49.31 19.22
CA ASN C 701 45.23 -49.65 20.45
C ASN C 701 44.40 -50.64 21.25
N SER C 702 45.10 -51.51 21.98
CA SER C 702 44.47 -52.45 22.89
C SER C 702 45.25 -52.48 24.19
N VAL C 703 44.56 -52.69 25.30
CA VAL C 703 45.16 -52.67 26.63
C VAL C 703 45.00 -54.04 27.27
N ALA C 704 46.06 -54.53 27.89
CA ALA C 704 46.05 -55.83 28.56
C ALA C 704 45.20 -55.73 29.81
N TYR C 705 44.09 -56.47 29.82
CA TYR C 705 43.22 -56.50 30.98
C TYR C 705 43.30 -57.86 31.68
N SER C 706 43.44 -57.83 33.00
CA SER C 706 43.61 -59.06 33.77
C SER C 706 43.05 -58.85 35.17
N ASN C 707 42.86 -59.96 35.87
CA ASN C 707 42.26 -59.90 37.20
C ASN C 707 43.17 -59.18 38.18
N ASN C 708 44.48 -59.40 38.10
CA ASN C 708 45.44 -58.88 39.07
C ASN C 708 46.56 -58.14 38.38
N SER C 709 46.21 -57.25 37.46
CA SER C 709 47.19 -56.46 36.72
C SER C 709 46.97 -54.99 37.01
N ILE C 710 48.06 -54.22 37.05
CA ILE C 710 48.00 -52.79 37.31
C ILE C 710 49.24 -52.13 36.70
N ALA C 711 49.14 -50.81 36.52
CA ALA C 711 50.24 -50.02 35.98
C ALA C 711 50.44 -48.79 36.86
N ILE C 712 51.68 -48.33 36.97
CA ILE C 712 52.02 -47.19 37.83
C ILE C 712 53.08 -46.33 37.15
N PRO C 713 52.91 -45.02 37.12
CA PRO C 713 53.94 -44.16 36.53
C PRO C 713 55.16 -44.04 37.43
N THR C 714 56.29 -43.68 36.82
CA THR C 714 57.54 -43.49 37.55
C THR C 714 58.20 -42.15 37.29
N ASN C 715 57.79 -41.42 36.26
CA ASN C 715 58.38 -40.13 35.95
C ASN C 715 57.29 -39.22 35.39
N PHE C 716 57.57 -37.92 35.41
CA PHE C 716 56.57 -36.92 35.05
C PHE C 716 57.16 -35.92 34.08
N THR C 717 56.29 -35.01 33.60
CA THR C 717 56.67 -34.00 32.63
C THR C 717 55.79 -32.78 32.81
N ILE C 718 56.38 -31.60 32.67
CA ILE C 718 55.66 -30.33 32.77
C ILE C 718 55.43 -29.81 31.35
N SER C 719 54.21 -29.34 31.09
CA SER C 719 53.82 -28.87 29.77
C SER C 719 53.16 -27.50 29.88
N VAL C 720 53.18 -26.76 28.77
CA VAL C 720 52.59 -25.43 28.69
C VAL C 720 51.71 -25.37 27.46
N THR C 721 50.50 -24.82 27.61
CA THR C 721 49.55 -24.69 26.53
C THR C 721 48.95 -23.29 26.54
N THR C 722 48.50 -22.86 25.36
CA THR C 722 47.99 -21.51 25.17
C THR C 722 46.52 -21.54 24.78
N GLU C 723 45.85 -20.38 24.89
CA GLU C 723 44.46 -20.23 24.50
C GLU C 723 44.19 -18.79 24.12
N ILE C 724 43.26 -18.59 23.18
CA ILE C 724 42.93 -17.27 22.65
C ILE C 724 41.42 -17.10 22.67
N LEU C 725 40.95 -15.92 23.10
CA LEU C 725 39.53 -15.64 23.19
C LEU C 725 39.22 -14.19 22.81
N PRO C 726 38.25 -13.97 21.93
CA PRO C 726 37.85 -12.59 21.61
C PRO C 726 37.11 -11.95 22.77
N VAL C 727 37.13 -10.60 22.79
CA VAL C 727 36.51 -9.88 23.89
C VAL C 727 35.50 -8.85 23.39
N SER C 728 35.95 -7.92 22.56
CA SER C 728 35.13 -6.76 22.20
C SER C 728 35.03 -6.62 20.68
N MET C 729 34.41 -5.53 20.25
CA MET C 729 34.19 -5.25 18.85
C MET C 729 34.16 -3.74 18.62
N THR C 730 34.59 -3.33 17.44
CA THR C 730 34.70 -1.91 17.11
C THR C 730 33.34 -1.22 17.19
N LYS C 731 33.35 0.01 17.71
CA LYS C 731 32.13 0.80 17.87
C LYS C 731 31.98 1.71 16.66
N THR C 732 30.76 1.78 16.13
CA THR C 732 30.45 2.62 14.98
C THR C 732 29.18 3.41 15.22
N SER C 733 28.90 4.35 14.31
CA SER C 733 27.69 5.16 14.35
C SER C 733 27.32 5.58 12.94
N VAL C 734 26.05 5.91 12.75
CA VAL C 734 25.52 6.31 11.45
C VAL C 734 24.56 7.48 11.65
N ASP C 735 24.33 8.23 10.58
CA ASP C 735 23.36 9.32 10.59
C ASP C 735 22.30 9.04 9.52
N CYS C 736 21.05 9.39 9.85
CA CYS C 736 19.95 9.13 8.93
C CYS C 736 20.09 9.91 7.64
N THR C 737 20.05 11.25 7.74
CA THR C 737 19.86 12.09 6.56
C THR C 737 21.01 11.97 5.59
N MET C 738 22.25 11.95 6.09
CA MET C 738 23.41 11.92 5.20
C MET C 738 23.43 10.66 4.34
N TYR C 739 22.77 9.59 4.78
CA TYR C 739 22.72 8.38 3.98
C TYR C 739 21.43 8.29 3.17
N ILE C 740 20.33 8.83 3.70
CA ILE C 740 19.04 8.67 3.03
C ILE C 740 18.84 9.79 2.02
N CYS C 741 18.81 11.04 2.49
CA CYS C 741 18.60 12.20 1.65
C CYS C 741 19.90 12.93 1.34
N GLY C 742 20.65 13.32 2.37
CA GLY C 742 21.89 14.04 2.16
C GLY C 742 21.77 15.51 2.51
N ASP C 743 21.84 16.36 1.49
CA ASP C 743 21.74 17.81 1.67
C ASP C 743 20.57 18.42 0.92
N SER C 744 19.56 17.61 0.60
CA SER C 744 18.41 18.06 -0.17
C SER C 744 17.26 18.36 0.79
N THR C 745 16.94 19.66 0.92
CA THR C 745 15.90 20.08 1.85
C THR C 745 14.53 19.53 1.43
N GLU C 746 14.28 19.43 0.12
CA GLU C 746 13.03 18.85 -0.34
C GLU C 746 12.91 17.39 0.09
N CYS C 747 13.99 16.62 -0.05
CA CYS C 747 13.97 15.25 0.45
C CYS C 747 13.75 15.21 1.96
N SER C 748 14.39 16.13 2.69
CA SER C 748 14.25 16.16 4.14
C SER C 748 12.80 16.40 4.56
N ASN C 749 12.19 17.45 4.02
CA ASN C 749 10.83 17.80 4.44
C ASN C 749 9.78 16.93 3.76
N LEU C 750 10.16 16.10 2.80
CA LEU C 750 9.29 14.99 2.42
C LEU C 750 9.40 13.83 3.38
N LEU C 751 10.61 13.54 3.86
CA LEU C 751 10.84 12.39 4.72
C LEU C 751 10.30 12.57 6.13
N LEU C 752 10.34 13.79 6.67
CA LEU C 752 9.95 13.96 8.07
C LEU C 752 8.52 13.54 8.33
N GLN C 753 7.68 13.49 7.29
CA GLN C 753 6.28 13.08 7.42
C GLN C 753 6.16 11.56 7.30
N TYR C 754 7.19 10.91 6.75
CA TYR C 754 7.14 9.48 6.48
C TYR C 754 7.13 8.60 7.72
N GLY C 755 7.92 8.92 8.73
CA GLY C 755 7.98 8.07 9.91
C GLY C 755 9.02 8.59 10.90
N SER C 756 9.33 7.74 11.88
CA SER C 756 10.22 8.07 13.00
C SER C 756 11.21 6.93 13.25
N PHE C 757 11.83 6.44 12.19
CA PHE C 757 12.71 5.28 12.30
C PHE C 757 14.04 5.63 12.94
N CYS C 758 14.45 6.89 12.82
CA CYS C 758 15.78 7.31 13.24
C CYS C 758 15.98 7.12 14.73
N THR C 759 14.94 7.41 15.52
CA THR C 759 15.04 7.25 16.96
C THR C 759 15.40 5.81 17.32
N GLN C 760 14.67 4.84 16.75
CA GLN C 760 14.94 3.44 17.06
C GLN C 760 16.34 3.03 16.60
N LEU C 761 16.73 3.46 15.40
CA LEU C 761 18.06 3.11 14.92
C LEU C 761 19.15 3.62 15.85
N ASN C 762 19.06 4.89 16.23
CA ASN C 762 20.06 5.48 17.11
C ASN C 762 20.05 4.81 18.48
N ARG C 763 18.85 4.45 18.98
CA ARG C 763 18.78 3.79 20.28
C ARG C 763 19.50 2.46 20.25
N ALA C 764 19.27 1.66 19.20
CA ALA C 764 19.94 0.37 19.11
C ALA C 764 21.45 0.54 19.03
N LEU C 765 21.91 1.50 18.22
CA LEU C 765 23.35 1.71 18.10
C LEU C 765 23.97 2.14 19.42
N THR C 766 23.30 3.04 20.15
CA THR C 766 23.81 3.48 21.44
C THR C 766 23.87 2.33 22.44
N GLY C 767 22.85 1.48 22.43
CA GLY C 767 22.86 0.31 23.30
C GLY C 767 24.06 -0.58 23.05
N ILE C 768 24.34 -0.88 21.77
CA ILE C 768 25.50 -1.69 21.45
C ILE C 768 26.78 -1.01 21.91
N ALA C 769 26.88 0.30 21.68
CA ALA C 769 28.09 1.04 22.04
C ALA C 769 28.37 0.95 23.54
N VAL C 770 27.34 1.14 24.37
CA VAL C 770 27.57 1.07 25.81
C VAL C 770 27.83 -0.37 26.25
N GLU C 771 27.22 -1.35 25.55
CA GLU C 771 27.43 -2.74 25.91
C GLU C 771 28.89 -3.14 25.73
N GLN C 772 29.55 -2.60 24.71
CA GLN C 772 30.98 -2.89 24.52
C GLN C 772 31.79 -2.55 25.77
N ASP C 773 31.63 -1.32 26.26
CA ASP C 773 32.38 -0.89 27.44
C ASP C 773 31.97 -1.68 28.67
N LYS C 774 30.70 -2.02 28.78
CA LYS C 774 30.27 -2.88 29.89
C LYS C 774 31.03 -4.20 29.87
N ASN C 775 31.15 -4.81 28.68
CA ASN C 775 31.86 -6.08 28.58
C ASN C 775 33.31 -5.93 29.01
N THR C 776 33.98 -4.89 28.50
CA THR C 776 35.40 -4.71 28.83
C THR C 776 35.59 -4.49 30.34
N GLN C 777 34.77 -3.62 30.94
CA GLN C 777 34.84 -3.40 32.37
C GLN C 777 34.66 -4.70 33.13
N GLU C 778 33.65 -5.48 32.75
CA GLU C 778 33.30 -6.67 33.51
C GLU C 778 34.38 -7.75 33.39
N VAL C 779 35.07 -7.83 32.25
CA VAL C 779 36.10 -8.86 32.12
C VAL C 779 37.35 -8.45 32.87
N PHE C 780 37.78 -7.19 32.74
CA PHE C 780 39.12 -6.85 33.22
C PHE C 780 39.16 -6.25 34.62
N ALA C 781 38.09 -5.59 35.08
CA ALA C 781 38.11 -4.96 36.40
C ALA C 781 37.67 -5.96 37.45
N GLN C 782 38.67 -6.57 38.11
CA GLN C 782 38.43 -7.60 39.11
C GLN C 782 39.28 -7.47 40.36
N VAL C 783 40.19 -6.50 40.41
CA VAL C 783 41.08 -6.32 41.55
C VAL C 783 40.98 -4.87 42.03
N LYS C 784 40.85 -4.70 43.35
CA LYS C 784 40.66 -3.37 43.91
C LYS C 784 41.97 -2.58 43.92
N GLN C 785 43.08 -3.23 44.26
CA GLN C 785 44.35 -2.54 44.50
C GLN C 785 45.34 -2.82 43.38
N ILE C 786 46.53 -2.25 43.54
CA ILE C 786 47.63 -2.41 42.60
C ILE C 786 48.84 -2.91 43.37
N TYR C 787 49.44 -3.99 42.89
CA TYR C 787 50.64 -4.55 43.50
C TYR C 787 51.82 -4.44 42.54
N LYS C 788 53.02 -4.55 43.10
CA LYS C 788 54.25 -4.47 42.33
C LYS C 788 55.28 -5.44 42.89
N THR C 789 56.18 -5.89 42.02
CA THR C 789 57.15 -6.91 42.38
C THR C 789 58.32 -6.30 43.15
N PRO C 790 58.99 -7.10 44.00
CA PRO C 790 60.18 -6.58 44.67
C PRO C 790 61.30 -6.33 43.68
N PRO C 791 62.18 -5.38 43.96
CA PRO C 791 63.29 -5.11 43.03
C PRO C 791 64.19 -6.30 42.80
N ILE C 792 64.44 -7.13 43.81
CA ILE C 792 65.29 -8.31 43.68
C ILE C 792 64.42 -9.44 43.15
N LYS C 793 64.72 -9.89 41.94
CA LYS C 793 63.91 -10.91 41.25
C LYS C 793 64.59 -12.27 41.42
N ASP C 794 64.46 -12.83 42.62
CA ASP C 794 64.99 -14.15 42.93
C ASP C 794 63.85 -15.04 43.41
N PHE C 795 63.61 -16.13 42.68
CA PHE C 795 62.47 -17.00 42.97
C PHE C 795 62.88 -18.46 42.90
N GLY C 796 64.03 -18.79 43.48
CA GLY C 796 64.47 -20.17 43.53
C GLY C 796 64.75 -20.82 42.20
N GLY C 797 65.33 -20.08 41.25
CA GLY C 797 65.77 -20.64 39.99
C GLY C 797 64.85 -20.42 38.82
N PHE C 798 63.58 -20.11 39.06
CA PHE C 798 62.65 -19.83 37.97
C PHE C 798 62.94 -18.46 37.37
N ASN C 799 63.01 -18.42 36.04
CA ASN C 799 63.46 -17.20 35.36
C ASN C 799 62.38 -16.13 35.35
N PHE C 800 61.25 -16.43 34.73
CA PHE C 800 60.09 -15.54 34.61
C PHE C 800 60.38 -14.28 33.81
N SER C 801 61.59 -14.15 33.22
CA SER C 801 61.93 -12.94 32.49
C SER C 801 61.11 -12.76 31.23
N GLN C 802 60.70 -13.85 30.59
CA GLN C 802 59.97 -13.77 29.33
C GLN C 802 58.56 -13.23 29.48
N ILE C 803 58.03 -13.16 30.69
CA ILE C 803 56.65 -12.75 30.89
C ILE C 803 56.51 -11.48 31.72
N LEU C 804 57.53 -11.09 32.48
CA LEU C 804 57.46 -9.88 33.28
C LEU C 804 57.51 -8.64 32.39
N PRO C 805 56.94 -7.53 32.86
CA PRO C 805 57.04 -6.28 32.09
C PRO C 805 58.49 -5.83 31.94
N ASP C 806 58.79 -5.22 30.80
CA ASP C 806 60.14 -4.78 30.51
C ASP C 806 60.26 -3.28 30.74
N PRO C 807 61.01 -2.84 31.74
CA PRO C 807 61.19 -1.39 31.94
C PRO C 807 61.92 -0.71 30.80
N SER C 808 62.69 -1.46 30.01
CA SER C 808 63.48 -0.84 28.94
C SER C 808 62.59 -0.19 27.89
N LYS C 809 61.60 -0.92 27.39
CA LYS C 809 60.75 -0.38 26.34
C LYS C 809 59.75 0.62 26.92
N PRO C 810 59.43 1.69 26.18
CA PRO C 810 58.43 2.64 26.68
C PRO C 810 57.06 2.02 26.88
N SER C 811 56.68 1.04 26.06
CA SER C 811 55.39 0.39 26.21
C SER C 811 55.30 -0.44 27.49
N LYS C 812 56.43 -0.83 28.06
CA LYS C 812 56.47 -1.65 29.27
C LYS C 812 55.66 -2.93 29.10
N ARG C 813 55.97 -3.66 28.03
CA ARG C 813 55.25 -4.86 27.66
C ARG C 813 56.22 -6.04 27.58
N SER C 814 55.67 -7.24 27.74
CA SER C 814 56.48 -8.44 27.64
C SER C 814 56.90 -8.68 26.20
N PRO C 815 58.00 -9.42 25.99
CA PRO C 815 58.38 -9.78 24.62
C PRO C 815 57.29 -10.53 23.88
N ILE C 816 56.55 -11.39 24.58
CA ILE C 816 55.44 -12.09 23.95
C ILE C 816 54.36 -11.11 23.52
N GLU C 817 54.08 -10.11 24.37
CA GLU C 817 53.10 -9.08 24.00
C GLU C 817 53.56 -8.32 22.76
N ASP C 818 54.85 -7.96 22.70
CA ASP C 818 55.35 -7.27 21.52
C ASP C 818 55.25 -8.15 20.28
N LEU C 819 55.57 -9.43 20.42
CA LEU C 819 55.44 -10.35 19.29
C LEU C 819 54.01 -10.41 18.79
N LEU C 820 53.04 -10.53 19.69
CA LEU C 820 51.64 -10.56 19.28
C LEU C 820 51.22 -9.25 18.62
N PHE C 821 51.65 -8.12 19.19
CA PHE C 821 51.31 -6.83 18.62
C PHE C 821 51.86 -6.68 17.21
N ASN C 822 53.09 -7.14 16.98
CA ASN C 822 53.66 -7.08 15.64
C ASN C 822 52.96 -8.03 14.69
N LYS C 823 52.56 -9.21 15.18
CA LYS C 823 51.87 -10.16 14.32
C LYS C 823 50.43 -9.76 14.02
N VAL C 824 49.87 -8.83 14.78
CA VAL C 824 48.53 -8.30 14.51
C VAL C 824 48.68 -6.97 13.80
N THR C 825 48.06 -6.84 12.64
CA THR C 825 48.10 -5.59 11.88
C THR C 825 46.70 -5.02 11.71
N ASP C 846 42.39 5.50 3.50
CA ASP C 846 41.52 6.05 2.48
C ASP C 846 40.10 5.55 2.64
N LEU C 847 39.96 4.25 2.93
CA LEU C 847 38.65 3.67 3.17
C LEU C 847 37.97 4.33 4.36
N ILE C 848 38.74 4.60 5.42
CA ILE C 848 38.19 5.29 6.59
C ILE C 848 37.70 6.68 6.21
N CYS C 849 38.47 7.40 5.40
CA CYS C 849 38.06 8.74 4.98
C CYS C 849 36.78 8.70 4.16
N ALA C 850 36.71 7.77 3.20
CA ALA C 850 35.51 7.66 2.37
C ALA C 850 34.29 7.31 3.20
N GLN C 851 34.45 6.40 4.17
CA GLN C 851 33.35 6.09 5.07
C GLN C 851 32.95 7.30 5.90
N LYS C 852 33.94 8.07 6.37
CA LYS C 852 33.65 9.26 7.17
C LYS C 852 32.85 10.28 6.39
N PHE C 853 33.24 10.52 5.14
CA PHE C 853 32.64 11.60 4.35
C PHE C 853 31.25 11.24 3.81
N ASN C 854 30.63 10.17 4.31
CA ASN C 854 29.27 9.81 3.94
C ASN C 854 28.36 9.65 5.15
N GLY C 855 28.77 10.12 6.33
CA GLY C 855 27.96 10.02 7.52
C GLY C 855 28.25 8.85 8.43
N LEU C 856 29.33 8.11 8.18
CA LEU C 856 29.71 6.97 9.00
C LEU C 856 30.91 7.35 9.85
N THR C 857 30.77 7.25 11.17
CA THR C 857 31.83 7.62 12.09
C THR C 857 32.18 6.45 13.00
N VAL C 858 33.40 6.47 13.50
CA VAL C 858 33.91 5.44 14.39
C VAL C 858 34.38 6.11 15.67
N LEU C 859 33.94 5.58 16.81
CA LEU C 859 34.32 6.24 18.04
C LEU C 859 35.45 5.48 18.74
N PRO C 860 36.34 6.19 19.42
CA PRO C 860 37.44 5.54 20.11
C PRO C 860 36.96 4.89 21.40
N PRO C 861 37.62 3.84 21.86
CA PRO C 861 37.20 3.18 23.10
C PRO C 861 37.57 4.02 24.32
N LEU C 862 37.21 3.49 25.50
CA LEU C 862 37.47 4.22 26.73
C LEU C 862 38.80 3.82 27.36
N LEU C 863 39.09 2.53 27.40
CA LEU C 863 40.30 2.03 28.05
C LEU C 863 41.38 1.79 27.01
N THR C 864 42.63 2.09 27.38
CA THR C 864 43.76 1.96 26.47
C THR C 864 44.71 0.86 26.93
N ASP C 865 45.58 0.47 26.01
CA ASP C 865 46.52 -0.62 26.25
C ASP C 865 47.40 -0.36 27.45
N GLU C 866 47.65 0.91 27.79
CA GLU C 866 48.51 1.22 28.92
C GLU C 866 47.94 0.68 30.23
N MET C 867 46.72 1.08 30.59
CA MET C 867 46.16 0.54 31.82
C MET C 867 45.74 -0.92 31.65
N ILE C 868 45.48 -1.37 30.42
CA ILE C 868 45.22 -2.80 30.26
C ILE C 868 46.45 -3.60 30.70
N ALA C 869 47.63 -3.20 30.22
CA ALA C 869 48.87 -3.86 30.61
C ALA C 869 49.16 -3.65 32.08
N GLN C 870 48.79 -2.47 32.62
CA GLN C 870 48.99 -2.22 34.04
C GLN C 870 48.18 -3.19 34.90
N TYR C 871 46.92 -3.43 34.50
CA TYR C 871 46.08 -4.39 35.19
C TYR C 871 46.68 -5.79 35.10
N THR C 872 47.15 -6.16 33.91
CA THR C 872 47.77 -7.48 33.74
C THR C 872 48.99 -7.63 34.64
N SER C 873 49.84 -6.60 34.69
CA SER C 873 51.04 -6.65 35.53
C SER C 873 50.67 -6.75 37.00
N ALA C 874 49.65 -6.01 37.43
CA ALA C 874 49.21 -6.09 38.82
C ALA C 874 48.72 -7.50 39.15
N LEU C 875 47.94 -8.09 38.25
CA LEU C 875 47.46 -9.46 38.48
C LEU C 875 48.63 -10.42 38.58
N LEU C 876 49.60 -10.31 37.69
CA LEU C 876 50.75 -11.20 37.73
C LEU C 876 51.53 -11.05 39.03
N ALA C 877 51.78 -9.81 39.45
CA ALA C 877 52.52 -9.58 40.67
C ALA C 877 51.78 -10.16 41.87
N GLY C 878 50.47 -9.95 41.94
CA GLY C 878 49.70 -10.52 43.03
C GLY C 878 49.77 -12.03 43.06
N THR C 879 49.59 -12.67 41.90
CA THR C 879 49.55 -14.13 41.88
C THR C 879 50.92 -14.75 42.13
N ILE C 880 52.02 -14.06 41.83
CA ILE C 880 53.32 -14.63 42.16
C ILE C 880 53.67 -14.41 43.62
N THR C 881 53.37 -13.23 44.16
CA THR C 881 53.83 -12.90 45.51
C THR C 881 52.86 -13.31 46.62
N SER C 882 51.64 -13.73 46.29
CA SER C 882 50.71 -14.03 47.38
C SER C 882 50.01 -15.37 47.22
N GLY C 883 49.94 -15.89 45.99
CA GLY C 883 49.17 -17.10 45.77
C GLY C 883 47.69 -16.80 45.65
N TRP C 884 46.84 -17.66 46.20
CA TRP C 884 45.40 -17.49 46.11
C TRP C 884 44.82 -16.62 47.23
N THR C 885 45.64 -16.25 48.22
CA THR C 885 45.11 -15.56 49.39
C THR C 885 44.55 -14.19 49.05
N PHE C 886 45.22 -13.45 48.16
CA PHE C 886 44.80 -12.08 47.86
C PHE C 886 43.45 -12.02 47.14
N GLY C 887 42.99 -13.13 46.58
CA GLY C 887 41.72 -13.16 45.90
C GLY C 887 40.50 -13.20 46.78
N ALA C 888 40.68 -13.38 48.09
CA ALA C 888 39.56 -13.43 49.01
C ALA C 888 39.84 -12.68 50.30
N GLY C 889 40.63 -11.61 50.23
CA GLY C 889 40.97 -10.82 51.39
C GLY C 889 42.35 -10.21 51.30
N PRO C 890 42.93 -9.86 52.45
CA PRO C 890 44.25 -9.23 52.45
C PRO C 890 45.32 -10.18 51.94
N ALA C 891 46.36 -9.59 51.34
CA ALA C 891 47.44 -10.37 50.75
C ALA C 891 48.40 -10.82 51.84
N LEU C 892 48.79 -12.09 51.78
CA LEU C 892 49.73 -12.68 52.73
C LEU C 892 50.87 -13.32 51.97
N GLN C 893 52.10 -13.02 52.39
CA GLN C 893 53.28 -13.54 51.71
C GLN C 893 53.53 -14.99 52.09
N ILE C 894 54.14 -15.72 51.14
CA ILE C 894 54.47 -17.13 51.32
C ILE C 894 55.52 -17.51 50.29
N PRO C 895 56.56 -18.25 50.66
CA PRO C 895 57.60 -18.58 49.69
C PRO C 895 57.09 -19.48 48.56
N PHE C 896 57.68 -19.24 47.38
CA PHE C 896 57.24 -19.91 46.16
C PHE C 896 57.39 -21.42 46.22
N PRO C 897 58.50 -22.00 46.70
CA PRO C 897 58.55 -23.46 46.82
C PRO C 897 57.48 -24.02 47.74
N MET C 898 57.16 -23.34 48.84
CA MET C 898 56.11 -23.84 49.71
C MET C 898 54.75 -23.79 49.02
N GLN C 899 54.46 -22.73 48.28
CA GLN C 899 53.17 -22.71 47.60
C GLN C 899 53.11 -23.75 46.49
N MET C 900 54.23 -24.04 45.83
CA MET C 900 54.24 -25.14 44.87
C MET C 900 54.00 -26.48 45.56
N ALA C 901 54.58 -26.66 46.75
CA ALA C 901 54.30 -27.87 47.51
C ALA C 901 52.81 -27.94 47.86
N TYR C 902 52.21 -26.81 48.18
CA TYR C 902 50.78 -26.78 48.47
C TYR C 902 49.96 -27.22 47.28
N ARG C 903 50.31 -26.73 46.09
CA ARG C 903 49.56 -27.12 44.90
C ARG C 903 49.79 -28.59 44.56
N PHE C 904 51.00 -29.10 44.80
CA PHE C 904 51.25 -30.53 44.61
C PHE C 904 50.41 -31.37 45.57
N ASN C 905 50.29 -30.91 46.82
CA ASN C 905 49.39 -31.59 47.76
C ASN C 905 47.95 -31.53 47.26
N GLY C 906 47.55 -30.39 46.70
CA GLY C 906 46.20 -30.25 46.19
C GLY C 906 45.90 -31.23 45.08
N ILE C 907 46.81 -31.36 44.10
CA ILE C 907 46.61 -32.34 43.05
C ILE C 907 46.70 -33.75 43.58
N GLY C 908 47.47 -33.98 44.65
CA GLY C 908 47.49 -35.27 45.31
C GLY C 908 48.81 -36.00 45.36
N VAL C 909 49.93 -35.28 45.42
CA VAL C 909 51.24 -35.89 45.56
C VAL C 909 51.90 -35.31 46.81
N THR C 910 52.63 -36.16 47.54
CA THR C 910 53.24 -35.73 48.79
C THR C 910 54.35 -34.72 48.52
N GLN C 911 54.65 -33.92 49.54
CA GLN C 911 55.56 -32.78 49.38
C GLN C 911 56.99 -33.23 49.11
N ASN C 912 57.40 -34.38 49.63
CA ASN C 912 58.79 -34.82 49.47
C ASN C 912 59.14 -35.00 48.01
N VAL C 913 58.18 -35.44 47.19
CA VAL C 913 58.46 -35.68 45.77
C VAL C 913 58.91 -34.38 45.11
N LEU C 914 58.22 -33.28 45.39
CA LEU C 914 58.68 -31.99 44.89
C LEU C 914 59.99 -31.58 45.55
N TYR C 915 60.10 -31.77 46.86
CA TYR C 915 61.27 -31.27 47.59
C TYR C 915 62.55 -31.94 47.14
N GLU C 916 62.48 -33.12 46.53
CA GLU C 916 63.66 -33.82 46.08
C GLU C 916 63.87 -33.77 44.57
N ASN C 917 63.18 -32.88 43.86
CA ASN C 917 63.36 -32.75 42.42
C ASN C 917 63.32 -31.30 41.96
N GLN C 918 63.74 -30.38 42.84
CA GLN C 918 63.57 -28.96 42.58
C GLN C 918 64.34 -28.52 41.34
N LYS C 919 65.61 -28.95 41.23
CA LYS C 919 66.44 -28.52 40.10
C LYS C 919 65.86 -29.00 38.78
N LEU C 920 65.49 -30.28 38.71
CA LEU C 920 64.94 -30.82 37.47
C LEU C 920 63.64 -30.13 37.09
N ILE C 921 62.76 -29.91 38.07
CA ILE C 921 61.47 -29.28 37.77
C ILE C 921 61.68 -27.85 37.28
N ALA C 922 62.57 -27.09 37.94
CA ALA C 922 62.82 -25.72 37.51
C ALA C 922 63.42 -25.68 36.10
N ASN C 923 64.35 -26.60 35.81
CA ASN C 923 64.94 -26.64 34.48
C ASN C 923 63.90 -26.94 33.42
N GLN C 924 63.02 -27.90 33.68
CA GLN C 924 61.96 -28.22 32.73
C GLN C 924 61.05 -27.02 32.50
N PHE C 925 60.67 -26.34 33.57
CA PHE C 925 59.79 -25.18 33.43
C PHE C 925 60.46 -24.08 32.60
N ASN C 926 61.73 -23.81 32.88
CA ASN C 926 62.44 -22.78 32.12
C ASN C 926 62.55 -23.16 30.66
N SER C 927 62.82 -24.44 30.38
CA SER C 927 62.91 -24.89 28.99
C SER C 927 61.58 -24.70 28.26
N ALA C 928 60.47 -25.07 28.90
CA ALA C 928 59.17 -24.91 28.26
C ALA C 928 58.86 -23.44 27.99
N ILE C 929 59.15 -22.57 28.96
CA ILE C 929 58.94 -21.15 28.76
C ILE C 929 59.83 -20.63 27.63
N GLY C 930 61.02 -21.21 27.47
CA GLY C 930 61.85 -20.86 26.33
C GLY C 930 61.23 -21.26 25.01
N LYS C 931 60.72 -22.49 24.91
CA LYS C 931 60.21 -22.97 23.63
C LYS C 931 58.91 -22.29 23.21
N ILE C 932 58.09 -21.85 24.17
CA ILE C 932 56.77 -21.35 23.77
C ILE C 932 56.87 -20.12 22.89
N GLN C 933 57.88 -19.26 23.11
CA GLN C 933 58.01 -18.05 22.30
C GLN C 933 58.24 -18.38 20.83
N ASP C 934 59.21 -19.24 20.53
CA ASP C 934 59.46 -19.60 19.14
C ASP C 934 58.31 -20.40 18.55
N SER C 935 57.63 -21.19 19.38
CA SER C 935 56.45 -21.90 18.91
C SER C 935 55.38 -20.92 18.44
N LEU C 936 55.16 -19.85 19.21
CA LEU C 936 54.23 -18.81 18.78
C LEU C 936 54.73 -18.10 17.53
N SER C 937 56.03 -17.80 17.48
CA SER C 937 56.56 -17.00 16.38
C SER C 937 56.47 -17.74 15.05
N SER C 938 56.75 -19.04 15.04
CA SER C 938 56.84 -19.77 13.78
C SER C 938 55.50 -19.83 13.07
N THR C 939 54.45 -20.24 13.76
CA THR C 939 53.16 -20.46 13.12
C THR C 939 52.50 -19.14 12.78
N PRO C 940 52.08 -18.92 11.54
CA PRO C 940 51.42 -17.66 11.15
C PRO C 940 49.89 -17.70 11.15
N SER C 941 49.28 -18.78 11.65
CA SER C 941 47.83 -18.95 11.58
C SER C 941 47.19 -19.22 12.93
N ALA C 942 47.53 -18.41 13.94
CA ALA C 942 46.96 -18.63 15.28
C ALA C 942 45.91 -17.60 15.64
N LEU C 943 45.99 -16.38 15.09
CA LEU C 943 45.12 -15.28 15.46
C LEU C 943 43.93 -15.16 14.51
N GLY C 944 43.54 -16.31 13.96
CA GLY C 944 42.49 -16.34 12.95
C GLY C 944 41.16 -15.81 13.45
N LYS C 945 40.81 -16.05 14.71
CA LYS C 945 39.50 -15.64 15.21
C LYS C 945 39.35 -14.12 15.16
N LEU C 946 40.32 -13.40 15.73
CA LEU C 946 40.29 -11.95 15.65
C LEU C 946 40.37 -11.47 14.21
N GLN C 947 41.16 -12.17 13.39
CA GLN C 947 41.25 -11.80 11.98
C GLN C 947 39.87 -11.85 11.31
N ASP C 948 39.14 -12.94 11.51
CA ASP C 948 37.82 -13.06 10.90
C ASP C 948 36.84 -12.04 11.45
N VAL C 949 36.92 -11.74 12.75
CA VAL C 949 36.03 -10.72 13.31
C VAL C 949 36.24 -9.40 12.58
N VAL C 950 37.49 -8.97 12.47
CA VAL C 950 37.79 -7.69 11.81
C VAL C 950 37.36 -7.74 10.35
N ASN C 951 37.64 -8.85 9.68
CA ASN C 951 37.31 -8.97 8.26
C ASN C 951 35.80 -8.89 8.03
N GLN C 952 35.01 -9.57 8.87
CA GLN C 952 33.57 -9.52 8.73
C GLN C 952 33.04 -8.10 8.93
N ASN C 953 33.55 -7.41 9.97
CA ASN C 953 33.12 -6.03 10.19
C ASN C 953 33.42 -5.17 8.97
N ALA C 954 34.66 -5.26 8.45
CA ALA C 954 35.04 -4.44 7.32
C ALA C 954 34.23 -4.75 6.09
N GLN C 955 33.96 -6.04 5.83
CA GLN C 955 33.19 -6.42 4.66
C GLN C 955 31.77 -5.88 4.73
N ALA C 956 31.14 -5.98 5.92
CA ALA C 956 29.80 -5.45 6.07
C ALA C 956 29.77 -3.95 5.79
N LEU C 957 30.73 -3.21 6.37
CA LEU C 957 30.76 -1.77 6.15
C LEU C 957 30.99 -1.44 4.67
N ASN C 958 31.88 -2.18 4.02
CA ASN C 958 32.17 -1.92 2.61
C ASN C 958 30.94 -2.17 1.74
N THR C 959 30.22 -3.26 2.00
CA THR C 959 29.00 -3.52 1.22
C THR C 959 27.98 -2.41 1.44
N LEU C 960 27.80 -1.98 2.69
CA LEU C 960 26.86 -0.90 2.96
C LEU C 960 27.24 0.37 2.20
N VAL C 961 28.53 0.70 2.18
CA VAL C 961 28.97 1.87 1.43
C VAL C 961 28.69 1.70 -0.06
N LYS C 962 28.98 0.51 -0.60
CA LYS C 962 28.82 0.28 -2.02
C LYS C 962 27.37 0.36 -2.46
N GLN C 963 26.42 0.01 -1.58
CA GLN C 963 25.02 -0.06 -1.98
C GLN C 963 24.48 1.27 -2.51
N LEU C 964 25.12 2.40 -2.20
CA LEU C 964 24.59 3.70 -2.59
C LEU C 964 24.56 3.93 -4.09
N SER C 965 25.27 3.12 -4.88
CA SER C 965 25.40 3.36 -6.30
C SER C 965 24.21 2.89 -7.13
N SER C 966 23.28 2.16 -6.53
CA SER C 966 22.16 1.60 -7.28
C SER C 966 21.22 2.70 -7.75
N ASN C 967 20.52 2.44 -8.87
CA ASN C 967 19.54 3.40 -9.37
C ASN C 967 18.14 3.08 -8.87
N PHE C 968 17.89 1.82 -8.53
CA PHE C 968 16.62 1.38 -7.94
C PHE C 968 15.43 1.72 -8.83
N GLY C 969 15.59 1.49 -10.13
CA GLY C 969 14.52 1.75 -11.07
C GLY C 969 14.33 3.20 -11.44
N ALA C 970 15.18 4.09 -10.96
CA ALA C 970 15.09 5.50 -11.28
C ALA C 970 16.01 5.85 -12.44
N ILE C 971 15.94 7.11 -12.88
CA ILE C 971 16.76 7.54 -14.00
C ILE C 971 18.24 7.59 -13.64
N SER C 972 18.56 7.98 -12.41
CA SER C 972 19.94 8.12 -11.99
C SER C 972 20.04 7.97 -10.49
N SER C 973 21.26 7.70 -10.02
CA SER C 973 21.52 7.53 -8.59
C SER C 973 21.99 8.81 -7.92
N VAL C 974 22.07 9.92 -8.64
CA VAL C 974 22.50 11.19 -8.08
C VAL C 974 21.27 12.07 -7.87
N LEU C 975 21.14 12.63 -6.67
CA LEU C 975 19.96 13.42 -6.34
C LEU C 975 20.02 14.80 -6.98
N ASN C 976 21.22 15.37 -7.10
CA ASN C 976 21.33 16.75 -7.59
C ASN C 976 20.86 16.88 -9.03
N ASP C 977 21.23 15.93 -9.88
CA ASP C 977 20.81 15.99 -11.29
C ASP C 977 19.28 15.89 -11.38
N ILE C 978 18.69 14.94 -10.64
CA ILE C 978 17.24 14.76 -10.67
C ILE C 978 16.54 16.01 -10.14
N LEU C 979 17.06 16.59 -9.05
CA LEU C 979 16.45 17.79 -8.52
C LEU C 979 16.51 18.95 -9.51
N SER C 980 17.64 19.12 -10.18
CA SER C 980 17.82 20.23 -11.10
C SER C 980 17.11 20.01 -12.43
N ARG C 981 16.64 18.79 -12.69
CA ARG C 981 16.17 18.44 -14.02
C ARG C 981 14.64 18.37 -14.09
N LEU C 982 13.99 17.65 -13.17
CA LEU C 982 12.58 17.28 -13.29
C LEU C 982 11.67 18.28 -12.58
N ASP C 983 10.37 18.09 -12.78
CA ASP C 983 9.35 18.83 -12.06
C ASP C 983 8.97 18.11 -10.76
N PRO C 984 8.37 18.83 -9.83
CA PRO C 984 7.93 18.23 -8.56
C PRO C 984 7.10 16.97 -8.77
N PRO C 985 6.06 16.99 -9.63
CA PRO C 985 5.12 15.84 -9.61
C PRO C 985 5.78 14.49 -9.87
N GLU C 986 6.82 14.43 -10.71
CA GLU C 986 7.51 13.17 -10.94
C GLU C 986 8.74 13.01 -10.07
N ALA C 987 9.41 14.11 -9.74
CA ALA C 987 10.52 14.04 -8.79
C ALA C 987 10.07 13.40 -7.48
N GLU C 988 8.81 13.64 -7.10
CA GLU C 988 8.25 12.99 -5.91
C GLU C 988 8.42 11.48 -5.99
N VAL C 989 7.87 10.86 -7.03
CA VAL C 989 7.88 9.40 -7.09
C VAL C 989 9.30 8.87 -7.22
N GLN C 990 10.17 9.59 -7.95
CA GLN C 990 11.55 9.15 -8.05
C GLN C 990 12.22 9.10 -6.68
N ILE C 991 12.07 10.18 -5.91
CA ILE C 991 12.74 10.22 -4.62
C ILE C 991 12.10 9.23 -3.64
N ASP C 992 10.79 8.96 -3.78
CA ASP C 992 10.19 7.93 -2.93
C ASP C 992 10.82 6.56 -3.22
N ARG C 993 11.01 6.23 -4.50
CA ARG C 993 11.64 4.96 -4.84
C ARG C 993 13.03 4.87 -4.21
N LEU C 994 13.84 5.92 -4.38
CA LEU C 994 15.19 5.90 -3.84
C LEU C 994 15.19 5.75 -2.31
N ILE C 995 14.30 6.50 -1.64
CA ILE C 995 14.23 6.46 -0.19
C ILE C 995 13.87 5.07 0.29
N THR C 996 12.89 4.44 -0.35
CA THR C 996 12.47 3.11 0.06
C THR C 996 13.63 2.12 -0.02
N GLY C 997 14.35 2.13 -1.16
CA GLY C 997 15.47 1.21 -1.29
C GLY C 997 16.53 1.41 -0.23
N ARG C 998 16.93 2.67 -0.01
CA ARG C 998 18.00 2.93 0.93
C ARG C 998 17.60 2.56 2.36
N LEU C 999 16.33 2.84 2.73
CA LEU C 999 15.86 2.47 4.05
C LEU C 999 15.87 0.95 4.25
N GLN C 1000 15.47 0.21 3.22
CA GLN C 1000 15.53 -1.25 3.30
C GLN C 1000 16.96 -1.72 3.61
N SER C 1001 17.94 -1.19 2.87
CA SER C 1001 19.33 -1.58 3.12
C SER C 1001 19.75 -1.27 4.55
N LEU C 1002 19.40 -0.07 5.04
CA LEU C 1002 19.79 0.30 6.39
C LEU C 1002 19.23 -0.67 7.42
N GLN C 1003 17.95 -1.04 7.28
CA GLN C 1003 17.35 -1.95 8.25
C GLN C 1003 18.06 -3.29 8.26
N THR C 1004 18.38 -3.82 7.07
CA THR C 1004 19.07 -5.10 7.03
C THR C 1004 20.41 -5.02 7.76
N TYR C 1005 21.17 -3.96 7.52
CA TYR C 1005 22.47 -3.81 8.17
C TYR C 1005 22.32 -3.78 9.69
N VAL C 1006 21.32 -3.04 10.18
CA VAL C 1006 21.11 -2.94 11.63
C VAL C 1006 20.85 -4.31 12.23
N THR C 1007 19.99 -5.11 11.58
CA THR C 1007 19.70 -6.44 12.12
C THR C 1007 20.95 -7.30 12.21
N GLN C 1008 21.77 -7.28 11.16
CA GLN C 1008 23.00 -8.08 11.18
C GLN C 1008 23.90 -7.66 12.34
N GLN C 1009 24.06 -6.35 12.54
CA GLN C 1009 24.91 -5.87 13.62
C GLN C 1009 24.40 -6.34 14.98
N LEU C 1010 23.09 -6.30 15.18
CA LEU C 1010 22.54 -6.75 16.46
C LEU C 1010 22.88 -8.20 16.74
N ILE C 1011 22.72 -9.07 15.73
CA ILE C 1011 23.00 -10.49 15.95
C ILE C 1011 24.47 -10.70 16.32
N ARG C 1012 25.37 -10.04 15.58
CA ARG C 1012 26.79 -10.20 15.88
C ARG C 1012 27.11 -9.73 17.30
N ALA C 1013 26.50 -8.62 17.72
CA ALA C 1013 26.74 -8.13 19.08
C ALA C 1013 26.31 -9.15 20.12
N ALA C 1014 25.17 -9.80 19.91
CA ALA C 1014 24.73 -10.83 20.87
C ALA C 1014 25.75 -11.96 20.99
N GLU C 1015 26.25 -12.44 19.84
CA GLU C 1015 27.23 -13.52 19.90
C GLU C 1015 28.48 -13.09 20.65
N ILE C 1016 28.95 -11.87 20.40
CA ILE C 1016 30.14 -11.37 21.09
C ILE C 1016 29.90 -11.31 22.60
N ARG C 1017 28.70 -10.89 23.00
CA ARG C 1017 28.37 -10.88 24.43
C ARG C 1017 28.52 -12.26 25.05
N ALA C 1018 28.01 -13.28 24.36
CA ALA C 1018 28.13 -14.64 24.89
C ALA C 1018 29.60 -15.04 25.08
N SER C 1019 30.41 -14.76 24.06
CA SER C 1019 31.83 -15.10 24.17
C SER C 1019 32.49 -14.36 25.33
N ALA C 1020 32.12 -13.10 25.54
CA ALA C 1020 32.70 -12.32 26.63
C ALA C 1020 32.37 -12.92 27.98
N ASN C 1021 31.10 -13.35 28.16
CA ASN C 1021 30.75 -13.98 29.44
C ASN C 1021 31.57 -15.25 29.68
N LEU C 1022 31.73 -16.08 28.65
CA LEU C 1022 32.54 -17.28 28.84
C LEU C 1022 33.98 -16.93 29.24
N ALA C 1023 34.55 -15.92 28.58
CA ALA C 1023 35.92 -15.52 28.90
C ALA C 1023 36.02 -15.04 30.34
N ALA C 1024 35.03 -14.27 30.80
CA ALA C 1024 35.04 -13.78 32.17
C ALA C 1024 34.99 -14.94 33.17
N THR C 1025 34.16 -15.94 32.88
CA THR C 1025 34.10 -17.10 33.77
C THR C 1025 35.45 -17.80 33.85
N LYS C 1026 36.10 -18.03 32.70
CA LYS C 1026 37.40 -18.68 32.72
C LYS C 1026 38.42 -17.86 33.50
N MET C 1027 38.46 -16.55 33.27
CA MET C 1027 39.34 -15.68 34.03
C MET C 1027 39.10 -15.80 35.53
N SER C 1028 37.84 -15.77 35.96
CA SER C 1028 37.56 -15.82 37.39
C SER C 1028 37.99 -17.14 37.99
N GLU C 1029 37.79 -18.25 37.29
CA GLU C 1029 38.02 -19.54 37.93
C GLU C 1029 39.45 -20.07 37.78
N CYS C 1030 40.04 -20.05 36.58
CA CYS C 1030 41.31 -20.73 36.39
C CYS C 1030 42.51 -19.99 36.95
N VAL C 1031 42.39 -18.69 37.21
CA VAL C 1031 43.57 -17.91 37.59
C VAL C 1031 43.65 -17.69 39.09
N LEU C 1032 42.63 -17.09 39.69
CA LEU C 1032 42.66 -16.74 41.11
C LEU C 1032 42.59 -17.95 42.03
N GLY C 1033 42.56 -19.16 41.48
CA GLY C 1033 42.52 -20.35 42.30
C GLY C 1033 42.87 -21.58 41.49
N GLN C 1034 42.65 -22.73 42.11
CA GLN C 1034 42.90 -24.02 41.48
C GLN C 1034 41.58 -24.72 41.23
N SER C 1035 41.43 -25.30 40.05
CA SER C 1035 40.17 -25.91 39.63
C SER C 1035 40.31 -27.42 39.56
N LYS C 1036 39.21 -28.13 39.76
CA LYS C 1036 39.16 -29.57 39.65
C LYS C 1036 38.43 -30.06 38.41
N ARG C 1037 37.79 -29.15 37.68
CA ARG C 1037 37.04 -29.54 36.48
C ARG C 1037 37.99 -30.02 35.40
N VAL C 1038 37.67 -31.16 34.80
CA VAL C 1038 38.53 -31.75 33.78
C VAL C 1038 38.37 -30.96 32.49
N ASP C 1039 39.51 -30.68 31.84
CA ASP C 1039 39.55 -30.00 30.54
C ASP C 1039 38.86 -28.65 30.58
N PHE C 1040 39.01 -27.92 31.68
CA PHE C 1040 38.50 -26.56 31.76
C PHE C 1040 39.59 -25.50 31.68
N CYS C 1041 40.79 -25.79 32.19
CA CYS C 1041 41.90 -24.85 32.17
C CYS C 1041 43.18 -25.53 31.69
N GLY C 1042 43.05 -26.41 30.71
CA GLY C 1042 44.17 -27.13 30.13
C GLY C 1042 43.84 -28.57 29.84
N LYS C 1043 44.88 -29.29 29.42
CA LYS C 1043 44.77 -30.72 29.08
C LYS C 1043 45.65 -31.51 30.03
N GLY C 1044 45.03 -32.13 31.03
CA GLY C 1044 45.76 -32.89 32.03
C GLY C 1044 45.40 -32.48 33.45
N TYR C 1045 46.40 -32.20 34.26
CA TYR C 1045 46.19 -31.74 35.63
C TYR C 1045 46.69 -30.31 35.76
N HIS C 1046 45.79 -29.42 36.19
CA HIS C 1046 46.09 -27.99 36.22
C HIS C 1046 46.97 -27.63 37.40
N LEU C 1047 47.89 -26.68 37.18
CA LEU C 1047 48.70 -26.14 38.25
C LEU C 1047 48.47 -24.64 38.46
N MET C 1048 48.71 -23.82 37.44
CA MET C 1048 48.40 -22.40 37.51
C MET C 1048 48.06 -21.92 36.11
N SER C 1049 47.97 -20.59 35.97
CA SER C 1049 47.76 -19.96 34.67
C SER C 1049 48.20 -18.51 34.75
N PHE C 1050 48.49 -17.93 33.58
CA PHE C 1050 48.90 -16.53 33.50
C PHE C 1050 48.22 -15.86 32.31
N PRO C 1051 47.62 -14.69 32.49
CA PRO C 1051 46.95 -14.01 31.38
C PRO C 1051 47.85 -13.01 30.67
N GLN C 1052 47.53 -12.80 29.39
CA GLN C 1052 48.23 -11.82 28.58
C GLN C 1052 47.22 -11.06 27.73
N SER C 1053 47.52 -9.80 27.47
CA SER C 1053 46.61 -8.90 26.78
C SER C 1053 46.96 -8.83 25.30
N ALA C 1054 45.94 -8.84 24.46
CA ALA C 1054 46.06 -8.75 23.01
C ALA C 1054 45.05 -7.75 22.48
N PRO C 1055 45.29 -7.20 21.28
CA PRO C 1055 44.29 -6.30 20.69
C PRO C 1055 42.94 -6.97 20.52
N HIS C 1056 41.93 -6.45 21.22
CA HIS C 1056 40.56 -6.97 21.18
C HIS C 1056 40.49 -8.44 21.60
N GLY C 1057 41.27 -8.83 22.60
CA GLY C 1057 41.24 -10.21 23.04
C GLY C 1057 42.19 -10.44 24.20
N VAL C 1058 42.19 -11.66 24.70
CA VAL C 1058 43.04 -12.08 25.79
C VAL C 1058 43.64 -13.43 25.47
N VAL C 1059 44.75 -13.75 26.12
CA VAL C 1059 45.49 -14.99 25.89
C VAL C 1059 45.90 -15.57 27.23
N PHE C 1060 45.72 -16.89 27.39
CA PHE C 1060 46.08 -17.59 28.62
C PHE C 1060 47.21 -18.56 28.35
N LEU C 1061 48.03 -18.79 29.38
CA LEU C 1061 49.06 -19.83 29.37
C LEU C 1061 48.75 -20.79 30.51
N HIS C 1062 48.69 -22.07 30.22
CA HIS C 1062 48.37 -23.09 31.22
C HIS C 1062 49.60 -23.93 31.54
N VAL C 1063 49.80 -24.22 32.82
CA VAL C 1063 50.85 -25.12 33.27
C VAL C 1063 50.21 -26.42 33.71
N THR C 1064 50.65 -27.53 33.12
CA THR C 1064 49.98 -28.81 33.31
C THR C 1064 51.00 -29.91 33.60
N TYR C 1065 50.60 -30.83 34.48
CA TYR C 1065 51.41 -31.97 34.87
C TYR C 1065 51.02 -33.16 34.01
N VAL C 1066 52.01 -33.92 33.55
CA VAL C 1066 51.80 -35.11 32.74
C VAL C 1066 52.70 -36.23 33.26
N PRO C 1067 52.18 -37.44 33.47
CA PRO C 1067 53.05 -38.55 33.89
C PRO C 1067 53.68 -39.24 32.69
N ALA C 1068 54.62 -40.14 32.99
CA ALA C 1068 55.31 -40.91 31.97
C ALA C 1068 56.09 -42.04 32.62
N GLN C 1069 56.72 -42.86 31.78
CA GLN C 1069 57.62 -43.94 32.19
C GLN C 1069 56.91 -44.92 33.13
N GLU C 1070 55.95 -45.63 32.54
CA GLU C 1070 55.10 -46.55 33.28
C GLU C 1070 55.76 -47.91 33.44
N LYS C 1071 55.17 -48.75 34.29
CA LYS C 1071 55.71 -50.07 34.59
C LYS C 1071 54.58 -50.99 35.01
N ASN C 1072 54.82 -52.30 34.88
CA ASN C 1072 53.82 -53.30 35.23
C ASN C 1072 54.03 -53.81 36.65
N PHE C 1073 52.96 -54.32 37.24
CA PHE C 1073 53.00 -54.86 38.60
C PHE C 1073 51.86 -55.87 38.77
N THR C 1074 51.80 -56.45 39.97
CA THR C 1074 50.73 -57.37 40.34
C THR C 1074 50.09 -56.87 41.63
N THR C 1075 48.77 -56.99 41.71
CA THR C 1075 47.99 -56.41 42.79
C THR C 1075 47.16 -57.48 43.50
N ALA C 1076 46.61 -57.08 44.65
CA ALA C 1076 45.75 -57.92 45.46
C ALA C 1076 44.83 -57.05 46.32
N PRO C 1077 43.58 -57.46 46.54
CA PRO C 1077 42.65 -56.57 47.24
C PRO C 1077 42.94 -56.40 48.72
N ALA C 1078 43.24 -57.47 49.44
CA ALA C 1078 43.40 -57.39 50.89
C ALA C 1078 44.34 -58.50 51.34
N ILE C 1079 44.80 -58.37 52.59
CA ILE C 1079 45.75 -59.30 53.19
C ILE C 1079 45.15 -59.81 54.50
N CYS C 1080 45.13 -61.12 54.67
CA CYS C 1080 44.71 -61.73 55.92
C CYS C 1080 45.94 -62.23 56.69
N HIS C 1081 46.06 -61.79 57.94
CA HIS C 1081 47.10 -62.29 58.83
C HIS C 1081 46.51 -62.43 60.22
N ASP C 1082 46.80 -63.56 60.87
CA ASP C 1082 46.30 -63.84 62.22
C ASP C 1082 44.78 -63.79 62.25
N GLY C 1083 44.16 -64.29 61.19
CA GLY C 1083 42.71 -64.34 61.11
C GLY C 1083 42.03 -62.99 61.10
N LYS C 1084 42.69 -61.97 60.55
CA LYS C 1084 42.11 -60.64 60.47
C LYS C 1084 42.41 -60.04 59.10
N ALA C 1085 41.46 -59.26 58.60
CA ALA C 1085 41.59 -58.61 57.30
C ALA C 1085 42.11 -57.19 57.50
N HIS C 1086 43.07 -56.80 56.66
CA HIS C 1086 43.69 -55.49 56.73
C HIS C 1086 43.52 -54.77 55.41
N PHE C 1087 43.31 -53.45 55.47
CA PHE C 1087 43.11 -52.66 54.27
C PHE C 1087 44.08 -51.49 54.23
N PRO C 1088 44.51 -51.06 53.05
CA PRO C 1088 45.37 -49.88 52.96
C PRO C 1088 44.60 -48.61 53.27
N ARG C 1089 45.21 -47.75 54.08
CA ARG C 1089 44.55 -46.51 54.48
C ARG C 1089 44.33 -45.59 53.28
N GLU C 1090 45.40 -45.31 52.52
CA GLU C 1090 45.29 -44.40 51.39
C GLU C 1090 46.06 -44.87 50.17
N GLY C 1091 46.50 -46.12 50.13
CA GLY C 1091 47.32 -46.58 49.02
C GLY C 1091 46.78 -47.78 48.29
N VAL C 1092 47.67 -48.68 47.87
CA VAL C 1092 47.30 -49.89 47.15
C VAL C 1092 48.40 -50.92 47.35
N PHE C 1093 48.01 -52.19 47.37
CA PHE C 1093 48.95 -53.28 47.63
C PHE C 1093 49.55 -53.76 46.31
N VAL C 1094 50.88 -53.82 46.26
CA VAL C 1094 51.61 -54.25 45.08
C VAL C 1094 52.67 -55.26 45.49
N SER C 1095 53.13 -56.04 44.51
CA SER C 1095 54.16 -57.04 44.73
C SER C 1095 55.15 -57.02 43.58
N ASN C 1096 56.43 -57.14 43.92
CA ASN C 1096 57.49 -57.24 42.93
C ASN C 1096 57.74 -58.70 42.51
N GLY C 1097 56.84 -59.60 42.88
CA GLY C 1097 57.00 -61.01 42.56
C GLY C 1097 57.53 -61.80 43.74
N THR C 1098 58.13 -61.12 44.70
CA THR C 1098 58.68 -61.76 45.90
C THR C 1098 58.14 -61.18 47.18
N HIS C 1099 57.99 -59.86 47.26
CA HIS C 1099 57.59 -59.18 48.48
C HIS C 1099 56.44 -58.23 48.18
N TRP C 1100 55.80 -57.74 49.25
CA TRP C 1100 54.62 -56.90 49.13
C TRP C 1100 54.85 -55.55 49.79
N PHE C 1101 54.42 -54.49 49.11
CA PHE C 1101 54.56 -53.13 49.59
C PHE C 1101 53.28 -52.36 49.31
N VAL C 1102 53.18 -51.18 49.91
CA VAL C 1102 52.05 -50.28 49.72
C VAL C 1102 52.60 -48.92 49.31
N THR C 1103 51.94 -48.28 48.35
CA THR C 1103 52.42 -47.02 47.81
C THR C 1103 51.23 -46.20 47.29
N GLN C 1104 51.48 -44.91 47.08
CA GLN C 1104 50.46 -44.02 46.56
C GLN C 1104 50.21 -44.30 45.08
N ARG C 1105 49.08 -43.79 44.58
CA ARG C 1105 48.56 -44.20 43.28
C ARG C 1105 49.07 -43.36 42.12
N ASN C 1106 49.92 -42.37 42.37
CA ASN C 1106 50.36 -41.48 41.30
C ASN C 1106 51.87 -41.36 41.17
N PHE C 1107 52.64 -42.00 42.05
CA PHE C 1107 54.09 -41.97 41.95
C PHE C 1107 54.65 -43.17 42.71
N TYR C 1108 55.55 -43.89 42.07
CA TYR C 1108 56.07 -45.14 42.63
C TYR C 1108 56.98 -44.84 43.81
N GLU C 1109 56.66 -45.39 44.98
CA GLU C 1109 57.47 -45.22 46.18
C GLU C 1109 57.11 -46.34 47.15
N PRO C 1110 57.75 -47.50 47.02
CA PRO C 1110 57.40 -48.63 47.88
C PRO C 1110 57.77 -48.37 49.34
N GLN C 1111 57.00 -48.99 50.23
CA GLN C 1111 57.21 -48.88 51.66
C GLN C 1111 56.78 -50.17 52.34
N ILE C 1112 57.24 -50.35 53.57
CA ILE C 1112 56.99 -51.58 54.33
C ILE C 1112 55.58 -51.53 54.91
N ILE C 1113 54.91 -52.69 54.89
CA ILE C 1113 53.55 -52.78 55.41
C ILE C 1113 53.62 -52.86 56.94
N THR C 1114 53.02 -51.87 57.60
CA THR C 1114 53.00 -51.81 59.05
C THR C 1114 51.56 -51.63 59.53
N THR C 1115 51.40 -51.43 60.85
CA THR C 1115 50.09 -51.20 61.42
C THR C 1115 49.61 -49.77 61.19
N ASP C 1116 50.53 -48.81 61.12
CA ASP C 1116 50.13 -47.40 61.08
C ASP C 1116 49.33 -47.06 59.83
N ASN C 1117 49.70 -47.64 58.68
CA ASN C 1117 49.05 -47.31 57.42
C ASN C 1117 47.96 -48.30 57.05
N THR C 1118 47.46 -49.07 58.01
CA THR C 1118 46.39 -50.03 57.76
C THR C 1118 45.40 -49.99 58.91
N PHE C 1119 44.25 -50.62 58.68
CA PHE C 1119 43.23 -50.79 59.71
C PHE C 1119 42.48 -52.09 59.46
N VAL C 1120 41.82 -52.59 60.51
CA VAL C 1120 41.21 -53.91 60.51
C VAL C 1120 39.70 -53.76 60.50
N SER C 1121 39.02 -54.69 59.83
CA SER C 1121 37.56 -54.71 59.80
C SER C 1121 37.11 -56.12 59.45
N GLY C 1122 36.55 -56.83 60.44
CA GLY C 1122 36.00 -58.15 60.22
C GLY C 1122 37.07 -59.21 60.02
N ASN C 1123 36.59 -60.41 59.69
CA ASN C 1123 37.45 -61.54 59.41
C ASN C 1123 37.71 -61.67 57.91
N CYS C 1124 38.58 -62.61 57.55
CA CYS C 1124 39.08 -62.74 56.17
C CYS C 1124 38.51 -63.98 55.48
N ASP C 1125 37.25 -64.32 55.72
CA ASP C 1125 36.64 -65.48 55.08
C ASP C 1125 35.46 -65.10 54.18
N VAL C 1126 35.31 -63.81 53.88
CA VAL C 1126 34.17 -63.36 53.08
C VAL C 1126 34.57 -62.53 51.87
N VAL C 1127 35.80 -62.04 51.78
CA VAL C 1127 36.24 -61.22 50.66
C VAL C 1127 36.95 -62.13 49.66
N ILE C 1128 36.58 -62.01 48.39
CA ILE C 1128 37.12 -62.87 47.35
C ILE C 1128 38.51 -62.40 46.96
N GLY C 1129 39.47 -63.32 46.98
CA GLY C 1129 40.81 -63.02 46.48
C GLY C 1129 41.80 -62.50 47.49
N ILE C 1130 41.60 -62.78 48.78
CA ILE C 1130 42.57 -62.35 49.78
C ILE C 1130 43.84 -63.18 49.65
N VAL C 1131 44.93 -62.68 50.23
CA VAL C 1131 46.24 -63.32 50.12
C VAL C 1131 46.83 -63.47 51.51
N ASN C 1132 47.30 -64.68 51.82
CA ASN C 1132 47.96 -64.93 53.10
C ASN C 1132 49.33 -64.27 53.12
N ASN C 1133 49.62 -63.57 54.20
CA ASN C 1133 50.92 -62.91 54.39
C ASN C 1133 51.00 -62.50 55.86
N THR C 1134 52.07 -61.76 56.20
CA THR C 1134 52.33 -61.34 57.56
C THR C 1134 52.36 -59.82 57.64
N VAL C 1135 52.01 -59.29 58.82
CA VAL C 1135 52.00 -57.86 59.08
C VAL C 1135 53.01 -57.56 60.17
N TYR C 1136 53.86 -56.57 59.93
CA TYR C 1136 54.90 -56.20 60.88
C TYR C 1136 54.33 -55.21 61.89
N ASP C 1137 54.56 -55.47 63.17
CA ASP C 1137 54.10 -54.59 64.23
C ASP C 1137 55.28 -53.83 64.81
N PRO C 1138 55.32 -52.50 64.73
CA PRO C 1138 56.47 -51.76 65.26
C PRO C 1138 56.67 -51.90 66.76
N LEU C 1139 55.62 -52.19 67.52
CA LEU C 1139 55.72 -52.15 68.97
C LEU C 1139 56.44 -53.38 69.55
N GLN C 1140 56.34 -54.52 68.87
CA GLN C 1140 56.95 -55.75 69.39
C GLN C 1140 58.47 -55.67 69.49
N PRO C 1141 59.21 -55.26 68.45
CA PRO C 1141 60.66 -55.14 68.62
C PRO C 1141 61.05 -54.13 69.69
N GLU C 1142 60.29 -53.04 69.82
CA GLU C 1142 60.59 -52.05 70.85
C GLU C 1142 60.40 -52.64 72.24
N LEU C 1143 59.35 -53.43 72.44
CA LEU C 1143 59.15 -54.05 73.75
C LEU C 1143 60.13 -55.17 74.02
N ASP C 1144 60.62 -55.85 72.98
CA ASP C 1144 61.51 -56.99 73.15
C ASP C 1144 62.92 -56.58 73.55
N SER C 1145 63.25 -55.29 73.51
CA SER C 1145 64.58 -54.84 73.88
C SER C 1145 64.53 -53.99 75.15
N SER D 19 -26.89 53.13 -45.09
CA SER D 19 -27.57 51.99 -44.50
C SER D 19 -28.84 51.64 -45.28
N THR D 20 -29.07 50.36 -45.49
CA THR D 20 -30.24 49.91 -46.23
C THR D 20 -31.50 50.17 -45.41
N THR D 21 -32.63 50.24 -46.12
CA THR D 21 -33.90 50.53 -45.45
C THR D 21 -34.69 49.29 -45.10
N GLU D 22 -34.15 48.09 -45.33
CA GLU D 22 -34.87 46.87 -44.93
C GLU D 22 -35.03 46.81 -43.42
N ASP D 23 -33.93 47.00 -42.68
CA ASP D 23 -34.02 47.01 -41.23
C ASP D 23 -34.93 48.13 -40.74
N LEU D 24 -34.81 49.30 -41.37
CA LEU D 24 -35.66 50.43 -40.99
C LEU D 24 -37.13 50.09 -41.15
N ALA D 25 -37.49 49.49 -42.29
CA ALA D 25 -38.90 49.24 -42.57
C ALA D 25 -39.43 48.06 -41.76
N LYS D 26 -38.58 47.08 -41.44
CA LYS D 26 -39.07 45.98 -40.62
C LYS D 26 -39.27 46.42 -39.17
N THR D 27 -38.35 47.24 -38.64
CA THR D 27 -38.57 47.83 -37.33
C THR D 27 -39.78 48.76 -37.36
N PHE D 28 -40.00 49.42 -38.49
CA PHE D 28 -41.15 50.30 -38.65
C PHE D 28 -42.46 49.52 -38.62
N LEU D 29 -42.52 48.39 -39.33
CA LEU D 29 -43.72 47.57 -39.31
C LEU D 29 -43.93 46.93 -37.95
N GLU D 30 -42.84 46.55 -37.27
CA GLU D 30 -42.98 46.02 -35.92
C GLU D 30 -43.48 47.08 -34.95
N LYS D 31 -43.02 48.33 -35.10
CA LYS D 31 -43.49 49.39 -34.22
C LYS D 31 -44.95 49.72 -34.49
N PHE D 32 -45.34 49.70 -35.76
CA PHE D 32 -46.77 49.75 -36.09
C PHE D 32 -47.51 48.61 -35.43
N ASN D 33 -46.95 47.40 -35.50
CA ASN D 33 -47.56 46.27 -34.79
C ASN D 33 -47.79 46.63 -33.32
N TYR D 34 -46.78 47.15 -32.64
CA TYR D 34 -46.92 47.49 -31.22
C TYR D 34 -47.99 48.54 -30.95
N GLU D 35 -47.81 49.78 -31.44
CA GLU D 35 -48.77 50.82 -31.06
C GLU D 35 -50.12 50.61 -31.75
N ALA D 36 -50.13 50.31 -33.05
CA ALA D 36 -51.38 50.04 -33.72
C ALA D 36 -52.01 48.74 -33.23
N GLU D 37 -51.27 47.92 -32.47
CA GLU D 37 -51.92 46.74 -31.90
C GLU D 37 -52.51 47.06 -30.54
N GLU D 38 -51.92 48.00 -29.81
CA GLU D 38 -52.66 48.60 -28.71
C GLU D 38 -53.98 49.15 -29.23
N LEU D 39 -53.91 49.96 -30.28
CA LEU D 39 -55.11 50.59 -30.84
C LEU D 39 -56.08 49.57 -31.41
N SER D 40 -55.59 48.55 -32.13
CA SER D 40 -56.48 47.60 -32.76
C SER D 40 -56.99 46.55 -31.77
N TYR D 41 -56.24 46.32 -30.70
CA TYR D 41 -56.73 45.47 -29.62
C TYR D 41 -57.89 46.13 -28.92
N GLN D 42 -57.71 47.41 -28.54
CA GLN D 42 -58.85 48.12 -27.96
C GLN D 42 -59.92 48.38 -29.00
N ASN D 43 -59.59 48.31 -30.30
CA ASN D 43 -60.59 48.54 -31.34
C ASN D 43 -61.45 47.30 -31.57
N SER D 44 -60.84 46.12 -31.56
CA SER D 44 -61.63 44.89 -31.57
C SER D 44 -62.48 44.79 -30.32
N LEU D 45 -61.89 45.07 -29.15
CA LEU D 45 -62.68 45.10 -27.93
C LEU D 45 -63.75 46.19 -27.98
N ALA D 46 -63.50 47.25 -28.74
CA ALA D 46 -64.42 48.38 -28.81
C ALA D 46 -65.60 48.07 -29.72
N SER D 47 -65.34 47.39 -30.84
CA SER D 47 -66.43 46.91 -31.67
C SER D 47 -67.27 45.90 -30.89
N TRP D 48 -66.60 44.97 -30.19
CA TRP D 48 -67.26 44.04 -29.29
C TRP D 48 -68.16 44.74 -28.29
N ASN D 49 -67.65 45.76 -27.61
CA ASN D 49 -68.45 46.49 -26.62
C ASN D 49 -69.57 47.27 -27.31
N TYR D 50 -69.24 47.99 -28.39
CA TYR D 50 -70.19 48.81 -29.11
C TYR D 50 -71.42 48.02 -29.50
N ASN D 51 -71.26 46.83 -30.07
CA ASN D 51 -72.47 46.09 -30.36
C ASN D 51 -72.87 45.13 -29.23
N THR D 52 -72.39 45.34 -28.01
CA THR D 52 -72.97 44.71 -26.83
C THR D 52 -73.38 45.71 -25.76
N ASN D 53 -72.88 46.94 -25.79
CA ASN D 53 -73.37 48.00 -24.92
C ASN D 53 -73.67 49.23 -25.76
N ILE D 54 -74.86 49.79 -25.55
CA ILE D 54 -75.30 50.99 -26.26
C ILE D 54 -75.47 52.08 -25.20
N THR D 55 -74.43 52.88 -25.00
CA THR D 55 -74.48 53.97 -24.05
C THR D 55 -73.92 55.21 -24.72
N ASP D 56 -74.42 56.39 -24.31
CA ASP D 56 -74.05 57.61 -25.00
C ASP D 56 -72.56 57.91 -24.90
N GLU D 57 -71.96 57.71 -23.72
CA GLU D 57 -70.52 57.92 -23.60
C GLU D 57 -69.75 56.91 -24.45
N ASN D 58 -70.26 55.68 -24.55
CA ASN D 58 -69.66 54.71 -25.46
C ASN D 58 -69.92 55.11 -26.92
N ILE D 59 -71.07 55.70 -27.19
CA ILE D 59 -71.31 56.28 -28.51
C ILE D 59 -70.38 57.47 -28.73
N GLN D 60 -70.25 58.34 -27.73
CA GLN D 60 -69.27 59.42 -27.81
C GLN D 60 -67.86 58.85 -27.97
N LYS D 61 -67.60 57.68 -27.38
CA LYS D 61 -66.38 56.96 -27.68
C LYS D 61 -66.34 56.54 -29.14
N MET D 62 -67.46 56.07 -29.69
CA MET D 62 -67.50 55.75 -31.11
C MET D 62 -67.32 56.99 -31.96
N ASN D 63 -67.90 58.12 -31.53
CA ASN D 63 -67.73 59.37 -32.27
C ASN D 63 -66.32 59.92 -32.11
N ILE D 64 -65.80 59.93 -30.89
CA ILE D 64 -64.53 60.59 -30.64
C ILE D 64 -63.40 59.57 -30.44
N ALA D 65 -63.51 58.70 -29.44
CA ALA D 65 -62.44 57.73 -29.19
C ALA D 65 -62.29 56.77 -30.35
N GLY D 66 -63.40 56.41 -31.00
CA GLY D 66 -63.31 55.60 -32.20
C GLY D 66 -62.76 56.36 -33.39
N ALA D 67 -62.75 57.69 -33.32
CA ALA D 67 -62.14 58.49 -34.38
C ALA D 67 -60.63 58.54 -34.21
N LYS D 68 -60.12 58.14 -33.04
CA LYS D 68 -58.68 58.07 -32.85
C LYS D 68 -58.08 56.91 -33.64
N TRP D 69 -58.92 55.96 -34.06
CA TRP D 69 -58.46 54.81 -34.82
C TRP D 69 -57.91 55.21 -36.18
N SER D 70 -58.62 56.09 -36.89
CA SER D 70 -58.27 56.37 -38.29
C SER D 70 -57.09 57.32 -38.40
N ALA D 71 -56.63 57.86 -37.28
CA ALA D 71 -55.61 58.91 -37.32
C ALA D 71 -54.24 58.35 -37.71
N PHE D 72 -53.78 57.33 -37.00
CA PHE D 72 -52.37 56.94 -37.10
C PHE D 72 -52.06 56.20 -38.40
N TYR D 73 -53.02 55.39 -38.88
CA TYR D 73 -52.72 54.57 -40.07
C TYR D 73 -52.41 55.45 -41.27
N GLU D 74 -53.16 56.53 -41.47
CA GLU D 74 -52.89 57.44 -42.58
C GLU D 74 -51.54 58.12 -42.41
N GLU D 75 -51.18 58.48 -41.17
CA GLU D 75 -49.93 59.19 -40.93
C GLU D 75 -48.74 58.37 -41.41
N GLU D 76 -48.65 57.12 -40.96
CA GLU D 76 -47.54 56.28 -41.43
C GLU D 76 -47.77 55.80 -42.85
N SER D 77 -49.03 55.76 -43.29
CA SER D 77 -49.28 55.57 -44.71
C SER D 77 -48.62 56.68 -45.51
N GLN D 78 -48.67 57.91 -44.99
CA GLN D 78 -47.94 59.01 -45.60
C GLN D 78 -46.45 58.94 -45.27
N HIS D 79 -46.12 58.53 -44.04
CA HIS D 79 -44.72 58.43 -43.65
C HIS D 79 -44.00 57.29 -44.37
N ALA D 80 -44.58 56.10 -44.39
CA ALA D 80 -44.00 55.01 -45.15
C ALA D 80 -44.00 55.28 -46.64
N LYS D 81 -44.82 56.24 -47.11
CA LYS D 81 -44.74 56.64 -48.50
C LYS D 81 -43.38 57.23 -48.82
N THR D 82 -42.83 58.02 -47.89
CA THR D 82 -41.46 58.49 -48.03
C THR D 82 -40.44 57.37 -47.89
N TYR D 83 -40.78 56.31 -47.16
CA TYR D 83 -39.87 55.18 -46.99
C TYR D 83 -39.74 54.44 -48.32
N PRO D 84 -38.53 54.09 -48.77
CA PRO D 84 -38.35 53.69 -50.17
C PRO D 84 -38.49 52.19 -50.41
N LEU D 85 -38.46 51.78 -51.70
CA LEU D 85 -38.51 50.37 -52.08
C LEU D 85 -37.23 49.83 -52.70
N GLU D 86 -36.23 50.66 -53.00
CA GLU D 86 -35.13 50.18 -53.83
C GLU D 86 -34.17 49.31 -53.04
N GLU D 87 -33.58 49.84 -51.96
CA GLU D 87 -32.54 49.14 -51.22
C GLU D 87 -33.09 48.18 -50.18
N ILE D 88 -33.90 47.21 -50.60
CA ILE D 88 -34.44 46.20 -49.69
C ILE D 88 -34.12 44.82 -50.22
N GLN D 89 -33.29 44.08 -49.49
CA GLN D 89 -33.26 42.64 -49.53
C GLN D 89 -34.35 42.14 -48.58
N ASP D 90 -34.47 40.81 -48.43
CA ASP D 90 -35.56 40.25 -47.61
C ASP D 90 -36.90 40.72 -48.18
N PRO D 91 -37.31 40.20 -49.35
CA PRO D 91 -38.40 40.81 -50.14
C PRO D 91 -39.64 41.30 -49.41
N ILE D 92 -39.93 40.75 -48.22
CA ILE D 92 -41.22 40.89 -47.56
C ILE D 92 -41.76 42.31 -47.62
N ILE D 93 -40.89 43.32 -47.48
CA ILE D 93 -41.34 44.70 -47.31
C ILE D 93 -41.97 45.23 -48.58
N LYS D 94 -41.74 44.58 -49.72
CA LYS D 94 -42.26 45.08 -50.99
C LYS D 94 -43.78 45.13 -51.00
N ARG D 95 -44.44 44.05 -50.57
CA ARG D 95 -45.89 44.09 -50.44
C ARG D 95 -46.32 44.97 -49.27
N GLN D 96 -45.47 45.09 -48.25
CA GLN D 96 -45.80 45.92 -47.10
C GLN D 96 -46.07 47.36 -47.52
N LEU D 97 -45.11 47.98 -48.22
CA LEU D 97 -45.26 49.38 -48.60
C LEU D 97 -46.37 49.55 -49.63
N ARG D 98 -46.51 48.60 -50.57
CA ARG D 98 -47.61 48.67 -51.51
C ARG D 98 -48.95 48.64 -50.80
N ALA D 99 -48.99 48.09 -49.59
CA ALA D 99 -50.17 48.17 -48.75
C ALA D 99 -50.01 49.16 -47.60
N LEU D 100 -48.83 49.77 -47.45
CA LEU D 100 -48.61 50.72 -46.37
C LEU D 100 -48.10 52.07 -46.86
N GLN D 101 -47.55 52.17 -48.07
CA GLN D 101 -47.49 53.51 -48.66
C GLN D 101 -48.92 53.90 -48.96
N GLN D 102 -49.65 52.98 -49.57
CA GLN D 102 -51.06 53.15 -49.96
C GLN D 102 -51.26 54.48 -50.71
N SER D 103 -50.45 54.67 -51.75
CA SER D 103 -50.62 55.83 -52.61
C SER D 103 -52.04 55.88 -53.16
N GLY D 104 -52.39 54.92 -54.02
CA GLY D 104 -53.77 54.66 -54.37
C GLY D 104 -54.58 55.91 -54.64
N SER D 105 -55.46 56.24 -53.70
CA SER D 105 -56.32 57.42 -53.77
C SER D 105 -55.64 58.70 -53.29
N SER D 106 -54.50 58.60 -52.58
CA SER D 106 -53.87 59.80 -52.05
C SER D 106 -53.03 60.54 -53.10
N VAL D 107 -52.79 59.94 -54.25
CA VAL D 107 -52.06 60.64 -55.32
C VAL D 107 -52.88 61.82 -55.84
N LEU D 108 -54.19 61.63 -55.93
CA LEU D 108 -55.07 62.65 -56.47
C LEU D 108 -55.45 63.67 -55.39
N SER D 109 -56.42 64.52 -55.70
CA SER D 109 -56.62 65.71 -54.90
C SER D 109 -57.64 65.49 -53.79
N ALA D 110 -57.34 66.13 -52.65
CA ALA D 110 -58.26 66.10 -51.52
C ALA D 110 -59.60 66.71 -51.89
N ASP D 111 -59.64 67.57 -52.91
CA ASP D 111 -60.93 68.09 -53.38
C ASP D 111 -61.79 66.97 -53.93
N LYS D 112 -61.24 66.13 -54.81
CA LYS D 112 -61.99 65.00 -55.33
C LYS D 112 -62.41 64.06 -54.21
N ARG D 113 -61.44 63.68 -53.36
CA ARG D 113 -61.75 62.71 -52.32
C ARG D 113 -62.75 63.27 -51.31
N GLU D 114 -62.69 64.57 -51.05
CA GLU D 114 -63.62 65.21 -50.12
C GLU D 114 -65.00 65.30 -50.72
N ARG D 115 -65.10 65.57 -52.03
CA ARG D 115 -66.46 65.60 -52.55
C ARG D 115 -67.08 64.23 -52.44
N LEU D 116 -66.37 63.17 -52.86
CA LEU D 116 -66.95 61.83 -52.77
C LEU D 116 -67.27 61.46 -51.33
N ASN D 117 -66.38 61.82 -50.39
CA ASN D 117 -66.59 61.42 -49.01
C ASN D 117 -67.80 62.12 -48.39
N THR D 118 -67.97 63.43 -48.65
CA THR D 118 -69.15 64.09 -48.13
C THR D 118 -70.43 63.58 -48.81
N ILE D 119 -70.33 63.16 -50.07
CA ILE D 119 -71.42 62.40 -50.68
C ILE D 119 -71.71 61.14 -49.88
N LEU D 120 -70.67 60.40 -49.46
CA LEU D 120 -70.93 59.18 -48.69
C LEU D 120 -71.58 59.50 -47.36
N ASN D 121 -71.16 60.58 -46.71
CA ASN D 121 -71.78 60.97 -45.44
C ASN D 121 -73.25 61.32 -45.64
N ALA D 122 -73.57 62.04 -46.72
CA ALA D 122 -74.96 62.36 -47.00
C ALA D 122 -75.80 61.10 -47.19
N MET D 123 -75.33 60.17 -48.02
CA MET D 123 -76.12 58.96 -48.24
C MET D 123 -76.22 58.15 -46.95
N SER D 124 -75.16 58.15 -46.13
CA SER D 124 -75.22 57.42 -44.87
C SER D 124 -76.31 57.96 -43.96
N THR D 125 -76.39 59.29 -43.83
CA THR D 125 -77.43 59.87 -42.99
C THR D 125 -78.83 59.56 -43.52
N ILE D 126 -79.06 59.82 -44.81
CA ILE D 126 -80.40 59.60 -45.35
C ILE D 126 -80.74 58.11 -45.37
N TYR D 127 -79.73 57.25 -45.46
CA TYR D 127 -79.96 55.82 -45.38
C TYR D 127 -80.38 55.42 -43.96
N SER D 128 -79.71 56.00 -42.95
CA SER D 128 -80.10 55.75 -41.58
C SER D 128 -81.54 56.20 -41.32
N THR D 129 -81.98 57.27 -41.99
CA THR D 129 -83.36 57.73 -41.87
C THR D 129 -84.23 57.32 -43.06
N GLY D 130 -84.84 56.13 -43.03
CA GLY D 130 -85.66 55.69 -44.15
C GLY D 130 -86.89 54.86 -43.80
N LYS D 131 -88.03 55.19 -44.42
CA LYS D 131 -89.28 54.47 -44.23
C LYS D 131 -90.13 54.55 -45.49
N ALA D 132 -90.86 53.48 -45.78
CA ALA D 132 -91.85 53.44 -46.86
C ALA D 132 -92.90 52.42 -46.47
N CYS D 133 -94.15 52.62 -46.91
CA CYS D 133 -95.23 51.85 -46.30
C CYS D 133 -96.49 51.75 -47.17
N ASN D 134 -97.57 51.30 -46.54
CA ASN D 134 -98.67 50.62 -47.21
C ASN D 134 -99.41 51.53 -48.20
N PRO D 135 -99.99 50.95 -49.25
CA PRO D 135 -100.89 51.72 -50.11
C PRO D 135 -102.23 51.94 -49.45
N ASN D 136 -102.77 53.15 -49.63
CA ASN D 136 -104.10 53.56 -49.18
C ASN D 136 -104.22 53.55 -47.65
N ASN D 137 -103.21 53.07 -46.94
CA ASN D 137 -103.24 53.03 -45.48
C ASN D 137 -101.88 53.39 -44.91
N PRO D 138 -101.50 54.68 -44.91
CA PRO D 138 -100.17 55.09 -44.42
C PRO D 138 -100.06 55.16 -42.90
N GLN D 139 -100.63 54.18 -42.22
CA GLN D 139 -100.47 54.11 -40.77
C GLN D 139 -99.86 52.80 -40.29
N GLU D 140 -100.28 51.67 -40.86
CA GLU D 140 -99.66 50.38 -40.56
C GLU D 140 -98.37 50.24 -41.37
N CYS D 141 -97.46 51.17 -41.14
CA CYS D 141 -96.33 51.31 -42.05
C CYS D 141 -95.25 50.27 -41.81
N LEU D 142 -94.46 50.05 -42.86
CA LEU D 142 -93.73 48.80 -43.09
C LEU D 142 -92.26 49.07 -43.33
N LEU D 143 -91.46 48.89 -42.29
CA LEU D 143 -90.05 49.29 -42.30
C LEU D 143 -89.17 48.37 -43.14
N LEU D 144 -89.78 47.57 -44.04
CA LEU D 144 -89.10 46.62 -44.91
C LEU D 144 -88.71 45.39 -44.10
N GLU D 145 -88.95 45.43 -42.79
CA GLU D 145 -88.62 44.31 -41.91
C GLU D 145 -89.70 43.23 -41.85
N PRO D 146 -90.91 43.50 -41.36
CA PRO D 146 -91.78 42.41 -40.88
C PRO D 146 -92.85 41.89 -41.84
N GLY D 147 -93.09 42.52 -42.99
CA GLY D 147 -94.35 42.29 -43.67
C GLY D 147 -94.33 41.88 -45.12
N LEU D 148 -94.95 42.73 -45.94
CA LEU D 148 -95.18 42.50 -47.36
C LEU D 148 -93.95 41.95 -48.08
N ASP D 149 -92.75 42.30 -47.63
CA ASP D 149 -91.54 41.67 -48.18
C ASP D 149 -91.47 40.19 -47.86
N ASP D 150 -91.71 39.81 -46.60
CA ASP D 150 -91.84 38.41 -46.23
C ASP D 150 -92.99 37.73 -46.96
N ILE D 151 -94.05 38.48 -47.26
CA ILE D 151 -95.14 37.95 -48.06
C ILE D 151 -94.65 37.62 -49.47
N MET D 152 -93.78 38.47 -50.02
CA MET D 152 -93.23 38.23 -51.35
C MET D 152 -92.54 36.87 -51.44
N GLU D 153 -91.84 36.44 -50.38
CA GLU D 153 -91.12 35.18 -50.40
C GLU D 153 -91.95 33.99 -49.93
N ASN D 154 -92.63 34.09 -48.79
CA ASN D 154 -93.46 32.99 -48.29
C ASN D 154 -94.69 32.74 -49.14
N SER D 155 -95.29 33.79 -49.70
CA SER D 155 -96.36 33.69 -50.67
C SER D 155 -95.86 34.27 -51.97
N LYS D 156 -96.76 34.50 -52.91
CA LYS D 156 -96.41 34.85 -54.28
C LYS D 156 -97.11 36.16 -54.69
N ASP D 157 -96.96 37.19 -53.87
CA ASP D 157 -97.80 38.37 -53.99
C ASP D 157 -97.12 39.42 -54.88
N TYR D 158 -97.63 39.50 -56.11
CA TYR D 158 -96.94 40.13 -57.23
C TYR D 158 -96.93 41.65 -57.09
N ASN D 159 -98.12 42.25 -57.02
CA ASN D 159 -98.25 43.69 -56.84
C ASN D 159 -97.67 44.12 -55.49
N GLU D 160 -97.67 43.21 -54.52
CA GLU D 160 -97.08 43.51 -53.23
C GLU D 160 -95.58 43.79 -53.35
N ARG D 161 -94.83 42.83 -53.91
CA ARG D 161 -93.41 43.07 -54.08
C ARG D 161 -93.17 44.24 -55.03
N LEU D 162 -94.07 44.44 -56.00
CA LEU D 162 -94.09 45.71 -56.73
C LEU D 162 -93.98 46.90 -55.78
N TRP D 163 -95.02 47.16 -54.98
CA TRP D 163 -95.00 48.40 -54.20
C TRP D 163 -93.76 48.47 -53.32
N ALA D 164 -93.38 47.35 -52.70
CA ALA D 164 -92.20 47.36 -51.84
C ALA D 164 -90.95 47.85 -52.58
N TRP D 165 -90.61 47.20 -53.69
CA TRP D 165 -89.31 47.43 -54.32
C TRP D 165 -89.30 48.74 -55.11
N GLU D 166 -90.42 49.04 -55.79
CA GLU D 166 -90.59 50.35 -56.40
C GLU D 166 -90.36 51.47 -55.38
N GLY D 167 -91.04 51.41 -54.23
CA GLY D 167 -90.89 52.47 -53.26
C GLY D 167 -89.50 52.54 -52.66
N TRP D 168 -88.92 51.37 -52.31
CA TRP D 168 -87.66 51.37 -51.60
C TRP D 168 -86.51 51.82 -52.50
N ARG D 169 -86.73 51.91 -53.81
CA ARG D 169 -85.82 52.84 -54.47
C ARG D 169 -86.39 54.25 -54.64
N SER D 170 -87.67 54.40 -54.99
CA SER D 170 -88.26 55.69 -55.32
C SER D 170 -87.97 56.76 -54.29
N GLU D 171 -87.85 56.37 -53.01
CA GLU D 171 -87.46 57.35 -52.01
C GLU D 171 -85.95 57.48 -51.87
N VAL D 172 -85.24 56.36 -51.75
CA VAL D 172 -83.78 56.39 -51.59
C VAL D 172 -83.13 56.76 -52.91
N GLY D 173 -83.38 55.95 -53.94
CA GLY D 173 -82.59 56.05 -55.16
C GLY D 173 -82.69 57.39 -55.88
N LYS D 174 -83.89 57.95 -55.97
CA LYS D 174 -84.04 59.25 -56.63
C LYS D 174 -83.28 60.35 -55.93
N GLN D 175 -83.32 60.39 -54.59
CA GLN D 175 -82.64 61.46 -53.87
C GLN D 175 -81.14 61.44 -54.11
N LEU D 176 -80.54 60.27 -54.33
CA LEU D 176 -79.10 60.19 -54.57
C LEU D 176 -78.74 59.78 -55.99
N ARG D 177 -79.66 59.85 -56.95
CA ARG D 177 -79.30 59.48 -58.31
C ARG D 177 -78.23 60.37 -58.92
N PRO D 178 -78.35 61.69 -58.95
CA PRO D 178 -77.17 62.50 -59.36
C PRO D 178 -76.00 62.29 -58.41
N LEU D 179 -76.29 62.14 -57.12
CA LEU D 179 -75.28 61.83 -56.12
C LEU D 179 -74.50 60.57 -56.48
N TYR D 180 -75.21 59.46 -56.69
CA TYR D 180 -74.56 58.18 -56.97
C TYR D 180 -73.89 58.18 -58.34
N GLU D 181 -74.50 58.82 -59.33
CA GLU D 181 -73.93 58.87 -60.67
C GLU D 181 -72.63 59.65 -60.69
N GLU D 182 -72.62 60.82 -60.03
CA GLU D 182 -71.38 61.59 -59.92
C GLU D 182 -70.32 60.79 -59.18
N TYR D 183 -70.73 60.11 -58.10
CA TYR D 183 -69.82 59.22 -57.38
C TYR D 183 -69.16 58.22 -58.31
N VAL D 184 -69.95 57.52 -59.12
CA VAL D 184 -69.43 56.44 -59.96
C VAL D 184 -68.54 56.99 -61.07
N ALA D 185 -68.99 58.03 -61.76
CA ALA D 185 -68.20 58.58 -62.85
C ALA D 185 -66.86 59.13 -62.34
N LEU D 186 -66.89 59.81 -61.19
CA LEU D 186 -65.64 60.39 -60.69
C LEU D 186 -64.75 59.31 -60.10
N LYS D 187 -65.32 58.20 -59.63
CA LYS D 187 -64.50 57.02 -59.31
C LYS D 187 -63.78 56.50 -60.55
N ASN D 188 -64.51 56.42 -61.68
CA ASN D 188 -63.88 56.09 -62.95
C ASN D 188 -62.69 57.00 -63.21
N GLU D 189 -62.87 58.30 -63.04
CA GLU D 189 -61.77 59.23 -63.26
C GLU D 189 -60.59 58.97 -62.32
N MET D 190 -60.85 58.87 -61.01
CA MET D 190 -59.73 58.69 -60.08
C MET D 190 -58.92 57.46 -60.42
N ALA D 191 -59.58 56.31 -60.54
CA ALA D 191 -58.80 55.09 -60.67
C ALA D 191 -58.45 54.81 -62.13
N ARG D 192 -58.85 55.70 -63.05
CA ARG D 192 -58.12 55.84 -64.29
C ARG D 192 -56.79 56.53 -64.04
N ALA D 193 -56.78 57.52 -63.15
CA ALA D 193 -55.53 58.21 -62.82
C ALA D 193 -54.68 57.44 -61.82
N ASN D 194 -55.18 56.33 -61.29
CA ASN D 194 -54.52 55.55 -60.24
C ASN D 194 -53.40 54.65 -60.77
N ASN D 195 -53.04 54.80 -62.05
CA ASN D 195 -52.15 53.87 -62.77
C ASN D 195 -52.86 52.55 -63.07
N TYR D 196 -54.02 52.35 -62.48
CA TYR D 196 -54.92 51.26 -62.81
C TYR D 196 -55.91 51.75 -63.86
N GLU D 197 -56.85 50.88 -64.23
CA GLU D 197 -57.67 51.17 -65.40
C GLU D 197 -58.94 51.92 -65.05
N ASP D 198 -59.61 51.53 -63.95
CA ASP D 198 -60.71 52.30 -63.41
C ASP D 198 -60.97 51.87 -61.97
N TYR D 199 -62.07 52.37 -61.40
CA TYR D 199 -62.37 52.12 -59.99
C TYR D 199 -62.34 50.64 -59.67
N GLY D 200 -62.73 49.81 -60.64
CA GLY D 200 -62.84 48.40 -60.36
C GLY D 200 -61.53 47.67 -60.54
N ASP D 201 -60.60 48.25 -61.29
CA ASP D 201 -59.26 47.67 -61.27
C ASP D 201 -58.53 48.08 -59.99
N TYR D 202 -58.79 49.30 -59.51
CA TYR D 202 -58.43 49.67 -58.15
C TYR D 202 -58.96 48.64 -57.17
N TRP D 203 -60.18 48.16 -57.38
CA TRP D 203 -60.69 47.02 -56.62
C TRP D 203 -59.90 45.74 -56.92
N ARG D 204 -59.52 45.54 -58.19
CA ARG D 204 -58.87 44.32 -58.65
C ARG D 204 -57.49 44.14 -58.04
N GLY D 205 -56.93 45.17 -57.42
CA GLY D 205 -55.56 45.09 -56.93
C GLY D 205 -55.33 44.05 -55.84
N ASP D 206 -56.30 43.16 -55.61
CA ASP D 206 -56.16 42.16 -54.55
C ASP D 206 -55.34 40.94 -55.00
N TYR D 207 -55.56 40.42 -56.20
CA TYR D 207 -55.08 39.10 -56.58
C TYR D 207 -53.70 39.09 -57.22
N GLU D 208 -52.99 40.21 -57.24
CA GLU D 208 -51.67 40.25 -57.85
C GLU D 208 -50.65 39.53 -56.98
N GLU D 209 -49.82 38.70 -57.60
CA GLU D 209 -48.75 37.96 -56.94
C GLU D 209 -47.57 37.82 -57.89
N GLU D 210 -46.36 37.90 -57.35
CA GLU D 210 -45.14 37.73 -58.12
C GLU D 210 -43.97 37.54 -57.15
N TRP D 211 -42.76 37.52 -57.71
CA TRP D 211 -41.45 37.35 -57.07
C TRP D 211 -41.12 35.88 -56.80
N ALA D 212 -41.94 34.94 -57.26
CA ALA D 212 -41.59 33.53 -57.30
C ALA D 212 -41.76 33.04 -58.73
N ASP D 213 -40.79 32.26 -59.21
CA ASP D 213 -40.71 31.96 -60.63
C ASP D 213 -41.85 31.07 -61.10
N GLY D 214 -42.44 31.43 -62.25
CA GLY D 214 -43.35 30.55 -62.96
C GLY D 214 -44.83 30.80 -62.76
N TYR D 215 -45.19 31.47 -61.65
CA TYR D 215 -46.58 31.59 -61.24
C TYR D 215 -47.06 33.04 -61.15
N ASN D 216 -46.75 33.86 -62.15
CA ASN D 216 -47.19 35.24 -62.13
C ASN D 216 -48.67 35.34 -62.52
N TYR D 217 -49.32 36.38 -62.01
CA TYR D 217 -50.70 36.69 -62.40
C TYR D 217 -50.75 38.16 -62.76
N SER D 218 -51.26 38.47 -63.94
CA SER D 218 -51.26 39.84 -64.45
C SER D 218 -52.64 40.46 -64.36
N ARG D 219 -52.72 41.73 -64.74
CA ARG D 219 -53.95 42.51 -64.71
C ARG D 219 -54.70 42.47 -66.04
N ASN D 220 -54.21 41.70 -67.01
CA ASN D 220 -54.88 41.56 -68.29
C ASN D 220 -55.15 40.11 -68.68
N GLN D 221 -54.39 39.16 -68.14
CA GLN D 221 -54.62 37.75 -68.48
C GLN D 221 -55.88 37.21 -67.82
N LEU D 222 -56.25 37.77 -66.66
CA LEU D 222 -57.44 37.29 -65.96
C LEU D 222 -58.70 37.58 -66.75
N ILE D 223 -58.60 38.43 -67.78
CA ILE D 223 -59.77 38.75 -68.60
C ILE D 223 -60.30 37.51 -69.31
N GLU D 224 -59.40 36.70 -69.86
CA GLU D 224 -59.81 35.67 -70.80
C GLU D 224 -60.09 34.34 -70.12
N ASP D 225 -59.26 33.97 -69.14
CA ASP D 225 -59.34 32.62 -68.58
C ASP D 225 -60.67 32.36 -67.89
N VAL D 226 -61.21 33.37 -67.21
CA VAL D 226 -62.47 33.15 -66.47
C VAL D 226 -63.64 33.04 -67.44
N GLU D 227 -63.58 33.76 -68.57
CA GLU D 227 -64.46 33.41 -69.69
C GLU D 227 -64.37 31.95 -70.04
N HIS D 228 -63.14 31.43 -70.17
CA HIS D 228 -62.98 30.03 -70.56
CA HIS D 228 -62.98 30.03 -70.56
C HIS D 228 -63.56 29.10 -69.51
N THR D 229 -63.32 29.40 -68.23
CA THR D 229 -63.99 28.62 -67.19
C THR D 229 -65.48 28.92 -67.17
N PHE D 230 -65.88 30.11 -67.61
CA PHE D 230 -67.31 30.41 -67.74
C PHE D 230 -67.88 29.84 -69.03
N THR D 231 -67.05 29.71 -70.08
CA THR D 231 -67.49 28.92 -71.22
C THR D 231 -67.27 27.44 -70.95
N GLN D 232 -66.58 27.14 -69.85
CA GLN D 232 -66.70 25.81 -69.25
C GLN D 232 -67.83 25.79 -68.23
N ILE D 233 -68.40 26.96 -67.92
CA ILE D 233 -69.71 27.00 -67.29
C ILE D 233 -70.79 27.02 -68.37
N LYS D 234 -70.56 27.74 -69.47
CA LYS D 234 -71.60 28.12 -70.42
C LYS D 234 -72.42 26.96 -70.96
N PRO D 235 -71.81 25.86 -71.43
CA PRO D 235 -72.63 24.72 -71.84
C PRO D 235 -73.48 24.17 -70.71
N LEU D 236 -72.94 24.15 -69.49
CA LEU D 236 -73.79 24.03 -68.31
C LEU D 236 -74.64 25.29 -68.13
N TYR D 237 -74.01 26.47 -68.19
CA TYR D 237 -74.74 27.69 -67.84
C TYR D 237 -75.87 27.98 -68.80
N GLU D 238 -75.61 27.95 -70.11
CA GLU D 238 -76.67 28.23 -71.07
C GLU D 238 -77.82 27.25 -70.88
N HIS D 239 -77.51 26.06 -70.35
CA HIS D 239 -78.57 25.12 -70.01
C HIS D 239 -78.99 25.28 -68.55
N LEU D 240 -78.08 25.72 -67.69
CA LEU D 240 -78.49 26.26 -66.39
C LEU D 240 -79.39 27.47 -66.59
N HIS D 241 -79.00 28.35 -67.53
CA HIS D 241 -79.93 29.35 -68.05
C HIS D 241 -81.23 28.69 -68.52
N ALA D 242 -81.12 27.62 -69.32
CA ALA D 242 -82.31 26.93 -69.81
C ALA D 242 -82.99 26.14 -68.70
N TYR D 243 -82.50 26.25 -67.48
CA TYR D 243 -83.11 25.52 -66.37
C TYR D 243 -84.10 26.39 -65.61
N VAL D 244 -83.62 27.52 -65.07
CA VAL D 244 -84.51 28.47 -64.41
C VAL D 244 -85.56 28.98 -65.39
N ARG D 245 -85.12 29.31 -66.60
CA ARG D 245 -86.04 29.57 -67.71
C ARG D 245 -87.14 28.53 -67.76
N ALA D 246 -86.76 27.25 -67.74
CA ALA D 246 -87.75 26.17 -67.79
C ALA D 246 -88.36 25.91 -66.42
N LYS D 247 -87.64 26.25 -65.34
CA LYS D 247 -88.17 26.00 -64.01
C LYS D 247 -89.18 27.05 -63.60
N LEU D 248 -89.60 27.88 -64.55
CA LEU D 248 -90.60 28.92 -64.25
C LEU D 248 -91.83 28.75 -65.14
N MET D 249 -91.97 27.57 -65.77
CA MET D 249 -92.96 27.39 -66.81
C MET D 249 -94.38 27.27 -66.26
N ASP D 250 -94.54 26.56 -65.15
CA ASP D 250 -95.89 26.20 -64.70
C ASP D 250 -96.54 27.32 -63.90
N ALA D 251 -95.96 28.52 -63.94
CA ALA D 251 -96.38 29.60 -63.05
C ALA D 251 -97.62 30.35 -63.52
N TYR D 252 -97.53 31.09 -64.63
CA TYR D 252 -98.59 32.01 -65.05
C TYR D 252 -98.76 31.93 -66.57
N PRO D 253 -99.87 31.38 -67.03
CA PRO D 253 -100.10 31.27 -68.49
C PRO D 253 -100.59 32.56 -69.14
N SER D 254 -101.39 33.37 -68.45
CA SER D 254 -102.06 34.51 -69.05
C SER D 254 -101.24 35.79 -69.04
N ARG D 255 -100.43 36.01 -67.99
CA ARG D 255 -99.63 37.22 -67.91
C ARG D 255 -98.18 37.04 -68.32
N ILE D 256 -97.74 35.82 -68.61
CA ILE D 256 -96.42 35.56 -69.15
C ILE D 256 -96.56 34.64 -70.34
N SER D 257 -96.40 35.19 -71.55
CA SER D 257 -96.42 34.37 -72.73
C SER D 257 -95.19 33.46 -72.76
N PRO D 258 -95.30 32.23 -73.26
CA PRO D 258 -94.12 31.35 -73.34
C PRO D 258 -93.05 31.90 -74.27
N THR D 259 -93.40 32.82 -75.16
CA THR D 259 -92.42 33.48 -76.02
C THR D 259 -91.92 34.80 -75.46
N GLY D 260 -92.23 35.13 -74.21
CA GLY D 260 -92.01 36.47 -73.70
C GLY D 260 -90.91 36.56 -72.65
N CYS D 261 -90.49 37.80 -72.42
CA CYS D 261 -89.54 38.16 -71.39
C CYS D 261 -90.25 38.31 -70.05
N LEU D 262 -89.63 37.78 -69.01
CA LEU D 262 -90.25 37.75 -67.70
C LEU D 262 -90.04 39.09 -66.97
N PRO D 263 -91.05 39.53 -66.22
CA PRO D 263 -91.01 40.89 -65.64
C PRO D 263 -89.88 41.07 -64.64
N ALA D 264 -89.67 42.32 -64.25
CA ALA D 264 -88.51 42.65 -63.43
C ALA D 264 -88.72 42.26 -61.97
N HIS D 265 -89.96 42.37 -61.49
CA HIS D 265 -90.31 42.08 -60.11
C HIS D 265 -90.47 40.59 -59.84
N LEU D 266 -89.53 39.79 -60.31
CA LEU D 266 -89.33 38.40 -59.90
C LEU D 266 -87.90 38.17 -59.46
N LEU D 267 -87.19 39.26 -59.12
CA LEU D 267 -85.78 39.18 -58.74
C LEU D 267 -85.56 38.26 -57.55
N GLY D 268 -86.43 38.33 -56.55
CA GLY D 268 -86.18 37.66 -55.29
C GLY D 268 -85.61 38.65 -54.31
N ASP D 269 -84.82 39.59 -54.82
CA ASP D 269 -84.26 40.66 -54.01
C ASP D 269 -84.26 41.94 -54.83
N MET D 270 -83.49 42.92 -54.35
CA MET D 270 -83.37 44.20 -55.03
C MET D 270 -82.27 44.19 -56.08
N TRP D 271 -81.52 43.09 -56.17
CA TRP D 271 -80.79 42.67 -57.36
C TRP D 271 -80.80 41.16 -57.57
N GLY D 272 -81.82 40.46 -57.11
CA GLY D 272 -81.84 39.02 -57.28
C GLY D 272 -80.74 38.29 -56.53
N ARG D 273 -80.53 38.64 -55.26
CA ARG D 273 -79.46 38.02 -54.48
C ARG D 273 -79.86 36.65 -53.97
N PHE D 274 -81.15 36.30 -54.12
CA PHE D 274 -81.65 34.99 -53.74
C PHE D 274 -82.97 34.78 -54.51
N TRP D 275 -83.26 33.52 -54.87
CA TRP D 275 -84.13 33.26 -56.01
C TRP D 275 -85.26 32.27 -55.76
N THR D 276 -85.25 31.53 -54.65
CA THR D 276 -86.16 30.39 -54.53
C THR D 276 -87.63 30.80 -54.32
N ASN D 277 -88.30 31.28 -55.36
CA ASN D 277 -89.64 31.84 -55.18
C ASN D 277 -90.73 31.03 -55.89
N LEU D 278 -90.61 30.81 -57.20
CA LEU D 278 -91.62 30.13 -58.01
C LEU D 278 -91.43 28.62 -58.02
N TYR D 279 -90.34 28.15 -57.43
CA TYR D 279 -89.99 26.73 -57.47
C TYR D 279 -91.05 25.83 -56.85
N PRO D 280 -91.47 26.02 -55.59
CA PRO D 280 -92.45 25.08 -55.01
C PRO D 280 -93.81 25.13 -55.68
N LEU D 281 -94.10 26.16 -56.47
CA LEU D 281 -95.24 26.09 -57.38
C LEU D 281 -94.95 25.23 -58.59
N MET D 282 -93.73 25.32 -59.14
CA MET D 282 -93.35 24.54 -60.30
C MET D 282 -93.15 23.06 -59.96
N VAL D 283 -93.17 22.72 -58.67
CA VAL D 283 -92.76 21.41 -58.16
C VAL D 283 -93.40 20.24 -58.91
N PRO D 284 -92.62 19.20 -59.28
CA PRO D 284 -93.22 17.97 -59.81
C PRO D 284 -93.60 16.98 -58.73
N PHE D 285 -92.90 17.02 -57.59
CA PHE D 285 -93.07 16.06 -56.49
C PHE D 285 -92.74 16.77 -55.19
N GLY D 286 -93.78 17.22 -54.48
CA GLY D 286 -93.60 17.94 -53.24
C GLY D 286 -94.42 17.46 -52.06
N GLN D 287 -94.98 16.24 -52.15
CA GLN D 287 -95.83 15.75 -51.07
C GLN D 287 -95.05 15.56 -49.78
N LYS D 288 -93.84 15.01 -49.86
CA LYS D 288 -93.07 14.67 -48.67
C LYS D 288 -92.59 15.93 -47.97
N PRO D 289 -92.83 16.07 -46.67
CA PRO D 289 -92.33 17.25 -45.96
C PRO D 289 -90.82 17.19 -45.76
N ASN D 290 -90.25 18.35 -45.43
CA ASN D 290 -88.82 18.46 -45.19
C ASN D 290 -88.47 17.81 -43.85
N ILE D 291 -87.17 17.79 -43.54
CA ILE D 291 -86.69 17.25 -42.28
C ILE D 291 -87.08 18.21 -41.17
N ASP D 292 -88.05 17.82 -40.35
CA ASP D 292 -88.51 18.66 -39.24
C ASP D 292 -88.52 17.80 -37.98
N VAL D 293 -87.76 18.22 -36.98
CA VAL D 293 -87.56 17.43 -35.77
C VAL D 293 -87.85 18.34 -34.57
N THR D 294 -88.55 19.45 -34.84
CA THR D 294 -88.80 20.44 -33.79
C THR D 294 -89.68 19.88 -32.68
N ASP D 295 -90.64 19.03 -33.01
CA ASP D 295 -91.43 18.38 -31.97
C ASP D 295 -90.56 17.50 -31.08
N ALA D 296 -89.58 16.81 -31.68
CA ALA D 296 -88.67 16.01 -30.87
C ALA D 296 -87.80 16.88 -29.98
N MET D 297 -87.35 18.04 -30.48
CA MET D 297 -86.63 18.94 -29.59
C MET D 297 -87.51 19.41 -28.44
N VAL D 298 -88.77 19.72 -28.72
CA VAL D 298 -89.69 20.11 -27.66
C VAL D 298 -89.84 19.00 -26.63
N ASN D 299 -89.93 17.75 -27.11
CA ASN D 299 -90.09 16.62 -26.21
C ASN D 299 -88.86 16.39 -25.34
N GLN D 300 -87.66 16.48 -25.92
CA GLN D 300 -86.43 16.22 -25.20
C GLN D 300 -85.80 17.47 -24.58
N SER D 301 -85.93 18.63 -25.21
CA SER D 301 -85.41 19.89 -24.68
C SER D 301 -83.89 19.85 -24.46
N TRP D 302 -83.15 19.68 -25.54
CA TRP D 302 -81.70 19.85 -25.50
C TRP D 302 -81.36 21.34 -25.45
N ASP D 303 -80.10 21.65 -25.20
CA ASP D 303 -79.68 23.04 -25.08
C ASP D 303 -78.31 23.24 -25.74
N ALA D 304 -77.98 24.52 -26.00
CA ALA D 304 -76.75 24.84 -26.71
C ALA D 304 -75.51 24.45 -25.91
N ARG D 305 -75.64 24.35 -24.58
CA ARG D 305 -74.56 23.87 -23.72
C ARG D 305 -74.24 22.39 -24.00
N ARG D 306 -75.30 21.56 -24.04
CA ARG D 306 -75.16 20.16 -24.42
C ARG D 306 -74.61 20.03 -25.84
N ILE D 307 -75.18 20.78 -26.80
CA ILE D 307 -74.68 20.68 -28.17
C ILE D 307 -73.26 21.24 -28.26
N PHE D 308 -72.86 22.09 -27.32
CA PHE D 308 -71.52 22.64 -27.33
C PHE D 308 -70.48 21.56 -27.04
N LYS D 309 -70.68 20.77 -25.98
CA LYS D 309 -69.77 19.63 -25.82
C LYS D 309 -70.01 18.54 -26.86
N GLU D 310 -71.19 18.50 -27.47
CA GLU D 310 -71.38 17.60 -28.60
C GLU D 310 -70.43 17.95 -29.73
N ALA D 311 -70.38 19.23 -30.11
CA ALA D 311 -69.43 19.67 -31.12
C ALA D 311 -68.00 19.45 -30.65
N GLU D 312 -67.71 19.70 -29.38
CA GLU D 312 -66.36 19.51 -28.86
C GLU D 312 -65.90 18.07 -29.04
N LYS D 313 -66.74 17.10 -28.68
CA LYS D 313 -66.31 15.71 -28.81
C LYS D 313 -66.39 15.22 -30.25
N PHE D 314 -67.24 15.82 -31.10
CA PHE D 314 -67.16 15.50 -32.52
C PHE D 314 -65.82 15.95 -33.10
N PHE D 315 -65.35 17.13 -32.71
CA PHE D 315 -64.05 17.58 -33.20
C PHE D 315 -62.92 16.82 -32.53
N VAL D 316 -63.18 16.25 -31.36
CA VAL D 316 -62.25 15.30 -30.77
C VAL D 316 -62.16 14.03 -31.61
N SER D 317 -63.30 13.62 -32.19
CA SER D 317 -63.30 12.46 -33.07
C SER D 317 -62.43 12.69 -34.31
N VAL D 318 -62.12 13.95 -34.62
CA VAL D 318 -61.13 14.25 -35.66
C VAL D 318 -59.91 14.86 -34.98
N GLY D 319 -59.90 14.86 -33.64
CA GLY D 319 -58.73 15.24 -32.88
C GLY D 319 -58.54 16.72 -32.65
N LEU D 320 -59.48 17.40 -31.99
CA LEU D 320 -59.34 18.82 -31.76
C LEU D 320 -59.52 19.16 -30.29
N PRO D 321 -58.75 20.10 -29.75
CA PRO D 321 -58.74 20.34 -28.30
C PRO D 321 -59.81 21.33 -27.86
N ASN D 322 -59.78 21.62 -26.56
CA ASN D 322 -60.73 22.53 -25.94
C ASN D 322 -60.28 23.98 -26.14
N MET D 323 -60.91 24.87 -25.36
CA MET D 323 -60.75 26.31 -25.51
C MET D 323 -60.64 26.97 -24.13
N THR D 324 -59.86 28.05 -24.09
CA THR D 324 -59.34 28.57 -22.83
C THR D 324 -60.39 29.41 -22.10
N GLU D 325 -60.00 29.95 -20.93
CA GLU D 325 -60.93 30.65 -20.05
C GLU D 325 -61.33 32.02 -20.60
N GLY D 326 -60.35 32.80 -21.06
CA GLY D 326 -60.63 34.15 -21.54
C GLY D 326 -61.53 34.18 -22.76
N PHE D 327 -61.74 33.03 -23.40
CA PHE D 327 -62.65 32.95 -24.53
C PHE D 327 -64.07 33.32 -24.13
N TRP D 328 -64.58 32.74 -23.04
CA TRP D 328 -66.00 32.77 -22.75
C TRP D 328 -66.38 33.49 -21.46
N GLN D 329 -65.43 34.06 -20.73
CA GLN D 329 -65.74 34.85 -19.54
C GLN D 329 -66.17 36.26 -19.91
N ASN D 330 -66.06 36.62 -21.17
CA ASN D 330 -66.64 37.83 -21.75
C ASN D 330 -67.64 37.49 -22.84
N SER D 331 -67.52 36.32 -23.47
CA SER D 331 -68.44 35.85 -24.48
C SER D 331 -69.77 35.51 -23.82
N MET D 332 -70.79 36.32 -24.09
CA MET D 332 -72.13 36.09 -23.56
C MET D 332 -72.90 35.25 -24.57
N LEU D 333 -73.40 34.10 -24.14
CA LEU D 333 -73.97 33.11 -25.02
C LEU D 333 -75.50 33.12 -24.98
N THR D 334 -76.08 34.02 -24.21
CA THR D 334 -77.53 34.08 -24.05
C THR D 334 -78.01 35.50 -24.38
N GLU D 335 -79.29 35.59 -24.71
CA GLU D 335 -79.89 36.88 -25.03
C GLU D 335 -79.99 37.72 -23.75
N PRO D 336 -79.47 38.95 -23.74
CA PRO D 336 -79.50 39.75 -22.51
C PRO D 336 -80.87 40.30 -22.17
N GLY D 337 -81.61 40.81 -23.16
CA GLY D 337 -82.90 41.41 -22.85
C GLY D 337 -82.74 42.64 -21.98
N ASP D 338 -83.72 42.85 -21.11
CA ASP D 338 -83.79 44.00 -20.19
C ASP D 338 -83.33 45.31 -20.83
N ASN D 339 -82.52 46.09 -20.12
CA ASN D 339 -82.06 47.38 -20.63
C ASN D 339 -80.87 47.26 -21.57
N ARG D 340 -80.19 46.11 -21.59
CA ARG D 340 -79.05 45.90 -22.48
C ARG D 340 -79.55 45.31 -23.79
N LYS D 341 -79.71 46.15 -24.81
CA LYS D 341 -80.28 45.73 -26.08
C LYS D 341 -79.17 45.25 -27.01
N VAL D 342 -79.25 43.99 -27.41
CA VAL D 342 -78.27 43.38 -28.30
C VAL D 342 -79.01 42.58 -29.38
N VAL D 343 -78.58 42.76 -30.63
CA VAL D 343 -79.16 42.05 -31.75
C VAL D 343 -78.67 40.61 -31.74
N CYS D 344 -79.44 39.72 -32.37
CA CYS D 344 -79.15 38.29 -32.35
C CYS D 344 -78.53 37.78 -33.66
N HIS D 345 -77.58 38.51 -34.23
CA HIS D 345 -76.84 37.99 -35.36
C HIS D 345 -75.54 37.36 -34.88
N PRO D 346 -75.42 36.04 -34.95
CA PRO D 346 -74.19 35.38 -34.47
C PRO D 346 -73.02 35.65 -35.41
N THR D 347 -71.83 35.81 -34.83
CA THR D 347 -70.61 36.05 -35.58
C THR D 347 -69.43 35.46 -34.84
N ALA D 348 -68.31 35.30 -35.55
CA ALA D 348 -67.06 34.83 -34.96
C ALA D 348 -66.11 36.02 -34.83
N TRP D 349 -65.54 36.20 -33.64
CA TRP D 349 -64.77 37.40 -33.32
C TRP D 349 -63.35 37.03 -32.92
N ASP D 350 -62.51 38.03 -32.78
CA ASP D 350 -61.11 37.86 -32.40
C ASP D 350 -60.63 39.19 -31.83
N LEU D 351 -60.03 39.14 -30.63
CA LEU D 351 -59.51 40.35 -30.02
C LEU D 351 -57.99 40.46 -30.14
N GLY D 352 -57.31 39.36 -30.43
CA GLY D 352 -55.88 39.39 -30.66
C GLY D 352 -55.09 39.24 -29.37
N LYS D 353 -53.80 38.93 -29.54
CA LYS D 353 -52.84 38.79 -28.44
C LYS D 353 -53.32 37.74 -27.43
N HIS D 354 -53.53 36.52 -27.93
CA HIS D 354 -53.95 35.34 -27.18
C HIS D 354 -55.26 35.57 -26.44
N ASP D 355 -56.03 36.58 -26.83
CA ASP D 355 -57.35 36.86 -26.26
C ASP D 355 -58.36 36.78 -27.40
N PHE D 356 -59.10 35.68 -27.47
CA PHE D 356 -60.03 35.43 -28.56
C PHE D 356 -61.41 35.23 -27.96
N ARG D 357 -62.43 35.80 -28.60
CA ARG D 357 -63.79 35.81 -28.05
C ARG D 357 -64.80 35.64 -29.16
N ILE D 358 -66.00 35.18 -28.80
CA ILE D 358 -67.02 34.77 -29.76
C ILE D 358 -68.38 35.24 -29.23
N LYS D 359 -69.37 35.39 -30.12
CA LYS D 359 -70.72 35.77 -29.74
C LYS D 359 -71.75 34.92 -30.48
N MET D 360 -72.85 34.56 -29.80
CA MET D 360 -74.01 33.98 -30.46
C MET D 360 -75.26 34.20 -29.61
N CYS D 361 -76.44 34.11 -30.21
CA CYS D 361 -77.68 33.97 -29.46
C CYS D 361 -78.06 32.50 -29.36
N THR D 362 -78.64 32.11 -28.23
CA THR D 362 -78.94 30.71 -27.97
C THR D 362 -80.43 30.42 -28.15
N LYS D 363 -80.74 29.48 -29.04
CA LYS D 363 -82.10 28.95 -29.18
C LYS D 363 -81.99 27.64 -29.95
N VAL D 364 -82.88 26.69 -29.62
CA VAL D 364 -82.80 25.33 -30.14
C VAL D 364 -83.17 25.35 -31.62
N THR D 365 -82.17 25.16 -32.48
CA THR D 365 -82.37 25.12 -33.92
C THR D 365 -81.26 24.27 -34.53
N MET D 366 -81.61 23.46 -35.54
CA MET D 366 -80.58 22.72 -36.26
C MET D 366 -79.65 23.68 -36.98
N ASP D 367 -80.18 24.79 -37.51
CA ASP D 367 -79.34 25.79 -38.16
C ASP D 367 -78.45 26.48 -37.15
N ASP D 368 -78.94 26.70 -35.93
CA ASP D 368 -78.09 27.25 -34.88
C ASP D 368 -76.97 26.29 -34.50
N PHE D 369 -77.27 24.99 -34.44
CA PHE D 369 -76.24 23.99 -34.18
C PHE D 369 -75.20 23.99 -35.29
N LEU D 370 -75.66 24.05 -36.54
CA LEU D 370 -74.74 24.07 -37.68
C LEU D 370 -73.91 25.34 -37.68
N THR D 371 -74.49 26.45 -37.25
CA THR D 371 -73.74 27.70 -37.17
C THR D 371 -72.71 27.66 -36.04
N ALA D 372 -73.06 27.01 -34.93
CA ALA D 372 -72.08 26.82 -33.86
C ALA D 372 -70.92 25.96 -34.34
N HIS D 373 -71.22 24.90 -35.09
CA HIS D 373 -70.15 24.12 -35.71
C HIS D 373 -69.36 24.95 -36.71
N HIS D 374 -70.04 25.84 -37.43
CA HIS D 374 -69.37 26.75 -38.34
C HIS D 374 -68.32 27.57 -37.60
N GLU D 375 -68.71 28.15 -36.46
CA GLU D 375 -67.76 28.94 -35.68
C GLU D 375 -66.67 28.12 -34.99
N MET D 376 -66.92 26.85 -34.62
CA MET D 376 -65.81 26.08 -34.05
C MET D 376 -64.85 25.56 -35.12
N GLY D 377 -65.39 25.07 -36.24
CA GLY D 377 -64.54 24.81 -37.40
C GLY D 377 -63.74 26.02 -37.77
N HIS D 378 -64.35 27.21 -37.68
CA HIS D 378 -63.62 28.45 -37.86
C HIS D 378 -62.61 28.68 -36.74
N ILE D 379 -62.92 28.24 -35.52
CA ILE D 379 -61.95 28.40 -34.44
C ILE D 379 -60.63 27.75 -34.81
N GLN D 380 -60.68 26.47 -35.19
CA GLN D 380 -59.45 25.82 -35.65
C GLN D 380 -58.94 26.45 -36.95
N TYR D 381 -59.86 26.76 -37.86
CA TYR D 381 -59.50 27.09 -39.23
C TYR D 381 -58.95 28.51 -39.37
N ASP D 382 -59.14 29.35 -38.34
CA ASP D 382 -58.47 30.65 -38.35
C ASP D 382 -57.57 30.83 -37.13
N MET D 383 -57.51 29.81 -36.25
CA MET D 383 -56.29 29.60 -35.48
C MET D 383 -55.17 29.15 -36.39
N ALA D 384 -55.55 28.67 -37.57
CA ALA D 384 -54.62 28.44 -38.67
C ALA D 384 -53.55 29.52 -38.75
N TYR D 385 -53.96 30.78 -38.90
CA TYR D 385 -53.02 31.88 -39.17
C TYR D 385 -52.88 32.83 -37.99
N ALA D 386 -52.83 32.30 -36.77
CA ALA D 386 -52.57 33.13 -35.60
C ALA D 386 -51.10 33.14 -35.21
N ALA D 387 -50.26 32.37 -35.91
CA ALA D 387 -48.83 32.30 -35.60
C ALA D 387 -47.98 33.18 -36.51
N GLN D 388 -48.60 33.94 -37.39
CA GLN D 388 -47.88 34.81 -38.32
C GLN D 388 -47.64 36.17 -37.66
N PRO D 389 -46.60 36.90 -38.09
CA PRO D 389 -46.46 38.28 -37.64
C PRO D 389 -47.71 39.10 -37.93
N PHE D 390 -47.94 40.10 -37.06
CA PHE D 390 -49.24 40.74 -36.95
C PHE D 390 -49.76 41.25 -38.29
N LEU D 391 -48.90 41.88 -39.08
CA LEU D 391 -49.33 42.50 -40.32
C LEU D 391 -49.50 41.51 -41.47
N LEU D 392 -49.41 40.20 -41.20
CA LEU D 392 -49.47 39.19 -42.25
C LEU D 392 -50.34 37.98 -41.88
N ARG D 393 -51.14 38.07 -40.82
CA ARG D 393 -51.86 36.92 -40.29
C ARG D 393 -53.07 36.57 -41.17
N ASN D 394 -52.81 35.81 -42.24
CA ASN D 394 -53.86 35.39 -43.16
C ASN D 394 -53.50 34.04 -43.76
N GLY D 395 -54.44 33.50 -44.55
CA GLY D 395 -54.18 32.28 -45.30
C GLY D 395 -53.50 32.57 -46.63
N ALA D 396 -53.04 31.48 -47.27
CA ALA D 396 -52.18 31.59 -48.44
C ALA D 396 -52.68 32.66 -49.41
N ASN D 397 -53.93 32.54 -49.84
CA ASN D 397 -54.65 33.60 -50.53
C ASN D 397 -56.00 33.77 -49.85
N GLU D 398 -56.85 34.62 -50.43
CA GLU D 398 -58.16 34.86 -49.85
C GLU D 398 -59.25 34.00 -50.46
N GLY D 399 -58.89 33.07 -51.35
CA GLY D 399 -59.90 32.27 -52.04
C GLY D 399 -60.33 31.02 -51.30
N PHE D 400 -59.43 30.42 -50.51
CA PHE D 400 -59.77 29.19 -49.79
C PHE D 400 -60.79 29.47 -48.68
N HIS D 401 -60.99 30.75 -48.34
CA HIS D 401 -61.61 31.11 -47.08
C HIS D 401 -63.07 30.69 -47.02
N GLU D 402 -63.89 31.27 -47.90
CA GLU D 402 -65.30 30.90 -48.01
C GLU D 402 -65.36 29.64 -48.85
N ALA D 403 -65.06 28.51 -48.21
CA ALA D 403 -65.02 27.18 -48.81
C ALA D 403 -64.54 26.23 -47.74
N VAL D 404 -63.29 26.43 -47.28
CA VAL D 404 -62.81 25.69 -46.12
C VAL D 404 -63.57 26.12 -44.87
N GLY D 405 -64.26 27.27 -44.92
CA GLY D 405 -65.14 27.62 -43.81
C GLY D 405 -66.31 26.67 -43.66
N GLU D 406 -66.95 26.31 -44.78
CA GLU D 406 -68.21 25.57 -44.76
C GLU D 406 -68.08 24.12 -45.21
N ILE D 407 -66.87 23.63 -45.48
CA ILE D 407 -66.69 22.23 -45.88
C ILE D 407 -67.36 21.29 -44.87
N MET D 408 -66.98 21.39 -43.60
CA MET D 408 -67.45 20.44 -42.61
C MET D 408 -68.94 20.63 -42.32
N SER D 409 -69.41 21.87 -42.33
CA SER D 409 -70.84 22.12 -42.10
C SER D 409 -71.69 21.52 -43.21
N LEU D 410 -71.25 21.66 -44.46
CA LEU D 410 -71.99 21.08 -45.57
C LEU D 410 -71.88 19.56 -45.57
N SER D 411 -70.77 19.03 -45.08
CA SER D 411 -70.68 17.58 -44.87
C SER D 411 -71.66 17.13 -43.80
N ALA D 412 -71.85 17.96 -42.77
CA ALA D 412 -72.83 17.70 -41.73
C ALA D 412 -74.27 17.84 -42.22
N ALA D 413 -74.49 18.62 -43.28
CA ALA D 413 -75.81 18.68 -43.91
C ALA D 413 -76.26 17.32 -44.43
N THR D 414 -75.32 16.46 -44.80
CA THR D 414 -75.68 15.10 -45.17
C THR D 414 -76.14 14.33 -43.94
N PRO D 415 -76.94 13.28 -44.10
CA PRO D 415 -77.49 12.56 -42.94
C PRO D 415 -76.44 12.03 -41.97
N ASN D 416 -75.20 11.77 -42.43
CA ASN D 416 -74.23 11.06 -41.60
C ASN D 416 -73.97 11.77 -40.28
N HIS D 417 -73.44 13.00 -40.32
CA HIS D 417 -73.08 13.68 -39.09
C HIS D 417 -74.32 14.16 -38.34
N LEU D 418 -75.39 14.49 -39.06
CA LEU D 418 -76.63 14.92 -38.42
C LEU D 418 -77.27 13.77 -37.64
N LYS D 419 -76.92 12.53 -37.99
CA LYS D 419 -77.33 11.39 -37.18
C LYS D 419 -76.30 11.10 -36.10
N ASN D 420 -75.03 11.34 -36.39
CA ASN D 420 -73.98 11.14 -35.40
C ASN D 420 -74.17 12.06 -34.20
N ILE D 421 -74.80 13.21 -34.40
CA ILE D 421 -75.10 14.12 -33.30
C ILE D 421 -76.35 13.65 -32.58
N GLY D 422 -76.99 12.59 -33.09
CA GLY D 422 -78.07 11.93 -32.39
C GLY D 422 -79.47 12.46 -32.68
N LEU D 423 -79.69 13.15 -33.79
CA LEU D 423 -81.02 13.68 -34.07
C LEU D 423 -81.95 12.58 -34.61
N LEU D 424 -81.39 11.45 -35.02
CA LEU D 424 -82.17 10.42 -35.70
C LEU D 424 -81.94 9.07 -35.05
N PRO D 425 -82.90 8.14 -35.11
CA PRO D 425 -82.70 6.85 -34.47
C PRO D 425 -81.96 5.89 -35.39
N PRO D 426 -81.27 4.89 -34.83
CA PRO D 426 -80.44 4.00 -35.67
C PRO D 426 -81.24 3.16 -36.67
N ASP D 427 -82.53 2.94 -36.42
CA ASP D 427 -83.30 2.03 -37.26
C ASP D 427 -83.57 2.56 -38.66
N PHE D 428 -82.98 3.70 -39.04
CA PHE D 428 -83.22 4.31 -40.35
C PHE D 428 -82.27 3.67 -41.35
N SER D 429 -82.82 3.12 -42.43
CA SER D 429 -82.01 2.45 -43.45
C SER D 429 -81.58 3.45 -44.52
N GLU D 430 -80.50 3.14 -45.21
CA GLU D 430 -79.94 4.06 -46.19
C GLU D 430 -80.50 3.78 -47.58
N ASP D 431 -80.80 4.84 -48.32
CA ASP D 431 -81.33 4.77 -49.67
C ASP D 431 -80.66 5.81 -50.56
N SER D 432 -80.74 5.60 -51.86
CA SER D 432 -80.26 6.60 -52.81
C SER D 432 -81.36 7.60 -53.18
N GLU D 433 -82.60 7.29 -52.83
CA GLU D 433 -83.69 8.25 -53.06
C GLU D 433 -83.50 9.48 -52.17
N THR D 434 -82.91 9.29 -50.99
CA THR D 434 -82.56 10.44 -50.16
C THR D 434 -81.62 11.37 -50.90
N ASP D 435 -80.60 10.82 -51.55
CA ASP D 435 -79.67 11.64 -52.32
C ASP D 435 -80.36 12.27 -53.53
N ILE D 436 -81.23 11.53 -54.21
CA ILE D 436 -81.88 12.09 -55.39
C ILE D 436 -82.74 13.30 -55.01
N ASN D 437 -83.48 13.21 -53.90
CA ASN D 437 -84.33 14.34 -53.54
C ASN D 437 -83.55 15.43 -52.80
N PHE D 438 -82.40 15.09 -52.22
CA PHE D 438 -81.53 16.14 -51.70
C PHE D 438 -80.94 16.97 -52.83
N LEU D 439 -80.49 16.31 -53.89
CA LEU D 439 -80.04 17.01 -55.09
C LEU D 439 -81.17 17.82 -55.69
N LEU D 440 -82.38 17.25 -55.74
CA LEU D 440 -83.53 17.99 -56.21
C LEU D 440 -83.80 19.21 -55.34
N LYS D 441 -83.62 19.08 -54.01
CA LYS D 441 -83.90 20.20 -53.11
C LYS D 441 -82.88 21.31 -53.28
N GLN D 442 -81.61 20.96 -53.42
CA GLN D 442 -80.61 21.96 -53.78
C GLN D 442 -80.96 22.61 -55.10
N ALA D 443 -81.56 21.83 -56.01
CA ALA D 443 -81.97 22.39 -57.30
C ALA D 443 -83.06 23.44 -57.14
N LEU D 444 -84.07 23.19 -56.30
CA LEU D 444 -85.08 24.24 -56.16
C LEU D 444 -84.68 25.29 -55.13
N THR D 445 -83.51 25.16 -54.50
CA THR D 445 -83.12 26.12 -53.47
C THR D 445 -82.02 27.08 -53.91
N ILE D 446 -80.89 26.57 -54.41
CA ILE D 446 -79.64 27.33 -54.35
C ILE D 446 -79.20 27.83 -55.73
N VAL D 447 -79.84 27.36 -56.81
CA VAL D 447 -79.25 27.52 -58.14
C VAL D 447 -79.45 28.94 -58.68
N GLY D 448 -79.94 29.85 -57.84
CA GLY D 448 -80.41 31.13 -58.36
C GLY D 448 -79.35 32.21 -58.54
N THR D 449 -78.31 32.23 -57.70
CA THR D 449 -77.49 33.44 -57.58
C THR D 449 -76.41 33.54 -58.65
N LEU D 450 -75.91 32.41 -59.14
CA LEU D 450 -74.77 32.42 -60.06
C LEU D 450 -74.96 33.30 -61.29
N PRO D 451 -76.15 33.35 -61.95
CA PRO D 451 -76.32 34.28 -63.07
C PRO D 451 -75.94 35.73 -62.72
N PHE D 452 -76.57 36.31 -61.71
CA PHE D 452 -76.22 37.68 -61.33
C PHE D 452 -74.79 37.78 -60.85
N THR D 453 -74.32 36.78 -60.10
CA THR D 453 -72.95 36.77 -59.61
C THR D 453 -71.97 36.98 -60.76
N TYR D 454 -72.02 36.09 -61.76
CA TYR D 454 -71.04 36.22 -62.83
C TYR D 454 -71.37 37.41 -63.72
N MET D 455 -72.63 37.88 -63.72
CA MET D 455 -72.93 39.10 -64.47
C MET D 455 -72.12 40.25 -63.90
N LEU D 456 -72.22 40.45 -62.59
CA LEU D 456 -71.48 41.56 -61.98
C LEU D 456 -69.98 41.33 -62.15
N GLU D 457 -69.54 40.07 -62.09
CA GLU D 457 -68.12 39.77 -62.25
C GLU D 457 -67.63 40.11 -63.66
N LYS D 458 -68.41 39.77 -64.68
CA LYS D 458 -67.90 39.95 -66.04
C LYS D 458 -68.14 41.38 -66.52
N TRP D 459 -69.29 41.95 -66.16
CA TRP D 459 -69.51 43.38 -66.38
C TRP D 459 -68.44 44.19 -65.69
N ARG D 460 -68.06 43.79 -64.46
CA ARG D 460 -66.97 44.45 -63.77
C ARG D 460 -65.70 44.35 -64.59
N TRP D 461 -65.30 43.17 -65.06
CA TRP D 461 -64.02 43.13 -65.75
C TRP D 461 -64.02 43.91 -67.06
N MET D 462 -65.12 43.85 -67.84
CA MET D 462 -65.16 44.69 -69.04
C MET D 462 -65.16 46.20 -68.75
N VAL D 463 -66.01 46.70 -67.85
CA VAL D 463 -66.01 48.15 -67.61
C VAL D 463 -64.70 48.59 -66.98
N PHE D 464 -64.15 47.75 -66.10
CA PHE D 464 -62.84 47.96 -65.51
C PHE D 464 -61.75 47.97 -66.56
N LYS D 465 -62.00 47.37 -67.72
CA LYS D 465 -61.21 47.65 -68.91
C LYS D 465 -61.92 48.57 -69.89
N GLY D 466 -63.24 48.78 -69.74
CA GLY D 466 -63.93 49.85 -70.45
C GLY D 466 -64.74 49.49 -71.67
N GLU D 467 -65.64 48.50 -71.59
CA GLU D 467 -66.37 48.11 -72.80
C GLU D 467 -67.90 48.14 -72.64
N ILE D 468 -68.43 48.75 -71.59
CA ILE D 468 -69.87 48.81 -71.36
C ILE D 468 -70.17 50.14 -70.66
N PRO D 469 -71.10 50.96 -71.17
CA PRO D 469 -71.32 52.24 -70.56
C PRO D 469 -72.30 52.23 -69.38
N LYS D 470 -72.68 53.45 -68.94
CA LYS D 470 -73.41 53.59 -67.69
C LYS D 470 -74.86 54.01 -67.93
N GLU D 471 -75.09 54.84 -68.95
CA GLU D 471 -76.47 55.24 -69.28
C GLU D 471 -77.26 54.08 -69.88
N GLN D 472 -76.64 53.28 -70.74
CA GLN D 472 -77.26 52.08 -71.28
C GLN D 472 -76.92 50.85 -70.45
N TRP D 473 -76.64 51.05 -69.16
CA TRP D 473 -76.43 49.94 -68.25
C TRP D 473 -77.63 49.00 -68.27
N MET D 474 -78.82 49.56 -68.07
CA MET D 474 -80.04 48.75 -68.10
C MET D 474 -80.23 48.10 -69.46
N GLN D 475 -80.08 48.88 -70.54
CA GLN D 475 -80.42 48.38 -71.87
C GLN D 475 -79.48 47.25 -72.31
N LYS D 476 -78.17 47.44 -72.19
CA LYS D 476 -77.24 46.36 -72.47
C LYS D 476 -77.41 45.22 -71.48
N TRP D 477 -77.95 45.50 -70.30
CA TRP D 477 -78.23 44.44 -69.34
C TRP D 477 -79.61 43.82 -69.58
N TRP D 478 -80.20 44.05 -70.76
CA TRP D 478 -81.45 43.41 -71.11
C TRP D 478 -81.29 42.28 -72.12
N GLU D 479 -80.56 42.48 -73.22
CA GLU D 479 -80.19 41.32 -74.03
C GLU D 479 -79.39 40.34 -73.17
N MET D 480 -78.50 40.89 -72.35
CA MET D 480 -77.80 40.06 -71.39
C MET D 480 -78.79 39.31 -70.53
N LYS D 481 -79.61 40.01 -69.73
CA LYS D 481 -80.36 39.31 -68.69
C LYS D 481 -81.44 38.41 -69.26
N ARG D 482 -82.01 38.75 -70.41
CA ARG D 482 -82.81 37.78 -71.14
C ARG D 482 -81.97 36.57 -71.56
N ASP D 483 -80.63 36.70 -71.57
CA ASP D 483 -79.77 35.52 -71.60
C ASP D 483 -79.06 35.18 -70.28
N ILE D 484 -79.41 35.79 -69.14
CA ILE D 484 -78.77 35.46 -67.86
C ILE D 484 -79.74 34.74 -66.93
N VAL D 485 -80.76 35.44 -66.43
CA VAL D 485 -81.75 34.76 -65.60
C VAL D 485 -83.19 35.15 -65.95
N GLY D 486 -83.40 35.99 -66.95
CA GLY D 486 -84.73 36.16 -67.51
C GLY D 486 -85.56 37.36 -67.08
N VAL D 487 -84.96 38.31 -66.38
CA VAL D 487 -85.68 39.46 -65.82
C VAL D 487 -85.53 40.68 -66.73
N VAL D 488 -86.63 41.38 -66.99
CA VAL D 488 -86.65 42.64 -67.73
C VAL D 488 -87.69 43.55 -67.09
N GLU D 489 -87.48 44.85 -67.20
CA GLU D 489 -88.46 45.81 -66.72
C GLU D 489 -89.80 45.65 -67.44
N PRO D 490 -90.92 45.58 -66.73
CA PRO D 490 -92.21 45.92 -67.35
C PRO D 490 -92.44 47.42 -67.38
N LEU D 491 -91.78 48.14 -66.46
CA LEU D 491 -91.70 49.59 -66.47
C LEU D 491 -90.24 49.93 -66.74
N PRO D 492 -89.87 50.19 -67.99
CA PRO D 492 -88.45 50.41 -68.32
C PRO D 492 -87.88 51.60 -67.56
N HIS D 493 -86.63 51.44 -67.12
CA HIS D 493 -85.98 52.48 -66.32
C HIS D 493 -85.14 53.38 -67.21
N ASP D 494 -85.50 54.65 -67.22
CA ASP D 494 -84.63 55.72 -67.68
C ASP D 494 -83.86 56.23 -66.46
N GLU D 495 -83.23 57.41 -66.59
CA GLU D 495 -82.42 57.89 -65.48
C GLU D 495 -83.26 58.40 -64.31
N THR D 496 -84.59 58.46 -64.45
CA THR D 496 -85.42 58.90 -63.32
C THR D 496 -85.89 57.72 -62.49
N TYR D 497 -86.65 56.79 -63.07
CA TYR D 497 -87.20 55.74 -62.23
C TYR D 497 -86.16 54.68 -61.93
N CYS D 498 -86.47 53.85 -60.96
CA CYS D 498 -85.49 53.54 -59.92
C CYS D 498 -85.80 52.17 -59.30
N ASP D 499 -85.08 51.12 -59.74
CA ASP D 499 -85.06 49.87 -58.98
C ASP D 499 -83.76 49.06 -59.03
N PRO D 500 -82.56 49.63 -59.08
CA PRO D 500 -81.41 48.85 -58.57
C PRO D 500 -81.21 48.93 -57.05
N ALA D 501 -81.13 50.14 -56.51
CA ALA D 501 -80.42 50.37 -55.24
C ALA D 501 -81.30 50.15 -54.01
N ALA D 502 -82.36 49.36 -54.12
CA ALA D 502 -83.18 49.09 -52.96
C ALA D 502 -82.50 48.20 -51.92
N LEU D 503 -81.23 47.85 -52.08
CA LEU D 503 -80.52 47.07 -51.08
C LEU D 503 -79.14 47.64 -50.78
N PHE D 504 -78.70 47.42 -49.53
CA PHE D 504 -77.56 48.15 -48.98
C PHE D 504 -76.24 47.69 -49.62
N HIS D 505 -76.14 46.41 -49.98
CA HIS D 505 -74.89 45.85 -50.50
C HIS D 505 -74.38 46.57 -51.73
N VAL D 506 -75.09 46.47 -52.86
CA VAL D 506 -74.66 47.18 -54.07
C VAL D 506 -75.11 48.64 -54.01
N ALA D 507 -75.94 49.01 -53.03
CA ALA D 507 -76.01 50.42 -52.68
C ALA D 507 -74.66 50.92 -52.17
N ASN D 508 -73.76 50.01 -51.80
CA ASN D 508 -72.39 50.38 -51.44
C ASN D 508 -71.32 49.70 -52.29
N ASP D 509 -71.66 49.27 -53.52
CA ASP D 509 -70.69 49.12 -54.61
C ASP D 509 -69.56 48.12 -54.29
N TYR D 510 -69.91 46.83 -54.24
CA TYR D 510 -68.91 45.78 -54.11
C TYR D 510 -68.93 44.85 -55.33
N SER D 511 -68.12 43.78 -55.26
CA SER D 511 -67.94 42.87 -56.39
C SER D 511 -68.32 41.44 -56.02
N PHE D 512 -68.24 40.53 -56.99
CA PHE D 512 -68.91 39.24 -56.88
C PHE D 512 -68.11 38.03 -57.40
N ILE D 513 -66.85 37.85 -56.96
CA ILE D 513 -66.08 36.68 -57.42
C ILE D 513 -66.13 35.54 -56.40
N ARG D 514 -66.46 35.87 -55.14
CA ARG D 514 -66.22 34.94 -54.04
C ARG D 514 -67.14 33.72 -54.11
N TYR D 515 -68.35 33.90 -54.64
CA TYR D 515 -69.28 32.77 -54.69
C TYR D 515 -68.89 31.75 -55.76
N TYR D 516 -68.43 32.23 -56.92
CA TYR D 516 -67.78 31.34 -57.87
C TYR D 516 -66.59 30.61 -57.26
N THR D 517 -65.72 31.35 -56.57
CA THR D 517 -64.56 30.71 -55.97
C THR D 517 -64.98 29.61 -55.00
N ARG D 518 -65.96 29.91 -54.14
CA ARG D 518 -66.48 28.91 -53.21
C ARG D 518 -67.01 27.69 -53.95
N THR D 519 -67.87 27.93 -54.95
CA THR D 519 -68.57 26.84 -55.61
C THR D 519 -67.59 25.87 -56.26
N ILE D 520 -66.64 26.38 -57.05
CA ILE D 520 -65.76 25.42 -57.71
C ILE D 520 -64.66 24.92 -56.77
N TYR D 521 -64.26 25.71 -55.76
CA TYR D 521 -63.14 25.29 -54.93
C TYR D 521 -63.54 24.23 -53.92
N GLN D 522 -64.78 24.27 -53.41
CA GLN D 522 -65.15 23.38 -52.32
C GLN D 522 -65.11 21.91 -52.74
N PHE D 523 -65.62 21.61 -53.93
CA PHE D 523 -65.61 20.22 -54.40
C PHE D 523 -64.19 19.79 -54.72
N GLN D 524 -63.35 20.71 -55.17
CA GLN D 524 -61.94 20.38 -55.37
C GLN D 524 -61.28 19.99 -54.06
N PHE D 525 -61.53 20.76 -52.99
CA PHE D 525 -60.95 20.40 -51.69
C PHE D 525 -61.49 19.06 -51.22
N GLN D 526 -62.79 18.83 -51.36
CA GLN D 526 -63.33 17.54 -50.94
C GLN D 526 -62.71 16.38 -51.71
N GLU D 527 -62.61 16.50 -53.03
CA GLU D 527 -62.03 15.41 -53.83
C GLU D 527 -60.57 15.19 -53.48
N ALA D 528 -59.80 16.26 -53.31
CA ALA D 528 -58.38 16.11 -53.00
C ALA D 528 -58.17 15.50 -51.62
N LEU D 529 -58.97 15.92 -50.64
CA LEU D 529 -58.91 15.30 -49.32
C LEU D 529 -59.30 13.83 -49.39
N CYS D 530 -60.33 13.51 -50.18
CA CYS D 530 -60.74 12.13 -50.37
C CYS D 530 -59.60 11.29 -50.94
N GLN D 531 -58.93 11.81 -51.96
CA GLN D 531 -57.94 11.01 -52.69
C GLN D 531 -56.60 10.92 -51.96
N ILE D 532 -56.18 11.97 -51.24
CA ILE D 532 -55.02 11.81 -50.39
C ILE D 532 -55.35 10.89 -49.23
N ALA D 533 -56.58 10.95 -48.72
CA ALA D 533 -57.10 9.95 -47.79
C ALA D 533 -57.51 8.68 -48.50
N LYS D 534 -57.34 8.61 -49.82
CA LYS D 534 -57.63 7.42 -50.62
C LYS D 534 -59.10 7.05 -50.58
N HIS D 535 -59.95 8.02 -50.90
CA HIS D 535 -61.38 7.76 -51.08
C HIS D 535 -61.75 7.95 -52.55
N GLU D 536 -62.81 7.27 -52.97
CA GLU D 536 -63.31 7.34 -54.33
C GLU D 536 -64.82 7.50 -54.33
N GLY D 537 -65.33 8.22 -55.32
CA GLY D 537 -66.77 8.39 -55.47
C GLY D 537 -67.13 9.76 -56.03
N PRO D 538 -68.43 10.04 -56.10
CA PRO D 538 -68.88 11.35 -56.58
C PRO D 538 -68.51 12.47 -55.61
N LEU D 539 -68.55 13.70 -56.11
CA LEU D 539 -68.08 14.83 -55.31
C LEU D 539 -69.21 15.47 -54.50
N TYR D 540 -70.44 14.96 -54.64
CA TYR D 540 -71.49 15.22 -53.65
C TYR D 540 -71.42 14.30 -52.47
N LYS D 541 -70.70 13.18 -52.58
CA LYS D 541 -70.67 12.13 -51.56
C LYS D 541 -69.25 11.98 -51.02
N CYS D 542 -68.45 13.03 -51.13
CA CYS D 542 -67.02 12.97 -50.85
C CYS D 542 -66.74 13.66 -49.52
N ASP D 543 -66.86 12.91 -48.43
CA ASP D 543 -66.83 13.46 -47.08
C ASP D 543 -65.40 13.45 -46.54
N ILE D 544 -65.16 14.30 -45.54
CA ILE D 544 -63.85 14.45 -44.92
C ILE D 544 -63.83 13.96 -43.48
N SER D 545 -64.85 13.22 -43.05
CA SER D 545 -64.91 12.75 -41.67
C SER D 545 -64.01 11.53 -41.47
N ASN D 546 -63.55 11.35 -40.24
CA ASN D 546 -62.64 10.26 -39.87
C ASN D 546 -61.43 10.21 -40.80
N SER D 547 -60.66 11.29 -40.81
CA SER D 547 -59.53 11.47 -41.71
C SER D 547 -58.30 11.92 -40.93
N ARG D 548 -57.98 11.20 -39.85
CA ARG D 548 -56.88 11.63 -38.98
C ARG D 548 -55.54 11.61 -39.72
N GLU D 549 -55.28 10.59 -40.53
CA GLU D 549 -54.02 10.53 -41.26
C GLU D 549 -53.90 11.72 -42.22
N ALA D 550 -55.04 12.26 -42.67
CA ALA D 550 -55.02 13.54 -43.35
C ALA D 550 -55.45 14.67 -42.41
N GLY D 551 -55.71 14.35 -41.14
CA GLY D 551 -56.03 15.39 -40.18
C GLY D 551 -54.85 16.30 -39.91
N GLN D 552 -53.66 15.71 -39.75
CA GLN D 552 -52.45 16.52 -39.68
C GLN D 552 -52.13 17.14 -41.03
N LYS D 553 -52.77 16.67 -42.09
CA LYS D 553 -52.74 17.39 -43.36
C LYS D 553 -53.80 18.47 -43.40
N LEU D 554 -55.03 18.14 -42.96
CA LEU D 554 -56.10 19.13 -42.92
C LEU D 554 -55.76 20.27 -41.98
N HIS D 555 -55.09 19.95 -40.87
CA HIS D 555 -54.60 21.01 -39.99
C HIS D 555 -53.38 21.70 -40.58
N GLU D 556 -52.68 21.02 -41.51
CA GLU D 556 -51.61 21.65 -42.25
C GLU D 556 -52.16 22.37 -43.48
N MET D 557 -53.28 21.89 -44.03
CA MET D 557 -54.02 22.66 -45.02
C MET D 557 -54.37 24.05 -44.47
N LEU D 558 -54.28 24.22 -43.16
CA LEU D 558 -54.57 25.45 -42.46
C LEU D 558 -53.36 25.98 -41.70
N SER D 559 -52.18 26.05 -42.32
CA SER D 559 -51.03 26.67 -41.67
C SER D 559 -50.15 27.46 -42.63
N LEU D 560 -50.71 28.06 -43.68
CA LEU D 560 -49.88 28.44 -44.83
C LEU D 560 -49.14 29.76 -44.62
N GLY D 561 -49.86 30.87 -44.49
CA GLY D 561 -49.23 32.17 -44.46
C GLY D 561 -49.69 33.05 -45.61
N ARG D 562 -48.86 33.98 -46.08
CA ARG D 562 -49.15 34.78 -47.27
C ARG D 562 -47.89 35.03 -48.10
N SER D 563 -46.96 34.08 -48.12
CA SER D 563 -45.66 34.31 -48.73
C SER D 563 -45.55 33.85 -50.18
N LYS D 564 -46.30 32.84 -50.60
CA LYS D 564 -46.07 32.16 -51.87
C LYS D 564 -47.22 32.41 -52.82
N PRO D 565 -46.96 32.32 -54.13
CA PRO D 565 -48.07 32.31 -55.10
C PRO D 565 -48.94 31.08 -54.90
N TRP D 566 -50.19 31.18 -55.39
CA TRP D 566 -51.19 30.17 -55.08
C TRP D 566 -50.82 28.79 -55.60
N THR D 567 -50.05 28.70 -56.68
CA THR D 567 -49.76 27.38 -57.24
C THR D 567 -48.86 26.58 -56.32
N PHE D 568 -47.89 27.23 -55.67
CA PHE D 568 -47.07 26.54 -54.67
C PHE D 568 -47.93 25.99 -53.54
N ALA D 569 -48.84 26.80 -53.00
CA ALA D 569 -49.69 26.35 -51.92
C ALA D 569 -50.57 25.19 -52.36
N LEU D 570 -51.13 25.26 -53.57
CA LEU D 570 -51.93 24.16 -54.09
C LEU D 570 -51.10 22.89 -54.24
N GLU D 571 -49.92 22.99 -54.87
CA GLU D 571 -49.08 21.82 -55.08
C GLU D 571 -48.65 21.21 -53.76
N ARG D 572 -48.55 22.01 -52.70
CA ARG D 572 -48.20 21.45 -51.40
C ARG D 572 -49.40 20.80 -50.73
N VAL D 573 -50.52 21.52 -50.61
CA VAL D 573 -51.64 21.02 -49.81
C VAL D 573 -52.31 19.84 -50.49
N VAL D 574 -52.48 19.90 -51.81
CA VAL D 574 -53.27 18.89 -52.51
C VAL D 574 -52.55 18.27 -53.70
N GLY D 575 -51.53 18.91 -54.26
CA GLY D 575 -50.82 18.38 -55.41
C GLY D 575 -51.34 18.81 -56.75
N ALA D 576 -52.53 19.42 -56.81
CA ALA D 576 -53.08 19.97 -58.05
C ALA D 576 -52.96 21.49 -57.99
N LYS D 577 -52.17 22.05 -58.90
CA LYS D 577 -51.79 23.46 -58.83
C LYS D 577 -52.94 24.42 -59.13
N THR D 578 -53.98 23.97 -59.82
CA THR D 578 -55.03 24.87 -60.29
C THR D 578 -56.40 24.31 -59.94
N MET D 579 -57.39 25.21 -59.87
CA MET D 579 -58.78 24.80 -59.74
C MET D 579 -59.21 24.07 -61.01
N ASP D 580 -59.98 23.01 -60.83
CA ASP D 580 -60.33 22.12 -61.93
C ASP D 580 -61.79 22.28 -62.29
N VAL D 581 -62.06 22.50 -63.59
CA VAL D 581 -63.41 22.70 -64.10
C VAL D 581 -63.91 21.51 -64.90
N ARG D 582 -63.04 20.54 -65.20
CA ARG D 582 -63.54 19.22 -65.56
C ARG D 582 -64.43 18.68 -64.46
N PRO D 583 -64.13 18.86 -63.17
CA PRO D 583 -65.17 18.61 -62.17
C PRO D 583 -66.40 19.49 -62.30
N LEU D 584 -66.33 20.63 -62.97
CA LEU D 584 -67.56 21.37 -63.22
C LEU D 584 -68.41 20.71 -64.31
N LEU D 585 -67.75 20.23 -65.37
CA LEU D 585 -68.51 19.68 -66.50
C LEU D 585 -68.83 18.20 -66.31
N ASN D 586 -68.18 17.53 -65.34
CA ASN D 586 -68.40 16.11 -65.15
C ASN D 586 -68.77 15.79 -63.70
N TYR D 587 -68.66 16.76 -62.80
CA TYR D 587 -69.26 16.64 -61.48
C TYR D 587 -70.72 17.08 -61.49
N PHE D 588 -71.09 17.94 -62.44
CA PHE D 588 -72.48 18.16 -62.82
C PHE D 588 -72.96 17.09 -63.78
N GLU D 589 -72.07 16.24 -64.29
CA GLU D 589 -72.48 15.17 -65.19
C GLU D 589 -73.70 14.42 -64.65
N PRO D 590 -73.80 14.03 -63.38
CA PRO D 590 -75.06 13.76 -62.88
C PRO D 590 -76.02 14.96 -62.67
N LEU D 591 -75.61 16.10 -62.07
CA LEU D 591 -76.54 17.22 -61.94
C LEU D 591 -76.91 17.83 -63.30
N PHE D 592 -75.90 18.18 -64.10
CA PHE D 592 -76.15 18.63 -65.46
C PHE D 592 -77.11 17.69 -66.20
N THR D 593 -77.05 16.40 -65.88
CA THR D 593 -78.07 15.50 -66.44
C THR D 593 -79.38 15.58 -65.67
N TRP D 594 -79.35 15.61 -64.33
CA TRP D 594 -80.61 15.82 -63.62
C TRP D 594 -81.19 17.18 -63.96
N LEU D 595 -80.33 18.14 -64.27
CA LEU D 595 -80.77 19.36 -64.94
C LEU D 595 -81.46 19.05 -66.26
N LYS D 596 -81.02 17.98 -66.94
CA LYS D 596 -81.69 17.52 -68.15
C LYS D 596 -82.80 16.52 -67.83
N GLU D 597 -82.53 15.58 -66.91
CA GLU D 597 -83.51 14.54 -66.60
C GLU D 597 -84.81 15.13 -66.09
N GLN D 598 -84.73 16.11 -65.18
CA GLN D 598 -85.94 16.79 -64.74
C GLN D 598 -86.58 17.56 -65.88
N ASN D 599 -85.80 17.93 -66.88
CA ASN D 599 -86.28 18.69 -68.03
C ASN D 599 -86.47 17.80 -69.26
N ARG D 600 -86.20 16.49 -69.14
CA ARG D 600 -86.38 15.59 -70.28
C ARG D 600 -87.82 15.53 -70.75
N ASN D 601 -88.79 15.65 -69.84
CA ASN D 601 -90.20 15.67 -70.20
C ASN D 601 -90.80 17.07 -70.12
N SER D 602 -89.96 18.10 -70.02
CA SER D 602 -90.39 19.48 -69.95
C SER D 602 -89.75 20.25 -71.09
N PHE D 603 -90.30 21.43 -71.37
CA PHE D 603 -89.74 22.29 -72.41
C PHE D 603 -88.34 22.73 -72.03
N VAL D 604 -87.37 22.36 -72.87
CA VAL D 604 -85.99 22.83 -72.73
C VAL D 604 -85.86 24.11 -73.51
N GLY D 605 -86.18 25.23 -72.86
CA GLY D 605 -86.25 26.51 -73.51
C GLY D 605 -87.58 27.19 -73.26
N TRP D 606 -87.57 28.51 -73.38
CA TRP D 606 -88.76 29.31 -73.14
C TRP D 606 -88.53 30.65 -73.81
N ASN D 607 -89.24 30.87 -74.92
CA ASN D 607 -88.86 31.88 -75.91
C ASN D 607 -88.96 33.28 -75.31
N THR D 608 -88.31 34.22 -75.97
CA THR D 608 -87.89 35.47 -75.35
C THR D 608 -88.12 36.69 -76.24
N ASP D 609 -89.33 36.88 -76.78
CA ASP D 609 -89.57 38.03 -77.64
C ASP D 609 -90.77 38.89 -77.22
N TRP D 610 -91.77 38.31 -76.58
CA TRP D 610 -92.94 39.09 -76.16
C TRP D 610 -92.58 39.98 -74.97
N SER D 611 -93.25 41.13 -74.89
CA SER D 611 -93.02 42.11 -73.83
C SER D 611 -94.36 42.48 -73.19
N PRO D 612 -94.36 42.84 -71.90
CA PRO D 612 -95.64 43.10 -71.23
C PRO D 612 -96.32 44.39 -71.66
N TYR D 613 -95.57 45.48 -71.79
CA TYR D 613 -96.14 46.78 -72.13
C TYR D 613 -96.15 47.04 -73.64
N ALA D 614 -95.49 46.20 -74.43
CA ALA D 614 -95.43 46.37 -75.88
C ALA D 614 -94.95 47.76 -76.28
#